data_8YR0
#
_entry.id   8YR0
#
_cell.length_a   1.00
_cell.length_b   1.00
_cell.length_c   1.00
_cell.angle_alpha   90.00
_cell.angle_beta   90.00
_cell.angle_gamma   90.00
#
_symmetry.space_group_name_H-M   'P 1'
#
loop_
_entity.id
_entity.type
_entity.pdbx_description
1 polymer 'Cation/multidrug efflux pump'
2 non-polymer DODECYL-BETA-D-MALTOSIDE
#
_entity_poly.entity_id   1
_entity_poly.type   'polypeptide(L)'
_entity_poly.pdbx_seq_one_letter_code
;NISKFFIDRPIFAGVLSVLILLAGLLSVFQLPISEYPEVVPPSVVVRAQYPGANPKVIAETVASPLEESINGVEDMLYMQ
SQANSDGNLTITVNFKLGIDPDKAQQLVQNRVSQAMPRLPEDVQRLGVTTLKSSPTLTMVVHLTSPDNRYDMTYLRNYAV
LNVKDRLARLQGVGEVGLFGSGDYAMRVWLDPQKVAQRNLTATEIVNAIREQNIQVAAGTIGASPSNSPLQLSVNAQGRL
TTEQEFADIILKTAPDGAVTRLGDVARVELAASQYGLRSLLDNKQAVAIPIFQAPGANALQVSDQVRSTMKELSKDFPSS
IKYDIVYDPTQFVRASIKAVVHTLLEAIALVVVVVILFLQTWRASIIPLLAVPVSIIGTFALMLAFGYSINALSLFGMVL
AIGIVVDDAIVVVENVERNIEAGLNPREATYRAMREVSGPIIAIALTLVAVFVPLAFMTGLTGQFYKQFAMTIAISTVIS
AFNSLTLSPALAALLLKGHDAKPDALTRIMNRVFGRFFALFNRVFSRASDRYSQGVSRVISHKASAMGVYAALLGLTVGI
SYIVPGGFVPAQDKQYLISFAQLPNGASLDRTEAVIRKMSDTALKQPGVESAVAFPGLSINGFTNSSSAGIVFVTLKPFD
ERKAKDLSANAIAGALNQKYSAIQDAYIAVFPPPPVMGLGTMGGFKLQLEDRGALGYSALNDAAQNFMKAAQSAPELGPM
FSSYQINVPQLNVDLDRVKAKQQGVAVTDVFNTMQIYLGSQYVNDFNRFGRVYQVRAQADAPFRANPEDILQLKTRNSAG
QMVPLSSLVNVTQTYGPEMVVRYNGYTSADINGGPAPGYSSSQAEAAVERIAAQTLPRGIKFEWTDLTYQKILAGNAGLW
VFPISVLLVFLVLAAQYESLTLPLAVILIVPMGILAALTGVWLTAGDNNIFTQIGLMVLVGLACKNAILIVEFARELEMQ
GATAFKAAVEASRLRLRPILMTSIAFIMGVVPLVTSTGAGSEMRHAMGVAVFFGMIGVTFFGLFLTPAFYVLIRSLNS
;
_entity_poly.pdbx_strand_id   A,B,C
#
loop_
_chem_comp.id
_chem_comp.type
_chem_comp.name
_chem_comp.formula
LMT D-saccharide DODECYL-BETA-D-MALTOSIDE 'C24 H46 O11'
#
# COMPACT_ATOMS: atom_id res chain seq x y z
N ASN A 1 -35.08 33.96 4.25
CA ASN A 1 -33.76 34.36 4.70
C ASN A 1 -33.15 33.31 5.62
N ILE A 2 -31.85 33.06 5.45
CA ILE A 2 -31.18 32.05 6.26
C ILE A 2 -31.15 32.47 7.73
N SER A 3 -30.85 33.73 7.99
CA SER A 3 -30.75 34.21 9.37
C SER A 3 -32.10 34.32 10.06
N LYS A 4 -33.18 34.57 9.31
CA LYS A 4 -34.50 34.67 9.92
C LYS A 4 -34.92 33.34 10.53
N PHE A 5 -34.48 32.22 9.95
CA PHE A 5 -34.74 30.91 10.53
C PHE A 5 -34.16 30.82 11.93
N PHE A 6 -32.90 31.23 12.09
CA PHE A 6 -32.21 31.11 13.37
C PHE A 6 -32.55 32.22 14.36
N ILE A 7 -33.17 33.30 13.89
CA ILE A 7 -33.54 34.39 14.80
C ILE A 7 -34.51 33.90 15.87
N ASP A 8 -35.56 33.19 15.46
CA ASP A 8 -36.62 32.83 16.38
C ASP A 8 -36.36 31.53 17.13
N ARG A 9 -35.30 30.80 16.79
CA ARG A 9 -34.92 29.57 17.48
C ARG A 9 -33.46 29.67 17.91
N PRO A 10 -33.17 30.47 18.95
CA PRO A 10 -31.78 30.58 19.39
C PRO A 10 -31.18 29.27 19.89
N ILE A 11 -32.00 28.39 20.47
CA ILE A 11 -31.47 27.14 21.00
C ILE A 11 -31.03 26.21 19.87
N PHE A 12 -31.56 26.39 18.66
CA PHE A 12 -31.06 25.63 17.52
C PHE A 12 -29.59 25.99 17.26
N ALA A 13 -29.29 27.28 17.20
CA ALA A 13 -27.91 27.71 17.07
C ALA A 13 -27.09 27.27 18.28
N GLY A 14 -27.71 27.23 19.46
CA GLY A 14 -27.00 26.76 20.64
C GLY A 14 -26.56 25.31 20.52
N VAL A 15 -27.47 24.44 20.09
CA VAL A 15 -27.11 23.02 19.94
C VAL A 15 -26.12 22.84 18.80
N LEU A 16 -26.22 23.65 17.74
CA LEU A 16 -25.24 23.56 16.67
C LEU A 16 -23.84 23.93 17.16
N SER A 17 -23.74 25.04 17.89
CA SER A 17 -22.44 25.46 18.42
C SER A 17 -21.90 24.47 19.44
N VAL A 18 -22.77 23.89 20.27
CA VAL A 18 -22.33 22.90 21.24
C VAL A 18 -21.83 21.65 20.53
N LEU A 19 -22.50 21.25 19.45
CA LEU A 19 -22.02 20.11 18.67
C LEU A 19 -20.65 20.38 18.06
N ILE A 20 -20.45 21.59 17.53
CA ILE A 20 -19.15 21.94 16.98
C ILE A 20 -18.08 21.93 18.08
N LEU A 21 -18.43 22.46 19.25
CA LEU A 21 -17.50 22.50 20.37
C LEU A 21 -17.11 21.09 20.82
N LEU A 22 -18.10 20.19 20.92
CA LEU A 22 -17.80 18.82 21.31
C LEU A 22 -16.96 18.11 20.27
N ALA A 23 -17.25 18.34 18.99
CA ALA A 23 -16.43 17.74 17.93
C ALA A 23 -14.99 18.20 18.03
N GLY A 24 -14.78 19.50 18.20
CA GLY A 24 -13.43 20.01 18.35
C GLY A 24 -12.71 19.49 19.58
N LEU A 25 -13.43 19.43 20.71
CA LEU A 25 -12.82 18.97 21.95
C LEU A 25 -12.44 17.49 21.86
N LEU A 26 -13.27 16.69 21.21
CA LEU A 26 -12.93 15.28 21.04
C LEU A 26 -11.81 15.09 20.02
N SER A 27 -11.76 15.96 19.01
CA SER A 27 -10.77 15.79 17.94
C SER A 27 -9.39 16.28 18.34
N VAL A 28 -9.29 17.27 19.21
CA VAL A 28 -8.00 17.90 19.49
C VAL A 28 -7.03 16.91 20.13
N PHE A 29 -7.54 15.98 20.95
CA PHE A 29 -6.65 15.08 21.68
C PHE A 29 -6.10 13.95 20.82
N GLN A 30 -6.57 13.80 19.58
CA GLN A 30 -6.05 12.78 18.68
C GLN A 30 -5.25 13.37 17.53
N LEU A 31 -4.42 14.37 17.81
CA LEU A 31 -3.65 15.05 16.77
C LEU A 31 -2.17 14.83 17.01
N PRO A 32 -1.41 14.36 16.03
CA PRO A 32 0.04 14.22 16.21
C PRO A 32 0.71 15.57 16.40
N ILE A 33 1.77 15.59 17.19
CA ILE A 33 2.48 16.81 17.53
C ILE A 33 3.96 16.67 17.23
N SER A 34 4.52 17.70 16.62
CA SER A 34 5.95 17.76 16.32
C SER A 34 6.34 19.23 16.21
N GLU A 35 7.61 19.50 16.45
CA GLU A 35 8.17 20.84 16.33
C GLU A 35 8.20 21.36 14.90
N TYR A 36 8.58 20.52 13.95
CA TYR A 36 8.66 20.89 12.55
C TYR A 36 8.00 19.83 11.69
N PRO A 37 7.40 20.21 10.58
CA PRO A 37 6.80 19.21 9.68
C PRO A 37 7.86 18.40 8.97
N GLU A 38 7.40 17.42 8.20
CA GLU A 38 8.29 16.51 7.47
C GLU A 38 8.90 17.27 6.30
N VAL A 39 10.15 17.72 6.47
CA VAL A 39 10.85 18.46 5.44
C VAL A 39 12.07 17.66 4.99
N VAL A 40 12.62 16.86 5.89
CA VAL A 40 13.80 16.05 5.56
C VAL A 40 13.39 14.93 4.62
N PRO A 41 13.98 14.82 3.44
CA PRO A 41 13.63 13.72 2.52
C PRO A 41 13.97 12.37 3.15
N PRO A 42 13.15 11.35 2.91
CA PRO A 42 13.44 10.02 3.46
C PRO A 42 14.70 9.44 2.85
N SER A 43 15.41 8.64 3.66
CA SER A 43 16.63 8.00 3.22
C SER A 43 16.83 6.71 4.01
N VAL A 44 17.61 5.80 3.43
CA VAL A 44 17.96 4.54 4.08
C VAL A 44 19.47 4.35 3.99
N VAL A 45 20.04 3.71 5.01
CA VAL A 45 21.48 3.54 5.13
C VAL A 45 21.79 2.06 5.26
N VAL A 46 22.87 1.62 4.62
CA VAL A 46 23.39 0.27 4.75
C VAL A 46 24.82 0.36 5.29
N ARG A 47 25.17 -0.58 6.16
CA ARG A 47 26.45 -0.60 6.83
C ARG A 47 27.09 -1.97 6.68
N ALA A 48 28.40 -1.97 6.43
CA ALA A 48 29.19 -3.19 6.31
C ALA A 48 30.51 -2.99 7.05
N GLN A 49 31.08 -4.11 7.47
CA GLN A 49 32.33 -4.09 8.23
C GLN A 49 33.33 -5.04 7.60
N TYR A 50 34.59 -4.62 7.63
CA TYR A 50 35.71 -5.41 7.11
C TYR A 50 36.94 -5.14 7.95
N PRO A 51 37.08 -5.79 9.11
CA PRO A 51 38.20 -5.48 10.00
C PRO A 51 39.53 -5.81 9.35
N GLY A 52 40.53 -4.97 9.63
CA GLY A 52 41.86 -5.16 9.10
C GLY A 52 42.04 -4.73 7.66
N ALA A 53 41.09 -3.98 7.10
CA ALA A 53 41.15 -3.55 5.71
C ALA A 53 41.57 -2.10 5.61
N ASN A 54 42.16 -1.76 4.46
CA ASN A 54 42.65 -0.46 4.04
C ASN A 54 41.58 0.28 3.24
N PRO A 55 41.48 1.60 3.40
CA PRO A 55 40.38 2.35 2.75
C PRO A 55 40.27 2.13 1.26
N LYS A 56 41.39 2.07 0.53
CA LYS A 56 41.33 1.81 -0.90
C LYS A 56 40.78 0.41 -1.18
N VAL A 57 41.20 -0.57 -0.39
CA VAL A 57 40.77 -1.95 -0.60
C VAL A 57 39.26 -2.07 -0.40
N ILE A 58 38.74 -1.48 0.69
CA ILE A 58 37.31 -1.58 0.95
C ILE A 58 36.52 -0.74 -0.05
N ALA A 59 37.11 0.36 -0.53
CA ALA A 59 36.44 1.18 -1.53
C ALA A 59 36.33 0.46 -2.87
N GLU A 60 37.36 -0.30 -3.24
CA GLU A 60 37.38 -0.96 -4.55
C GLU A 60 36.66 -2.31 -4.52
N THR A 61 37.08 -3.21 -3.64
CA THR A 61 36.57 -4.58 -3.67
C THR A 61 35.14 -4.68 -3.15
N VAL A 62 34.79 -3.90 -2.12
CA VAL A 62 33.53 -4.06 -1.41
C VAL A 62 32.45 -3.11 -1.93
N ALA A 63 32.78 -1.81 -2.01
CA ALA A 63 31.74 -0.82 -2.31
C ALA A 63 31.34 -0.84 -3.77
N SER A 64 32.27 -1.19 -4.68
CA SER A 64 31.97 -1.13 -6.10
C SER A 64 30.85 -2.07 -6.54
N PRO A 65 30.85 -3.37 -6.19
CA PRO A 65 29.71 -4.21 -6.60
C PRO A 65 28.39 -3.75 -6.03
N LEU A 66 28.39 -3.32 -4.77
CA LEU A 66 27.15 -2.86 -4.15
C LEU A 66 26.61 -1.62 -4.84
N GLU A 67 27.49 -0.67 -5.16
CA GLU A 67 27.06 0.54 -5.86
C GLU A 67 26.57 0.22 -7.27
N GLU A 68 27.27 -0.70 -7.95
CA GLU A 68 26.88 -1.05 -9.31
C GLU A 68 25.54 -1.79 -9.35
N SER A 69 25.22 -2.51 -8.27
CA SER A 69 23.95 -3.25 -8.25
C SER A 69 22.80 -2.39 -7.74
N ILE A 70 23.06 -1.47 -6.81
CA ILE A 70 21.97 -0.78 -6.12
C ILE A 70 21.31 0.25 -7.04
N ASN A 71 22.10 0.93 -7.88
CA ASN A 71 21.56 2.02 -8.68
C ASN A 71 20.57 1.50 -9.72
N GLY A 72 19.43 2.17 -9.82
CA GLY A 72 18.41 1.79 -10.77
C GLY A 72 17.00 1.81 -10.23
N VAL A 73 16.85 1.89 -8.91
CA VAL A 73 15.53 1.92 -8.29
C VAL A 73 14.85 3.24 -8.59
N GLU A 74 13.52 3.25 -8.48
CA GLU A 74 12.74 4.41 -8.88
C GLU A 74 12.84 5.53 -7.86
N ASP A 75 12.88 6.77 -8.36
CA ASP A 75 12.78 7.98 -7.55
C ASP A 75 13.92 8.11 -6.55
N MET A 76 15.14 8.19 -7.09
CA MET A 76 16.32 8.55 -6.31
C MET A 76 16.77 9.96 -6.64
N LEU A 77 17.57 10.53 -5.75
CA LEU A 77 18.25 11.80 -6.00
C LEU A 77 19.75 11.59 -6.15
N TYR A 78 20.37 10.93 -5.17
CA TYR A 78 21.80 10.65 -5.21
C TYR A 78 22.10 9.54 -4.22
N MET A 79 23.34 9.07 -4.25
CA MET A 79 23.83 8.09 -3.28
C MET A 79 25.17 8.57 -2.78
N GLN A 80 25.51 8.22 -1.53
CA GLN A 80 26.81 8.56 -0.98
C GLN A 80 27.39 7.33 -0.29
N SER A 81 28.70 7.14 -0.45
CA SER A 81 29.39 6.04 0.20
C SER A 81 30.61 6.59 0.93
N GLN A 82 30.83 6.11 2.15
CA GLN A 82 31.96 6.54 2.95
C GLN A 82 32.70 5.30 3.45
N ALA A 83 34.00 5.25 3.19
CA ALA A 83 34.88 4.21 3.69
C ALA A 83 35.89 4.84 4.63
N ASN A 84 36.01 4.26 5.83
CA ASN A 84 36.83 4.81 6.89
C ASN A 84 38.00 3.87 7.15
N SER A 85 39.06 4.41 7.78
CA SER A 85 40.30 3.66 7.94
C SER A 85 40.13 2.40 8.78
N ASP A 86 39.24 2.42 9.77
CA ASP A 86 39.11 1.26 10.66
C ASP A 86 38.43 0.07 9.99
N GLY A 87 37.88 0.24 8.79
CA GLY A 87 37.24 -0.85 8.09
C GLY A 87 35.73 -0.84 8.21
N ASN A 88 35.12 0.32 8.07
CA ASN A 88 33.67 0.45 8.10
C ASN A 88 33.21 1.15 6.83
N LEU A 89 32.14 0.62 6.23
CA LEU A 89 31.58 1.17 5.00
C LEU A 89 30.13 1.54 5.25
N THR A 90 29.77 2.78 4.91
CA THR A 90 28.41 3.28 5.11
C THR A 90 27.92 3.88 3.81
N ILE A 91 26.82 3.34 3.27
CA ILE A 91 26.22 3.83 2.04
C ILE A 91 24.82 4.35 2.37
N THR A 92 24.59 5.63 2.11
CA THR A 92 23.31 6.26 2.37
C THR A 92 22.67 6.67 1.05
N VAL A 93 21.39 6.33 0.88
CA VAL A 93 20.66 6.68 -0.32
C VAL A 93 19.36 7.37 0.06
N ASN A 94 19.13 8.53 -0.55
CA ASN A 94 17.96 9.35 -0.28
C ASN A 94 16.96 9.19 -1.42
N PHE A 95 15.70 9.49 -1.11
CA PHE A 95 14.61 9.37 -2.07
C PHE A 95 13.88 10.71 -2.17
N LYS A 96 13.08 10.84 -3.22
CA LYS A 96 12.30 12.05 -3.41
C LYS A 96 11.23 12.16 -2.32
N LEU A 97 10.80 13.40 -2.08
CA LEU A 97 9.83 13.65 -1.02
C LEU A 97 8.48 13.03 -1.38
N GLY A 98 7.84 12.42 -0.38
CA GLY A 98 6.56 11.77 -0.56
C GLY A 98 6.62 10.26 -0.65
N ILE A 99 7.81 9.68 -0.82
CA ILE A 99 7.93 8.23 -0.94
C ILE A 99 7.82 7.61 0.45
N ASP A 100 7.00 6.57 0.57
CA ASP A 100 6.84 5.88 1.84
C ASP A 100 8.14 5.18 2.22
N PRO A 101 8.63 5.35 3.46
CA PRO A 101 9.91 4.72 3.83
C PRO A 101 9.89 3.20 3.73
N ASP A 102 8.76 2.56 3.99
CA ASP A 102 8.69 1.11 3.95
C ASP A 102 8.97 0.57 2.55
N LYS A 103 8.36 1.18 1.53
CA LYS A 103 8.59 0.73 0.16
C LYS A 103 10.04 0.92 -0.25
N ALA A 104 10.63 2.06 0.11
CA ALA A 104 12.03 2.31 -0.22
C ALA A 104 12.94 1.29 0.46
N GLN A 105 12.68 0.99 1.73
CA GLN A 105 13.47 0.00 2.45
C GLN A 105 13.34 -1.37 1.80
N GLN A 106 12.13 -1.74 1.40
CA GLN A 106 11.92 -3.03 0.74
C GLN A 106 12.68 -3.11 -0.57
N LEU A 107 12.62 -2.04 -1.38
CA LEU A 107 13.33 -2.04 -2.65
C LEU A 107 14.84 -2.13 -2.45
N VAL A 108 15.36 -1.39 -1.47
CA VAL A 108 16.80 -1.42 -1.19
C VAL A 108 17.21 -2.81 -0.73
N GLN A 109 16.40 -3.44 0.13
CA GLN A 109 16.69 -4.80 0.57
C GLN A 109 16.72 -5.77 -0.60
N ASN A 110 15.72 -5.67 -1.49
CA ASN A 110 15.66 -6.56 -2.64
C ASN A 110 16.89 -6.39 -3.53
N ARG A 111 17.36 -5.15 -3.69
CA ARG A 111 18.52 -4.93 -4.55
C ARG A 111 19.82 -5.38 -3.89
N VAL A 112 19.96 -5.18 -2.58
CA VAL A 112 21.20 -5.54 -1.91
C VAL A 112 21.31 -7.06 -1.75
N SER A 113 20.16 -7.74 -1.65
CA SER A 113 20.19 -9.19 -1.50
C SER A 113 20.76 -9.90 -2.72
N GLN A 114 20.85 -9.23 -3.87
CA GLN A 114 21.32 -9.88 -5.08
C GLN A 114 22.85 -9.89 -5.17
N ALA A 115 23.50 -8.89 -4.58
CA ALA A 115 24.95 -8.73 -4.71
C ALA A 115 25.74 -9.42 -3.61
N MET A 116 25.09 -10.15 -2.72
CA MET A 116 25.79 -10.80 -1.62
C MET A 116 26.85 -11.81 -2.07
N PRO A 117 26.58 -12.73 -3.01
CA PRO A 117 27.59 -13.75 -3.33
C PRO A 117 28.88 -13.20 -3.90
N ARG A 118 28.89 -11.99 -4.45
CA ARG A 118 30.11 -11.43 -5.02
C ARG A 118 31.01 -10.79 -3.98
N LEU A 119 30.55 -10.65 -2.74
CA LEU A 119 31.34 -10.02 -1.69
C LEU A 119 32.36 -10.99 -1.12
N PRO A 120 33.43 -10.48 -0.50
CA PRO A 120 34.45 -11.37 0.09
C PRO A 120 33.90 -12.23 1.22
N GLU A 121 34.62 -13.30 1.56
CA GLU A 121 34.14 -14.26 2.54
C GLU A 121 33.98 -13.62 3.92
N ASP A 122 34.94 -12.77 4.31
CA ASP A 122 34.88 -12.14 5.63
C ASP A 122 33.66 -11.24 5.77
N VAL A 123 33.36 -10.45 4.73
CA VAL A 123 32.21 -9.55 4.78
C VAL A 123 30.91 -10.35 4.87
N GLN A 124 30.82 -11.43 4.09
CA GLN A 124 29.62 -12.27 4.15
C GLN A 124 29.46 -12.92 5.52
N ARG A 125 30.57 -13.39 6.10
CA ARG A 125 30.51 -14.02 7.42
C ARG A 125 30.08 -13.02 8.48
N LEU A 126 30.61 -11.79 8.42
CA LEU A 126 30.17 -10.76 9.35
C LEU A 126 28.75 -10.30 9.05
N GLY A 127 28.45 -10.05 7.78
CA GLY A 127 27.13 -9.64 7.37
C GLY A 127 26.97 -8.12 7.29
N VAL A 128 26.08 -7.69 6.40
CA VAL A 128 25.76 -6.29 6.22
C VAL A 128 24.35 -6.05 6.72
N THR A 129 24.07 -4.81 7.12
CA THR A 129 22.76 -4.49 7.67
C THR A 129 22.22 -3.22 7.03
N THR A 130 20.90 -3.16 6.85
CA THR A 130 20.24 -2.02 6.23
C THR A 130 19.10 -1.55 7.13
N LEU A 131 18.89 -0.23 7.15
CA LEU A 131 17.85 0.33 8.00
C LEU A 131 17.43 1.70 7.48
N LYS A 132 16.15 2.01 7.66
CA LYS A 132 15.64 3.34 7.31
C LYS A 132 16.09 4.36 8.35
N SER A 133 16.38 5.57 7.90
CA SER A 133 16.89 6.61 8.78
C SER A 133 15.75 7.40 9.41
N SER A 134 15.88 7.68 10.71
CA SER A 134 14.91 8.49 11.43
C SER A 134 15.58 9.81 11.84
N PRO A 135 15.19 10.94 11.24
CA PRO A 135 15.90 12.19 11.51
C PRO A 135 15.58 12.82 12.86
N THR A 136 14.31 12.79 13.27
CA THR A 136 13.86 13.56 14.42
C THR A 136 14.35 12.95 15.73
N LEU A 137 14.78 13.83 16.65
CA LEU A 137 15.23 13.48 17.98
C LEU A 137 14.27 14.04 19.00
N THR A 138 14.05 13.34 20.11
CA THR A 138 13.12 13.83 21.11
C THR A 138 13.76 13.99 22.48
N MET A 139 14.82 13.22 22.76
CA MET A 139 15.54 13.21 24.02
C MET A 139 16.86 12.47 23.84
N VAL A 140 17.81 12.78 24.72
CA VAL A 140 19.00 11.95 24.93
C VAL A 140 19.17 11.76 26.43
N VAL A 141 19.69 10.60 26.83
CA VAL A 141 19.88 10.30 28.24
C VAL A 141 21.22 9.60 28.41
N HIS A 142 21.96 9.97 29.46
CA HIS A 142 23.23 9.37 29.75
C HIS A 142 23.11 8.45 30.95
N LEU A 143 24.01 7.49 31.03
CA LEU A 143 24.09 6.56 32.15
C LEU A 143 25.52 6.58 32.66
N THR A 144 25.69 6.83 33.95
CA THR A 144 27.00 7.15 34.50
C THR A 144 27.37 6.17 35.60
N SER A 145 28.67 6.14 35.92
CA SER A 145 29.19 5.37 37.05
C SER A 145 30.03 6.31 37.91
N PRO A 146 29.42 7.01 38.86
CA PRO A 146 30.16 8.04 39.60
C PRO A 146 31.34 7.50 40.41
N ASP A 147 31.27 6.27 40.88
CA ASP A 147 32.30 5.71 41.74
C ASP A 147 33.51 5.19 40.98
N ASN A 148 33.48 5.26 39.65
CA ASN A 148 34.58 4.77 38.80
C ASN A 148 34.87 3.29 39.07
N ARG A 149 33.83 2.53 39.38
CA ARG A 149 33.96 1.10 39.60
C ARG A 149 33.75 0.29 38.32
N TYR A 150 33.05 0.84 37.33
CA TYR A 150 32.77 0.13 36.09
C TYR A 150 33.28 0.94 34.92
N ASP A 151 33.80 0.22 33.92
CA ASP A 151 34.42 0.82 32.76
C ASP A 151 33.38 1.07 31.67
N MET A 152 33.86 1.43 30.48
CA MET A 152 32.97 1.79 29.38
C MET A 152 32.20 0.59 28.85
N THR A 153 32.92 -0.52 28.57
CA THR A 153 32.30 -1.66 27.91
C THR A 153 31.22 -2.29 28.78
N TYR A 154 31.47 -2.39 30.08
CA TYR A 154 30.48 -2.99 30.97
C TYR A 154 29.21 -2.15 31.02
N LEU A 155 29.37 -0.82 31.07
CA LEU A 155 28.21 0.06 31.07
C LEU A 155 27.42 -0.06 29.77
N ARG A 156 28.12 -0.10 28.63
CA ARG A 156 27.42 -0.24 27.36
C ARG A 156 26.67 -1.56 27.28
N ASN A 157 27.29 -2.65 27.72
CA ASN A 157 26.62 -3.95 27.65
C ASN A 157 25.48 -4.05 28.65
N TYR A 158 25.60 -3.39 29.80
CA TYR A 158 24.49 -3.34 30.74
C TYR A 158 23.30 -2.58 30.15
N ALA A 159 23.59 -1.47 29.45
CA ALA A 159 22.51 -0.76 28.77
C ALA A 159 21.88 -1.62 27.68
N VAL A 160 22.70 -2.38 26.95
CA VAL A 160 22.18 -3.24 25.89
C VAL A 160 21.30 -4.35 26.47
N LEU A 161 21.72 -4.95 27.59
CA LEU A 161 21.08 -6.16 28.08
C LEU A 161 19.63 -5.94 28.46
N ASN A 162 19.34 -4.85 29.17
CA ASN A 162 18.01 -4.76 29.75
C ASN A 162 17.31 -3.42 29.50
N VAL A 163 18.06 -2.35 29.25
CA VAL A 163 17.44 -1.03 29.14
C VAL A 163 16.91 -0.81 27.71
N LYS A 164 17.72 -1.13 26.71
CA LYS A 164 17.32 -0.88 25.32
C LYS A 164 16.09 -1.68 24.92
N ASP A 165 16.01 -2.94 25.35
CA ASP A 165 14.85 -3.76 24.99
C ASP A 165 13.56 -3.18 25.54
N ARG A 166 13.59 -2.67 26.77
CA ARG A 166 12.40 -2.07 27.36
C ARG A 166 12.12 -0.69 26.76
N LEU A 167 13.15 0.02 26.32
CA LEU A 167 12.98 1.35 25.73
C LEU A 167 12.69 1.30 24.24
N ALA A 168 12.68 0.12 23.63
CA ALA A 168 12.36 0.00 22.21
C ALA A 168 10.91 -0.41 21.96
N ARG A 169 10.18 -0.86 22.97
CA ARG A 169 8.84 -1.38 22.79
C ARG A 169 7.73 -0.38 23.10
N LEU A 170 8.08 0.87 23.43
CA LEU A 170 7.04 1.85 23.67
C LEU A 170 6.37 2.28 22.37
N GLN A 171 5.31 3.08 22.52
CA GLN A 171 4.53 3.53 21.37
C GLN A 171 5.05 4.88 20.88
N GLY A 172 5.46 4.93 19.62
CA GLY A 172 5.96 6.13 18.99
C GLY A 172 7.45 6.16 18.81
N VAL A 173 8.19 5.25 19.42
CA VAL A 173 9.65 5.22 19.30
C VAL A 173 10.02 4.66 17.94
N GLY A 174 10.81 5.42 17.19
CA GLY A 174 11.29 4.96 15.90
C GLY A 174 12.51 4.07 16.04
N GLU A 175 13.57 4.59 16.64
CA GLU A 175 14.78 3.81 16.88
C GLU A 175 15.56 4.47 18.01
N VAL A 176 16.41 3.67 18.65
CA VAL A 176 17.33 4.14 19.69
C VAL A 176 18.74 3.70 19.30
N GLY A 177 19.71 4.58 19.52
CA GLY A 177 21.10 4.27 19.26
C GLY A 177 21.89 4.03 20.55
N LEU A 178 23.17 3.74 20.36
CA LEU A 178 24.09 3.54 21.48
C LEU A 178 25.47 3.95 21.04
N PHE A 179 26.07 4.93 21.73
CA PHE A 179 27.39 5.44 21.40
C PHE A 179 28.34 5.20 22.57
N GLY A 180 29.39 4.45 22.31
CA GLY A 180 30.35 4.09 23.34
C GLY A 180 31.25 2.97 22.88
N SER A 181 31.70 2.14 23.81
CA SER A 181 32.54 1.00 23.48
C SER A 181 31.71 -0.13 22.90
N GLY A 182 32.38 -1.15 22.38
CA GLY A 182 31.70 -2.27 21.79
C GLY A 182 31.18 -3.27 22.82
N ASP A 183 30.55 -4.32 22.32
CA ASP A 183 30.00 -5.36 23.16
C ASP A 183 31.09 -6.35 23.57
N TYR A 184 30.71 -7.36 24.35
CA TYR A 184 31.67 -8.30 24.90
C TYR A 184 32.20 -9.25 23.83
N ALA A 185 33.44 -9.70 24.04
CA ALA A 185 34.08 -10.65 23.15
C ALA A 185 35.24 -11.30 23.89
N MET A 186 35.56 -12.52 23.47
CA MET A 186 36.70 -13.26 23.98
C MET A 186 37.92 -12.89 23.15
N ARG A 187 38.79 -12.06 23.72
CA ARG A 187 39.99 -11.60 23.03
C ARG A 187 41.19 -12.42 23.47
N VAL A 188 41.91 -12.96 22.50
CA VAL A 188 43.15 -13.68 22.76
C VAL A 188 44.27 -12.87 22.12
N TRP A 189 45.24 -12.47 22.94
CA TRP A 189 46.41 -11.74 22.46
C TRP A 189 47.57 -12.72 22.36
N LEU A 190 48.17 -12.80 21.18
CA LEU A 190 49.23 -13.76 20.89
C LEU A 190 50.60 -13.10 21.00
N ASP A 191 51.58 -13.88 21.42
CA ASP A 191 52.97 -13.45 21.44
C ASP A 191 53.71 -14.18 20.33
N PRO A 192 54.10 -13.49 19.25
CA PRO A 192 54.74 -14.20 18.13
C PRO A 192 56.03 -14.91 18.52
N GLN A 193 56.75 -14.41 19.51
CA GLN A 193 58.00 -15.04 19.92
C GLN A 193 57.76 -16.44 20.47
N LYS A 194 56.78 -16.57 21.36
CA LYS A 194 56.47 -17.89 21.93
C LYS A 194 55.90 -18.82 20.87
N VAL A 195 55.10 -18.28 19.94
CA VAL A 195 54.54 -19.10 18.87
C VAL A 195 55.66 -19.65 18.00
N ALA A 196 56.62 -18.80 17.63
CA ALA A 196 57.75 -19.24 16.82
C ALA A 196 58.69 -20.16 17.61
N GLN A 197 58.71 -20.05 18.93
CA GLN A 197 59.57 -20.92 19.74
C GLN A 197 59.15 -22.37 19.62
N ARG A 198 57.84 -22.64 19.58
CA ARG A 198 57.32 -24.00 19.55
C ARG A 198 57.15 -24.54 18.13
N ASN A 199 57.80 -23.92 17.14
CA ASN A 199 57.66 -24.31 15.74
C ASN A 199 56.19 -24.36 15.33
N LEU A 200 55.45 -23.32 15.72
CA LEU A 200 54.01 -23.24 15.54
C LEU A 200 53.66 -22.06 14.64
N THR A 201 52.50 -22.15 14.00
CA THR A 201 52.01 -21.11 13.11
C THR A 201 50.62 -20.66 13.53
N ALA A 202 50.25 -19.45 13.11
CA ALA A 202 48.98 -18.87 13.50
C ALA A 202 47.80 -19.64 12.91
N THR A 203 47.93 -20.12 11.67
CA THR A 203 46.83 -20.86 11.05
C THR A 203 46.51 -22.12 11.84
N GLU A 204 47.53 -22.84 12.30
CA GLU A 204 47.30 -24.08 13.04
C GLU A 204 46.55 -23.82 14.34
N ILE A 205 46.95 -22.79 15.09
CA ILE A 205 46.29 -22.51 16.36
C ILE A 205 44.88 -22.01 16.12
N VAL A 206 44.67 -21.21 15.07
CA VAL A 206 43.32 -20.76 14.74
C VAL A 206 42.43 -21.95 14.41
N ASN A 207 42.94 -22.90 13.62
CA ASN A 207 42.17 -24.09 13.29
C ASN A 207 41.88 -24.92 14.52
N ALA A 208 42.85 -25.04 15.43
CA ALA A 208 42.62 -25.79 16.67
C ALA A 208 41.52 -25.15 17.50
N ILE A 209 41.55 -23.81 17.62
CA ILE A 209 40.51 -23.11 18.35
C ILE A 209 39.15 -23.34 17.70
N ARG A 210 39.09 -23.27 16.37
CA ARG A 210 37.82 -23.48 15.68
C ARG A 210 37.30 -24.90 15.88
N GLU A 211 38.19 -25.89 15.85
CA GLU A 211 37.77 -27.29 15.93
C GLU A 211 37.56 -27.78 17.35
N GLN A 212 38.00 -27.04 18.37
CA GLN A 212 37.84 -27.48 19.75
C GLN A 212 36.76 -26.70 20.49
N ASN A 213 35.98 -25.89 19.79
CA ASN A 213 34.93 -25.09 20.40
C ASN A 213 33.65 -25.17 19.57
N ILE A 214 33.28 -26.39 19.18
CA ILE A 214 32.08 -26.62 18.37
C ILE A 214 31.07 -27.40 19.19
N GLN A 215 29.80 -27.13 18.93
CA GLN A 215 28.74 -27.86 19.61
C GLN A 215 28.54 -29.23 18.95
N VAL A 216 27.97 -30.15 19.72
CA VAL A 216 27.79 -31.54 19.29
C VAL A 216 26.30 -31.84 19.19
N ALA A 217 25.89 -32.40 18.07
CA ALA A 217 24.52 -32.86 17.85
C ALA A 217 24.51 -34.37 17.88
N ALA A 218 23.76 -34.94 18.83
CA ALA A 218 23.70 -36.38 19.01
C ALA A 218 22.28 -36.88 18.83
N GLY A 219 22.16 -38.06 18.22
CA GLY A 219 20.85 -38.63 17.97
C GLY A 219 20.23 -39.26 19.20
N THR A 220 18.96 -39.62 19.06
CA THR A 220 18.23 -40.25 20.14
C THR A 220 18.45 -41.77 20.13
N ILE A 221 18.46 -42.35 21.32
CA ILE A 221 18.58 -43.80 21.49
C ILE A 221 17.19 -44.38 21.61
N GLY A 222 16.86 -45.34 20.74
CA GLY A 222 15.55 -45.94 20.73
C GLY A 222 14.48 -45.13 20.04
N ALA A 223 14.85 -44.18 19.19
CA ALA A 223 13.88 -43.36 18.48
C ALA A 223 13.10 -44.18 17.46
N PRO A 225 11.43 -46.07 14.29
CA PRO A 225 11.25 -47.40 13.71
C PRO A 225 11.74 -48.52 14.63
N SER A 226 12.43 -48.15 15.71
CA SER A 226 12.95 -49.13 16.65
C SER A 226 11.82 -49.75 17.46
N ASN A 227 12.08 -50.95 17.96
CA ASN A 227 11.12 -51.70 18.77
C ASN A 227 11.34 -51.51 20.27
N SER A 228 12.30 -50.67 20.66
CA SER A 228 12.54 -50.44 22.07
C SER A 228 11.36 -49.71 22.71
N PRO A 229 11.02 -50.02 23.97
CA PRO A 229 9.88 -49.38 24.61
C PRO A 229 10.17 -47.98 25.14
N LEU A 230 11.42 -47.55 25.15
CA LEU A 230 11.80 -46.24 25.67
C LEU A 230 12.73 -45.54 24.69
N GLN A 231 12.62 -44.22 24.62
CA GLN A 231 13.54 -43.38 23.86
C GLN A 231 14.14 -42.33 24.79
N LEU A 232 15.47 -42.18 24.73
CA LEU A 232 16.20 -41.28 25.61
C LEU A 232 17.13 -40.43 24.76
N SER A 233 17.06 -39.11 24.93
CA SER A 233 17.92 -38.21 24.19
C SER A 233 19.36 -38.29 24.71
N VAL A 234 20.31 -37.96 23.84
CA VAL A 234 21.73 -37.97 24.17
C VAL A 234 22.29 -36.57 24.01
N ASN A 235 23.00 -36.10 25.03
CA ASN A 235 23.63 -34.78 25.00
C ASN A 235 25.08 -34.89 25.45
N ALA A 236 25.91 -34.00 24.92
CA ALA A 236 27.34 -34.00 25.24
C ALA A 236 27.76 -32.57 25.56
N GLN A 237 29.05 -32.40 25.84
CA GLN A 237 29.61 -31.08 26.16
C GLN A 237 30.06 -30.41 24.87
N GLY A 238 29.56 -29.20 24.62
CA GLY A 238 29.86 -28.49 23.40
C GLY A 238 30.69 -27.23 23.60
N ARG A 239 30.02 -26.08 23.54
CA ARG A 239 30.72 -24.80 23.57
C ARG A 239 31.31 -24.51 24.95
N LEU A 240 32.48 -23.88 24.94
CA LEU A 240 33.11 -23.41 26.17
C LEU A 240 32.43 -22.13 26.65
N THR A 241 32.61 -21.85 27.95
CA THR A 241 31.90 -20.73 28.57
C THR A 241 32.74 -19.84 29.46
N THR A 242 33.94 -20.25 29.86
CA THR A 242 34.74 -19.48 30.80
C THR A 242 36.16 -19.31 30.27
N GLU A 243 36.87 -18.34 30.85
CA GLU A 243 38.23 -18.03 30.41
C GLU A 243 39.19 -19.19 30.68
N GLN A 244 39.03 -19.88 31.81
CA GLN A 244 39.92 -21.00 32.12
C GLN A 244 39.77 -22.12 31.10
N GLU A 245 38.54 -22.41 30.68
CA GLU A 245 38.32 -23.44 29.67
C GLU A 245 38.99 -23.06 28.35
N PHE A 246 38.91 -21.78 27.97
CA PHE A 246 39.59 -21.33 26.76
C PHE A 246 41.10 -21.45 26.91
N ALA A 247 41.64 -21.14 28.09
CA ALA A 247 43.07 -21.23 28.32
C ALA A 247 43.55 -22.67 28.42
N ASP A 248 42.65 -23.62 28.64
CA ASP A 248 43.02 -25.03 28.76
C ASP A 248 42.98 -25.77 27.43
N ILE A 249 42.90 -25.06 26.30
CA ILE A 249 42.86 -25.72 25.00
C ILE A 249 44.24 -26.27 24.66
N ILE A 250 44.28 -27.53 24.22
CA ILE A 250 45.51 -28.18 23.84
C ILE A 250 45.75 -27.96 22.35
N LEU A 251 46.95 -27.51 22.00
CA LEU A 251 47.30 -27.20 20.61
C LEU A 251 48.21 -28.25 20.00
N LYS A 252 49.36 -28.53 20.64
CA LYS A 252 50.34 -29.45 20.11
C LYS A 252 50.76 -30.44 21.19
N THR A 253 50.86 -31.72 20.82
CA THR A 253 51.25 -32.77 21.74
C THR A 253 52.66 -33.26 21.39
N ALA A 254 53.51 -33.36 22.40
CA ALA A 254 54.88 -33.81 22.20
C ALA A 254 55.36 -34.68 23.35
N ALA A 258 55.18 -33.89 26.53
CA ALA A 258 54.93 -32.47 26.78
C ALA A 258 53.68 -32.00 26.04
N VAL A 259 52.86 -31.22 26.71
CA VAL A 259 51.62 -30.68 26.15
C VAL A 259 51.71 -29.17 26.15
N THR A 260 51.37 -28.55 25.02
CA THR A 260 51.40 -27.10 24.86
C THR A 260 49.97 -26.57 24.91
N ARG A 261 49.67 -25.77 25.93
CA ARG A 261 48.34 -25.21 26.12
C ARG A 261 48.26 -23.81 25.54
N LEU A 262 47.04 -23.25 25.58
CA LEU A 262 46.84 -21.87 25.16
C LEU A 262 47.29 -20.86 26.21
N GLY A 263 47.28 -21.24 27.49
CA GLY A 263 47.60 -20.29 28.53
C GLY A 263 49.02 -19.77 28.47
N ASP A 264 49.98 -20.66 28.23
CA ASP A 264 51.40 -20.29 28.24
C ASP A 264 51.90 -19.77 26.90
N VAL A 265 51.03 -19.64 25.90
CA VAL A 265 51.42 -19.15 24.59
C VAL A 265 50.77 -17.80 24.34
N ALA A 266 49.51 -17.66 24.76
CA ALA A 266 48.74 -16.45 24.53
C ALA A 266 47.97 -16.09 25.80
N ARG A 267 47.49 -14.86 25.85
CA ARG A 267 46.72 -14.36 26.99
C ARG A 267 45.28 -14.17 26.57
N VAL A 268 44.36 -14.86 27.25
CA VAL A 268 42.94 -14.80 26.93
C VAL A 268 42.25 -13.93 27.97
N GLU A 269 41.23 -13.20 27.53
CA GLU A 269 40.46 -12.32 28.42
C GLU A 269 39.13 -11.97 27.75
N LEU A 270 38.25 -11.34 28.53
CA LEU A 270 36.97 -10.86 28.03
C LEU A 270 37.06 -9.33 27.96
N ALA A 271 36.79 -8.77 26.77
CA ALA A 271 36.94 -7.33 26.57
C ALA A 271 35.91 -6.88 25.53
N ALA A 272 36.13 -5.70 24.97
CA ALA A 272 35.25 -5.15 23.95
C ALA A 272 35.67 -5.61 22.56
N SER A 273 34.69 -5.69 21.66
CA SER A 273 34.92 -6.12 20.29
C SER A 273 35.29 -4.97 19.36
N GLN A 274 35.20 -3.73 19.81
CA GLN A 274 35.50 -2.59 18.96
C GLN A 274 36.05 -1.45 19.80
N TYR A 275 37.19 -0.91 19.39
CA TYR A 275 37.78 0.25 20.02
C TYR A 275 37.91 1.38 18.99
N GLY A 276 37.80 2.61 19.46
CA GLY A 276 37.92 3.75 18.57
C GLY A 276 36.93 4.87 18.88
N LEU A 277 36.02 4.64 19.82
CA LEU A 277 35.04 5.64 20.21
C LEU A 277 34.91 5.65 21.73
N ARG A 278 35.13 6.82 22.32
CA ARG A 278 35.02 7.02 23.75
C ARG A 278 34.03 8.15 24.02
N SER A 279 33.22 7.98 25.06
CA SER A 279 32.22 8.97 25.44
C SER A 279 32.37 9.33 26.91
N LEU A 280 32.47 10.62 27.20
CA LEU A 280 32.68 11.11 28.55
C LEU A 280 31.65 12.18 28.87
N LEU A 281 31.26 12.26 30.15
CA LEU A 281 30.38 13.31 30.65
C LEU A 281 31.04 13.90 31.89
N ASP A 282 31.50 15.14 31.78
CA ASP A 282 32.20 15.83 32.87
C ASP A 282 33.40 15.00 33.35
N ASN A 283 34.19 14.51 32.40
CA ASN A 283 35.40 13.75 32.67
C ASN A 283 35.10 12.45 33.43
N LYS A 284 33.88 11.95 33.31
CA LYS A 284 33.46 10.71 33.94
C LYS A 284 33.05 9.71 32.87
N GLN A 285 33.52 8.47 33.02
CA GLN A 285 33.14 7.42 32.09
C GLN A 285 31.63 7.18 32.14
N ALA A 286 31.00 7.14 30.98
CA ALA A 286 29.56 7.00 30.91
C ALA A 286 29.19 6.45 29.54
N VAL A 287 27.89 6.23 29.34
CA VAL A 287 27.35 5.82 28.04
C VAL A 287 26.20 6.74 27.72
N ALA A 288 25.96 6.94 26.42
CA ALA A 288 24.95 7.86 25.94
C ALA A 288 23.95 7.11 25.05
N ILE A 289 22.68 7.43 25.20
CA ILE A 289 21.66 6.82 24.35
C ILE A 289 20.63 7.89 23.96
N PRO A 290 20.57 8.25 22.68
CA PRO A 290 19.49 9.14 22.22
C PRO A 290 18.31 8.36 21.66
N ILE A 291 17.14 8.98 21.77
CA ILE A 291 15.88 8.36 21.36
C ILE A 291 15.28 9.16 20.21
N PHE A 292 14.96 8.47 19.13
CA PHE A 292 14.31 9.08 17.97
C PHE A 292 12.85 8.69 17.94
N GLN A 293 12.06 9.47 17.21
CA GLN A 293 10.63 9.19 17.07
C GLN A 293 10.35 8.48 15.76
N ALA A 294 9.16 7.89 15.68
CA ALA A 294 8.66 7.38 14.41
C ALA A 294 7.84 8.46 13.71
N PRO A 295 7.81 8.46 12.38
CA PRO A 295 7.05 9.49 11.66
C PRO A 295 5.57 9.45 12.03
N GLY A 296 4.98 10.64 12.12
CA GLY A 296 3.56 10.75 12.43
C GLY A 296 3.17 10.27 13.82
N ALA A 297 3.94 10.64 14.83
CA ALA A 297 3.67 10.27 16.22
C ALA A 297 3.49 11.53 17.06
N ASN A 298 3.36 11.33 18.36
CA ASN A 298 3.23 12.42 19.32
C ASN A 298 4.57 12.67 19.98
N ALA A 299 4.81 13.93 20.37
CA ALA A 299 6.11 14.34 20.88
C ALA A 299 6.20 14.27 22.40
N LEU A 300 5.21 14.80 23.11
CA LEU A 300 5.30 14.87 24.56
C LEU A 300 4.94 13.54 25.22
N GLN A 301 4.07 12.75 24.58
CA GLN A 301 3.67 11.48 25.16
C GLN A 301 4.85 10.53 25.28
N VAL A 302 5.62 10.37 24.21
CA VAL A 302 6.77 9.48 24.24
C VAL A 302 7.79 9.95 25.27
N SER A 303 7.96 11.28 25.38
CA SER A 303 8.89 11.81 26.39
C SER A 303 8.45 11.46 27.80
N ASP A 304 7.16 11.65 28.10
CA ASP A 304 6.66 11.33 29.44
C ASP A 304 6.78 9.85 29.74
N GLN A 305 6.47 8.99 28.76
CA GLN A 305 6.63 7.56 28.97
C GLN A 305 8.10 7.19 29.20
N VAL A 306 9.01 7.85 28.49
CA VAL A 306 10.43 7.59 28.70
C VAL A 306 10.85 7.94 30.12
N ARG A 307 10.44 9.12 30.60
CA ARG A 307 10.77 9.50 31.98
C ARG A 307 10.19 8.50 32.98
N SER A 308 8.93 8.11 32.77
CA SER A 308 8.29 7.19 33.70
C SER A 308 9.00 5.83 33.73
N THR A 309 9.35 5.29 32.55
CA THR A 309 9.97 3.98 32.53
C THR A 309 11.40 4.03 33.04
N MET A 310 12.11 5.15 32.82
CA MET A 310 13.45 5.27 33.40
C MET A 310 13.37 5.34 34.93
N LYS A 311 12.37 6.07 35.45
CA LYS A 311 12.18 6.09 36.89
C LYS A 311 11.84 4.71 37.44
N GLU A 312 11.02 3.95 36.71
CA GLU A 312 10.71 2.59 37.14
C GLU A 312 11.94 1.70 37.16
N LEU A 313 12.77 1.78 36.11
CA LEU A 313 13.96 0.94 36.04
C LEU A 313 15.04 1.39 37.02
N SER A 314 14.99 2.63 37.48
CA SER A 314 16.02 3.13 38.39
C SER A 314 16.05 2.38 39.72
N LYS A 315 14.98 1.67 40.08
CA LYS A 315 14.93 0.98 41.37
C LYS A 315 15.83 -0.25 41.39
N ASP A 316 16.01 -0.90 40.25
CA ASP A 316 16.79 -2.14 40.18
C ASP A 316 18.26 -1.90 39.87
N PHE A 317 18.68 -0.65 39.77
CA PHE A 317 20.07 -0.35 39.43
C PHE A 317 20.99 -0.73 40.59
N PRO A 318 22.23 -1.12 40.29
CA PRO A 318 23.21 -1.38 41.35
C PRO A 318 23.60 -0.12 42.11
N SER A 319 24.49 -0.27 43.10
CA SER A 319 24.84 0.85 43.96
C SER A 319 25.54 1.96 43.19
N SER A 320 26.51 1.60 42.34
CA SER A 320 27.36 2.58 41.68
C SER A 320 26.91 2.89 40.26
N ILE A 321 25.61 2.76 39.98
CA ILE A 321 25.07 3.05 38.66
C ILE A 321 23.89 3.99 38.81
N LYS A 322 23.91 5.09 38.07
CA LYS A 322 22.82 6.06 38.07
C LYS A 322 22.64 6.61 36.66
N TYR A 323 21.43 7.11 36.39
CA TYR A 323 21.09 7.69 35.11
C TYR A 323 20.92 9.21 35.25
N ASP A 324 20.86 9.87 34.10
CA ASP A 324 20.78 11.33 34.08
C ASP A 324 20.11 11.79 32.79
N ILE A 325 19.41 12.92 32.88
CA ILE A 325 18.76 13.52 31.72
C ILE A 325 19.60 14.70 31.27
N VAL A 326 20.03 14.69 30.01
CA VAL A 326 20.94 15.71 29.51
C VAL A 326 20.22 16.70 28.61
N TYR A 327 19.73 16.25 27.46
CA TYR A 327 19.11 17.13 26.48
C TYR A 327 17.74 16.62 26.09
N ASP A 328 16.77 17.52 26.00
CA ASP A 328 15.43 17.24 25.51
C ASP A 328 14.90 18.38 24.65
N PRO A 329 15.01 18.29 23.32
CA PRO A 329 14.56 19.39 22.48
C PRO A 329 13.06 19.45 22.26
N THR A 330 12.28 18.68 23.02
CA THR A 330 10.82 18.79 23.01
C THR A 330 10.31 19.93 23.87
N GLN A 331 11.19 20.62 24.59
CA GLN A 331 10.78 21.74 25.44
C GLN A 331 10.30 22.93 24.62
N PHE A 332 10.92 23.20 23.47
CA PHE A 332 10.63 24.42 22.73
C PHE A 332 9.16 24.51 22.35
N VAL A 333 8.63 23.46 21.71
CA VAL A 333 7.21 23.42 21.40
C VAL A 333 6.38 23.50 22.67
N ARG A 334 6.85 22.83 23.74
CA ARG A 334 6.20 22.94 25.05
C ARG A 334 6.02 24.40 25.45
N ALA A 335 7.04 25.23 25.21
CA ALA A 335 6.90 26.66 25.47
C ALA A 335 5.93 27.30 24.49
N SER A 336 6.10 27.02 23.20
CA SER A 336 5.40 27.79 22.17
C SER A 336 3.89 27.72 22.36
N ILE A 337 3.35 26.50 22.44
CA ILE A 337 1.91 26.33 22.65
C ILE A 337 1.47 27.11 23.88
N LYS A 338 2.24 27.01 24.97
CA LYS A 338 1.93 27.75 26.18
C LYS A 338 1.75 29.23 25.87
N ALA A 339 2.75 29.83 25.21
CA ALA A 339 2.67 31.24 24.89
C ALA A 339 1.40 31.53 24.10
N VAL A 340 1.10 30.65 23.14
CA VAL A 340 -0.07 30.86 22.28
C VAL A 340 -1.31 31.07 23.15
N VAL A 341 -1.51 30.18 24.12
CA VAL A 341 -2.72 30.26 24.93
C VAL A 341 -2.81 31.61 25.60
N HIS A 342 -1.71 32.05 26.20
CA HIS A 342 -1.70 33.35 26.88
C HIS A 342 -2.22 34.43 25.95
N THR A 343 -1.66 34.48 24.74
CA THR A 343 -2.08 35.50 23.78
C THR A 343 -3.58 35.48 23.61
N LEU A 344 -4.13 34.29 23.31
CA LEU A 344 -5.57 34.17 23.11
C LEU A 344 -6.31 34.77 24.29
N LEU A 345 -5.95 34.35 25.51
CA LEU A 345 -6.63 34.84 26.69
C LEU A 345 -6.60 36.36 26.71
N GLU A 346 -5.39 36.93 26.60
CA GLU A 346 -5.26 38.38 26.65
C GLU A 346 -6.14 39.01 25.58
N ALA A 347 -6.08 38.48 24.36
CA ALA A 347 -6.85 39.04 23.26
C ALA A 347 -8.31 39.17 23.66
N ILE A 348 -8.89 38.10 24.21
CA ILE A 348 -10.31 38.12 24.55
C ILE A 348 -10.58 39.29 25.50
N ALA A 349 -9.81 39.34 26.59
CA ALA A 349 -10.01 40.41 27.55
C ALA A 349 -9.97 41.75 26.84
N LEU A 350 -8.94 41.95 26.02
CA LEU A 350 -8.78 43.21 25.31
C LEU A 350 -10.08 43.63 24.64
N VAL A 351 -10.61 42.77 23.77
CA VAL A 351 -11.71 43.21 22.93
C VAL A 351 -12.91 43.57 23.80
N VAL A 352 -13.11 42.82 24.89
CA VAL A 352 -14.26 43.11 25.75
C VAL A 352 -14.18 44.55 26.24
N VAL A 353 -13.02 44.93 26.79
CA VAL A 353 -12.87 46.28 27.31
C VAL A 353 -13.15 47.28 26.20
N VAL A 354 -12.66 47.00 25.00
CA VAL A 354 -12.82 47.93 23.89
C VAL A 354 -14.30 48.24 23.69
N VAL A 355 -15.14 47.21 23.61
CA VAL A 355 -16.55 47.48 23.35
C VAL A 355 -17.17 48.22 24.53
N ILE A 356 -16.76 47.86 25.75
CA ILE A 356 -17.21 48.58 26.94
C ILE A 356 -16.79 50.03 26.88
N LEU A 357 -15.59 50.31 26.35
CA LEU A 357 -15.15 51.68 26.16
C LEU A 357 -15.89 52.38 25.04
N PHE A 358 -16.34 51.65 24.02
CA PHE A 358 -16.83 52.29 22.79
C PHE A 358 -18.35 52.25 22.68
N LEU A 359 -18.97 51.16 23.14
CA LEU A 359 -20.41 51.01 22.96
C LEU A 359 -21.20 51.41 24.19
N GLN A 360 -20.59 51.37 25.38
CA GLN A 360 -21.21 51.82 26.63
C GLN A 360 -22.43 51.01 27.00
N THR A 361 -22.41 49.71 26.71
CA THR A 361 -23.43 48.77 27.19
C THR A 361 -22.74 47.46 27.56
N TRP A 362 -23.19 46.83 28.64
CA TRP A 362 -22.51 45.64 29.13
C TRP A 362 -23.00 44.38 28.40
N ARG A 363 -24.22 44.42 27.86
CA ARG A 363 -24.79 43.23 27.24
C ARG A 363 -24.13 42.86 25.92
N ALA A 364 -23.39 43.79 25.31
CA ALA A 364 -22.76 43.54 24.02
C ALA A 364 -21.39 42.88 24.13
N SER A 365 -20.90 42.64 25.34
CA SER A 365 -19.60 42.03 25.56
C SER A 365 -19.64 40.50 25.53
N ILE A 366 -20.82 39.91 25.35
CA ILE A 366 -20.93 38.46 25.42
C ILE A 366 -20.75 37.80 24.05
N ILE A 367 -21.18 38.46 22.97
CA ILE A 367 -21.15 37.84 21.65
C ILE A 367 -19.75 37.44 21.21
N PRO A 368 -18.74 38.33 21.23
CA PRO A 368 -17.40 37.87 20.85
C PRO A 368 -16.83 36.85 21.82
N LEU A 369 -17.16 36.97 23.11
CA LEU A 369 -16.62 36.05 24.10
C LEU A 369 -17.15 34.64 23.90
N LEU A 370 -18.35 34.51 23.33
CA LEU A 370 -18.88 33.21 22.97
C LEU A 370 -18.60 32.82 21.52
N ALA A 371 -18.17 33.76 20.68
CA ALA A 371 -17.91 33.45 19.29
C ALA A 371 -16.48 32.98 19.04
N VAL A 372 -15.48 33.65 19.64
CA VAL A 372 -14.08 33.29 19.37
C VAL A 372 -13.76 31.85 19.79
N PRO A 373 -14.06 31.41 21.01
CA PRO A 373 -13.71 30.04 21.39
C PRO A 373 -14.37 28.98 20.54
N VAL A 374 -15.58 29.23 20.04
CA VAL A 374 -16.28 28.22 19.24
C VAL A 374 -15.49 27.91 17.98
N SER A 375 -15.10 28.94 17.23
CA SER A 375 -14.32 28.73 16.02
C SER A 375 -12.93 28.20 16.34
N ILE A 376 -12.30 28.72 17.38
CA ILE A 376 -10.95 28.28 17.74
C ILE A 376 -10.93 26.81 18.11
N ILE A 377 -12.01 26.30 18.70
CA ILE A 377 -12.10 24.89 19.04
C ILE A 377 -12.51 24.05 17.84
N GLY A 378 -13.46 24.54 17.04
CA GLY A 378 -13.93 23.80 15.88
C GLY A 378 -12.90 23.67 14.77
N THR A 379 -11.85 24.49 14.81
CA THR A 379 -10.78 24.32 13.81
C THR A 379 -10.12 22.96 13.90
N PHE A 380 -9.97 22.42 15.12
CA PHE A 380 -9.23 21.16 15.29
C PHE A 380 -9.97 19.99 14.63
N ALA A 381 -11.30 20.03 14.62
CA ALA A 381 -12.05 18.97 13.97
C ALA A 381 -11.74 18.87 12.49
N LEU A 382 -11.77 20.00 11.79
CA LEU A 382 -11.47 19.99 10.36
C LEU A 382 -9.99 19.70 10.12
N MET A 383 -9.12 20.15 11.01
CA MET A 383 -7.70 19.83 10.86
C MET A 383 -7.47 18.34 10.94
N LEU A 384 -8.12 17.66 11.89
CA LEU A 384 -7.99 16.20 11.96
C LEU A 384 -8.64 15.53 10.76
N ALA A 385 -9.78 16.05 10.30
CA ALA A 385 -10.43 15.48 9.13
C ALA A 385 -9.53 15.56 7.90
N PHE A 386 -8.72 16.61 7.81
CA PHE A 386 -7.80 16.76 6.69
C PHE A 386 -6.46 16.07 6.91
N GLY A 387 -6.26 15.42 8.05
CA GLY A 387 -5.03 14.71 8.30
C GLY A 387 -3.82 15.60 8.47
N TYR A 388 -3.95 16.65 9.28
CA TYR A 388 -2.87 17.58 9.56
C TYR A 388 -2.38 17.37 10.99
N SER A 389 -1.18 17.88 11.26
CA SER A 389 -0.60 17.85 12.59
C SER A 389 -0.23 19.26 13.01
N ILE A 390 -0.37 19.54 14.29
CA ILE A 390 -0.11 20.88 14.82
C ILE A 390 1.40 21.07 14.95
N ASN A 391 1.87 22.24 14.54
CA ASN A 391 3.28 22.59 14.63
C ASN A 391 3.37 24.08 14.88
N ALA A 392 4.56 24.65 14.67
CA ALA A 392 4.75 26.08 14.90
C ALA A 392 3.88 26.90 13.94
N LEU A 393 3.86 26.54 12.66
CA LEU A 393 3.18 27.37 11.67
C LEU A 393 1.66 27.33 11.85
N SER A 394 1.09 26.15 12.11
CA SER A 394 -0.35 26.06 12.33
C SER A 394 -0.75 26.81 13.59
N LEU A 395 0.06 26.71 14.65
CA LEU A 395 -0.23 27.45 15.87
C LEU A 395 -0.16 28.96 15.63
N PHE A 396 0.82 29.41 14.85
CA PHE A 396 0.93 30.83 14.56
C PHE A 396 -0.28 31.31 13.74
N GLY A 397 -0.72 30.50 12.79
CA GLY A 397 -1.91 30.87 12.01
C GLY A 397 -3.16 30.92 12.86
N MET A 398 -3.29 29.97 13.80
CA MET A 398 -4.39 30.00 14.75
C MET A 398 -4.33 31.25 15.64
N VAL A 399 -3.13 31.69 16.01
CA VAL A 399 -2.99 32.94 16.75
C VAL A 399 -3.45 34.12 15.91
N LEU A 400 -3.09 34.13 14.62
CA LEU A 400 -3.36 35.29 13.77
C LEU A 400 -4.80 35.35 13.28
N ALA A 401 -5.53 34.23 13.27
CA ALA A 401 -6.92 34.26 12.81
C ALA A 401 -7.87 34.90 13.82
N ILE A 402 -7.40 35.14 15.05
CA ILE A 402 -8.25 35.71 16.08
C ILE A 402 -8.71 37.11 15.68
N GLY A 403 -7.81 37.90 15.09
CA GLY A 403 -8.19 39.24 14.66
C GLY A 403 -9.27 39.23 13.60
N ILE A 404 -9.15 38.33 12.63
CA ILE A 404 -10.18 38.22 11.60
C ILE A 404 -11.51 37.82 12.22
N VAL A 405 -11.50 36.84 13.12
CA VAL A 405 -12.74 36.38 13.74
C VAL A 405 -13.40 37.51 14.53
N VAL A 406 -12.61 38.23 15.33
CA VAL A 406 -13.19 39.26 16.17
C VAL A 406 -13.67 40.44 15.34
N ASP A 407 -12.99 40.76 14.25
CA ASP A 407 -13.48 41.80 13.35
C ASP A 407 -14.82 41.38 12.73
N ASP A 408 -14.91 40.11 12.32
CA ASP A 408 -16.14 39.64 11.70
C ASP A 408 -17.31 39.74 12.68
N ALA A 409 -17.09 39.33 13.93
CA ALA A 409 -18.15 39.42 14.94
C ALA A 409 -18.52 40.87 15.25
N ILE A 410 -17.50 41.72 15.43
CA ILE A 410 -17.75 43.09 15.85
C ILE A 410 -18.44 43.90 14.77
N VAL A 411 -18.25 43.56 13.49
CA VAL A 411 -18.98 44.25 12.43
C VAL A 411 -20.49 44.08 12.61
N VAL A 412 -20.92 42.83 12.79
CA VAL A 412 -22.34 42.54 12.98
C VAL A 412 -22.85 43.19 14.26
N VAL A 413 -22.07 43.10 15.35
CA VAL A 413 -22.50 43.67 16.62
C VAL A 413 -22.72 45.17 16.48
N GLU A 414 -21.76 45.86 15.85
CA GLU A 414 -21.85 47.31 15.68
C GLU A 414 -23.03 47.68 14.79
N ASN A 415 -23.27 46.92 13.72
CA ASN A 415 -24.40 47.23 12.84
C ASN A 415 -25.73 47.07 13.58
N VAL A 416 -25.87 45.99 14.36
CA VAL A 416 -27.10 45.78 15.11
C VAL A 416 -27.30 46.88 16.15
N GLU A 417 -26.24 47.28 16.84
CA GLU A 417 -26.39 48.33 17.86
C GLU A 417 -26.72 49.66 17.20
N ARG A 418 -26.13 49.94 16.03
CA ARG A 418 -26.50 51.13 15.27
C ARG A 418 -27.98 51.13 14.93
N ASN A 419 -28.49 50.01 14.42
CA ASN A 419 -29.90 49.94 14.08
C ASN A 419 -30.79 50.09 15.30
N ILE A 420 -30.38 49.53 16.45
CA ILE A 420 -31.14 49.72 17.68
C ILE A 420 -31.15 51.20 18.07
N GLU A 421 -29.98 51.86 18.03
CA GLU A 421 -29.90 53.26 18.40
C GLU A 421 -30.61 54.16 17.40
N ALA A 422 -30.91 53.66 16.20
CA ALA A 422 -31.69 54.45 15.25
C ALA A 422 -33.07 54.77 15.79
N GLY A 423 -33.66 53.85 16.55
CA GLY A 423 -34.95 54.11 17.17
C GLY A 423 -35.89 52.91 17.21
N LEU A 424 -35.49 51.81 16.57
CA LEU A 424 -36.32 50.62 16.51
C LEU A 424 -36.05 49.70 17.70
N ASN A 425 -37.00 48.81 17.97
CA ASN A 425 -36.83 47.79 18.99
C ASN A 425 -35.86 46.72 18.50
N PRO A 426 -35.29 45.93 19.42
CA PRO A 426 -34.21 45.00 19.03
C PRO A 426 -34.56 44.04 17.89
N ARG A 427 -35.78 43.51 17.84
CA ARG A 427 -36.11 42.52 16.83
C ARG A 427 -36.05 43.10 15.41
N GLU A 428 -36.75 44.23 15.18
CA GLU A 428 -36.71 44.84 13.86
C GLU A 428 -35.33 45.38 13.53
N ALA A 429 -34.60 45.87 14.53
CA ALA A 429 -33.23 46.32 14.29
C ALA A 429 -32.35 45.17 13.83
N THR A 430 -32.49 44.01 14.47
CA THR A 430 -31.73 42.83 14.05
C THR A 430 -32.11 42.40 12.65
N TYR A 431 -33.41 42.41 12.34
CA TYR A 431 -33.86 42.05 11.00
C TYR A 431 -33.24 42.98 9.96
N ARG A 432 -33.32 44.29 10.18
CA ARG A 432 -32.77 45.25 9.24
C ARG A 432 -31.26 45.09 9.10
N ALA A 433 -30.56 44.91 10.22
CA ALA A 433 -29.10 44.78 10.18
C ALA A 433 -28.68 43.54 9.41
N MET A 434 -29.33 42.40 9.66
CA MET A 434 -28.97 41.17 8.95
C MET A 434 -29.50 41.14 7.53
N ARG A 435 -30.39 42.07 7.16
CA ARG A 435 -30.88 42.12 5.78
C ARG A 435 -29.77 42.49 4.81
N GLU A 436 -28.73 43.20 5.27
CA GLU A 436 -27.71 43.74 4.38
C GLU A 436 -26.31 43.35 4.81
N VAL A 437 -26.14 42.18 5.40
CA VAL A 437 -24.84 41.75 5.91
C VAL A 437 -24.47 40.38 5.34
N SER A 438 -25.50 39.59 4.99
CA SER A 438 -25.26 38.20 4.58
C SER A 438 -24.44 38.12 3.30
N GLY A 439 -24.84 38.87 2.28
CA GLY A 439 -24.15 38.85 1.01
C GLY A 439 -22.69 39.25 1.11
N PRO A 440 -22.43 40.40 1.75
CA PRO A 440 -21.02 40.78 1.96
C PRO A 440 -20.21 39.76 2.75
N ILE A 441 -20.78 39.12 3.78
CA ILE A 441 -19.96 38.21 4.57
C ILE A 441 -19.66 36.93 3.79
N ILE A 442 -20.64 36.41 3.04
CA ILE A 442 -20.35 35.24 2.22
C ILE A 442 -19.35 35.60 1.13
N ALA A 443 -19.44 36.81 0.58
CA ALA A 443 -18.46 37.25 -0.41
C ALA A 443 -17.07 37.34 0.21
N ILE A 444 -16.97 37.84 1.45
CA ILE A 444 -15.69 37.92 2.12
C ILE A 444 -15.12 36.52 2.32
N ALA A 445 -15.95 35.57 2.74
CA ALA A 445 -15.49 34.20 2.90
C ALA A 445 -14.97 33.64 1.58
N LEU A 446 -15.71 33.87 0.50
CA LEU A 446 -15.32 33.33 -0.80
C LEU A 446 -14.01 33.94 -1.28
N THR A 447 -13.85 35.26 -1.13
CA THR A 447 -12.62 35.89 -1.60
C THR A 447 -11.43 35.54 -0.71
N LEU A 448 -11.66 35.33 0.58
CA LEU A 448 -10.57 34.89 1.45
C LEU A 448 -10.13 33.48 1.09
N VAL A 449 -11.09 32.60 0.76
CA VAL A 449 -10.75 31.27 0.29
C VAL A 449 -9.97 31.35 -1.02
N ALA A 450 -10.41 32.21 -1.94
CA ALA A 450 -9.72 32.39 -3.20
C ALA A 450 -8.30 32.92 -2.99
N VAL A 451 -8.09 33.75 -1.97
CA VAL A 451 -6.75 34.26 -1.69
C VAL A 451 -5.86 33.15 -1.15
N PHE A 452 -6.39 32.35 -0.21
CA PHE A 452 -5.50 31.46 0.54
C PHE A 452 -5.31 30.10 -0.11
N VAL A 453 -6.37 29.50 -0.65
CA VAL A 453 -6.29 28.11 -1.08
C VAL A 453 -5.21 27.86 -2.13
N PRO A 454 -5.13 28.63 -3.24
CA PRO A 454 -4.08 28.36 -4.22
C PRO A 454 -2.66 28.54 -3.70
N LEU A 455 -2.47 29.34 -2.65
CA LEU A 455 -1.12 29.64 -2.18
C LEU A 455 -0.47 28.46 -1.47
N ALA A 456 -1.21 27.38 -1.25
CA ALA A 456 -0.67 26.16 -0.67
C ALA A 456 -0.13 25.18 -1.71
N PHE A 457 -0.14 25.56 -2.99
CA PHE A 457 0.26 24.66 -4.07
C PHE A 457 1.67 24.94 -4.59
N MET A 458 2.46 25.75 -3.89
CA MET A 458 3.84 25.99 -4.31
C MET A 458 4.68 24.73 -4.15
N THR A 459 5.64 24.55 -5.04
CA THR A 459 6.57 23.44 -4.95
C THR A 459 7.81 23.84 -4.16
N GLY A 460 8.46 22.84 -3.57
CA GLY A 460 9.65 23.09 -2.80
C GLY A 460 9.40 23.25 -1.32
N LEU A 461 10.45 23.68 -0.62
CA LEU A 461 10.39 23.86 0.82
C LEU A 461 9.41 24.97 1.21
N THR A 462 9.40 26.06 0.44
CA THR A 462 8.55 27.20 0.78
C THR A 462 7.08 26.80 0.77
N GLY A 463 6.62 26.11 -0.27
CA GLY A 463 5.25 25.64 -0.30
C GLY A 463 4.95 24.65 0.81
N GLN A 464 5.94 23.82 1.16
CA GLN A 464 5.79 22.89 2.26
C GLN A 464 5.51 23.61 3.58
N PHE A 465 6.17 24.74 3.80
CA PHE A 465 5.89 25.54 4.98
C PHE A 465 4.58 26.32 4.84
N TYR A 466 4.21 26.69 3.61
CA TYR A 466 3.04 27.53 3.39
C TYR A 466 1.73 26.78 3.56
N LYS A 467 1.72 25.48 3.21
CA LYS A 467 0.46 24.75 3.06
C LYS A 467 -0.32 24.69 4.37
N GLN A 468 0.35 24.33 5.47
CA GLN A 468 -0.34 24.16 6.74
C GLN A 468 -0.96 25.48 7.20
N PHE A 469 -0.18 26.57 7.14
CA PHE A 469 -0.69 27.88 7.54
C PHE A 469 -1.89 28.28 6.71
N ALA A 470 -1.79 28.13 5.38
CA ALA A 470 -2.88 28.56 4.51
C ALA A 470 -4.14 27.75 4.77
N MET A 471 -4.01 26.42 4.88
CA MET A 471 -5.17 25.59 5.10
C MET A 471 -5.81 25.86 6.45
N THR A 472 -4.98 26.03 7.49
CA THR A 472 -5.52 26.31 8.82
C THR A 472 -6.30 27.63 8.83
N ILE A 473 -5.73 28.67 8.23
CA ILE A 473 -6.40 29.97 8.26
C ILE A 473 -7.68 29.93 7.42
N ALA A 474 -7.66 29.20 6.30
CA ALA A 474 -8.87 29.11 5.48
C ALA A 474 -9.99 28.37 6.22
N ILE A 475 -9.66 27.25 6.85
CA ILE A 475 -10.67 26.53 7.63
C ILE A 475 -11.20 27.41 8.75
N SER A 476 -10.31 28.12 9.43
CA SER A 476 -10.72 28.98 10.54
C SER A 476 -11.67 30.07 10.06
N THR A 477 -11.37 30.72 8.94
CA THR A 477 -12.23 31.81 8.50
C THR A 477 -13.56 31.30 7.99
N VAL A 478 -13.58 30.12 7.35
CA VAL A 478 -14.86 29.56 6.92
C VAL A 478 -15.74 29.23 8.14
N ILE A 479 -15.15 28.60 9.16
CA ILE A 479 -15.92 28.25 10.35
C ILE A 479 -16.39 29.52 11.05
N SER A 480 -15.55 30.56 11.08
CA SER A 480 -15.96 31.82 11.71
C SER A 480 -17.10 32.48 10.94
N ALA A 481 -17.06 32.41 9.61
CA ALA A 481 -18.16 32.96 8.82
C ALA A 481 -19.47 32.24 9.12
N PHE A 482 -19.42 30.90 9.20
CA PHE A 482 -20.63 30.15 9.56
C PHE A 482 -21.12 30.52 10.96
N ASN A 483 -20.18 30.65 11.91
CA ASN A 483 -20.56 31.00 13.28
C ASN A 483 -21.21 32.37 13.33
N SER A 484 -20.65 33.34 12.62
CA SER A 484 -21.25 34.68 12.59
C SER A 484 -22.60 34.68 11.89
N LEU A 485 -22.78 33.81 10.89
CA LEU A 485 -24.07 33.73 10.23
C LEU A 485 -25.15 33.09 11.10
N THR A 486 -24.77 32.17 11.99
CA THR A 486 -25.78 31.43 12.76
C THR A 486 -25.94 31.95 14.18
N LEU A 487 -24.87 31.94 14.99
CA LEU A 487 -25.02 32.17 16.42
C LEU A 487 -25.25 33.65 16.74
N SER A 488 -24.47 34.53 16.13
CA SER A 488 -24.42 35.93 16.57
C SER A 488 -25.77 36.66 16.48
N PRO A 489 -26.54 36.60 15.37
CA PRO A 489 -27.79 37.35 15.35
C PRO A 489 -28.78 36.95 16.44
N ALA A 490 -28.86 35.65 16.76
CA ALA A 490 -29.77 35.22 17.81
C ALA A 490 -29.36 35.78 19.17
N LEU A 491 -28.07 35.74 19.48
CA LEU A 491 -27.60 36.31 20.74
C LEU A 491 -27.84 37.82 20.79
N ALA A 492 -27.64 38.50 19.67
CA ALA A 492 -27.91 39.94 19.62
C ALA A 492 -29.38 40.24 19.85
N ALA A 493 -30.27 39.43 19.28
CA ALA A 493 -31.70 39.62 19.49
C ALA A 493 -32.10 39.30 20.92
N LEU A 494 -31.46 38.32 21.54
CA LEU A 494 -31.83 37.90 22.89
C LEU A 494 -31.32 38.88 23.96
N LEU A 495 -29.99 39.06 24.02
CA LEU A 495 -29.40 39.79 25.13
C LEU A 495 -29.69 41.28 25.05
N LEU A 496 -29.59 41.87 23.87
CA LEU A 496 -29.70 43.32 23.73
C LEU A 496 -31.11 43.79 24.06
N LYS A 497 -31.19 44.96 24.71
CA LYS A 497 -32.44 45.56 25.12
C LYS A 497 -32.61 46.91 24.43
N GLY A 498 -33.75 47.54 24.69
CA GLY A 498 -34.07 48.81 24.07
C GLY A 498 -33.36 49.98 24.74
N HIS A 499 -33.58 51.15 24.16
CA HIS A 499 -32.98 52.39 24.64
C HIS A 499 -33.84 53.10 25.69
N ASP A 500 -35.03 52.59 25.96
CA ASP A 500 -35.93 53.21 26.93
C ASP A 500 -36.22 52.32 28.13
N ALA A 501 -35.65 51.13 28.20
CA ALA A 501 -35.90 50.23 29.32
C ALA A 501 -35.20 50.74 30.58
N LYS A 502 -35.73 50.31 31.73
CA LYS A 502 -35.14 50.70 33.00
C LYS A 502 -33.76 50.08 33.15
N PRO A 503 -32.81 50.77 33.78
CA PRO A 503 -31.47 50.21 33.93
C PRO A 503 -31.47 48.98 34.84
N ASP A 504 -30.54 48.07 34.56
CA ASP A 504 -30.39 46.85 35.33
C ASP A 504 -29.52 47.14 36.56
N ALA A 505 -29.16 46.09 37.30
CA ALA A 505 -28.34 46.27 38.49
C ALA A 505 -26.90 46.63 38.11
N LEU A 506 -26.33 45.93 37.13
CA LEU A 506 -24.96 46.21 36.71
C LEU A 506 -24.84 47.53 35.97
N THR A 507 -25.88 47.92 35.22
CA THR A 507 -25.83 49.19 34.50
C THR A 507 -25.74 50.37 35.45
N ARG A 508 -26.43 50.30 36.59
CA ARG A 508 -26.35 51.38 37.57
C ARG A 508 -24.94 51.54 38.10
N ILE A 509 -24.28 50.43 38.44
CA ILE A 509 -22.90 50.49 38.93
C ILE A 509 -21.98 51.02 37.84
N MET A 510 -22.16 50.56 36.60
CA MET A 510 -21.32 51.03 35.51
C MET A 510 -21.47 52.52 35.29
N ASN A 511 -22.71 53.03 35.38
CA ASN A 511 -22.93 54.47 35.25
C ASN A 511 -22.32 55.23 36.41
N ARG A 512 -22.44 54.70 37.63
CA ARG A 512 -21.92 55.40 38.80
C ARG A 512 -20.39 55.50 38.74
N VAL A 513 -19.72 54.40 38.40
CA VAL A 513 -18.25 54.43 38.35
C VAL A 513 -17.77 55.25 37.17
N PHE A 514 -18.42 55.11 36.01
CA PHE A 514 -18.01 55.79 34.78
C PHE A 514 -19.16 56.67 34.31
N GLY A 515 -19.19 57.91 34.80
CA GLY A 515 -20.26 58.83 34.44
C GLY A 515 -19.85 59.94 33.49
N ARG A 516 -18.65 60.49 33.69
CA ARG A 516 -18.19 61.60 32.86
C ARG A 516 -17.23 61.17 31.77
N PHE A 517 -16.49 60.08 31.97
CA PHE A 517 -15.56 59.60 30.96
C PHE A 517 -16.29 59.28 29.67
N PHE A 518 -17.47 58.67 29.76
CA PHE A 518 -18.24 58.33 28.58
C PHE A 518 -18.66 59.58 27.81
N ALA A 519 -19.14 60.61 28.52
CA ALA A 519 -19.57 61.82 27.85
C ALA A 519 -18.40 62.54 27.19
N LEU A 520 -17.26 62.62 27.89
CA LEU A 520 -16.08 63.26 27.31
C LEU A 520 -15.64 62.50 26.05
N PHE A 521 -15.63 61.18 26.12
CA PHE A 521 -15.25 60.37 24.97
C PHE A 521 -16.22 60.58 23.81
N ASN A 522 -17.52 60.66 24.12
CA ASN A 522 -18.51 60.86 23.07
C ASN A 522 -18.31 62.19 22.37
N ARG A 523 -18.06 63.26 23.14
CA ARG A 523 -17.83 64.56 22.52
C ARG A 523 -16.57 64.57 21.67
N VAL A 524 -15.48 63.97 22.18
CA VAL A 524 -14.25 63.91 21.41
C VAL A 524 -14.45 63.13 20.12
N PHE A 525 -15.16 62.00 20.20
CA PHE A 525 -15.40 61.19 19.02
C PHE A 525 -16.26 61.91 18.00
N SER A 526 -17.27 62.66 18.46
CA SER A 526 -18.10 63.42 17.53
C SER A 526 -17.28 64.48 16.81
N ARG A 527 -16.43 65.21 17.54
CA ARG A 527 -15.58 66.20 16.90
C ARG A 527 -14.63 65.54 15.90
N ALA A 528 -14.06 64.39 16.26
CA ALA A 528 -13.17 63.68 15.35
C ALA A 528 -13.91 63.24 14.09
N SER A 529 -15.15 62.77 14.25
CA SER A 529 -15.94 62.35 13.10
C SER A 529 -16.22 63.52 12.16
N ASP A 530 -16.56 64.68 12.73
CA ASP A 530 -16.77 65.86 11.89
C ASP A 530 -15.51 66.26 11.15
N ARG A 531 -14.36 66.22 11.84
CA ARG A 531 -13.10 66.53 11.19
C ARG A 531 -12.79 65.54 10.07
N TYR A 532 -13.07 64.25 10.29
CA TYR A 532 -12.83 63.25 9.26
C TYR A 532 -13.73 63.49 8.04
N SER A 533 -14.99 63.84 8.29
CA SER A 533 -15.89 64.14 7.17
C SER A 533 -15.38 65.32 6.36
N GLN A 534 -14.96 66.39 7.03
CA GLN A 534 -14.39 67.52 6.31
C GLN A 534 -13.13 67.12 5.55
N GLY A 535 -12.28 66.30 6.17
CA GLY A 535 -11.06 65.89 5.51
C GLY A 535 -11.29 65.07 4.25
N VAL A 536 -12.22 64.12 4.31
CA VAL A 536 -12.51 63.32 3.12
C VAL A 536 -13.18 64.17 2.05
N SER A 537 -14.10 65.06 2.45
CA SER A 537 -14.72 65.94 1.48
C SER A 537 -13.70 66.85 0.81
N ARG A 538 -12.64 67.23 1.53
CA ARG A 538 -11.56 68.00 0.91
C ARG A 538 -10.70 67.14 0.00
N VAL A 539 -10.33 65.95 0.43
CA VAL A 539 -9.37 65.15 -0.34
C VAL A 539 -10.00 64.49 -1.56
N ILE A 540 -11.32 64.35 -1.60
CA ILE A 540 -11.96 63.65 -2.72
C ILE A 540 -11.78 64.44 -4.02
N SER A 541 -11.76 65.77 -3.93
CA SER A 541 -11.77 66.61 -5.13
C SER A 541 -10.43 66.65 -5.85
N HIS A 542 -9.37 66.06 -5.29
CA HIS A 542 -8.06 66.13 -5.92
C HIS A 542 -7.57 64.75 -6.36
N LYS A 543 -8.46 63.97 -6.98
CA LYS A 543 -8.07 62.64 -7.46
C LYS A 543 -7.00 62.72 -8.54
N ALA A 544 -6.95 63.84 -9.27
CA ALA A 544 -5.91 64.00 -10.29
C ALA A 544 -4.52 63.95 -9.67
N SER A 545 -4.31 64.66 -8.56
CA SER A 545 -3.05 64.58 -7.84
C SER A 545 -2.91 63.27 -7.07
N ALA A 546 -4.03 62.71 -6.60
CA ALA A 546 -3.99 61.44 -5.89
C ALA A 546 -3.45 60.33 -6.78
N MET A 547 -3.78 60.35 -8.07
CA MET A 547 -3.27 59.34 -8.98
C MET A 547 -1.74 59.39 -9.07
N GLY A 548 -1.19 60.59 -9.20
CA GLY A 548 0.26 60.72 -9.22
C GLY A 548 0.90 60.30 -7.92
N VAL A 549 0.27 60.65 -6.79
CA VAL A 549 0.78 60.22 -5.49
C VAL A 549 0.79 58.70 -5.41
N TYR A 550 -0.27 58.07 -5.90
CA TYR A 550 -0.35 56.61 -5.88
C TYR A 550 0.72 55.98 -6.76
N ALA A 551 0.97 56.56 -7.93
CA ALA A 551 2.02 56.03 -8.82
C ALA A 551 3.39 56.16 -8.16
N ALA A 552 3.67 57.32 -7.56
CA ALA A 552 4.94 57.50 -6.87
C ALA A 552 5.08 56.52 -5.70
N LEU A 553 3.97 56.27 -4.98
CA LEU A 553 4.01 55.34 -3.87
C LEU A 553 4.27 53.92 -4.35
N LEU A 554 3.71 53.54 -5.50
CA LEU A 554 4.03 52.23 -6.08
C LEU A 554 5.50 52.14 -6.45
N GLY A 555 6.05 53.23 -7.00
CA GLY A 555 7.47 53.24 -7.30
C GLY A 555 8.33 53.04 -6.06
N LEU A 556 8.02 53.76 -4.98
CA LEU A 556 8.75 53.55 -3.73
C LEU A 556 8.55 52.13 -3.21
N THR A 557 7.35 51.57 -3.40
CA THR A 557 7.08 50.21 -2.95
C THR A 557 8.00 49.22 -3.63
N VAL A 558 8.06 49.26 -4.96
CA VAL A 558 8.93 48.32 -5.66
C VAL A 558 10.39 48.59 -5.34
N GLY A 559 10.76 49.86 -5.15
CA GLY A 559 12.14 50.17 -4.78
C GLY A 559 12.54 49.55 -3.46
N ILE A 560 11.71 49.70 -2.42
CA ILE A 560 12.06 49.14 -1.13
C ILE A 560 11.97 47.62 -1.17
N SER A 561 11.06 47.07 -1.98
CA SER A 561 10.99 45.62 -2.12
C SER A 561 12.29 45.07 -2.71
N TYR A 562 12.89 45.79 -3.66
CA TYR A 562 14.19 45.38 -4.18
C TYR A 562 15.35 45.75 -3.26
N ILE A 563 15.14 46.67 -2.31
CA ILE A 563 16.24 47.11 -1.45
C ILE A 563 16.62 46.03 -0.44
N VAL A 564 15.62 45.44 0.23
CA VAL A 564 15.85 44.58 1.40
C VAL A 564 16.58 43.30 1.00
N PRO A 565 17.36 42.70 1.91
CA PRO A 565 17.99 41.41 1.60
C PRO A 565 17.04 40.24 1.78
N GLY A 566 17.51 39.03 1.52
CA GLY A 566 16.68 37.85 1.59
C GLY A 566 17.33 36.74 2.38
N GLY A 567 16.48 35.87 2.95
CA GLY A 567 16.94 34.73 3.70
C GLY A 567 15.87 33.66 3.71
N PHE A 568 16.17 32.57 4.42
CA PHE A 568 15.25 31.43 4.49
C PHE A 568 14.68 31.24 5.89
N VAL A 569 15.53 31.05 6.90
CA VAL A 569 15.10 30.84 8.29
C VAL A 569 16.07 31.57 9.20
N PRO A 570 15.59 32.40 10.11
CA PRO A 570 16.50 33.09 11.04
C PRO A 570 17.19 32.10 11.96
N ALA A 571 18.42 32.43 12.34
CA ALA A 571 19.20 31.57 13.21
C ALA A 571 18.80 31.83 14.67
N GLN A 572 18.11 30.86 15.26
CA GLN A 572 17.65 30.97 16.64
C GLN A 572 18.60 30.22 17.57
N ASP A 573 18.33 30.33 18.87
CA ASP A 573 19.22 29.82 19.89
C ASP A 573 18.66 28.54 20.48
N LYS A 574 19.32 27.43 20.22
CA LYS A 574 19.11 26.20 20.95
C LYS A 574 20.01 26.18 22.19
N GLN A 575 19.61 25.38 23.17
CA GLN A 575 20.32 25.33 24.45
C GLN A 575 21.52 24.38 24.35
N TYR A 576 22.35 24.62 23.34
CA TYR A 576 23.57 23.84 23.13
C TYR A 576 24.39 24.48 22.01
N LEU A 577 25.71 24.26 22.08
CA LEU A 577 26.66 24.70 21.08
C LEU A 577 27.63 23.55 20.83
N ILE A 578 28.30 23.54 19.68
CA ILE A 578 29.20 22.46 19.33
C ILE A 578 30.62 23.00 19.25
N SER A 579 31.59 22.12 19.51
CA SER A 579 33.00 22.47 19.42
C SER A 579 33.75 21.32 18.78
N PHE A 580 34.56 21.63 17.77
CA PHE A 580 35.34 20.66 17.03
C PHE A 580 36.82 20.86 17.35
N ALA A 581 37.54 19.75 17.52
CA ALA A 581 38.98 19.77 17.74
C ALA A 581 39.64 18.82 16.77
N GLN A 582 40.69 19.28 16.10
CA GLN A 582 41.43 18.47 15.14
C GLN A 582 42.90 18.49 15.52
N LEU A 583 43.47 17.30 15.69
CA LEU A 583 44.88 17.11 15.95
C LEU A 583 45.64 16.96 14.64
N PRO A 584 46.97 17.09 14.66
CA PRO A 584 47.75 16.77 13.47
C PRO A 584 47.55 15.32 13.05
N ASN A 585 47.61 15.09 11.74
CA ASN A 585 47.27 13.78 11.18
C ASN A 585 48.20 12.70 11.73
N GLY A 586 47.65 11.51 11.93
CA GLY A 586 48.38 10.41 12.50
C GLY A 586 48.39 10.36 14.02
N ALA A 587 47.66 11.25 14.68
CA ALA A 587 47.65 11.29 16.14
C ALA A 587 46.90 10.07 16.69
N SER A 588 47.23 9.71 17.93
CA SER A 588 46.65 8.57 18.61
C SER A 588 45.40 8.99 19.37
N LEU A 589 44.69 8.00 19.91
CA LEU A 589 43.48 8.29 20.66
C LEU A 589 43.80 8.88 22.03
N ASP A 590 44.94 8.52 22.62
CA ASP A 590 45.29 9.05 23.93
C ASP A 590 45.50 10.56 23.89
N ARG A 591 46.20 11.06 22.87
CA ARG A 591 46.48 12.48 22.77
C ARG A 591 45.18 13.28 22.61
N THR A 592 44.29 12.84 21.72
CA THR A 592 43.05 13.58 21.52
C THR A 592 42.13 13.45 22.73
N GLU A 593 42.17 12.31 23.42
CA GLU A 593 41.40 12.18 24.65
C GLU A 593 41.89 13.17 25.71
N ALA A 594 43.21 13.29 25.87
CA ALA A 594 43.76 14.24 26.83
C ALA A 594 43.41 15.67 26.46
N VAL A 595 43.51 16.00 25.17
CA VAL A 595 43.20 17.36 24.73
C VAL A 595 41.72 17.66 24.97
N ILE A 596 40.84 16.72 24.65
CA ILE A 596 39.41 16.94 24.83
C ILE A 596 39.07 17.05 26.32
N ARG A 597 39.73 16.24 27.16
CA ARG A 597 39.55 16.34 28.59
C ARG A 597 39.96 17.72 29.12
N LYS A 598 41.11 18.22 28.68
CA LYS A 598 41.57 19.54 29.09
C LYS A 598 40.60 20.63 28.61
N MET A 599 40.12 20.50 27.38
CA MET A 599 39.17 21.49 26.85
C MET A 599 37.88 21.49 27.66
N SER A 600 37.36 20.31 27.99
CA SER A 600 36.14 20.23 28.78
C SER A 600 36.34 20.79 30.19
N ASP A 601 37.51 20.51 30.78
CA ASP A 601 37.82 21.06 32.10
C ASP A 601 37.85 22.59 32.05
N THR A 602 38.46 23.15 30.99
CA THR A 602 38.48 24.61 30.83
C THR A 602 37.07 25.16 30.65
N ALA A 603 36.24 24.47 29.85
CA ALA A 603 34.91 24.96 29.53
C ALA A 603 33.93 24.84 30.69
N LEU A 604 34.15 23.90 31.61
CA LEU A 604 33.19 23.67 32.68
C LEU A 604 33.31 24.70 33.81
N LYS A 605 34.11 25.74 33.58
CA LYS A 605 34.24 26.84 34.54
C LYS A 605 33.56 28.12 34.09
N GLN A 606 32.98 28.15 32.91
CA GLN A 606 32.29 29.35 32.43
C GLN A 606 30.99 29.55 33.22
N PRO A 607 30.66 30.79 33.57
CA PRO A 607 29.43 31.04 34.33
C PRO A 607 28.15 30.62 33.61
N GLY A 608 28.11 30.74 32.28
CA GLY A 608 26.89 30.50 31.55
C GLY A 608 26.61 29.05 31.19
N VAL A 609 27.64 28.23 31.14
CA VAL A 609 27.50 26.85 30.70
C VAL A 609 26.91 26.00 31.81
N GLU A 610 26.32 24.87 31.42
CA GLU A 610 25.73 23.93 32.38
C GLU A 610 26.43 22.57 32.35
N SER A 611 26.62 21.99 31.18
CA SER A 611 27.25 20.67 31.09
C SER A 611 27.98 20.53 29.77
N ALA A 612 28.89 19.58 29.71
CA ALA A 612 29.65 19.29 28.50
C ALA A 612 29.73 17.79 28.30
N VAL A 613 29.38 17.33 27.10
CA VAL A 613 29.52 15.93 26.72
C VAL A 613 30.58 15.86 25.63
N ALA A 614 31.49 14.90 25.75
CA ALA A 614 32.64 14.80 24.88
C ALA A 614 32.66 13.45 24.18
N PHE A 615 33.12 13.42 22.94
CA PHE A 615 33.30 12.19 22.17
C PHE A 615 34.70 12.18 21.56
N PRO A 616 35.72 11.88 22.36
CA PRO A 616 37.08 11.76 21.79
C PRO A 616 37.14 10.57 20.83
N GLY A 617 37.35 10.88 19.56
CA GLY A 617 37.40 9.87 18.52
C GLY A 617 36.29 9.91 17.49
N LEU A 618 35.52 11.00 17.44
CA LEU A 618 34.43 11.15 16.49
C LEU A 618 34.67 12.39 15.62
N SER A 619 34.42 12.24 14.33
CA SER A 619 34.67 13.30 13.37
C SER A 619 33.35 13.90 12.89
N ILE A 620 33.41 15.18 12.50
CA ILE A 620 32.21 15.88 12.05
C ILE A 620 31.91 15.65 10.57
N ASN A 621 32.88 15.20 9.79
CA ASN A 621 32.69 14.95 8.36
C ASN A 621 31.97 13.62 8.19
N GLY A 622 30.64 13.66 8.20
CA GLY A 622 29.83 12.47 8.05
C GLY A 622 29.56 11.70 9.33
N PHE A 623 29.95 12.25 10.49
CA PHE A 623 29.74 11.59 11.78
C PHE A 623 30.38 10.20 11.82
N THR A 624 31.58 10.10 11.26
CA THR A 624 32.33 8.85 11.25
C THR A 624 33.34 8.84 12.38
N ASN A 625 34.20 7.83 12.38
CA ASN A 625 35.20 7.65 13.43
C ASN A 625 36.58 8.05 12.91
N SER A 626 37.26 8.90 13.68
CA SER A 626 38.62 9.31 13.36
C SER A 626 39.42 9.39 14.65
N SER A 627 40.69 9.01 14.55
CA SER A 627 41.58 8.94 15.70
C SER A 627 42.25 10.27 16.01
N SER A 628 42.04 11.28 15.17
CA SER A 628 42.66 12.59 15.34
C SER A 628 41.61 13.69 15.22
N ALA A 629 40.48 13.49 15.89
CA ALA A 629 39.39 14.45 15.88
C ALA A 629 38.51 14.23 17.10
N GLY A 630 37.78 15.26 17.50
CA GLY A 630 36.92 15.18 18.66
C GLY A 630 35.85 16.24 18.63
N ILE A 631 34.72 15.92 19.28
CA ILE A 631 33.57 16.81 19.33
C ILE A 631 33.12 16.96 20.78
N VAL A 632 32.74 18.19 21.15
CA VAL A 632 32.20 18.48 22.48
C VAL A 632 30.92 19.27 22.30
N PHE A 633 29.82 18.75 22.83
CA PHE A 633 28.57 19.48 22.92
C PHE A 633 28.51 20.15 24.28
N VAL A 634 28.26 21.46 24.29
CA VAL A 634 28.13 22.21 25.54
C VAL A 634 26.68 22.67 25.66
N THR A 635 26.00 22.22 26.71
CA THR A 635 24.61 22.58 26.97
C THR A 635 24.57 23.64 28.05
N LEU A 636 23.76 24.67 27.83
CA LEU A 636 23.72 25.85 28.67
C LEU A 636 22.66 25.70 29.76
N LYS A 637 22.60 26.71 30.62
CA LYS A 637 21.64 26.80 31.72
C LYS A 637 20.25 27.13 31.18
N PRO A 638 19.20 26.87 31.96
CA PRO A 638 17.85 27.22 31.52
C PRO A 638 17.72 28.68 31.16
N PHE A 639 16.69 28.98 30.36
CA PHE A 639 16.54 30.30 29.76
C PHE A 639 16.33 31.39 30.80
N ASP A 640 15.85 31.03 31.99
CA ASP A 640 15.56 32.04 32.99
C ASP A 640 16.81 32.62 33.61
N GLU A 641 17.82 31.79 33.89
CA GLU A 641 19.03 32.28 34.55
C GLU A 641 19.83 33.21 33.63
N ARG A 642 19.98 32.85 32.36
CA ARG A 642 20.76 33.64 31.42
C ARG A 642 19.90 34.73 30.78
N LYS A 643 19.49 35.68 31.62
CA LYS A 643 18.68 36.81 31.19
C LYS A 643 19.51 38.05 30.86
N ALA A 644 20.78 38.07 31.22
CA ALA A 644 21.65 39.20 30.96
C ALA A 644 22.09 39.21 29.50
N LYS A 645 22.56 40.38 29.05
CA LYS A 645 23.00 40.52 27.67
C LYS A 645 24.30 39.77 27.41
N ASP A 646 25.18 39.68 28.41
CA ASP A 646 26.46 39.01 28.25
C ASP A 646 26.37 37.49 28.40
N LEU A 647 25.19 36.97 28.70
CA LEU A 647 24.97 35.53 28.80
C LEU A 647 24.26 34.96 27.59
N SER A 648 24.20 35.71 26.49
CA SER A 648 23.63 35.20 25.26
C SER A 648 24.58 34.19 24.61
N ALA A 649 24.05 33.47 23.61
CA ALA A 649 24.83 32.41 22.97
C ALA A 649 26.08 32.96 22.29
N ASN A 650 25.96 34.10 21.61
CA ASN A 650 27.10 34.65 20.89
C ASN A 650 28.23 35.05 21.82
N ALA A 651 27.89 35.66 22.96
CA ALA A 651 28.91 36.03 23.94
C ALA A 651 29.61 34.80 24.49
N ILE A 652 28.84 33.75 24.79
CA ILE A 652 29.43 32.49 25.26
C ILE A 652 30.39 31.93 24.23
N ALA A 653 29.97 31.92 22.95
CA ALA A 653 30.83 31.40 21.90
C ALA A 653 32.11 32.21 21.77
N GLY A 654 32.00 33.54 21.82
CA GLY A 654 33.18 34.38 21.72
C GLY A 654 34.14 34.17 22.86
N ALA A 655 33.63 34.14 24.10
CA ALA A 655 34.49 33.91 25.25
C ALA A 655 35.14 32.53 25.19
N LEU A 656 34.37 31.51 24.79
CA LEU A 656 34.92 30.16 24.69
C LEU A 656 36.01 30.08 23.64
N ASN A 657 35.81 30.74 22.50
CA ASN A 657 36.84 30.75 21.46
C ASN A 657 38.09 31.47 21.93
N GLN A 658 37.91 32.60 22.64
CA GLN A 658 39.07 33.33 23.15
C GLN A 658 39.85 32.48 24.15
N LYS A 659 39.15 31.75 25.02
CA LYS A 659 39.84 30.88 25.96
C LYS A 659 40.49 29.69 25.26
N TYR A 660 39.87 29.18 24.19
CA TYR A 660 40.41 28.02 23.49
C TYR A 660 41.63 28.39 22.66
N SER A 661 41.74 29.65 22.24
CA SER A 661 42.84 30.06 21.37
C SER A 661 44.21 30.00 22.05
N ALA A 662 44.30 29.50 23.27
CA ALA A 662 45.57 29.38 23.99
C ALA A 662 45.89 27.92 24.33
N ILE A 663 45.66 27.01 23.39
CA ILE A 663 45.92 25.60 23.66
C ILE A 663 47.26 25.14 23.08
N GLN A 664 47.66 25.65 21.92
CA GLN A 664 48.96 25.35 21.30
C GLN A 664 49.16 23.85 21.10
N ASP A 665 48.06 23.11 20.96
CA ASP A 665 48.16 21.67 20.71
C ASP A 665 47.27 21.16 19.59
N ALA A 666 46.23 21.89 19.19
CA ALA A 666 45.30 21.40 18.18
C ALA A 666 44.56 22.59 17.59
N TYR A 667 43.78 22.34 16.54
CA TYR A 667 42.91 23.33 15.95
C TYR A 667 41.52 23.19 16.55
N ILE A 668 41.04 24.26 17.17
CA ILE A 668 39.78 24.24 17.91
C ILE A 668 38.84 25.28 17.32
N ALA A 669 37.60 24.87 17.03
CA ALA A 669 36.60 25.76 16.49
C ALA A 669 35.29 25.57 17.25
N VAL A 670 34.48 26.62 17.29
CA VAL A 670 33.19 26.60 17.98
C VAL A 670 32.11 27.01 17.00
N PHE A 671 31.01 26.25 16.97
CA PHE A 671 29.92 26.50 16.06
C PHE A 671 28.58 26.54 16.80
N PRO A 672 27.63 27.31 16.28
CA PRO A 672 26.27 27.30 16.84
C PRO A 672 25.46 26.16 16.26
N PRO A 673 24.33 25.82 16.89
CA PRO A 673 23.51 24.72 16.37
C PRO A 673 22.84 25.10 15.07
N PRO A 674 22.46 24.09 14.27
CA PRO A 674 21.74 24.39 13.04
C PRO A 674 20.26 24.62 13.32
N PRO A 675 19.60 25.50 12.55
CA PRO A 675 18.19 25.80 12.85
C PRO A 675 17.27 24.60 12.70
N VAL A 676 17.54 23.72 11.74
CA VAL A 676 16.75 22.50 11.54
C VAL A 676 17.70 21.32 11.45
N MET A 677 17.49 20.32 12.29
CA MET A 677 18.33 19.13 12.29
C MET A 677 18.08 18.30 11.03
N GLY A 678 19.15 17.78 10.45
CA GLY A 678 19.07 16.97 9.26
C GLY A 678 19.13 17.74 7.96
N LEU A 679 19.09 19.06 8.00
CA LEU A 679 19.17 19.88 6.81
C LEU A 679 20.58 20.43 6.62
N GLY A 680 20.96 20.65 5.37
CA GLY A 680 22.25 21.21 5.04
C GLY A 680 22.26 22.71 5.20
N THR A 681 23.42 23.30 4.90
CA THR A 681 23.58 24.74 5.00
C THR A 681 22.64 25.42 4.01
N MET A 682 21.95 26.46 4.47
CA MET A 682 20.96 27.15 3.65
C MET A 682 21.42 28.53 3.18
N GLY A 683 22.61 28.96 3.57
CA GLY A 683 23.14 30.23 3.12
C GLY A 683 24.08 30.08 1.95
N GLY A 684 24.98 29.10 2.03
CA GLY A 684 25.95 28.83 0.99
C GLY A 684 25.51 27.73 0.06
N PHE A 685 26.50 27.03 -0.48
CA PHE A 685 26.26 25.94 -1.42
C PHE A 685 27.42 24.97 -1.37
N LYS A 686 27.18 23.76 -1.86
CA LYS A 686 28.20 22.73 -1.93
C LYS A 686 28.06 21.97 -3.24
N LEU A 687 29.19 21.44 -3.72
CA LEU A 687 29.22 20.70 -4.98
C LEU A 687 30.28 19.61 -4.90
N GLN A 688 30.23 18.71 -5.87
CA GLN A 688 31.18 17.60 -5.96
C GLN A 688 31.96 17.71 -7.28
N LEU A 689 33.28 17.58 -7.17
CA LEU A 689 34.18 17.44 -8.30
C LEU A 689 34.54 15.96 -8.41
N GLU A 690 34.18 15.31 -9.51
CA GLU A 690 34.34 13.88 -9.62
C GLU A 690 34.89 13.51 -10.99
N ASP A 691 35.68 12.43 -11.03
CA ASP A 691 36.39 12.01 -12.23
C ASP A 691 35.59 10.90 -12.92
N ARG A 692 35.06 11.20 -14.10
CA ARG A 692 34.35 10.18 -14.87
C ARG A 692 35.32 9.13 -15.41
N GLY A 693 36.51 9.55 -15.81
CA GLY A 693 37.50 8.68 -16.42
C GLY A 693 38.37 7.90 -15.47
N ALA A 694 38.17 8.05 -14.16
CA ALA A 694 38.94 7.35 -13.13
C ALA A 694 40.44 7.62 -13.31
N LEU A 695 40.79 8.90 -13.20
CA LEU A 695 42.17 9.33 -13.37
C LEU A 695 43.03 8.92 -12.18
N GLY A 696 42.63 9.32 -10.97
CA GLY A 696 43.37 8.99 -9.78
C GLY A 696 43.09 9.97 -8.68
N TYR A 697 43.95 9.94 -7.66
CA TYR A 697 43.84 10.82 -6.50
C TYR A 697 44.63 12.12 -6.70
N SER A 698 45.86 12.00 -7.21
CA SER A 698 46.69 13.19 -7.41
C SER A 698 46.06 14.14 -8.42
N ALA A 699 45.51 13.59 -9.51
CA ALA A 699 44.86 14.43 -10.51
C ALA A 699 43.67 15.16 -9.92
N LEU A 700 42.86 14.47 -9.11
CA LEU A 700 41.72 15.10 -8.47
C LEU A 700 42.16 16.20 -7.52
N ASN A 701 43.23 15.96 -6.76
CA ASN A 701 43.72 16.99 -5.85
C ASN A 701 44.23 18.21 -6.62
N ASP A 702 44.95 17.99 -7.71
CA ASP A 702 45.43 19.11 -8.52
C ASP A 702 44.26 19.89 -9.12
N ALA A 703 43.23 19.18 -9.57
CA ALA A 703 42.04 19.86 -10.09
C ALA A 703 41.36 20.68 -9.01
N ALA A 704 41.27 20.15 -7.79
CA ALA A 704 40.67 20.90 -6.70
C ALA A 704 41.46 22.15 -6.38
N GLN A 705 42.79 22.03 -6.32
CA GLN A 705 43.62 23.21 -6.05
C GLN A 705 43.48 24.25 -7.16
N ASN A 706 43.45 23.81 -8.42
CA ASN A 706 43.28 24.75 -9.52
C ASN A 706 41.92 25.43 -9.46
N PHE A 707 40.88 24.68 -9.07
CA PHE A 707 39.55 25.26 -8.93
C PHE A 707 39.53 26.31 -7.82
N MET A 708 40.18 26.02 -6.69
CA MET A 708 40.24 27.00 -5.60
C MET A 708 41.00 28.24 -6.03
N LYS A 709 42.10 28.07 -6.76
CA LYS A 709 42.86 29.21 -7.26
C LYS A 709 42.01 30.07 -8.19
N ALA A 710 41.30 29.43 -9.14
CA ALA A 710 40.47 30.18 -10.06
C ALA A 710 39.34 30.90 -9.33
N ALA A 711 38.72 30.24 -8.35
CA ALA A 711 37.65 30.87 -7.59
C ALA A 711 38.16 32.07 -6.79
N GLN A 712 39.32 31.93 -6.15
CA GLN A 712 39.89 33.05 -5.41
C GLN A 712 40.36 34.16 -6.34
N SER A 713 40.62 33.85 -7.61
CA SER A 713 40.98 34.87 -8.59
C SER A 713 39.77 35.54 -9.23
N ALA A 714 38.54 35.12 -8.87
CA ALA A 714 37.35 35.65 -9.51
C ALA A 714 36.46 36.36 -8.51
N PRO A 715 35.68 37.35 -8.97
CA PRO A 715 34.74 38.04 -8.09
C PRO A 715 33.47 37.24 -7.84
N GLU A 716 32.49 37.87 -7.19
CA GLU A 716 31.19 37.30 -6.84
C GLU A 716 31.27 35.95 -6.14
N LEU A 717 32.39 35.64 -5.49
CA LEU A 717 32.53 34.44 -4.69
C LEU A 717 33.28 34.75 -3.41
N GLY A 718 32.85 34.16 -2.30
CA GLY A 718 33.50 34.32 -1.04
C GLY A 718 34.55 33.24 -0.81
N PRO A 719 34.94 33.04 0.44
CA PRO A 719 35.91 31.97 0.74
C PRO A 719 35.31 30.60 0.48
N MET A 720 36.17 29.67 0.08
CA MET A 720 35.75 28.31 -0.24
C MET A 720 36.52 27.32 0.63
N PHE A 721 35.83 26.24 1.00
CA PHE A 721 36.41 25.23 1.88
C PHE A 721 36.36 23.88 1.19
N SER A 722 37.19 22.95 1.69
CA SER A 722 37.23 21.59 1.19
C SER A 722 37.72 20.67 2.30
N SER A 723 37.52 19.37 2.07
CA SER A 723 37.96 18.36 3.03
C SER A 723 38.87 17.30 2.42
N TYR A 724 39.18 17.38 1.13
CA TYR A 724 40.04 16.38 0.50
C TYR A 724 41.46 16.49 1.03
N GLN A 725 41.97 15.40 1.57
CA GLN A 725 43.31 15.38 2.15
C GLN A 725 44.04 14.13 1.70
N ILE A 726 45.31 14.27 1.35
CA ILE A 726 46.13 13.16 0.89
C ILE A 726 47.45 13.15 1.66
N ASN A 727 47.48 13.83 2.80
CA ASN A 727 48.71 14.07 3.55
C ASN A 727 48.88 13.14 4.75
N VAL A 728 48.06 12.10 4.86
CA VAL A 728 48.14 11.18 6.00
C VAL A 728 49.30 10.20 5.76
N PRO A 729 50.26 10.11 6.67
CA PRO A 729 51.35 9.15 6.49
C PRO A 729 50.88 7.72 6.67
N GLN A 730 51.59 6.79 6.03
CA GLN A 730 51.26 5.38 6.11
C GLN A 730 52.46 4.55 5.67
N LEU A 731 52.37 3.25 5.91
CA LEU A 731 53.43 2.32 5.54
C LEU A 731 53.03 1.51 4.31
N ASN A 732 54.01 1.24 3.45
CA ASN A 732 53.82 0.42 2.26
C ASN A 732 54.86 -0.70 2.29
N VAL A 733 54.39 -1.94 2.14
CA VAL A 733 55.25 -3.12 2.21
C VAL A 733 55.26 -3.80 0.84
N ASP A 734 56.45 -4.14 0.36
CA ASP A 734 56.61 -4.81 -0.91
C ASP A 734 57.34 -6.14 -0.72
N LEU A 735 56.92 -7.15 -1.47
CA LEU A 735 57.47 -8.50 -1.40
C LEU A 735 58.00 -8.89 -2.76
N ASP A 736 59.25 -9.34 -2.82
CA ASP A 736 59.85 -9.81 -4.06
C ASP A 736 59.75 -11.33 -4.14
N ARG A 737 59.88 -11.84 -5.37
CA ARG A 737 59.70 -13.25 -5.66
C ARG A 737 60.98 -14.06 -5.54
N VAL A 738 61.91 -13.64 -4.69
CA VAL A 738 63.16 -14.36 -4.53
C VAL A 738 62.95 -15.58 -3.64
N GLN A 743 62.71 -19.99 -1.77
CA GLN A 743 63.19 -20.68 -0.58
C GLN A 743 62.12 -21.58 0.00
N GLY A 744 61.12 -21.92 -0.82
CA GLY A 744 60.05 -22.80 -0.41
C GLY A 744 58.90 -22.14 0.30
N VAL A 745 58.98 -20.83 0.56
CA VAL A 745 57.90 -20.13 1.25
C VAL A 745 56.82 -19.78 0.23
N ALA A 746 55.57 -19.78 0.69
CA ALA A 746 54.44 -19.44 -0.15
C ALA A 746 53.94 -18.03 0.16
N VAL A 747 53.40 -17.38 -0.87
CA VAL A 747 52.84 -16.04 -0.69
C VAL A 747 51.63 -16.08 0.22
N THR A 748 50.83 -17.16 0.11
CA THR A 748 49.62 -17.26 0.92
C THR A 748 49.94 -17.27 2.41
N ASP A 749 50.97 -18.02 2.82
CA ASP A 749 51.35 -18.06 4.22
C ASP A 749 51.90 -16.73 4.70
N VAL A 750 52.76 -16.10 3.89
CA VAL A 750 53.36 -14.84 4.29
C VAL A 750 52.34 -13.71 4.33
N PHE A 751 51.23 -13.85 3.62
CA PHE A 751 50.14 -12.88 3.75
C PHE A 751 49.19 -13.22 4.89
N ASN A 752 48.96 -14.51 5.15
CA ASN A 752 48.07 -14.91 6.23
C ASN A 752 48.66 -14.58 7.59
N THR A 753 49.97 -14.71 7.75
CA THR A 753 50.60 -14.34 9.02
C THR A 753 50.39 -12.86 9.32
N MET A 754 50.60 -12.01 8.30
CA MET A 754 50.38 -10.58 8.50
C MET A 754 48.91 -10.27 8.72
N GLN A 755 48.01 -10.98 8.03
CA GLN A 755 46.58 -10.76 8.21
C GLN A 755 46.12 -11.11 9.61
N ILE A 756 46.63 -12.21 10.17
CA ILE A 756 46.15 -12.67 11.47
C ILE A 756 46.85 -11.94 12.62
N TYR A 757 48.14 -11.63 12.50
CA TYR A 757 48.84 -10.96 13.59
C TYR A 757 48.47 -9.48 13.68
N LEU A 758 48.75 -8.72 12.61
CA LEU A 758 48.47 -7.29 12.65
C LEU A 758 46.96 -7.01 12.61
N GLY A 759 46.22 -7.72 11.75
CA GLY A 759 44.79 -7.55 11.64
C GLY A 759 44.04 -8.53 12.55
N SER A 760 42.74 -8.31 12.63
CA SER A 760 41.87 -9.13 13.47
C SER A 760 41.22 -10.23 12.66
N GLN A 761 41.14 -11.42 13.27
CA GLN A 761 40.48 -12.57 12.65
C GLN A 761 39.35 -13.04 13.56
N TYR A 762 38.19 -13.28 12.97
CA TYR A 762 36.99 -13.66 13.70
C TYR A 762 36.78 -15.16 13.54
N VAL A 763 36.90 -15.89 14.64
CA VAL A 763 36.84 -17.35 14.65
C VAL A 763 35.78 -17.79 15.63
N ASN A 764 34.81 -18.59 15.16
CA ASN A 764 33.81 -19.23 16.01
C ASN A 764 32.97 -18.24 16.80
N ASP A 765 32.13 -18.77 17.70
CA ASP A 765 31.31 -17.96 18.58
C ASP A 765 31.21 -18.66 19.93
N PHE A 766 30.65 -17.96 20.91
CA PHE A 766 30.44 -18.54 22.22
C PHE A 766 29.18 -17.93 22.84
N ASN A 767 28.70 -18.57 23.91
CA ASN A 767 27.43 -18.27 24.54
C ASN A 767 27.65 -17.84 25.98
N ARG A 768 27.14 -16.66 26.34
CA ARG A 768 27.27 -16.17 27.70
C ARG A 768 26.17 -15.16 27.96
N PHE A 769 25.70 -15.12 29.21
CA PHE A 769 24.59 -14.25 29.62
C PHE A 769 23.33 -14.49 28.78
N GLY A 770 23.23 -15.68 28.20
CA GLY A 770 22.11 -16.03 27.35
C GLY A 770 22.25 -15.61 25.90
N ARG A 771 23.20 -14.73 25.60
CA ARG A 771 23.37 -14.25 24.25
C ARG A 771 24.65 -14.80 23.63
N VAL A 772 24.87 -14.49 22.36
CA VAL A 772 25.98 -15.05 21.59
C VAL A 772 26.94 -13.93 21.22
N TYR A 773 28.23 -14.17 21.47
CA TYR A 773 29.28 -13.23 21.14
C TYR A 773 30.38 -13.95 20.37
N GLN A 774 31.39 -13.19 19.97
CA GLN A 774 32.41 -13.65 19.04
C GLN A 774 33.74 -13.83 19.75
N VAL A 775 34.62 -14.64 19.16
CA VAL A 775 35.98 -14.82 19.62
C VAL A 775 36.91 -14.30 18.52
N ARG A 776 37.85 -13.44 18.90
CA ARG A 776 38.75 -12.80 17.95
C ARG A 776 40.20 -13.03 18.37
N ALA A 777 41.08 -13.03 17.38
CA ALA A 777 42.50 -13.23 17.59
C ALA A 777 43.28 -12.05 17.04
N GLN A 778 44.28 -11.61 17.80
CA GLN A 778 45.13 -10.50 17.40
C GLN A 778 46.42 -10.54 18.20
N ALA A 779 47.42 -9.81 17.72
CA ALA A 779 48.70 -9.77 18.39
C ALA A 779 48.64 -8.86 19.62
N ASP A 780 49.60 -9.04 20.53
CA ASP A 780 49.67 -8.23 21.72
C ASP A 780 50.01 -6.79 21.37
N ALA A 781 49.52 -5.86 22.20
CA ALA A 781 49.73 -4.45 21.93
C ALA A 781 51.20 -4.05 21.88
N PRO A 782 52.06 -4.42 22.84
CA PRO A 782 53.47 -4.00 22.74
C PRO A 782 54.22 -4.58 21.56
N PHE A 783 53.73 -5.65 20.95
CA PHE A 783 54.45 -6.33 19.88
C PHE A 783 54.07 -5.83 18.49
N ARG A 784 53.19 -4.81 18.40
CA ARG A 784 52.82 -4.27 17.10
C ARG A 784 52.73 -2.75 17.11
N ALA A 785 53.45 -2.08 18.01
CA ALA A 785 53.38 -0.63 18.14
C ALA A 785 54.49 0.11 17.41
N ASN A 786 55.34 -0.60 16.67
CA ASN A 786 56.45 0.04 15.98
C ASN A 786 56.47 -0.41 14.51
N PRO A 787 56.91 0.47 13.61
CA PRO A 787 57.00 0.08 12.19
C PRO A 787 58.01 -1.02 11.91
N GLU A 788 58.99 -1.22 12.80
CA GLU A 788 59.97 -2.28 12.62
C GLU A 788 59.52 -3.62 13.18
N ASP A 789 58.34 -3.67 13.82
CA ASP A 789 57.86 -4.93 14.36
C ASP A 789 57.40 -5.89 13.26
N ILE A 790 57.03 -5.35 12.09
CA ILE A 790 56.63 -6.20 10.97
C ILE A 790 57.79 -7.07 10.52
N LEU A 791 59.02 -6.61 10.73
CA LEU A 791 60.21 -7.34 10.31
C LEU A 791 60.62 -8.44 11.28
N GLN A 792 59.90 -8.60 12.40
CA GLN A 792 60.25 -9.57 13.40
C GLN A 792 59.31 -10.76 13.47
N LEU A 793 58.36 -10.87 12.53
CA LEU A 793 57.50 -12.05 12.49
C LEU A 793 58.24 -13.22 11.84
N LYS A 794 57.66 -14.41 12.01
CA LYS A 794 58.27 -15.64 11.50
C LYS A 794 57.23 -16.44 10.75
N THR A 795 57.72 -17.32 9.86
CA THR A 795 56.86 -18.18 9.06
C THR A 795 57.53 -19.52 8.85
N ARG A 796 56.79 -20.45 8.27
CA ARG A 796 57.20 -21.84 8.16
C ARG A 796 57.73 -22.14 6.76
N ASN A 797 58.78 -22.97 6.71
CA ASN A 797 59.35 -23.45 5.45
C ASN A 797 59.83 -22.31 4.56
N GLY A 800 60.55 -28.01 6.58
CA GLY A 800 59.97 -27.37 7.75
C GLY A 800 61.00 -26.66 8.61
N GLN A 801 60.96 -25.32 8.57
CA GLN A 801 61.91 -24.53 9.34
C GLN A 801 61.30 -23.15 9.62
N MET A 802 61.83 -22.49 10.64
CA MET A 802 61.38 -21.15 11.01
C MET A 802 62.22 -20.12 10.27
N VAL A 803 61.56 -19.18 9.59
CA VAL A 803 62.28 -18.14 8.88
C VAL A 803 61.62 -16.79 9.12
N PRO A 804 62.38 -15.77 9.52
CA PRO A 804 61.79 -14.43 9.70
C PRO A 804 61.55 -13.73 8.38
N LEU A 805 60.80 -12.63 8.45
CA LEU A 805 60.48 -11.83 7.27
C LEU A 805 61.53 -10.78 6.97
N SER A 806 62.63 -10.73 7.74
CA SER A 806 63.68 -9.75 7.47
C SER A 806 64.34 -9.97 6.12
N SER A 807 64.27 -11.18 5.56
CA SER A 807 64.89 -11.50 4.28
C SER A 807 63.85 -11.69 3.18
N LEU A 808 62.63 -11.23 3.37
CA LEU A 808 61.56 -11.46 2.40
C LEU A 808 60.90 -10.18 1.91
N VAL A 809 60.62 -9.22 2.78
CA VAL A 809 59.84 -8.04 2.43
C VAL A 809 60.61 -6.78 2.83
N ASN A 810 60.21 -5.67 2.21
CA ASN A 810 60.76 -4.37 2.55
C ASN A 810 59.62 -3.41 2.85
N VAL A 811 59.89 -2.42 3.69
CA VAL A 811 58.88 -1.47 4.15
C VAL A 811 59.38 -0.06 3.90
N THR A 812 58.47 0.81 3.45
CA THR A 812 58.78 2.22 3.19
C THR A 812 57.62 3.07 3.70
N GLN A 813 57.87 4.37 3.80
CA GLN A 813 56.88 5.33 4.28
C GLN A 813 56.34 6.13 3.11
N THR A 814 55.01 6.14 2.98
CA THR A 814 54.35 6.88 1.90
C THR A 814 53.22 7.74 2.45
N TYR A 815 52.49 8.41 1.58
CA TYR A 815 51.42 9.34 1.96
C TYR A 815 50.13 8.95 1.25
N GLY A 816 48.99 9.23 1.88
CA GLY A 816 47.70 8.93 1.32
C GLY A 816 46.55 9.49 2.12
N PRO A 817 45.33 9.27 1.64
CA PRO A 817 44.14 9.77 2.35
C PRO A 817 43.79 8.89 3.53
N GLU A 818 42.77 9.31 4.27
CA GLU A 818 42.32 8.61 5.46
C GLU A 818 40.88 8.12 5.32
N MET A 819 40.01 8.93 4.73
CA MET A 819 38.64 8.54 4.43
C MET A 819 38.36 8.71 2.95
N VAL A 820 37.60 7.78 2.38
CA VAL A 820 37.29 7.79 0.96
C VAL A 820 35.79 8.01 0.78
N VAL A 821 35.42 9.07 0.08
CA VAL A 821 34.02 9.40 -0.18
C VAL A 821 33.74 9.18 -1.66
N ARG A 822 32.73 8.36 -1.95
CA ARG A 822 32.36 8.02 -3.33
C ARG A 822 30.94 8.54 -3.58
N TYR A 823 30.78 9.29 -4.65
CA TYR A 823 29.51 9.95 -4.97
C TYR A 823 29.02 9.42 -6.31
N ASN A 824 27.86 8.77 -6.29
CA ASN A 824 27.20 8.25 -7.50
C ASN A 824 28.08 7.26 -8.26
N GLY A 825 28.94 6.54 -7.53
CA GLY A 825 29.75 5.49 -8.12
C GLY A 825 31.17 5.88 -8.46
N TYR A 826 31.50 7.16 -8.46
CA TYR A 826 32.85 7.62 -8.78
C TYR A 826 33.42 8.41 -7.62
N THR A 827 34.74 8.33 -7.49
CA THR A 827 35.44 9.09 -6.46
C THR A 827 35.20 10.58 -6.65
N SER A 828 34.93 11.28 -5.55
CA SER A 828 34.57 12.69 -5.63
C SER A 828 35.19 13.46 -4.48
N ALA A 829 35.32 14.76 -4.68
CA ALA A 829 35.79 15.68 -3.65
C ALA A 829 34.75 16.78 -3.45
N ASP A 830 34.64 17.23 -2.21
CA ASP A 830 33.61 18.18 -1.81
C ASP A 830 34.15 19.61 -1.83
N ILE A 831 33.34 20.51 -2.38
CA ILE A 831 33.68 21.93 -2.43
C ILE A 831 32.53 22.73 -1.83
N ASN A 832 32.83 23.49 -0.79
CA ASN A 832 31.86 24.35 -0.12
C ASN A 832 32.13 25.79 -0.50
N GLY A 833 31.08 26.61 -0.46
CA GLY A 833 31.24 28.00 -0.80
C GLY A 833 30.00 28.80 -0.48
N GLY A 834 30.03 30.06 -0.88
CA GLY A 834 28.91 30.96 -0.69
C GLY A 834 29.06 32.23 -1.51
N PRO A 835 27.95 32.89 -1.82
CA PRO A 835 28.02 34.13 -2.59
C PRO A 835 28.76 35.22 -1.83
N ALA A 836 29.48 36.05 -2.57
CA ALA A 836 30.19 37.17 -1.98
C ALA A 836 29.19 38.21 -1.48
N PRO A 837 29.53 38.96 -0.44
CA PRO A 837 28.62 40.01 0.06
C PRO A 837 28.35 41.05 -1.02
N GLY A 838 27.11 41.54 -1.03
CA GLY A 838 26.68 42.53 -2.00
C GLY A 838 25.93 41.98 -3.20
N TYR A 839 25.95 40.66 -3.41
CA TYR A 839 25.26 40.04 -4.52
C TYR A 839 24.38 38.91 -4.01
N SER A 840 23.41 38.53 -4.85
CA SER A 840 22.50 37.45 -4.52
C SER A 840 23.15 36.10 -4.79
N SER A 841 22.37 35.04 -4.63
CA SER A 841 22.87 33.68 -4.88
C SER A 841 22.63 33.21 -6.30
N SER A 842 21.82 33.92 -7.09
CA SER A 842 21.51 33.48 -8.44
C SER A 842 22.76 33.54 -9.34
N GLN A 843 23.52 34.63 -9.24
CA GLN A 843 24.71 34.79 -10.07
C GLN A 843 25.87 33.93 -9.61
N ALA A 844 25.85 33.46 -8.35
CA ALA A 844 26.95 32.64 -7.85
C ALA A 844 27.05 31.33 -8.62
N GLU A 845 25.92 30.67 -8.85
CA GLU A 845 25.94 29.42 -9.59
C GLU A 845 26.39 29.63 -11.03
N ALA A 846 25.94 30.72 -11.66
CA ALA A 846 26.37 31.01 -13.02
C ALA A 846 27.88 31.25 -13.09
N ALA A 847 28.42 31.99 -12.12
CA ALA A 847 29.86 32.22 -12.08
C ALA A 847 30.62 30.92 -11.86
N VAL A 848 30.13 30.07 -10.95
CA VAL A 848 30.79 28.80 -10.69
C VAL A 848 30.83 27.94 -11.94
N GLU A 849 29.69 27.86 -12.64
CA GLU A 849 29.64 27.08 -13.88
C GLU A 849 30.57 27.66 -14.93
N ARG A 850 30.63 28.99 -15.04
CA ARG A 850 31.48 29.62 -16.04
C ARG A 850 32.95 29.32 -15.78
N ILE A 851 33.40 29.43 -14.53
CA ILE A 851 34.80 29.17 -14.24
C ILE A 851 35.10 27.67 -14.35
N ALA A 852 34.14 26.81 -14.00
CA ALA A 852 34.35 25.38 -14.13
C ALA A 852 34.39 24.92 -15.58
N ALA A 853 33.78 25.68 -16.50
CA ALA A 853 33.86 25.34 -17.90
C ALA A 853 35.28 25.41 -18.44
N GLN A 854 36.19 26.11 -17.76
CA GLN A 854 37.57 26.23 -18.20
C GLN A 854 38.58 25.60 -17.25
N THR A 855 38.41 25.74 -15.94
CA THR A 855 39.44 25.26 -15.03
C THR A 855 39.45 23.74 -14.91
N LEU A 856 38.37 23.08 -15.29
CA LEU A 856 38.29 21.63 -15.17
C LEU A 856 38.88 20.96 -16.40
N PRO A 857 39.85 20.06 -16.24
CA PRO A 857 40.40 19.36 -17.41
C PRO A 857 39.47 18.25 -17.90
N ARG A 858 39.91 17.50 -18.89
CA ARG A 858 39.09 16.41 -19.43
C ARG A 858 38.95 15.30 -18.40
N GLY A 859 37.76 14.69 -18.38
CA GLY A 859 37.47 13.61 -17.46
C GLY A 859 37.04 14.05 -16.07
N ILE A 860 36.85 15.35 -15.84
CA ILE A 860 36.44 15.89 -14.55
C ILE A 860 35.13 16.63 -14.74
N LYS A 861 34.16 16.35 -13.86
CA LYS A 861 32.86 17.00 -13.91
C LYS A 861 32.50 17.51 -12.52
N PHE A 862 31.53 18.42 -12.49
CA PHE A 862 31.05 19.00 -11.24
C PHE A 862 29.54 18.85 -11.16
N GLU A 863 29.03 18.73 -9.94
CA GLU A 863 27.59 18.52 -9.76
C GLU A 863 27.12 19.11 -8.43
N TRP A 864 25.96 19.76 -8.46
CA TRP A 864 25.30 20.23 -7.26
C TRP A 864 24.81 19.05 -6.43
N THR A 865 24.84 19.21 -5.11
CA THR A 865 24.52 18.11 -4.20
C THR A 865 23.27 18.36 -3.37
N ASP A 866 23.19 19.46 -2.63
CA ASP A 866 22.15 19.62 -1.63
C ASP A 866 21.48 20.98 -1.79
N LEU A 867 20.16 21.00 -1.57
CA LEU A 867 19.35 22.22 -1.60
C LEU A 867 19.37 22.89 -2.97
N THR A 868 20.57 23.32 -3.41
CA THR A 868 20.69 23.92 -4.73
C THR A 868 20.24 22.95 -5.82
N TYR A 869 20.54 21.66 -5.67
CA TYR A 869 20.07 20.67 -6.63
C TYR A 869 18.55 20.65 -6.68
N GLN A 870 17.89 20.67 -5.52
CA GLN A 870 16.44 20.67 -5.49
C GLN A 870 15.87 21.98 -6.04
N LYS A 871 16.53 23.10 -5.79
CA LYS A 871 16.07 24.38 -6.33
C LYS A 871 16.16 24.39 -7.84
N ILE A 872 17.24 23.83 -8.40
CA ILE A 872 17.36 23.75 -9.85
C ILE A 872 16.34 22.77 -10.44
N LEU A 873 16.14 21.62 -9.80
CA LEU A 873 15.20 20.63 -10.31
C LEU A 873 13.77 21.17 -10.30
N ALA A 874 13.37 21.81 -9.21
CA ALA A 874 12.02 22.38 -9.14
C ALA A 874 11.86 23.54 -10.12
N GLY A 875 12.86 24.40 -10.21
CA GLY A 875 12.81 25.50 -11.13
C GLY A 875 11.87 26.61 -10.67
N ASN A 876 11.68 27.58 -11.56
CA ASN A 876 10.77 28.70 -11.29
C ASN A 876 9.39 28.39 -11.89
N ALA A 877 8.67 27.52 -11.18
CA ALA A 877 7.38 27.04 -11.63
C ALA A 877 6.22 27.46 -10.73
N GLY A 878 6.51 28.11 -9.60
CA GLY A 878 5.47 28.55 -8.70
C GLY A 878 5.19 30.04 -8.76
N LEU A 879 5.62 30.69 -9.84
CA LEU A 879 5.40 32.12 -9.99
C LEU A 879 4.04 32.45 -10.60
N TRP A 880 3.28 31.45 -11.04
CA TRP A 880 1.96 31.67 -11.61
C TRP A 880 0.87 31.78 -10.55
N VAL A 881 1.17 31.41 -9.31
CA VAL A 881 0.12 31.31 -8.29
C VAL A 881 -0.42 32.68 -7.92
N PHE A 882 0.45 33.70 -7.87
CA PHE A 882 -0.02 35.04 -7.55
C PHE A 882 -0.93 35.58 -8.65
N PRO A 883 -0.56 35.50 -9.94
CA PRO A 883 -1.52 35.90 -10.98
C PRO A 883 -2.81 35.09 -10.94
N ILE A 884 -2.72 33.79 -10.66
CA ILE A 884 -3.92 32.96 -10.60
C ILE A 884 -4.85 33.44 -9.48
N SER A 885 -4.27 33.72 -8.31
CA SER A 885 -5.08 34.19 -7.19
C SER A 885 -5.69 35.56 -7.47
N VAL A 886 -4.92 36.45 -8.11
CA VAL A 886 -5.45 37.78 -8.44
C VAL A 886 -6.63 37.63 -9.40
N LEU A 887 -6.48 36.79 -10.43
CA LEU A 887 -7.57 36.59 -11.38
C LEU A 887 -8.79 35.98 -10.71
N LEU A 888 -8.59 35.00 -9.82
CA LEU A 888 -9.72 34.38 -9.13
C LEU A 888 -10.46 35.39 -8.26
N VAL A 889 -9.70 36.23 -7.55
CA VAL A 889 -10.32 37.25 -6.71
C VAL A 889 -11.09 38.25 -7.55
N PHE A 890 -10.52 38.69 -8.68
CA PHE A 890 -11.22 39.62 -9.56
C PHE A 890 -12.50 39.00 -10.09
N LEU A 891 -12.44 37.73 -10.48
CA LEU A 891 -13.64 37.05 -10.98
C LEU A 891 -14.73 36.98 -9.92
N VAL A 892 -14.36 36.59 -8.70
CA VAL A 892 -15.35 36.47 -7.63
C VAL A 892 -15.97 37.83 -7.33
N LEU A 893 -15.15 38.87 -7.22
CA LEU A 893 -15.68 40.19 -6.90
C LEU A 893 -16.55 40.73 -8.02
N ALA A 894 -16.16 40.54 -9.28
CA ALA A 894 -16.98 40.99 -10.39
C ALA A 894 -18.31 40.28 -10.43
N ALA A 895 -18.32 38.96 -10.16
CA ALA A 895 -19.58 38.24 -10.10
C ALA A 895 -20.45 38.75 -8.96
N GLN A 896 -19.84 39.06 -7.81
CA GLN A 896 -20.62 39.54 -6.68
C GLN A 896 -21.22 40.92 -6.94
N TYR A 897 -20.44 41.82 -7.54
CA TYR A 897 -20.84 43.22 -7.65
C TYR A 897 -21.63 43.54 -8.91
N GLU A 898 -21.85 42.56 -9.80
CA GLU A 898 -22.59 42.77 -11.04
C GLU A 898 -21.99 43.88 -11.89
N SER A 899 -20.65 43.94 -11.94
CA SER A 899 -19.97 44.92 -12.76
C SER A 899 -18.57 44.41 -13.08
N LEU A 900 -17.95 45.02 -14.09
CA LEU A 900 -16.62 44.63 -14.51
C LEU A 900 -15.55 45.66 -14.19
N THR A 901 -15.90 46.73 -13.50
CA THR A 901 -14.94 47.77 -13.14
C THR A 901 -14.86 48.04 -11.64
N LEU A 902 -15.90 47.72 -10.89
CA LEU A 902 -15.89 47.98 -9.44
C LEU A 902 -14.79 47.23 -8.70
N PRO A 903 -14.51 45.94 -8.95
CA PRO A 903 -13.44 45.26 -8.20
C PRO A 903 -12.07 45.89 -8.36
N LEU A 904 -11.86 46.73 -9.38
CA LEU A 904 -10.56 47.37 -9.55
C LEU A 904 -10.22 48.26 -8.37
N ALA A 905 -11.22 48.98 -7.83
CA ALA A 905 -10.98 49.84 -6.68
C ALA A 905 -10.52 49.03 -5.47
N VAL A 906 -11.13 47.88 -5.24
CA VAL A 906 -10.74 47.04 -4.11
C VAL A 906 -9.35 46.47 -4.35
N ILE A 907 -9.07 46.00 -5.56
CA ILE A 907 -7.80 45.32 -5.82
C ILE A 907 -6.64 46.32 -5.84
N LEU A 908 -6.90 47.59 -6.12
CA LEU A 908 -5.84 48.59 -6.20
C LEU A 908 -5.49 49.19 -4.85
N ILE A 909 -5.68 48.45 -3.75
CA ILE A 909 -5.40 48.97 -2.42
C ILE A 909 -4.40 48.10 -1.66
N VAL A 910 -4.24 46.83 -2.01
CA VAL A 910 -3.42 45.90 -1.26
C VAL A 910 -1.92 46.25 -1.22
N PRO A 911 -1.31 46.91 -2.22
CA PRO A 911 0.14 47.15 -2.12
C PRO A 911 0.56 48.05 -0.97
N MET A 912 -0.35 48.87 -0.42
CA MET A 912 0.06 49.85 0.59
C MET A 912 0.37 49.17 1.92
N GLY A 913 -0.36 48.11 2.25
CA GLY A 913 -0.01 47.33 3.44
C GLY A 913 1.35 46.67 3.32
N ILE A 914 1.66 46.15 2.13
CA ILE A 914 2.99 45.59 1.88
C ILE A 914 4.04 46.68 2.01
N LEU A 915 3.75 47.88 1.51
CA LEU A 915 4.67 49.00 1.69
C LEU A 915 4.94 49.29 3.16
N ALA A 916 3.88 49.35 3.96
CA ALA A 916 4.03 49.64 5.37
C ALA A 916 4.83 48.56 6.09
N ALA A 917 4.51 47.29 5.82
CA ALA A 917 5.23 46.20 6.47
C ALA A 917 6.70 46.19 6.07
N LEU A 918 6.98 46.43 4.78
CA LEU A 918 8.36 46.41 4.31
C LEU A 918 9.15 47.58 4.88
N THR A 919 8.52 48.75 5.01
CA THR A 919 9.20 49.88 5.65
C THR A 919 9.48 49.56 7.11
N GLY A 920 8.53 48.93 7.80
CA GLY A 920 8.75 48.59 9.20
C GLY A 920 9.88 47.59 9.37
N VAL A 921 9.95 46.60 8.48
CA VAL A 921 11.02 45.60 8.59
C VAL A 921 12.36 46.15 8.13
N TRP A 922 12.36 47.13 7.22
CA TRP A 922 13.62 47.72 6.77
C TRP A 922 14.19 48.71 7.79
N LEU A 923 13.31 49.41 8.53
CA LEU A 923 13.79 50.40 9.48
C LEU A 923 14.69 49.77 10.54
N THR A 924 14.29 48.62 11.07
CA THR A 924 15.11 47.88 12.00
C THR A 924 15.97 46.85 11.25
N ALA A 925 16.91 46.25 11.98
CA ALA A 925 17.74 45.20 11.40
C ALA A 925 16.89 43.95 11.22
N GLY A 926 16.47 43.69 9.98
CA GLY A 926 15.60 42.58 9.71
C GLY A 926 15.87 41.98 8.35
N ASP A 927 15.13 40.92 8.05
CA ASP A 927 15.29 40.20 6.79
C ASP A 927 13.94 39.65 6.37
N ASN A 928 13.75 39.50 5.06
CA ASN A 928 12.49 39.01 4.50
C ASN A 928 12.53 37.49 4.49
N ASN A 929 12.36 36.91 5.67
CA ASN A 929 12.35 35.46 5.82
C ASN A 929 10.93 34.93 5.58
N ILE A 930 10.75 33.62 5.79
CA ILE A 930 9.46 32.99 5.53
C ILE A 930 8.41 33.51 6.50
N PHE A 931 8.76 33.69 7.77
CA PHE A 931 7.79 34.13 8.76
C PHE A 931 7.35 35.56 8.49
N THR A 932 8.21 36.36 7.85
CA THR A 932 7.80 37.70 7.45
C THR A 932 6.83 37.65 6.28
N GLN A 933 7.10 36.77 5.29
CA GLN A 933 6.18 36.60 4.19
C GLN A 933 4.83 36.08 4.66
N ILE A 934 4.82 35.33 5.77
CA ILE A 934 3.57 34.79 6.31
C ILE A 934 2.65 35.91 6.76
N GLY A 935 3.22 36.97 7.33
CA GLY A 935 2.43 38.03 7.92
C GLY A 935 1.77 39.00 6.96
N LEU A 936 2.09 38.94 5.67
CA LEU A 936 1.45 39.82 4.69
C LEU A 936 0.10 39.30 4.22
N MET A 937 -0.11 37.99 4.31
CA MET A 937 -1.41 37.42 3.91
C MET A 937 -2.54 38.02 4.73
N VAL A 938 -2.35 38.12 6.05
CA VAL A 938 -3.38 38.69 6.92
C VAL A 938 -3.60 40.16 6.56
N LEU A 939 -2.53 40.88 6.25
CA LEU A 939 -2.67 42.29 5.86
C LEU A 939 -3.51 42.43 4.60
N VAL A 940 -3.23 41.62 3.58
CA VAL A 940 -3.99 41.69 2.33
C VAL A 940 -5.45 41.34 2.58
N GLY A 941 -5.68 40.27 3.36
CA GLY A 941 -7.05 39.89 3.66
C GLY A 941 -7.82 40.96 4.39
N LEU A 942 -7.20 41.59 5.39
CA LEU A 942 -7.86 42.64 6.14
C LEU A 942 -8.11 43.87 5.28
N ALA A 943 -7.18 44.19 4.37
CA ALA A 943 -7.40 45.32 3.48
C ALA A 943 -8.60 45.05 2.56
N CYS A 944 -8.69 43.83 2.03
CA CYS A 944 -9.84 43.47 1.20
C CYS A 944 -11.14 43.53 2.00
N LYS A 945 -11.11 43.01 3.23
CA LYS A 945 -12.29 43.06 4.10
C LYS A 945 -12.72 44.50 4.35
N ASN A 946 -11.77 45.38 4.59
CA ASN A 946 -12.08 46.79 4.81
C ASN A 946 -12.71 47.42 3.58
N ALA A 947 -12.11 47.19 2.41
CA ALA A 947 -12.56 47.89 1.20
C ALA A 947 -13.92 47.38 0.73
N ILE A 948 -14.16 46.06 0.83
CA ILE A 948 -15.33 45.46 0.19
C ILE A 948 -16.61 46.02 0.80
N LEU A 949 -16.70 46.07 2.13
CA LEU A 949 -17.93 46.50 2.77
C LEU A 949 -18.19 48.00 2.57
N ILE A 950 -17.13 48.81 2.59
CA ILE A 950 -17.31 50.24 2.31
C ILE A 950 -17.85 50.44 0.91
N VAL A 951 -17.29 49.72 -0.07
CA VAL A 951 -17.77 49.83 -1.44
C VAL A 951 -19.22 49.34 -1.55
N GLU A 952 -19.55 48.28 -0.82
CA GLU A 952 -20.91 47.75 -0.84
C GLU A 952 -21.90 48.77 -0.30
N PHE A 953 -21.57 49.39 0.83
CA PHE A 953 -22.44 50.42 1.40
C PHE A 953 -22.57 51.62 0.46
N ALA A 954 -21.46 52.03 -0.17
CA ALA A 954 -21.52 53.14 -1.10
C ALA A 954 -22.43 52.82 -2.29
N ARG A 955 -22.33 51.61 -2.82
CA ARG A 955 -23.20 51.20 -3.91
C ARG A 955 -24.66 51.16 -3.47
N GLU A 956 -24.91 50.67 -2.25
CA GLU A 956 -26.28 50.59 -1.75
C GLU A 956 -26.90 51.98 -1.62
N LEU A 957 -26.11 52.95 -1.15
CA LEU A 957 -26.62 54.31 -1.04
C LEU A 957 -26.76 54.98 -2.40
N GLU A 958 -25.85 54.65 -3.33
CA GLU A 958 -25.93 55.13 -4.70
C GLU A 958 -27.20 54.66 -5.40
N MET A 959 -27.60 53.40 -5.19
CA MET A 959 -28.79 52.86 -5.82
C MET A 959 -30.06 53.53 -5.31
N GLN A 960 -30.00 54.19 -4.14
CA GLN A 960 -31.19 54.76 -3.52
C GLN A 960 -31.60 56.09 -4.16
N GLY A 961 -30.69 56.82 -4.78
CA GLY A 961 -31.04 58.08 -5.41
C GLY A 961 -30.24 59.28 -4.97
N ALA A 962 -29.05 59.05 -4.42
CA ALA A 962 -28.13 60.12 -4.05
C ALA A 962 -26.90 60.05 -4.93
N THR A 963 -26.31 61.21 -5.21
CA THR A 963 -25.18 61.29 -6.12
C THR A 963 -23.97 60.57 -5.55
N ALA A 964 -22.97 60.37 -6.41
CA ALA A 964 -21.76 59.65 -6.00
C ALA A 964 -21.05 60.38 -4.87
N PHE A 965 -21.04 61.72 -4.92
CA PHE A 965 -20.39 62.50 -3.86
C PHE A 965 -20.98 62.19 -2.50
N LYS A 966 -22.31 62.34 -2.38
CA LYS A 966 -22.97 62.13 -1.10
C LYS A 966 -22.89 60.67 -0.66
N ALA A 967 -23.07 59.74 -1.60
CA ALA A 967 -23.02 58.32 -1.26
C ALA A 967 -21.64 57.94 -0.72
N ALA A 968 -20.58 58.40 -1.39
CA ALA A 968 -19.23 58.11 -0.92
C ALA A 968 -18.96 58.75 0.44
N VAL A 969 -19.39 59.99 0.62
CA VAL A 969 -19.15 60.67 1.89
C VAL A 969 -19.86 59.93 3.03
N GLU A 970 -21.13 59.55 2.81
CA GLU A 970 -21.88 58.88 3.86
C GLU A 970 -21.34 57.47 4.13
N ALA A 971 -20.90 56.76 3.08
CA ALA A 971 -20.31 55.45 3.28
C ALA A 971 -19.02 55.55 4.09
N SER A 972 -18.19 56.54 3.79
CA SER A 972 -16.98 56.74 4.59
C SER A 972 -17.32 57.09 6.04
N ARG A 973 -18.33 57.92 6.23
CA ARG A 973 -18.69 58.35 7.59
C ARG A 973 -19.25 57.19 8.42
N LEU A 974 -20.06 56.34 7.80
CA LEU A 974 -20.84 55.36 8.56
C LEU A 974 -20.02 54.15 8.99
N ARG A 975 -18.78 54.02 8.52
CA ARG A 975 -17.96 52.84 8.80
C ARG A 975 -16.76 53.14 9.71
N LEU A 976 -16.66 54.35 10.24
CA LEU A 976 -15.48 54.72 11.02
C LEU A 976 -15.34 53.84 12.27
N ARG A 977 -16.44 53.62 12.99
CA ARG A 977 -16.39 52.92 14.27
C ARG A 977 -15.90 51.48 14.17
N PRO A 978 -16.41 50.63 13.28
CA PRO A 978 -15.91 49.24 13.26
C PRO A 978 -14.45 49.12 12.87
N ILE A 979 -13.99 49.92 11.89
CA ILE A 979 -12.57 49.88 11.54
C ILE A 979 -11.71 50.37 12.69
N LEU A 980 -12.16 51.43 13.38
CA LEU A 980 -11.40 51.89 14.55
C LEU A 980 -11.32 50.80 15.60
N MET A 981 -12.44 50.13 15.87
CA MET A 981 -12.47 49.06 16.86
C MET A 981 -11.47 47.95 16.50
N THR A 982 -11.56 47.42 15.27
CA THR A 982 -10.73 46.28 14.93
C THR A 982 -9.26 46.66 14.82
N SER A 983 -8.97 47.87 14.33
CA SER A 983 -7.58 48.32 14.26
C SER A 983 -6.99 48.44 15.65
N ILE A 984 -7.72 49.05 16.59
CA ILE A 984 -7.20 49.19 17.94
C ILE A 984 -7.00 47.82 18.59
N ALA A 985 -7.98 46.93 18.42
CA ALA A 985 -7.89 45.62 19.04
C ALA A 985 -6.70 44.83 18.51
N PHE A 986 -6.52 44.81 17.18
CA PHE A 986 -5.43 44.05 16.60
C PHE A 986 -4.08 44.69 16.89
N ILE A 987 -4.02 46.01 16.95
CA ILE A 987 -2.76 46.69 17.23
C ILE A 987 -2.31 46.41 18.67
N MET A 988 -3.25 46.50 19.62
CA MET A 988 -2.88 46.24 21.01
C MET A 988 -2.77 44.75 21.30
N GLY A 989 -3.29 43.91 20.41
CA GLY A 989 -3.23 42.48 20.61
C GLY A 989 -1.97 41.79 20.14
N VAL A 990 -1.08 42.51 19.45
CA VAL A 990 0.15 41.93 18.92
C VAL A 990 1.41 42.46 19.59
N VAL A 991 1.28 43.36 20.56
CA VAL A 991 2.44 43.89 21.26
C VAL A 991 3.25 42.81 21.99
N PRO A 992 2.65 41.79 22.63
CA PRO A 992 3.52 40.80 23.28
C PRO A 992 4.33 39.98 22.30
N LEU A 993 3.89 39.88 21.05
CA LEU A 993 4.67 39.17 20.04
C LEU A 993 5.99 39.87 19.76
N VAL A 994 5.98 41.20 19.69
CA VAL A 994 7.20 41.95 19.46
C VAL A 994 8.15 41.81 20.65
N THR A 995 7.62 41.95 21.87
CA THR A 995 8.43 41.85 23.08
C THR A 995 8.31 40.44 23.66
N SER A 996 9.03 39.52 23.02
CA SER A 996 9.04 38.12 23.43
C SER A 996 10.47 37.67 23.69
N THR A 997 10.65 36.90 24.76
CA THR A 997 11.94 36.33 25.10
C THR A 997 11.76 34.88 25.51
N GLY A 998 12.84 34.10 25.38
CA GLY A 998 12.80 32.69 25.69
C GLY A 998 12.92 31.81 24.47
N ALA A 999 12.12 30.75 24.44
CA ALA A 999 12.16 29.80 23.32
C ALA A 999 11.41 30.37 22.13
N GLY A 1000 12.06 30.39 20.97
CA GLY A 1000 11.43 30.88 19.76
C GLY A 1000 11.10 32.36 19.77
N SER A 1001 11.94 33.18 20.40
CA SER A 1001 11.65 34.61 20.47
C SER A 1001 11.67 35.27 19.09
N GLU A 1002 12.67 34.93 18.27
CA GLU A 1002 12.79 35.57 16.96
C GLU A 1002 11.66 35.17 16.03
N MET A 1003 11.20 33.93 16.13
CA MET A 1003 10.12 33.44 15.27
C MET A 1003 8.86 34.28 15.45
N ARG A 1004 8.51 34.58 16.71
CA ARG A 1004 7.38 35.46 16.95
C ARG A 1004 7.73 36.91 16.65
N HIS A 1005 8.99 37.31 16.90
CA HIS A 1005 9.38 38.71 16.77
C HIS A 1005 9.27 39.20 15.34
N ALA A 1006 9.69 38.39 14.38
CA ALA A 1006 9.66 38.82 12.98
C ALA A 1006 8.23 39.11 12.53
N MET A 1007 7.34 38.14 12.73
CA MET A 1007 5.95 38.33 12.32
C MET A 1007 5.29 39.44 13.12
N GLY A 1008 5.64 39.56 14.40
CA GLY A 1008 5.07 40.63 15.21
C GLY A 1008 5.44 42.01 14.71
N VAL A 1009 6.72 42.23 14.40
CA VAL A 1009 7.13 43.53 13.89
C VAL A 1009 6.52 43.79 12.53
N ALA A 1010 6.43 42.76 11.68
CA ALA A 1010 5.85 42.94 10.36
C ALA A 1010 4.38 43.36 10.44
N VAL A 1011 3.58 42.61 11.21
CA VAL A 1011 2.16 42.91 11.31
C VAL A 1011 1.95 44.24 12.00
N PHE A 1012 2.71 44.51 13.07
CA PHE A 1012 2.53 45.76 13.82
C PHE A 1012 2.83 46.98 12.96
N PHE A 1013 3.89 46.91 12.14
CA PHE A 1013 4.23 48.05 11.30
C PHE A 1013 3.40 48.10 10.02
N GLY A 1014 2.72 47.03 9.65
CA GLY A 1014 1.85 47.08 8.49
C GLY A 1014 0.43 47.50 8.79
N MET A 1015 -0.02 47.27 10.03
CA MET A 1015 -1.41 47.53 10.39
C MET A 1015 -1.74 49.02 10.30
N ILE A 1016 -0.83 49.88 10.76
CA ILE A 1016 -1.09 51.31 10.75
C ILE A 1016 -1.27 51.82 9.33
N GLY A 1017 -0.37 51.41 8.43
CA GLY A 1017 -0.51 51.78 7.05
C GLY A 1017 -1.77 51.23 6.42
N VAL A 1018 -2.12 49.98 6.75
CA VAL A 1018 -3.32 49.38 6.19
C VAL A 1018 -4.54 50.21 6.56
N THR A 1019 -4.70 50.53 7.85
CA THR A 1019 -5.88 51.27 8.27
C THR A 1019 -5.86 52.70 7.74
N PHE A 1020 -4.69 53.34 7.72
CA PHE A 1020 -4.62 54.72 7.23
C PHE A 1020 -5.05 54.80 5.78
N PHE A 1021 -4.46 53.97 4.92
CA PHE A 1021 -4.80 54.03 3.51
C PHE A 1021 -6.21 53.52 3.24
N GLY A 1022 -6.68 52.52 3.99
CA GLY A 1022 -8.05 52.08 3.83
C GLY A 1022 -9.05 53.17 4.14
N LEU A 1023 -8.77 53.96 5.19
CA LEU A 1023 -9.66 55.07 5.53
C LEU A 1023 -9.59 56.17 4.48
N PHE A 1024 -8.39 56.53 4.01
CA PHE A 1024 -8.21 57.74 3.23
C PHE A 1024 -8.02 57.51 1.74
N LEU A 1025 -8.29 56.31 1.23
CA LEU A 1025 -8.06 56.19 -0.21
C LEU A 1025 -9.24 55.64 -0.99
N THR A 1026 -10.03 54.75 -0.41
CA THR A 1026 -11.04 54.04 -1.20
C THR A 1026 -12.21 54.90 -1.71
N PRO A 1027 -12.69 55.92 -0.99
CA PRO A 1027 -13.78 56.72 -1.57
C PRO A 1027 -13.38 57.43 -2.86
N ALA A 1028 -12.14 57.94 -2.92
CA ALA A 1028 -11.68 58.60 -4.13
C ALA A 1028 -11.58 57.61 -5.28
N PHE A 1029 -11.08 56.40 -5.01
CA PHE A 1029 -11.02 55.38 -6.04
C PHE A 1029 -12.41 55.03 -6.55
N TYR A 1030 -13.37 54.87 -5.62
CA TYR A 1030 -14.74 54.54 -6.02
C TYR A 1030 -15.34 55.64 -6.89
N VAL A 1031 -15.19 56.89 -6.48
CA VAL A 1031 -15.78 57.99 -7.24
C VAL A 1031 -15.11 58.14 -8.60
N LEU A 1032 -13.78 57.97 -8.66
CA LEU A 1032 -13.08 58.02 -9.92
C LEU A 1032 -13.57 56.94 -10.87
N ILE A 1033 -13.72 55.71 -10.36
CA ILE A 1033 -14.21 54.62 -11.21
C ILE A 1033 -15.63 54.90 -11.67
N ARG A 1034 -16.48 55.41 -10.78
CA ARG A 1034 -17.86 55.72 -11.15
C ARG A 1034 -17.93 56.81 -12.21
N SER A 1035 -17.10 57.85 -12.07
CA SER A 1035 -17.12 58.94 -13.04
C SER A 1035 -16.49 58.53 -14.37
N LEU A 1036 -15.61 57.52 -14.35
CA LEU A 1036 -15.03 57.04 -15.60
C LEU A 1036 -16.10 56.49 -16.53
N ASN A 1037 -17.04 55.71 -15.98
CA ASN A 1037 -18.09 55.11 -16.81
C ASN A 1037 -19.14 56.14 -17.20
N SER A 1038 -19.80 56.73 -16.21
CA SER A 1038 -20.86 57.71 -16.43
C SER A 1038 -21.98 57.16 -17.30
N ASN B 1 -44.69 20.67 1.08
CA ASN B 1 -43.78 19.76 1.76
C ASN B 1 -43.26 18.69 0.82
N ILE B 2 -42.34 17.87 1.32
CA ILE B 2 -41.73 16.83 0.49
C ILE B 2 -42.77 15.76 0.14
N SER B 3 -43.70 15.49 1.04
CA SER B 3 -44.70 14.44 0.81
C SER B 3 -45.73 14.83 -0.23
N LYS B 4 -46.08 16.13 -0.32
CA LYS B 4 -47.08 16.57 -1.28
C LYS B 4 -46.60 16.35 -2.72
N PHE B 5 -45.30 16.50 -2.96
CA PHE B 5 -44.76 16.22 -4.29
C PHE B 5 -44.99 14.77 -4.69
N PHE B 6 -44.75 13.83 -3.77
CA PHE B 6 -44.85 12.42 -4.10
C PHE B 6 -46.27 11.88 -4.04
N ILE B 7 -47.19 12.58 -3.36
CA ILE B 7 -48.58 12.11 -3.33
C ILE B 7 -49.19 12.12 -4.72
N ASP B 8 -48.96 13.20 -5.48
CA ASP B 8 -49.58 13.35 -6.79
C ASP B 8 -48.84 12.63 -7.90
N ARG B 9 -47.66 12.06 -7.62
CA ARG B 9 -46.86 11.34 -8.61
C ARG B 9 -46.45 10.00 -8.03
N PRO B 10 -47.37 9.04 -7.95
CA PRO B 10 -46.99 7.69 -7.48
C PRO B 10 -45.97 7.03 -8.37
N ILE B 11 -45.91 7.40 -9.65
CA ILE B 11 -44.94 6.80 -10.56
C ILE B 11 -43.51 7.13 -10.11
N PHE B 12 -43.27 8.34 -9.63
CA PHE B 12 -41.94 8.70 -9.15
C PHE B 12 -41.52 7.82 -7.98
N ALA B 13 -42.44 7.63 -7.01
CA ALA B 13 -42.14 6.79 -5.85
C ALA B 13 -41.89 5.34 -6.29
N GLY B 14 -42.70 4.84 -7.22
CA GLY B 14 -42.48 3.50 -7.73
C GLY B 14 -41.12 3.35 -8.41
N VAL B 15 -40.73 4.37 -9.18
CA VAL B 15 -39.43 4.34 -9.84
C VAL B 15 -38.30 4.31 -8.82
N LEU B 16 -38.38 5.15 -7.79
CA LEU B 16 -37.33 5.16 -6.77
C LEU B 16 -37.28 3.83 -6.03
N SER B 17 -38.43 3.27 -5.67
CA SER B 17 -38.45 2.00 -4.96
C SER B 17 -37.87 0.88 -5.83
N VAL B 18 -38.23 0.84 -7.10
CA VAL B 18 -37.70 -0.19 -8.00
C VAL B 18 -36.20 -0.02 -8.17
N LEU B 19 -35.72 1.23 -8.29
CA LEU B 19 -34.29 1.46 -8.40
C LEU B 19 -33.54 0.97 -7.16
N ILE B 20 -34.08 1.26 -5.97
CA ILE B 20 -33.45 0.82 -4.74
C ILE B 20 -33.44 -0.71 -4.66
N LEU B 21 -34.56 -1.34 -5.02
CA LEU B 21 -34.63 -2.80 -4.99
C LEU B 21 -33.63 -3.42 -5.96
N LEU B 22 -33.52 -2.86 -7.17
CA LEU B 22 -32.58 -3.38 -8.15
C LEU B 22 -31.15 -3.21 -7.68
N ALA B 23 -30.82 -2.05 -7.11
CA ALA B 23 -29.47 -1.85 -6.60
C ALA B 23 -29.13 -2.85 -5.50
N GLY B 24 -30.06 -3.05 -4.56
CA GLY B 24 -29.81 -4.02 -3.50
C GLY B 24 -29.68 -5.44 -4.01
N LEU B 25 -30.53 -5.83 -4.96
CA LEU B 25 -30.47 -7.19 -5.50
C LEU B 25 -29.16 -7.43 -6.24
N LEU B 26 -28.70 -6.44 -7.01
CA LEU B 26 -27.42 -6.60 -7.69
C LEU B 26 -26.27 -6.61 -6.70
N SER B 27 -26.37 -5.81 -5.63
CA SER B 27 -25.26 -5.69 -4.68
C SER B 27 -25.13 -6.89 -3.75
N VAL B 28 -26.24 -7.58 -3.46
CA VAL B 28 -26.21 -8.63 -2.44
C VAL B 28 -25.32 -9.80 -2.84
N PHE B 29 -25.06 -9.96 -4.15
CA PHE B 29 -24.34 -11.14 -4.61
C PHE B 29 -22.83 -10.96 -4.66
N GLN B 30 -22.30 -9.78 -4.30
CA GLN B 30 -20.87 -9.55 -4.26
C GLN B 30 -20.36 -9.29 -2.85
N LEU B 31 -21.03 -9.82 -1.83
CA LEU B 31 -20.66 -9.57 -0.45
C LEU B 31 -20.04 -10.84 0.14
N PRO B 32 -18.84 -10.77 0.73
CA PRO B 32 -18.26 -11.96 1.33
C PRO B 32 -19.09 -12.48 2.50
N ILE B 33 -19.07 -13.80 2.68
CA ILE B 33 -19.89 -14.49 3.65
C ILE B 33 -18.99 -15.30 4.58
N SER B 34 -19.18 -15.12 5.87
CA SER B 34 -18.43 -15.87 6.88
C SER B 34 -19.13 -15.74 8.22
N GLU B 35 -18.55 -16.34 9.24
CA GLU B 35 -19.04 -16.26 10.61
C GLU B 35 -17.92 -15.78 11.51
N TYR B 36 -18.29 -15.11 12.62
CA TYR B 36 -17.33 -14.62 13.59
C TYR B 36 -16.26 -13.76 12.92
N PRO B 37 -16.60 -12.53 12.52
CA PRO B 37 -15.65 -11.69 11.75
C PRO B 37 -14.30 -11.53 12.42
N GLU B 38 -13.31 -11.10 11.63
CA GLU B 38 -11.90 -11.15 12.02
C GLU B 38 -11.66 -10.54 13.40
N VAL B 39 -11.26 -11.39 14.35
CA VAL B 39 -10.89 -10.97 15.69
C VAL B 39 -9.52 -11.50 16.09
N VAL B 40 -9.08 -12.59 15.47
CA VAL B 40 -7.74 -13.11 15.76
C VAL B 40 -6.70 -12.17 15.17
N PRO B 41 -5.75 -11.66 15.97
CA PRO B 41 -4.72 -10.80 15.41
C PRO B 41 -3.88 -11.55 14.42
N PRO B 42 -3.40 -10.89 13.36
CA PRO B 42 -2.54 -11.57 12.39
C PRO B 42 -1.23 -12.01 13.01
N SER B 43 -0.68 -13.11 12.48
CA SER B 43 0.54 -13.68 13.01
C SER B 43 1.38 -14.22 11.87
N VAL B 44 2.67 -14.40 12.16
CA VAL B 44 3.64 -14.93 11.20
C VAL B 44 4.42 -16.03 11.88
N VAL B 45 4.59 -17.16 11.19
CA VAL B 45 5.27 -18.33 11.72
C VAL B 45 6.55 -18.56 10.91
N VAL B 46 7.64 -18.86 11.63
CA VAL B 46 8.93 -19.21 11.02
C VAL B 46 9.31 -20.59 11.52
N ARG B 47 9.68 -21.47 10.60
CA ARG B 47 9.98 -22.86 10.91
C ARG B 47 11.41 -23.19 10.49
N ALA B 48 12.11 -23.91 11.37
CA ALA B 48 13.46 -24.37 11.12
C ALA B 48 13.60 -25.80 11.62
N GLN B 49 14.55 -26.52 11.01
CA GLN B 49 14.78 -27.92 11.34
C GLN B 49 16.27 -28.15 11.58
N TYR B 50 16.55 -29.07 12.49
CA TYR B 50 17.91 -29.47 12.85
C TYR B 50 17.88 -30.92 13.33
N PRO B 51 18.04 -31.88 12.42
CA PRO B 51 17.91 -33.29 12.82
C PRO B 51 18.99 -33.72 13.81
N GLY B 52 18.59 -34.58 14.75
CA GLY B 52 19.49 -35.09 15.75
C GLY B 52 20.07 -34.04 16.66
N ALA B 53 19.26 -33.08 17.06
CA ALA B 53 19.70 -31.98 17.91
C ALA B 53 18.93 -32.01 19.23
N ASN B 54 19.67 -31.94 20.32
CA ASN B 54 19.07 -31.88 21.65
C ASN B 54 18.34 -30.55 21.82
N PRO B 55 17.24 -30.53 22.57
CA PRO B 55 16.50 -29.26 22.75
C PRO B 55 17.32 -28.12 23.32
N LYS B 56 18.27 -28.40 24.21
CA LYS B 56 19.06 -27.32 24.80
C LYS B 56 19.92 -26.63 23.74
N VAL B 57 20.59 -27.41 22.89
CA VAL B 57 21.47 -26.82 21.88
C VAL B 57 20.66 -26.12 20.80
N ILE B 58 19.47 -26.65 20.46
CA ILE B 58 18.64 -25.98 19.45
C ILE B 58 18.04 -24.71 20.02
N ALA B 59 17.85 -24.64 21.33
CA ALA B 59 17.37 -23.41 21.95
C ALA B 59 18.49 -22.38 22.08
N GLU B 60 19.71 -22.82 22.33
CA GLU B 60 20.81 -21.89 22.55
C GLU B 60 21.42 -21.42 21.23
N THR B 61 21.93 -22.34 20.42
CA THR B 61 22.68 -21.97 19.23
C THR B 61 21.80 -21.39 18.13
N VAL B 62 20.61 -21.96 17.94
CA VAL B 62 19.77 -21.61 16.80
C VAL B 62 18.77 -20.51 17.14
N ALA B 63 18.04 -20.65 18.25
CA ALA B 63 16.94 -19.75 18.52
C ALA B 63 17.42 -18.38 18.99
N SER B 64 18.58 -18.33 19.66
CA SER B 64 19.02 -17.06 20.24
C SER B 64 19.32 -15.97 19.21
N PRO B 65 20.17 -16.20 18.17
CA PRO B 65 20.42 -15.10 17.21
C PRO B 65 19.17 -14.71 16.45
N LEU B 66 18.35 -15.71 16.13
CA LEU B 66 17.12 -15.45 15.38
C LEU B 66 16.16 -14.59 16.18
N GLU B 67 16.01 -14.87 17.48
CA GLU B 67 15.13 -14.05 18.31
C GLU B 67 15.73 -12.67 18.58
N GLU B 68 17.05 -12.59 18.73
CA GLU B 68 17.70 -11.31 18.97
C GLU B 68 17.70 -10.41 17.74
N SER B 69 17.57 -10.97 16.54
CA SER B 69 17.58 -10.17 15.33
C SER B 69 16.19 -9.67 14.92
N ILE B 70 15.14 -10.38 15.31
CA ILE B 70 13.79 -10.08 14.84
C ILE B 70 13.17 -9.03 15.74
N ASN B 71 13.76 -8.82 16.92
CA ASN B 71 13.20 -7.92 17.93
C ASN B 71 13.38 -6.48 17.46
N GLY B 72 12.29 -5.72 17.46
CA GLY B 72 12.31 -4.33 17.06
C GLY B 72 11.35 -3.97 15.93
N VAL B 73 10.55 -4.91 15.44
CA VAL B 73 9.61 -4.59 14.37
C VAL B 73 8.48 -3.72 14.91
N GLU B 74 7.88 -2.93 14.03
CA GLU B 74 6.81 -2.02 14.42
C GLU B 74 5.52 -2.77 14.71
N ASP B 75 4.78 -2.29 15.70
CA ASP B 75 3.46 -2.83 16.05
C ASP B 75 3.53 -4.32 16.38
N MET B 76 4.52 -4.70 17.17
CA MET B 76 4.67 -6.08 17.62
C MET B 76 4.08 -6.24 19.00
N LEU B 77 3.23 -7.25 19.17
CA LEU B 77 2.62 -7.54 20.47
C LEU B 77 3.54 -8.38 21.34
N TYR B 78 3.90 -9.57 20.87
CA TYR B 78 4.83 -10.44 21.57
C TYR B 78 5.31 -11.51 20.58
N MET B 79 6.27 -12.32 21.01
CA MET B 79 6.78 -13.41 20.19
C MET B 79 6.99 -14.62 21.07
N GLN B 80 6.88 -15.81 20.47
CA GLN B 80 7.04 -17.06 21.19
C GLN B 80 7.90 -18.00 20.37
N SER B 81 8.79 -18.73 21.05
CA SER B 81 9.63 -19.72 20.40
C SER B 81 9.42 -21.07 21.06
N GLN B 82 9.32 -22.11 20.23
CA GLN B 82 9.06 -23.45 20.72
C GLN B 82 10.04 -24.40 20.08
N ALA B 83 10.78 -25.15 20.91
CA ALA B 83 11.75 -26.13 20.46
C ALA B 83 11.39 -27.49 21.02
N ASN B 84 11.36 -28.49 20.15
CA ASN B 84 10.97 -29.85 20.50
C ASN B 84 12.18 -30.76 20.47
N SER B 85 12.02 -31.96 21.06
CA SER B 85 13.13 -32.90 21.17
C SER B 85 13.53 -33.48 19.82
N ASP B 86 12.62 -33.52 18.85
CA ASP B 86 12.93 -34.14 17.57
C ASP B 86 13.76 -33.26 16.66
N GLY B 87 13.98 -31.99 17.03
CA GLY B 87 14.79 -31.11 16.23
C GLY B 87 13.99 -30.19 15.33
N ASN B 88 12.92 -29.61 15.87
CA ASN B 88 12.09 -28.66 15.14
C ASN B 88 11.93 -27.40 15.97
N LEU B 89 12.02 -26.25 15.30
CA LEU B 89 11.91 -24.96 15.97
C LEU B 89 10.84 -24.13 15.27
N THR B 90 9.88 -23.63 16.03
CA THR B 90 8.80 -22.80 15.49
C THR B 90 8.73 -21.50 16.26
N ILE B 91 8.77 -20.37 15.54
CA ILE B 91 8.69 -19.05 16.15
C ILE B 91 7.43 -18.38 15.62
N THR B 92 6.56 -17.95 16.53
CA THR B 92 5.31 -17.29 16.18
C THR B 92 5.36 -15.85 16.68
N VAL B 93 5.15 -14.90 15.78
CA VAL B 93 5.14 -13.48 16.11
C VAL B 93 3.77 -12.90 15.79
N ASN B 94 3.18 -12.22 16.77
CA ASN B 94 1.84 -11.68 16.65
C ASN B 94 1.90 -10.16 16.53
N PHE B 95 1.00 -9.61 15.73
CA PHE B 95 0.93 -8.18 15.48
C PHE B 95 -0.40 -7.63 16.00
N LYS B 96 -0.44 -6.32 16.16
CA LYS B 96 -1.65 -5.66 16.59
C LYS B 96 -2.71 -5.74 15.49
N LEU B 97 -3.98 -5.68 15.91
CA LEU B 97 -5.08 -5.79 14.97
C LEU B 97 -5.13 -4.58 14.05
N GLY B 98 -5.40 -4.84 12.77
CA GLY B 98 -5.48 -3.80 11.77
C GLY B 98 -4.30 -3.73 10.81
N ILE B 99 -3.20 -4.40 11.12
CA ILE B 99 -2.03 -4.38 10.25
C ILE B 99 -2.20 -5.39 9.13
N ASP B 100 -1.87 -4.98 7.92
CA ASP B 100 -1.99 -5.87 6.77
C ASP B 100 -1.01 -7.02 6.88
N PRO B 101 -1.45 -8.27 6.73
CA PRO B 101 -0.55 -9.42 6.93
C PRO B 101 0.64 -9.44 5.98
N ASP B 102 0.47 -8.98 4.74
CA ASP B 102 1.56 -9.04 3.77
C ASP B 102 2.73 -8.14 4.18
N LYS B 103 2.43 -6.95 4.68
CA LYS B 103 3.49 -6.05 5.14
C LYS B 103 4.24 -6.66 6.32
N ALA B 104 3.50 -7.27 7.25
CA ALA B 104 4.14 -7.92 8.40
C ALA B 104 5.03 -9.06 7.94
N GLN B 105 4.56 -9.87 6.98
CA GLN B 105 5.37 -10.96 6.47
C GLN B 105 6.63 -10.43 5.79
N GLN B 106 6.51 -9.35 5.01
CA GLN B 106 7.67 -8.77 4.37
C GLN B 106 8.68 -8.27 5.39
N LEU B 107 8.21 -7.60 6.44
CA LEU B 107 9.12 -7.11 7.48
C LEU B 107 9.81 -8.27 8.19
N VAL B 108 9.05 -9.33 8.49
CA VAL B 108 9.62 -10.48 9.20
C VAL B 108 10.68 -11.15 8.33
N GLN B 109 10.40 -11.32 7.03
CA GLN B 109 11.36 -11.95 6.14
C GLN B 109 12.62 -11.09 5.99
N ASN B 110 12.43 -9.77 5.84
CA ASN B 110 13.57 -8.87 5.73
C ASN B 110 14.42 -8.91 6.99
N ARG B 111 13.79 -9.10 8.16
CA ARG B 111 14.53 -9.16 9.40
C ARG B 111 15.27 -10.48 9.55
N VAL B 112 14.63 -11.59 9.18
CA VAL B 112 15.27 -12.90 9.36
C VAL B 112 16.41 -13.10 8.38
N SER B 113 16.30 -12.55 7.16
CA SER B 113 17.30 -12.78 6.14
C SER B 113 18.68 -12.28 6.55
N GLN B 114 18.77 -11.33 7.49
CA GLN B 114 20.07 -10.81 7.90
C GLN B 114 20.80 -11.76 8.84
N ALA B 115 20.09 -12.66 9.51
CA ALA B 115 20.67 -13.54 10.51
C ALA B 115 21.11 -14.88 9.95
N MET B 116 20.96 -15.11 8.65
CA MET B 116 21.32 -16.40 8.06
C MET B 116 22.80 -16.75 8.23
N PRO B 117 23.77 -15.87 7.96
CA PRO B 117 25.18 -16.31 8.06
C PRO B 117 25.62 -16.71 9.46
N ARG B 118 24.89 -16.33 10.50
CA ARG B 118 25.23 -16.69 11.86
C ARG B 118 24.57 -17.98 12.33
N LEU B 119 24.33 -18.92 11.43
CA LEU B 119 23.63 -20.16 11.74
C LEU B 119 24.48 -21.36 11.30
N PRO B 120 24.27 -22.53 11.91
CA PRO B 120 25.05 -23.71 11.54
C PRO B 120 24.83 -24.12 10.10
N GLU B 121 25.84 -24.78 9.53
CA GLU B 121 25.78 -25.20 8.14
C GLU B 121 24.64 -26.19 7.89
N ASP B 122 24.41 -27.10 8.84
CA ASP B 122 23.32 -28.06 8.67
C ASP B 122 21.97 -27.34 8.61
N VAL B 123 21.77 -26.33 9.45
CA VAL B 123 20.54 -25.55 9.40
C VAL B 123 20.49 -24.71 8.12
N GLN B 124 21.65 -24.21 7.68
CA GLN B 124 21.68 -23.39 6.47
C GLN B 124 21.29 -24.18 5.24
N ARG B 125 21.71 -25.45 5.16
CA ARG B 125 21.41 -26.27 3.99
C ARG B 125 19.91 -26.48 3.83
N LEU B 126 19.20 -26.71 4.92
CA LEU B 126 17.74 -26.82 4.92
C LEU B 126 17.19 -25.48 5.43
N GLY B 127 16.98 -24.55 4.50
CA GLY B 127 16.68 -23.19 4.87
C GLY B 127 15.38 -23.05 5.64
N VAL B 128 15.33 -22.01 6.47
CA VAL B 128 14.13 -21.74 7.26
C VAL B 128 13.03 -21.21 6.35
N THR B 129 11.78 -21.42 6.78
CA THR B 129 10.63 -20.99 5.99
C THR B 129 9.73 -20.09 6.83
N THR B 130 9.38 -18.93 6.28
CA THR B 130 8.50 -17.98 6.96
C THR B 130 7.21 -17.84 6.17
N LEU B 131 6.08 -17.72 6.88
CA LEU B 131 4.79 -17.66 6.23
C LEU B 131 3.79 -16.98 7.17
N LYS B 132 2.68 -16.51 6.61
CA LYS B 132 1.62 -15.96 7.42
C LYS B 132 0.67 -17.06 7.89
N SER B 133 -0.24 -16.70 8.80
CA SER B 133 -1.15 -17.64 9.40
C SER B 133 -2.60 -17.28 9.06
N SER B 134 -3.39 -18.29 8.70
CA SER B 134 -4.80 -18.14 8.39
C SER B 134 -5.63 -18.90 9.43
N PRO B 135 -6.27 -18.21 10.37
CA PRO B 135 -6.97 -18.93 11.45
C PRO B 135 -8.25 -19.63 11.01
N THR B 136 -8.93 -19.12 9.98
CA THR B 136 -10.23 -19.66 9.57
C THR B 136 -10.03 -20.96 8.81
N LEU B 137 -10.81 -21.98 9.17
CA LEU B 137 -10.75 -23.29 8.52
C LEU B 137 -12.09 -23.56 7.86
N THR B 138 -12.04 -24.04 6.61
CA THR B 138 -13.25 -24.24 5.82
C THR B 138 -13.68 -25.70 5.80
N MET B 139 -12.74 -26.61 5.57
CA MET B 139 -13.07 -28.03 5.43
C MET B 139 -11.90 -28.87 5.91
N VAL B 140 -12.16 -30.15 6.15
CA VAL B 140 -11.12 -31.17 6.19
C VAL B 140 -11.62 -32.36 5.38
N VAL B 141 -10.73 -32.99 4.62
CA VAL B 141 -11.08 -34.19 3.87
C VAL B 141 -9.97 -35.22 4.06
N HIS B 142 -10.37 -36.47 4.28
CA HIS B 142 -9.41 -37.55 4.44
C HIS B 142 -9.38 -38.38 3.17
N LEU B 143 -8.22 -38.98 2.91
CA LEU B 143 -8.00 -39.85 1.75
C LEU B 143 -7.48 -41.16 2.31
N THR B 144 -8.24 -42.24 2.09
CA THR B 144 -8.02 -43.50 2.78
C THR B 144 -7.71 -44.60 1.78
N SER B 145 -7.23 -45.72 2.30
CA SER B 145 -6.97 -46.93 1.53
C SER B 145 -7.68 -48.08 2.22
N PRO B 146 -8.93 -48.37 1.85
CA PRO B 146 -9.69 -49.40 2.59
C PRO B 146 -9.09 -50.79 2.53
N ASP B 147 -8.41 -51.14 1.43
CA ASP B 147 -7.87 -52.48 1.27
C ASP B 147 -6.57 -52.71 2.04
N ASN B 148 -6.04 -51.67 2.68
CA ASN B 148 -4.77 -51.76 3.42
C ASN B 148 -3.63 -52.20 2.51
N ARG B 149 -3.67 -51.75 1.26
CA ARG B 149 -2.62 -52.07 0.29
C ARG B 149 -1.49 -51.06 0.31
N TYR B 150 -1.78 -49.79 0.62
CA TYR B 150 -0.79 -48.73 0.63
C TYR B 150 -0.63 -48.19 2.04
N ASP B 151 0.62 -47.88 2.39
CA ASP B 151 0.94 -47.33 3.70
C ASP B 151 0.65 -45.83 3.72
N MET B 152 1.07 -45.15 4.80
CA MET B 152 0.80 -43.73 4.93
C MET B 152 1.69 -42.89 4.04
N THR B 153 2.97 -43.27 3.90
CA THR B 153 3.91 -42.46 3.14
C THR B 153 3.52 -42.36 1.67
N TYR B 154 3.17 -43.50 1.07
CA TYR B 154 2.76 -43.50 -0.34
C TYR B 154 1.49 -42.68 -0.52
N LEU B 155 0.55 -42.80 0.42
CA LEU B 155 -0.70 -42.06 0.30
C LEU B 155 -0.45 -40.55 0.36
N ARG B 156 0.37 -40.10 1.31
CA ARG B 156 0.67 -38.68 1.43
C ARG B 156 1.43 -38.17 0.21
N ASN B 157 2.38 -38.96 -0.29
CA ASN B 157 3.13 -38.55 -1.47
C ASN B 157 2.24 -38.46 -2.70
N TYR B 158 1.30 -39.40 -2.84
CA TYR B 158 0.33 -39.32 -3.93
C TYR B 158 -0.53 -38.07 -3.82
N ALA B 159 -0.99 -37.76 -2.60
CA ALA B 159 -1.77 -36.55 -2.39
C ALA B 159 -0.97 -35.32 -2.78
N VAL B 160 0.28 -35.24 -2.36
CA VAL B 160 1.15 -34.11 -2.70
C VAL B 160 1.29 -34.00 -4.21
N LEU B 161 1.54 -35.13 -4.88
CA LEU B 161 1.79 -35.11 -6.32
C LEU B 161 0.55 -34.73 -7.11
N ASN B 162 -0.65 -35.10 -6.65
CA ASN B 162 -1.85 -34.99 -7.46
C ASN B 162 -2.78 -33.85 -7.04
N VAL B 163 -3.19 -33.79 -5.77
CA VAL B 163 -4.35 -32.98 -5.43
C VAL B 163 -3.98 -31.64 -4.78
N LYS B 164 -2.80 -31.55 -4.14
CA LYS B 164 -2.45 -30.31 -3.46
C LYS B 164 -2.30 -29.16 -4.45
N ASP B 165 -1.61 -29.40 -5.57
CA ASP B 165 -1.43 -28.35 -6.57
C ASP B 165 -2.76 -27.95 -7.19
N ARG B 166 -3.63 -28.92 -7.45
CA ARG B 166 -4.93 -28.61 -8.05
C ARG B 166 -5.80 -27.80 -7.09
N LEU B 167 -5.79 -28.15 -5.80
CA LEU B 167 -6.62 -27.43 -4.84
C LEU B 167 -6.05 -26.07 -4.46
N ALA B 168 -4.73 -25.90 -4.49
CA ALA B 168 -4.14 -24.61 -4.14
C ALA B 168 -4.45 -23.53 -5.17
N ARG B 169 -4.61 -23.92 -6.44
CA ARG B 169 -4.91 -22.97 -7.51
C ARG B 169 -6.32 -22.40 -7.43
N LEU B 170 -7.16 -22.96 -6.56
CA LEU B 170 -8.54 -22.52 -6.46
C LEU B 170 -8.63 -21.07 -5.97
N GLN B 171 -9.81 -20.49 -6.13
CA GLN B 171 -10.03 -19.09 -5.78
C GLN B 171 -10.56 -18.98 -4.36
N GLY B 172 -9.88 -18.19 -3.53
CA GLY B 172 -10.29 -17.99 -2.15
C GLY B 172 -9.54 -18.83 -1.14
N VAL B 173 -8.74 -19.79 -1.59
CA VAL B 173 -8.02 -20.67 -0.67
C VAL B 173 -6.77 -19.97 -0.15
N GLY B 174 -6.62 -19.95 1.17
CA GLY B 174 -5.44 -19.37 1.78
C GLY B 174 -4.24 -20.29 1.78
N GLU B 175 -4.41 -21.47 2.39
CA GLU B 175 -3.34 -22.46 2.46
C GLU B 175 -3.97 -23.84 2.63
N VAL B 176 -3.19 -24.87 2.31
CA VAL B 176 -3.59 -26.26 2.49
C VAL B 176 -2.55 -26.96 3.34
N GLY B 177 -3.00 -27.60 4.42
CA GLY B 177 -2.12 -28.37 5.27
C GLY B 177 -2.03 -29.82 4.83
N LEU B 178 -1.15 -30.56 5.50
CA LEU B 178 -0.97 -31.98 5.21
C LEU B 178 -0.30 -32.61 6.42
N PHE B 179 -0.96 -33.58 7.05
CA PHE B 179 -0.45 -34.24 8.25
C PHE B 179 -0.33 -35.73 7.95
N GLY B 180 0.87 -36.17 7.58
CA GLY B 180 1.09 -37.56 7.23
C GLY B 180 2.39 -38.12 7.79
N SER B 181 3.18 -38.77 6.93
CA SER B 181 4.44 -39.37 7.35
C SER B 181 5.63 -38.81 6.59
N GLY B 182 5.46 -37.68 5.91
CA GLY B 182 6.57 -37.07 5.19
C GLY B 182 6.71 -37.56 3.76
N ASP B 183 7.55 -36.88 2.98
CA ASP B 183 7.75 -37.22 1.58
C ASP B 183 8.77 -38.35 1.44
N TYR B 184 9.08 -38.68 0.19
CA TYR B 184 9.99 -39.79 -0.10
C TYR B 184 11.44 -39.41 0.14
N ALA B 185 12.26 -40.42 0.36
CA ALA B 185 13.71 -40.24 0.52
C ALA B 185 14.38 -41.60 0.30
N MET B 186 15.68 -41.54 0.01
CA MET B 186 16.52 -42.74 -0.07
C MET B 186 17.26 -42.86 1.25
N ARG B 187 17.01 -43.97 1.96
CA ARG B 187 17.59 -44.21 3.27
C ARG B 187 18.61 -45.34 3.17
N VAL B 188 19.79 -45.11 3.73
CA VAL B 188 20.84 -46.12 3.79
C VAL B 188 21.12 -46.49 5.24
N TRP B 189 20.54 -47.61 5.68
CA TRP B 189 20.76 -48.10 7.03
C TRP B 189 22.10 -48.82 7.11
N LEU B 190 22.99 -48.31 7.96
CA LEU B 190 24.34 -48.85 8.07
C LEU B 190 24.42 -49.92 9.15
N ASP B 191 25.41 -50.79 9.01
CA ASP B 191 25.72 -51.80 10.00
C ASP B 191 27.13 -51.54 10.50
N PRO B 192 27.30 -50.95 11.69
CA PRO B 192 28.65 -50.58 12.14
C PRO B 192 29.61 -51.75 12.25
N GLN B 193 29.10 -52.96 12.52
CA GLN B 193 29.98 -54.12 12.67
C GLN B 193 30.73 -54.40 11.37
N LYS B 194 30.01 -54.43 10.25
CA LYS B 194 30.65 -54.69 8.96
C LYS B 194 31.57 -53.54 8.56
N VAL B 195 31.18 -52.31 8.89
CA VAL B 195 32.02 -51.15 8.57
C VAL B 195 33.34 -51.23 9.31
N ALA B 196 33.30 -51.60 10.59
CA ALA B 196 34.53 -51.79 11.35
C ALA B 196 35.31 -52.99 10.85
N GLN B 197 34.62 -54.03 10.40
CA GLN B 197 35.30 -55.21 9.86
C GLN B 197 36.09 -54.86 8.60
N ARG B 198 35.53 -53.99 7.75
CA ARG B 198 36.18 -53.60 6.52
C ARG B 198 37.18 -52.47 6.70
N ASN B 199 37.58 -52.18 7.95
CA ASN B 199 38.55 -51.13 8.26
C ASN B 199 38.12 -49.80 7.64
N LEU B 200 36.84 -49.49 7.76
CA LEU B 200 36.22 -48.33 7.12
C LEU B 200 35.59 -47.44 8.18
N THR B 201 35.38 -46.17 7.80
CA THR B 201 34.75 -45.20 8.69
C THR B 201 33.54 -44.59 7.99
N ALA B 202 32.67 -43.98 8.79
CA ALA B 202 31.42 -43.45 8.26
C ALA B 202 31.65 -42.21 7.41
N THR B 203 32.59 -41.36 7.82
CA THR B 203 32.86 -40.13 7.07
C THR B 203 33.35 -40.45 5.66
N GLU B 204 34.23 -41.45 5.53
CA GLU B 204 34.68 -41.87 4.21
C GLU B 204 33.53 -42.39 3.37
N ILE B 205 32.60 -43.11 3.99
CA ILE B 205 31.41 -43.60 3.28
C ILE B 205 30.59 -42.43 2.76
N VAL B 206 30.38 -41.42 3.60
CA VAL B 206 29.59 -40.26 3.19
C VAL B 206 30.27 -39.52 2.04
N ASN B 207 31.59 -39.33 2.15
CA ASN B 207 32.33 -38.70 1.07
C ASN B 207 32.23 -39.50 -0.23
N ALA B 208 32.32 -40.82 -0.12
CA ALA B 208 32.24 -41.66 -1.31
C ALA B 208 30.88 -41.58 -1.98
N ILE B 209 29.79 -41.62 -1.20
CA ILE B 209 28.47 -41.58 -1.81
C ILE B 209 28.21 -40.19 -2.40
N ARG B 210 28.68 -39.13 -1.72
CA ARG B 210 28.49 -37.79 -2.25
C ARG B 210 29.28 -37.58 -3.54
N GLU B 211 30.48 -38.17 -3.62
CA GLU B 211 31.34 -37.96 -4.79
C GLU B 211 30.74 -38.57 -6.05
N GLN B 212 30.12 -39.75 -5.93
CA GLN B 212 29.69 -40.54 -7.06
C GLN B 212 28.22 -40.30 -7.44
N ASN B 213 27.61 -39.25 -6.89
CA ASN B 213 26.22 -38.94 -7.19
C ASN B 213 26.06 -37.46 -7.52
N ILE B 214 26.92 -36.94 -8.38
CA ILE B 214 26.89 -35.54 -8.79
C ILE B 214 26.70 -35.47 -10.30
N GLN B 215 25.91 -34.50 -10.74
CA GLN B 215 25.71 -34.29 -12.16
C GLN B 215 26.92 -33.57 -12.77
N VAL B 216 27.15 -33.81 -14.05
CA VAL B 216 28.31 -33.28 -14.75
C VAL B 216 27.82 -32.43 -15.92
N ALA B 217 28.37 -31.22 -16.03
CA ALA B 217 28.10 -30.32 -17.15
C ALA B 217 29.27 -30.42 -18.12
N ALA B 218 29.02 -31.02 -19.29
CA ALA B 218 30.10 -31.30 -20.23
C ALA B 218 30.42 -30.07 -21.07
N GLY B 219 29.47 -29.60 -21.88
CA GLY B 219 29.70 -28.44 -22.72
C GLY B 219 29.29 -28.63 -24.16
N THR B 220 30.02 -27.99 -25.08
CA THR B 220 29.67 -28.02 -26.49
C THR B 220 30.95 -28.14 -27.31
N ILE B 221 30.85 -28.91 -28.40
CA ILE B 221 31.91 -29.05 -29.38
C ILE B 221 31.49 -28.27 -30.62
N GLY B 222 32.35 -27.36 -31.07
CA GLY B 222 32.03 -26.49 -32.18
C GLY B 222 31.32 -25.21 -31.80
N ALA B 223 31.31 -24.83 -30.52
CA ALA B 223 30.65 -23.62 -30.08
C ALA B 223 31.39 -22.38 -30.58
N PRO B 225 33.79 -19.26 -31.41
CA PRO B 225 35.09 -18.77 -31.86
C PRO B 225 35.75 -19.72 -32.85
N SER B 226 35.14 -20.89 -33.05
CA SER B 226 35.67 -21.91 -33.93
C SER B 226 35.09 -21.73 -35.33
N ASN B 227 35.81 -22.27 -36.31
CA ASN B 227 35.41 -22.22 -37.70
C ASN B 227 34.67 -23.47 -38.15
N SER B 228 34.42 -24.41 -37.24
CA SER B 228 33.72 -25.63 -37.59
C SER B 228 32.26 -25.32 -37.94
N PRO B 229 31.71 -26.02 -38.93
CA PRO B 229 30.31 -25.77 -39.32
C PRO B 229 29.28 -26.53 -38.51
N LEU B 230 29.67 -27.20 -37.43
CA LEU B 230 28.74 -27.96 -36.61
C LEU B 230 28.87 -27.53 -35.15
N GLN B 231 27.73 -27.51 -34.45
CA GLN B 231 27.69 -27.14 -33.04
C GLN B 231 26.88 -28.22 -32.31
N LEU B 232 27.57 -29.11 -31.62
CA LEU B 232 26.94 -30.27 -30.97
C LEU B 232 27.18 -30.22 -29.47
N SER B 233 26.12 -30.34 -28.69
CA SER B 233 26.25 -30.37 -27.25
C SER B 233 26.70 -31.76 -26.79
N VAL B 234 27.29 -31.81 -25.60
CA VAL B 234 27.81 -33.05 -25.03
C VAL B 234 27.10 -33.31 -23.71
N ASN B 235 26.63 -34.54 -23.52
CA ASN B 235 25.95 -34.93 -22.29
C ASN B 235 26.51 -36.26 -21.79
N ALA B 236 26.48 -36.44 -20.47
CA ALA B 236 27.00 -37.64 -19.84
C ALA B 236 25.98 -38.12 -18.81
N GLN B 237 26.36 -39.15 -18.05
CA GLN B 237 25.49 -39.73 -17.03
C GLN B 237 25.79 -39.08 -15.68
N GLY B 238 24.76 -38.54 -15.05
CA GLY B 238 24.92 -37.85 -13.79
C GLY B 238 24.30 -38.53 -12.59
N ARG B 239 23.15 -38.04 -12.15
CA ARG B 239 22.53 -38.51 -10.93
C ARG B 239 22.00 -39.93 -11.09
N LEU B 240 22.04 -40.70 -10.00
CA LEU B 240 21.48 -42.03 -9.97
C LEU B 240 19.99 -41.99 -9.66
N THR B 241 19.26 -42.99 -10.13
CA THR B 241 17.81 -43.02 -10.03
C THR B 241 17.29 -44.20 -9.22
N THR B 242 17.68 -45.42 -9.56
CA THR B 242 17.09 -46.61 -8.95
C THR B 242 17.91 -47.06 -7.76
N GLU B 243 17.33 -48.01 -7.00
CA GLU B 243 18.01 -48.52 -5.81
C GLU B 243 19.21 -49.38 -6.17
N GLN B 244 19.17 -50.10 -7.29
CA GLN B 244 20.29 -50.95 -7.66
C GLN B 244 21.54 -50.12 -7.95
N GLU B 245 21.36 -48.98 -8.63
CA GLU B 245 22.51 -48.11 -8.91
C GLU B 245 23.12 -47.59 -7.62
N PHE B 246 22.28 -47.23 -6.64
CA PHE B 246 22.78 -46.79 -5.35
C PHE B 246 23.52 -47.91 -4.64
N ALA B 247 23.00 -49.14 -4.71
CA ALA B 247 23.64 -50.28 -4.06
C ALA B 247 24.91 -50.71 -4.78
N ASP B 248 25.12 -50.29 -6.02
CA ASP B 248 26.31 -50.65 -6.78
C ASP B 248 27.45 -49.65 -6.61
N ILE B 249 27.34 -48.72 -5.65
CA ILE B 249 28.41 -47.75 -5.45
C ILE B 249 29.63 -48.45 -4.86
N ILE B 250 30.80 -48.14 -5.40
CA ILE B 250 32.06 -48.72 -4.96
C ILE B 250 32.70 -47.78 -3.94
N LEU B 251 33.09 -48.33 -2.78
CA LEU B 251 33.69 -47.54 -1.72
C LEU B 251 35.20 -47.71 -1.67
N LYS B 252 35.67 -48.95 -1.52
CA LYS B 252 37.09 -49.25 -1.37
C LYS B 252 37.45 -50.43 -2.26
N THR B 253 38.60 -50.34 -2.92
CA THR B 253 39.10 -51.38 -3.80
C THR B 253 40.32 -52.03 -3.18
N ALA B 254 40.36 -53.36 -3.18
CA ALA B 254 41.49 -54.10 -2.62
C ALA B 254 41.93 -55.22 -3.56
N ALA B 258 39.63 -57.38 -4.89
CA ALA B 258 38.41 -57.50 -4.12
C ALA B 258 37.78 -56.12 -3.88
N VAL B 259 36.68 -55.86 -4.56
CA VAL B 259 35.97 -54.58 -4.44
C VAL B 259 34.94 -54.69 -3.34
N THR B 260 34.62 -53.55 -2.73
CA THR B 260 33.62 -53.47 -1.67
C THR B 260 32.50 -52.55 -2.11
N ARG B 261 31.28 -53.07 -2.15
CA ARG B 261 30.11 -52.32 -2.59
C ARG B 261 29.31 -51.82 -1.41
N LEU B 262 28.28 -51.03 -1.71
CA LEU B 262 27.34 -50.58 -0.68
C LEU B 262 26.33 -51.64 -0.29
N GLY B 263 26.03 -52.59 -1.18
CA GLY B 263 25.00 -53.58 -0.89
C GLY B 263 25.36 -54.50 0.25
N ASP B 264 26.61 -54.97 0.29
CA ASP B 264 27.04 -55.93 1.30
C ASP B 264 27.51 -55.25 2.59
N VAL B 265 27.45 -53.92 2.66
CA VAL B 265 27.83 -53.20 3.86
C VAL B 265 26.62 -52.55 4.53
N ALA B 266 25.73 -51.96 3.74
CA ALA B 266 24.54 -51.29 4.25
C ALA B 266 23.33 -51.71 3.43
N ARG B 267 22.15 -51.33 3.92
CA ARG B 267 20.90 -51.64 3.24
C ARG B 267 20.25 -50.35 2.76
N VAL B 268 20.01 -50.25 1.46
CA VAL B 268 19.43 -49.05 0.86
C VAL B 268 17.97 -49.32 0.52
N GLU B 269 17.12 -48.32 0.71
CA GLU B 269 15.71 -48.48 0.40
C GLU B 269 15.03 -47.13 0.31
N LEU B 270 13.96 -47.09 -0.49
CA LEU B 270 13.10 -45.91 -0.58
C LEU B 270 12.12 -45.93 0.58
N ALA B 271 12.05 -44.83 1.33
CA ALA B 271 11.21 -44.77 2.51
C ALA B 271 10.77 -43.31 2.72
N ALA B 272 10.28 -43.02 3.91
CA ALA B 272 9.82 -41.69 4.25
C ALA B 272 10.96 -40.82 4.77
N SER B 273 10.65 -39.55 5.00
CA SER B 273 11.63 -38.59 5.50
C SER B 273 11.56 -38.39 7.01
N GLN B 274 10.36 -38.35 7.59
CA GLN B 274 10.18 -38.10 9.02
C GLN B 274 9.18 -39.10 9.58
N TYR B 275 9.63 -39.93 10.51
CA TYR B 275 8.75 -40.84 11.25
C TYR B 275 8.44 -40.19 12.59
N GLY B 276 7.51 -39.24 12.58
CA GLY B 276 7.16 -38.51 13.78
C GLY B 276 5.67 -38.31 13.97
N LEU B 277 4.87 -38.81 13.04
CA LEU B 277 3.42 -38.66 13.13
C LEU B 277 2.74 -39.77 12.36
N ARG B 278 1.60 -40.22 12.88
CA ARG B 278 0.78 -41.22 12.22
C ARG B 278 -0.65 -40.71 12.16
N SER B 279 -1.37 -41.12 11.11
CA SER B 279 -2.74 -40.69 10.90
C SER B 279 -3.63 -41.91 10.71
N LEU B 280 -4.70 -41.98 11.50
CA LEU B 280 -5.65 -43.09 11.42
C LEU B 280 -7.06 -42.55 11.41
N LEU B 281 -7.93 -43.25 10.66
CA LEU B 281 -9.36 -42.99 10.67
C LEU B 281 -10.07 -44.33 10.80
N ASP B 282 -10.82 -44.49 11.89
CA ASP B 282 -11.53 -45.74 12.19
C ASP B 282 -10.58 -46.93 12.16
N ASN B 283 -9.41 -46.76 12.77
CA ASN B 283 -8.37 -47.79 12.85
C ASN B 283 -7.88 -48.20 11.47
N LYS B 284 -7.95 -47.29 10.50
CA LYS B 284 -7.43 -47.51 9.16
C LYS B 284 -6.47 -46.37 8.81
N GLN B 285 -5.30 -46.72 8.29
CA GLN B 285 -4.31 -45.71 7.94
C GLN B 285 -4.81 -44.89 6.76
N ALA B 286 -4.57 -43.58 6.81
CA ALA B 286 -5.07 -42.65 5.81
C ALA B 286 -4.26 -41.36 5.92
N VAL B 287 -4.63 -40.36 5.11
CA VAL B 287 -4.03 -39.05 5.17
C VAL B 287 -5.15 -38.02 5.31
N ALA B 288 -4.83 -36.87 5.90
CA ALA B 288 -5.81 -35.84 6.18
C ALA B 288 -5.33 -34.51 5.62
N ILE B 289 -6.26 -33.75 5.03
CA ILE B 289 -5.89 -32.43 4.50
C ILE B 289 -6.97 -31.44 4.90
N PRO B 290 -6.64 -30.46 5.76
CA PRO B 290 -7.57 -29.35 6.02
C PRO B 290 -7.41 -28.23 5.00
N ILE B 291 -8.51 -27.66 4.56
CA ILE B 291 -8.50 -26.50 3.68
C ILE B 291 -9.01 -25.30 4.46
N PHE B 292 -8.20 -24.25 4.51
CA PHE B 292 -8.47 -22.99 5.20
C PHE B 292 -9.01 -21.96 4.21
N GLN B 293 -9.23 -20.75 4.71
CA GLN B 293 -9.66 -19.63 3.89
C GLN B 293 -8.54 -18.61 3.73
N ALA B 294 -8.86 -17.55 2.98
CA ALA B 294 -8.09 -16.33 2.86
C ALA B 294 -8.97 -15.15 3.23
N PRO B 295 -8.42 -14.09 3.82
CA PRO B 295 -9.25 -12.96 4.24
C PRO B 295 -10.03 -12.37 3.08
N GLY B 296 -11.30 -12.06 3.35
CA GLY B 296 -12.16 -11.48 2.32
C GLY B 296 -12.60 -12.48 1.27
N ALA B 297 -13.34 -13.51 1.68
CA ALA B 297 -13.80 -14.54 0.76
C ALA B 297 -15.16 -15.05 1.22
N ASN B 298 -15.74 -15.93 0.40
CA ASN B 298 -17.05 -16.52 0.65
C ASN B 298 -16.86 -18.00 0.95
N ALA B 299 -17.48 -18.47 2.03
CA ALA B 299 -17.27 -19.85 2.47
C ALA B 299 -17.96 -20.86 1.56
N LEU B 300 -19.24 -20.62 1.24
CA LEU B 300 -20.01 -21.65 0.52
C LEU B 300 -19.51 -21.82 -0.91
N GLN B 301 -19.04 -20.73 -1.53
CA GLN B 301 -18.52 -20.82 -2.89
C GLN B 301 -17.28 -21.70 -2.94
N VAL B 302 -16.31 -21.45 -2.06
CA VAL B 302 -15.09 -22.25 -2.07
C VAL B 302 -15.40 -23.69 -1.65
N SER B 303 -16.34 -23.88 -0.73
CA SER B 303 -16.73 -25.24 -0.35
C SER B 303 -17.29 -26.01 -1.54
N ASP B 304 -18.19 -25.37 -2.30
CA ASP B 304 -18.77 -26.02 -3.47
C ASP B 304 -17.70 -26.33 -4.51
N GLN B 305 -16.79 -25.38 -4.75
CA GLN B 305 -15.70 -25.64 -5.69
C GLN B 305 -14.85 -26.82 -5.22
N VAL B 306 -14.58 -26.91 -3.92
CA VAL B 306 -13.77 -27.99 -3.38
C VAL B 306 -14.44 -29.34 -3.63
N ARG B 307 -15.73 -29.45 -3.30
CA ARG B 307 -16.38 -30.74 -3.48
C ARG B 307 -16.51 -31.09 -4.96
N SER B 308 -16.76 -30.09 -5.81
CA SER B 308 -16.85 -30.35 -7.24
C SER B 308 -15.52 -30.84 -7.81
N THR B 309 -14.41 -30.21 -7.42
CA THR B 309 -13.12 -30.63 -7.95
C THR B 309 -12.70 -31.97 -7.37
N MET B 310 -13.09 -32.27 -6.12
CA MET B 310 -12.82 -33.59 -5.58
C MET B 310 -13.59 -34.67 -6.34
N LYS B 311 -14.86 -34.39 -6.67
CA LYS B 311 -15.61 -35.34 -7.49
C LYS B 311 -14.98 -35.52 -8.86
N GLU B 312 -14.50 -34.42 -9.46
CA GLU B 312 -13.84 -34.53 -10.76
C GLU B 312 -12.57 -35.37 -10.67
N LEU B 313 -11.77 -35.18 -9.62
CA LEU B 313 -10.52 -35.92 -9.48
C LEU B 313 -10.77 -37.38 -9.11
N SER B 314 -11.93 -37.69 -8.51
CA SER B 314 -12.20 -39.05 -8.07
C SER B 314 -12.27 -40.04 -9.23
N LYS B 315 -12.45 -39.58 -10.47
CA LYS B 315 -12.57 -40.49 -11.60
C LYS B 315 -11.23 -41.16 -11.92
N ASP B 316 -10.13 -40.45 -11.75
CA ASP B 316 -8.81 -40.96 -12.10
C ASP B 316 -8.13 -41.70 -10.95
N PHE B 317 -8.81 -41.85 -9.82
CA PHE B 317 -8.21 -42.52 -8.68
C PHE B 317 -8.00 -44.00 -8.99
N PRO B 318 -6.84 -44.57 -8.64
CA PRO B 318 -6.64 -46.01 -8.81
C PRO B 318 -7.50 -46.82 -7.86
N SER B 319 -7.39 -48.15 -7.93
CA SER B 319 -8.15 -49.01 -7.05
C SER B 319 -7.61 -48.92 -5.61
N SER B 320 -8.47 -49.30 -4.67
CA SER B 320 -8.16 -49.31 -3.24
C SER B 320 -7.81 -47.92 -2.70
N ILE B 321 -8.19 -46.87 -3.42
CA ILE B 321 -7.98 -45.49 -2.97
C ILE B 321 -9.29 -44.73 -3.13
N LYS B 322 -9.75 -44.12 -2.04
CA LYS B 322 -10.97 -43.34 -2.06
C LYS B 322 -10.82 -42.13 -1.13
N TYR B 323 -11.63 -41.11 -1.39
CA TYR B 323 -11.65 -39.90 -0.58
C TYR B 323 -12.91 -39.85 0.25
N ASP B 324 -12.92 -38.94 1.23
CA ASP B 324 -14.03 -38.86 2.18
C ASP B 324 -14.01 -37.49 2.85
N ILE B 325 -15.15 -36.81 2.84
CA ILE B 325 -15.27 -35.53 3.52
C ILE B 325 -15.73 -35.78 4.96
N VAL B 326 -14.97 -35.27 5.92
CA VAL B 326 -15.22 -35.57 7.33
C VAL B 326 -15.92 -34.40 8.01
N TYR B 327 -15.28 -33.23 8.00
CA TYR B 327 -15.80 -32.06 8.69
C TYR B 327 -15.90 -30.89 7.73
N ASP B 328 -17.08 -30.26 7.71
CA ASP B 328 -17.37 -29.07 6.90
C ASP B 328 -18.06 -28.07 7.82
N PRO B 329 -17.31 -27.25 8.54
CA PRO B 329 -17.91 -26.33 9.52
C PRO B 329 -18.85 -25.31 8.90
N THR B 330 -18.72 -25.08 7.60
CA THR B 330 -19.51 -24.07 6.88
C THR B 330 -21.01 -24.32 6.93
N GLN B 331 -21.44 -25.46 7.50
CA GLN B 331 -22.83 -25.72 7.76
C GLN B 331 -23.42 -24.79 8.82
N PHE B 332 -22.56 -24.20 9.65
CA PHE B 332 -23.04 -23.41 10.79
C PHE B 332 -23.56 -22.04 10.39
N VAL B 333 -23.24 -21.56 9.19
CA VAL B 333 -23.79 -20.28 8.72
C VAL B 333 -25.01 -20.51 7.84
N ARG B 334 -24.93 -21.48 6.91
CA ARG B 334 -26.02 -21.73 5.97
C ARG B 334 -27.35 -21.85 6.69
N ALA B 335 -27.47 -22.83 7.59
CA ALA B 335 -28.71 -23.03 8.34
C ALA B 335 -29.16 -21.73 9.00
N SER B 336 -28.22 -21.00 9.60
CA SER B 336 -28.57 -19.74 10.24
C SER B 336 -29.30 -18.83 9.28
N ILE B 337 -28.75 -18.64 8.08
CA ILE B 337 -29.41 -17.80 7.07
C ILE B 337 -30.82 -18.29 6.84
N LYS B 338 -30.97 -19.61 6.65
CA LYS B 338 -32.30 -20.18 6.46
C LYS B 338 -33.25 -19.72 7.56
N ALA B 339 -32.83 -19.87 8.82
CA ALA B 339 -33.69 -19.48 9.92
C ALA B 339 -34.11 -18.04 9.78
N VAL B 340 -33.16 -17.15 9.48
CA VAL B 340 -33.48 -15.73 9.35
C VAL B 340 -34.59 -15.55 8.34
N VAL B 341 -34.42 -16.17 7.16
CA VAL B 341 -35.43 -16.02 6.11
C VAL B 341 -36.79 -16.46 6.63
N HIS B 342 -36.83 -17.65 7.26
CA HIS B 342 -38.07 -18.15 7.80
C HIS B 342 -38.72 -17.10 8.68
N THR B 343 -37.96 -16.56 9.63
CA THR B 343 -38.51 -15.57 10.55
C THR B 343 -39.16 -14.44 9.77
N LEU B 344 -38.42 -13.87 8.81
CA LEU B 344 -38.94 -12.75 8.05
C LEU B 344 -40.29 -13.11 7.46
N LEU B 345 -40.37 -14.27 6.80
CA LEU B 345 -41.63 -14.68 6.17
C LEU B 345 -42.74 -14.67 7.20
N GLU B 346 -42.53 -15.37 8.32
CA GLU B 346 -43.55 -15.43 9.36
C GLU B 346 -43.95 -14.02 9.76
N ALA B 347 -42.93 -13.18 10.04
CA ALA B 347 -43.21 -11.82 10.48
C ALA B 347 -44.16 -11.12 9.53
N ILE B 348 -43.88 -11.22 8.22
CA ILE B 348 -44.74 -10.57 7.24
C ILE B 348 -46.17 -11.04 7.43
N ALA B 349 -46.39 -12.36 7.36
CA ALA B 349 -47.74 -12.88 7.52
C ALA B 349 -48.36 -12.33 8.79
N LEU B 350 -47.58 -12.34 9.88
CA LEU B 350 -48.11 -11.92 11.18
C LEU B 350 -48.73 -10.54 11.08
N VAL B 351 -47.97 -9.56 10.57
CA VAL B 351 -48.47 -8.19 10.62
C VAL B 351 -49.73 -8.08 9.80
N VAL B 352 -49.79 -8.80 8.67
CA VAL B 352 -50.97 -8.72 7.81
C VAL B 352 -52.21 -9.05 8.63
N VAL B 353 -52.16 -10.18 9.35
CA VAL B 353 -53.31 -10.60 10.13
C VAL B 353 -53.69 -9.52 11.12
N VAL B 354 -52.70 -8.95 11.81
CA VAL B 354 -52.97 -7.93 12.80
C VAL B 354 -53.74 -6.79 12.17
N VAL B 355 -53.30 -6.33 11.00
CA VAL B 355 -53.99 -5.22 10.35
C VAL B 355 -55.42 -5.61 10.04
N ILE B 356 -55.61 -6.82 9.49
CA ILE B 356 -56.96 -7.28 9.16
C ILE B 356 -57.81 -7.34 10.41
N LEU B 357 -57.19 -7.65 11.56
CA LEU B 357 -57.95 -7.74 12.80
C LEU B 357 -58.34 -6.37 13.34
N PHE B 358 -57.58 -5.31 13.03
CA PHE B 358 -57.77 -4.03 13.69
C PHE B 358 -58.46 -3.01 12.79
N LEU B 359 -57.89 -2.71 11.63
CA LEU B 359 -58.50 -1.73 10.73
C LEU B 359 -59.71 -2.29 9.99
N GLN B 360 -59.83 -3.61 9.90
CA GLN B 360 -60.99 -4.27 9.28
C GLN B 360 -61.18 -3.83 7.83
N THR B 361 -60.09 -3.87 7.06
CA THR B 361 -60.15 -3.62 5.62
C THR B 361 -58.95 -4.28 4.94
N TRP B 362 -59.18 -4.83 3.75
CA TRP B 362 -58.12 -5.55 3.06
C TRP B 362 -57.16 -4.59 2.34
N ARG B 363 -57.64 -3.39 2.00
CA ARG B 363 -56.83 -2.47 1.21
C ARG B 363 -55.67 -1.87 2.01
N ALA B 364 -55.80 -1.78 3.33
CA ALA B 364 -54.74 -1.28 4.19
C ALA B 364 -53.73 -2.34 4.57
N SER B 365 -53.96 -3.59 4.17
CA SER B 365 -53.03 -4.68 4.42
C SER B 365 -52.05 -4.89 3.28
N ILE B 366 -51.76 -3.86 2.48
CA ILE B 366 -50.81 -4.00 1.38
C ILE B 366 -49.52 -3.22 1.64
N ILE B 367 -49.62 -2.02 2.21
CA ILE B 367 -48.45 -1.14 2.31
C ILE B 367 -47.24 -1.81 2.97
N PRO B 368 -47.38 -2.51 4.11
CA PRO B 368 -46.18 -3.14 4.70
C PRO B 368 -45.50 -4.14 3.77
N LEU B 369 -46.27 -4.89 2.97
CA LEU B 369 -45.68 -5.88 2.10
C LEU B 369 -44.84 -5.22 1.00
N LEU B 370 -45.14 -3.97 0.68
CA LEU B 370 -44.32 -3.22 -0.26
C LEU B 370 -43.36 -2.25 0.43
N ALA B 371 -43.38 -2.18 1.75
CA ALA B 371 -42.46 -1.32 2.49
C ALA B 371 -41.27 -2.06 3.06
N VAL B 372 -41.49 -3.28 3.57
CA VAL B 372 -40.38 -4.05 4.14
C VAL B 372 -39.35 -4.46 3.10
N PRO B 373 -39.70 -5.17 2.01
CA PRO B 373 -38.65 -5.71 1.13
C PRO B 373 -37.74 -4.65 0.55
N VAL B 374 -38.25 -3.47 0.23
CA VAL B 374 -37.43 -2.42 -0.37
C VAL B 374 -36.28 -2.05 0.57
N SER B 375 -36.60 -1.79 1.83
CA SER B 375 -35.57 -1.42 2.80
C SER B 375 -34.64 -2.60 3.09
N ILE B 376 -35.23 -3.78 3.32
CA ILE B 376 -34.45 -4.98 3.63
C ILE B 376 -33.50 -5.36 2.50
N ILE B 377 -33.79 -4.94 1.28
CA ILE B 377 -32.91 -5.20 0.15
C ILE B 377 -31.89 -4.09 -0.04
N GLY B 378 -32.33 -2.83 0.07
CA GLY B 378 -31.40 -1.71 -0.11
C GLY B 378 -30.34 -1.62 0.95
N THR B 379 -30.63 -2.11 2.16
CA THR B 379 -29.60 -2.13 3.19
C THR B 379 -28.39 -2.97 2.78
N PHE B 380 -28.60 -4.06 2.03
CA PHE B 380 -27.46 -4.85 1.56
C PHE B 380 -26.55 -4.00 0.68
N ALA B 381 -27.16 -3.23 -0.23
CA ALA B 381 -26.37 -2.34 -1.09
C ALA B 381 -25.62 -1.32 -0.26
N LEU B 382 -26.25 -0.80 0.79
CA LEU B 382 -25.59 0.23 1.59
C LEU B 382 -24.41 -0.36 2.38
N MET B 383 -24.57 -1.56 2.96
CA MET B 383 -23.43 -2.19 3.62
C MET B 383 -22.30 -2.49 2.63
N LEU B 384 -22.65 -2.95 1.41
CA LEU B 384 -21.61 -3.20 0.43
C LEU B 384 -20.88 -1.91 0.06
N ALA B 385 -21.62 -0.81 -0.03
CA ALA B 385 -20.99 0.48 -0.28
C ALA B 385 -20.06 0.87 0.87
N PHE B 386 -20.44 0.53 2.11
CA PHE B 386 -19.57 0.86 3.24
C PHE B 386 -18.48 -0.17 3.45
N GLY B 387 -18.51 -1.29 2.72
CA GLY B 387 -17.44 -2.27 2.80
C GLY B 387 -17.51 -3.16 4.03
N TYR B 388 -18.64 -3.82 4.23
CA TYR B 388 -18.82 -4.77 5.32
C TYR B 388 -19.05 -6.16 4.75
N SER B 389 -19.15 -7.14 5.65
CA SER B 389 -19.48 -8.50 5.29
C SER B 389 -20.56 -9.02 6.23
N ILE B 390 -21.51 -9.75 5.67
CA ILE B 390 -22.62 -10.29 6.44
C ILE B 390 -22.10 -11.46 7.27
N ASN B 391 -22.66 -11.62 8.47
CA ASN B 391 -22.23 -12.63 9.42
C ASN B 391 -23.38 -12.87 10.37
N ALA B 392 -23.09 -13.50 11.52
CA ALA B 392 -24.11 -13.66 12.53
C ALA B 392 -24.63 -12.32 13.04
N LEU B 393 -23.71 -11.39 13.30
CA LEU B 393 -24.11 -10.11 13.89
C LEU B 393 -24.99 -9.30 12.95
N SER B 394 -24.66 -9.26 11.66
CA SER B 394 -25.44 -8.46 10.72
C SER B 394 -26.85 -9.02 10.55
N LEU B 395 -26.96 -10.33 10.33
CA LEU B 395 -28.29 -10.94 10.19
C LEU B 395 -29.09 -10.80 11.48
N PHE B 396 -28.41 -10.88 12.63
CA PHE B 396 -29.06 -10.72 13.92
C PHE B 396 -29.64 -9.31 14.04
N GLY B 397 -28.85 -8.30 13.68
CA GLY B 397 -29.35 -6.93 13.70
C GLY B 397 -30.49 -6.70 12.72
N MET B 398 -30.44 -7.39 11.58
CA MET B 398 -31.54 -7.28 10.62
C MET B 398 -32.83 -7.85 11.18
N VAL B 399 -32.73 -9.03 11.81
CA VAL B 399 -33.88 -9.68 12.44
C VAL B 399 -34.38 -8.86 13.63
N LEU B 400 -33.54 -7.98 14.17
CA LEU B 400 -34.02 -7.05 15.19
C LEU B 400 -34.65 -5.79 14.60
N ALA B 401 -34.15 -5.30 13.46
CA ALA B 401 -34.64 -4.07 12.86
C ALA B 401 -35.94 -4.26 12.08
N ILE B 402 -36.31 -5.52 11.79
CA ILE B 402 -37.59 -5.77 11.15
C ILE B 402 -38.74 -5.16 11.95
N GLY B 403 -38.67 -5.24 13.28
CA GLY B 403 -39.72 -4.69 14.12
C GLY B 403 -39.82 -3.18 14.01
N ILE B 404 -38.67 -2.50 13.97
CA ILE B 404 -38.68 -1.06 13.79
C ILE B 404 -39.30 -0.68 12.44
N VAL B 405 -38.95 -1.42 11.38
CA VAL B 405 -39.52 -1.12 10.07
C VAL B 405 -41.03 -1.28 10.07
N VAL B 406 -41.53 -2.38 10.65
CA VAL B 406 -42.97 -2.63 10.60
C VAL B 406 -43.71 -1.61 11.46
N ASP B 407 -43.12 -1.23 12.59
CA ASP B 407 -43.72 -0.19 13.43
C ASP B 407 -43.79 1.14 12.67
N ASP B 408 -42.71 1.47 11.95
CA ASP B 408 -42.69 2.66 11.11
C ASP B 408 -43.79 2.67 10.06
N ALA B 409 -44.06 1.53 9.42
CA ALA B 409 -45.16 1.47 8.47
C ALA B 409 -46.51 1.59 9.19
N ILE B 410 -46.63 0.92 10.34
CA ILE B 410 -47.90 0.82 11.05
C ILE B 410 -48.37 2.18 11.55
N VAL B 411 -47.47 3.00 12.07
CA VAL B 411 -47.90 4.29 12.64
C VAL B 411 -48.54 5.16 11.57
N VAL B 412 -47.90 5.25 10.40
CA VAL B 412 -48.43 6.07 9.31
C VAL B 412 -49.73 5.47 8.79
N VAL B 413 -49.79 4.14 8.66
CA VAL B 413 -51.01 3.52 8.16
C VAL B 413 -52.18 3.79 9.09
N GLU B 414 -51.96 3.65 10.40
CA GLU B 414 -53.02 3.86 11.37
C GLU B 414 -53.44 5.32 11.42
N ASN B 415 -52.50 6.26 11.31
CA ASN B 415 -52.88 7.67 11.30
C ASN B 415 -53.74 7.99 10.08
N VAL B 416 -53.36 7.47 8.91
CA VAL B 416 -54.16 7.72 7.71
C VAL B 416 -55.54 7.09 7.85
N GLU B 417 -55.62 5.89 8.42
CA GLU B 417 -56.92 5.25 8.60
C GLU B 417 -57.80 6.03 9.56
N ARG B 418 -57.23 6.56 10.65
CA ARG B 418 -58.01 7.37 11.58
C ARG B 418 -58.52 8.64 10.91
N ASN B 419 -57.66 9.29 10.12
CA ASN B 419 -58.12 10.49 9.40
C ASN B 419 -59.23 10.15 8.42
N ILE B 420 -59.15 8.98 7.77
CA ILE B 420 -60.22 8.55 6.88
C ILE B 420 -61.51 8.33 7.66
N GLU B 421 -61.42 7.65 8.81
CA GLU B 421 -62.62 7.38 9.60
C GLU B 421 -63.21 8.66 10.17
N ALA B 422 -62.41 9.71 10.29
CA ALA B 422 -62.92 10.98 10.79
C ALA B 422 -64.00 11.55 9.88
N GLY B 423 -63.97 11.23 8.58
CA GLY B 423 -65.01 11.67 7.68
C GLY B 423 -64.56 12.52 6.51
N LEU B 424 -63.35 12.28 6.01
CA LEU B 424 -62.80 13.02 4.88
C LEU B 424 -62.42 12.07 3.75
N ASN B 425 -62.32 12.62 2.54
CA ASN B 425 -61.92 11.84 1.38
C ASN B 425 -60.45 11.44 1.49
N PRO B 426 -60.02 10.41 0.76
CA PRO B 426 -58.63 9.94 0.92
C PRO B 426 -57.57 10.99 0.71
N ARG B 427 -57.75 11.90 -0.26
CA ARG B 427 -56.69 12.86 -0.57
C ARG B 427 -56.47 13.84 0.58
N GLU B 428 -57.55 14.45 1.06
CA GLU B 428 -57.43 15.38 2.18
C GLU B 428 -57.02 14.66 3.47
N ALA B 429 -57.51 13.44 3.67
CA ALA B 429 -57.09 12.68 4.84
C ALA B 429 -55.60 12.42 4.82
N THR B 430 -55.06 12.04 3.66
CA THR B 430 -53.62 11.83 3.53
C THR B 430 -52.85 13.12 3.75
N TYR B 431 -53.35 14.23 3.20
CA TYR B 431 -52.71 15.52 3.43
C TYR B 431 -52.62 15.83 4.92
N ARG B 432 -53.74 15.72 5.62
CA ARG B 432 -53.76 16.04 7.05
C ARG B 432 -52.86 15.09 7.83
N ALA B 433 -52.89 13.79 7.49
CA ALA B 433 -52.08 12.82 8.22
C ALA B 433 -50.59 13.10 8.04
N MET B 434 -50.16 13.36 6.80
CA MET B 434 -48.75 13.58 6.57
C MET B 434 -48.30 14.98 6.95
N ARG B 435 -49.25 15.88 7.25
CA ARG B 435 -48.91 17.21 7.73
C ARG B 435 -48.23 17.18 9.10
N GLU B 436 -48.59 16.24 9.96
CA GLU B 436 -48.07 16.21 11.33
C GLU B 436 -47.28 14.94 11.63
N VAL B 437 -46.60 14.37 10.63
CA VAL B 437 -45.88 13.12 10.82
C VAL B 437 -44.43 13.28 10.38
N SER B 438 -44.19 14.18 9.42
CA SER B 438 -42.85 14.33 8.85
C SER B 438 -41.84 14.78 9.90
N GLY B 439 -42.20 15.77 10.71
CA GLY B 439 -41.32 16.27 11.74
C GLY B 439 -40.92 15.20 12.73
N PRO B 440 -41.90 14.55 13.37
CA PRO B 440 -41.56 13.47 14.30
C PRO B 440 -40.78 12.33 13.67
N ILE B 441 -41.07 11.92 12.43
CA ILE B 441 -40.35 10.79 11.85
C ILE B 441 -38.89 11.18 11.57
N ILE B 442 -38.66 12.39 11.06
CA ILE B 442 -37.29 12.86 10.91
C ILE B 442 -36.60 12.92 12.27
N ALA B 443 -37.33 13.34 13.31
CA ALA B 443 -36.75 13.45 14.64
C ALA B 443 -36.32 12.08 15.17
N ILE B 444 -37.17 11.07 15.05
CA ILE B 444 -36.83 9.76 15.59
C ILE B 444 -35.70 9.14 14.77
N ALA B 445 -35.70 9.36 13.44
CA ALA B 445 -34.57 8.89 12.65
C ALA B 445 -33.26 9.51 13.12
N LEU B 446 -33.26 10.83 13.36
CA LEU B 446 -32.05 11.51 13.78
C LEU B 446 -31.59 11.01 15.15
N THR B 447 -32.51 10.83 16.09
CA THR B 447 -32.09 10.40 17.42
C THR B 447 -31.66 8.94 17.44
N LEU B 448 -32.27 8.09 16.61
CA LEU B 448 -31.78 6.71 16.50
C LEU B 448 -30.37 6.69 15.93
N VAL B 449 -30.11 7.52 14.92
CA VAL B 449 -28.75 7.61 14.39
C VAL B 449 -27.79 8.09 15.47
N ALA B 450 -28.19 9.11 16.23
CA ALA B 450 -27.33 9.66 17.28
C ALA B 450 -27.08 8.67 18.41
N VAL B 451 -28.02 7.75 18.67
CA VAL B 451 -27.83 6.76 19.72
C VAL B 451 -27.14 5.50 19.23
N PHE B 452 -27.12 5.24 17.92
CA PHE B 452 -26.51 4.02 17.41
C PHE B 452 -25.11 4.22 16.86
N VAL B 453 -24.85 5.35 16.19
CA VAL B 453 -23.55 5.54 15.53
C VAL B 453 -22.39 5.54 16.52
N PRO B 454 -22.40 6.32 17.61
CA PRO B 454 -21.22 6.36 18.49
C PRO B 454 -20.93 5.04 19.21
N LEU B 455 -21.93 4.18 19.36
CA LEU B 455 -21.73 2.95 20.12
C LEU B 455 -20.86 1.95 19.37
N ALA B 456 -20.52 2.23 18.12
CA ALA B 456 -19.64 1.38 17.34
C ALA B 456 -18.17 1.74 17.49
N PHE B 457 -17.85 2.71 18.35
CA PHE B 457 -16.50 3.20 18.50
C PHE B 457 -15.78 2.64 19.74
N MET B 458 -16.29 1.56 20.32
CA MET B 458 -15.59 0.93 21.44
C MET B 458 -14.25 0.35 20.98
N THR B 459 -13.30 0.30 21.91
CA THR B 459 -12.03 -0.35 21.67
C THR B 459 -12.04 -1.77 22.23
N GLY B 460 -11.30 -2.65 21.57
CA GLY B 460 -11.22 -4.04 22.00
C GLY B 460 -12.18 -4.95 21.26
N LEU B 461 -12.27 -6.18 21.78
CA LEU B 461 -13.11 -7.20 21.17
C LEU B 461 -14.58 -6.81 21.19
N THR B 462 -15.04 -6.22 22.30
CA THR B 462 -16.45 -5.89 22.44
C THR B 462 -16.90 -4.91 21.36
N GLY B 463 -16.11 -3.87 21.12
CA GLY B 463 -16.45 -2.94 20.04
C GLY B 463 -16.36 -3.60 18.67
N GLN B 464 -15.41 -4.51 18.50
CA GLN B 464 -15.30 -5.24 17.25
C GLN B 464 -16.58 -6.01 16.96
N PHE B 465 -17.18 -6.60 17.98
CA PHE B 465 -18.46 -7.29 17.79
C PHE B 465 -19.63 -6.31 17.68
N TYR B 466 -19.50 -5.13 18.30
CA TYR B 466 -20.62 -4.18 18.33
C TYR B 466 -20.78 -3.42 17.01
N LYS B 467 -19.67 -3.17 16.32
CA LYS B 467 -19.68 -2.22 15.20
C LYS B 467 -20.59 -2.68 14.07
N GLN B 468 -20.50 -3.95 13.68
CA GLN B 468 -21.28 -4.43 12.56
C GLN B 468 -22.77 -4.33 12.85
N PHE B 469 -23.19 -4.77 14.04
CA PHE B 469 -24.59 -4.70 14.43
C PHE B 469 -25.08 -3.26 14.42
N ALA B 470 -24.31 -2.35 15.03
CA ALA B 470 -24.75 -0.96 15.13
C ALA B 470 -24.87 -0.32 13.75
N MET B 471 -23.87 -0.52 12.90
CA MET B 471 -23.90 0.07 11.57
C MET B 471 -25.06 -0.49 10.75
N THR B 472 -25.28 -1.81 10.81
CA THR B 472 -26.36 -2.41 10.04
C THR B 472 -27.71 -1.87 10.49
N ILE B 473 -27.94 -1.79 11.80
CA ILE B 473 -29.24 -1.34 12.28
C ILE B 473 -29.45 0.14 11.96
N ALA B 474 -28.40 0.96 12.07
CA ALA B 474 -28.54 2.37 11.73
C ALA B 474 -28.85 2.56 10.25
N ILE B 475 -28.16 1.81 9.39
CA ILE B 475 -28.41 1.91 7.95
C ILE B 475 -29.84 1.48 7.63
N SER B 476 -30.29 0.38 8.23
CA SER B 476 -31.65 -0.10 7.99
C SER B 476 -32.68 0.93 8.47
N THR B 477 -32.42 1.56 9.62
CA THR B 477 -33.34 2.57 10.12
C THR B 477 -33.42 3.76 9.18
N VAL B 478 -32.28 4.23 8.67
CA VAL B 478 -32.29 5.37 7.77
C VAL B 478 -33.05 5.04 6.49
N ILE B 479 -32.79 3.86 5.92
CA ILE B 479 -33.46 3.48 4.68
C ILE B 479 -34.96 3.32 4.91
N SER B 480 -35.35 2.75 6.05
CA SER B 480 -36.77 2.58 6.36
C SER B 480 -37.46 3.93 6.54
N ALA B 481 -36.78 4.89 7.18
CA ALA B 481 -37.36 6.23 7.30
C ALA B 481 -37.55 6.88 5.94
N PHE B 482 -36.55 6.75 5.06
CA PHE B 482 -36.70 7.31 3.72
C PHE B 482 -37.85 6.66 2.97
N ASN B 483 -37.99 5.33 3.10
CA ASN B 483 -39.09 4.64 2.43
C ASN B 483 -40.44 5.07 2.99
N SER B 484 -40.53 5.25 4.31
CA SER B 484 -41.79 5.68 4.91
C SER B 484 -42.15 7.09 4.48
N LEU B 485 -41.15 7.95 4.27
CA LEU B 485 -41.44 9.32 3.83
C LEU B 485 -41.98 9.38 2.40
N THR B 486 -41.71 8.36 1.57
CA THR B 486 -42.03 8.45 0.14
C THR B 486 -43.12 7.45 -0.26
N LEU B 487 -42.92 6.15 -0.06
CA LEU B 487 -43.82 5.16 -0.65
C LEU B 487 -45.17 5.14 0.06
N SER B 488 -45.16 5.19 1.39
CA SER B 488 -46.39 4.95 2.15
C SER B 488 -47.51 5.93 1.85
N PRO B 489 -47.30 7.26 1.87
CA PRO B 489 -48.44 8.16 1.62
C PRO B 489 -49.07 7.99 0.25
N ALA B 490 -48.27 7.74 -0.78
CA ALA B 490 -48.82 7.57 -2.13
C ALA B 490 -49.68 6.31 -2.22
N LEU B 491 -49.17 5.20 -1.68
CA LEU B 491 -49.95 3.97 -1.68
C LEU B 491 -51.23 4.12 -0.87
N ALA B 492 -51.14 4.82 0.27
CA ALA B 492 -52.34 5.05 1.09
C ALA B 492 -53.37 5.87 0.33
N ALA B 493 -52.92 6.90 -0.40
CA ALA B 493 -53.85 7.71 -1.18
C ALA B 493 -54.43 6.93 -2.35
N LEU B 494 -53.66 6.00 -2.93
CA LEU B 494 -54.14 5.25 -4.09
C LEU B 494 -55.12 4.16 -3.68
N LEU B 495 -54.68 3.22 -2.83
CA LEU B 495 -55.48 2.03 -2.56
C LEU B 495 -56.69 2.32 -1.69
N LEU B 496 -56.52 3.12 -0.65
CA LEU B 496 -57.61 3.35 0.29
C LEU B 496 -58.77 4.06 -0.38
N LYS B 497 -59.98 3.72 0.05
CA LYS B 497 -61.21 4.29 -0.48
C LYS B 497 -62.07 4.79 0.67
N GLY B 498 -63.07 5.61 0.34
CA GLY B 498 -63.93 6.18 1.33
C GLY B 498 -64.83 5.16 2.00
N HIS B 499 -65.43 5.56 3.12
CA HIS B 499 -66.28 4.67 3.87
C HIS B 499 -67.63 4.47 3.18
N ASP B 500 -68.07 5.47 2.44
CA ASP B 500 -69.35 5.41 1.71
C ASP B 500 -69.08 4.97 0.27
N ALA B 501 -68.70 3.70 0.12
CA ALA B 501 -68.38 3.12 -1.17
C ALA B 501 -69.01 1.74 -1.27
N LYS B 502 -69.29 1.32 -2.49
CA LYS B 502 -69.88 0.01 -2.74
C LYS B 502 -68.86 -1.09 -2.49
N PRO B 503 -69.13 -2.06 -1.62
CA PRO B 503 -68.15 -3.11 -1.36
C PRO B 503 -67.91 -3.97 -2.59
N ASP B 504 -66.68 -4.49 -2.69
CA ASP B 504 -66.29 -5.38 -3.77
C ASP B 504 -66.52 -6.83 -3.33
N ALA B 505 -66.09 -7.78 -4.17
CA ALA B 505 -66.27 -9.19 -3.85
C ALA B 505 -65.48 -9.61 -2.63
N LEU B 506 -64.21 -9.17 -2.54
CA LEU B 506 -63.38 -9.52 -1.40
C LEU B 506 -63.94 -8.95 -0.10
N THR B 507 -64.40 -7.69 -0.15
CA THR B 507 -65.02 -7.09 1.03
C THR B 507 -66.29 -7.83 1.41
N ARG B 508 -67.09 -8.24 0.43
CA ARG B 508 -68.31 -8.99 0.72
C ARG B 508 -67.98 -10.31 1.40
N ILE B 509 -66.97 -11.03 0.90
CA ILE B 509 -66.59 -12.30 1.50
C ILE B 509 -66.10 -12.10 2.92
N MET B 510 -65.21 -11.12 3.12
CA MET B 510 -64.65 -10.89 4.45
C MET B 510 -65.74 -10.49 5.43
N ASN B 511 -66.71 -9.69 4.99
CA ASN B 511 -67.83 -9.34 5.85
C ASN B 511 -68.65 -10.58 6.21
N ARG B 512 -69.08 -11.34 5.20
CA ARG B 512 -69.92 -12.50 5.44
C ARG B 512 -69.22 -13.56 6.28
N VAL B 513 -67.89 -13.52 6.37
CA VAL B 513 -67.18 -14.48 7.22
C VAL B 513 -66.94 -13.93 8.62
N PHE B 514 -66.57 -12.65 8.76
CA PHE B 514 -66.07 -12.15 10.04
C PHE B 514 -66.89 -11.00 10.61
N GLY B 515 -68.15 -10.84 10.21
CA GLY B 515 -68.94 -9.72 10.71
C GLY B 515 -69.15 -9.75 12.21
N ARG B 516 -69.57 -10.90 12.73
CA ARG B 516 -69.83 -11.01 14.17
C ARG B 516 -68.54 -10.87 14.97
N PHE B 517 -67.46 -11.49 14.49
CA PHE B 517 -66.17 -11.36 15.17
C PHE B 517 -65.73 -9.90 15.21
N PHE B 518 -65.88 -9.19 14.09
CA PHE B 518 -65.47 -7.78 14.05
C PHE B 518 -66.31 -6.94 15.01
N ALA B 519 -67.62 -7.17 15.05
CA ALA B 519 -68.47 -6.39 15.95
C ALA B 519 -68.12 -6.64 17.41
N LEU B 520 -67.94 -7.91 17.79
CA LEU B 520 -67.57 -8.22 19.16
C LEU B 520 -66.22 -7.62 19.52
N PHE B 521 -65.25 -7.70 18.60
CA PHE B 521 -63.94 -7.11 18.84
C PHE B 521 -64.04 -5.61 19.02
N ASN B 522 -64.86 -4.95 18.20
CA ASN B 522 -65.03 -3.50 18.33
C ASN B 522 -65.61 -3.13 19.69
N ARG B 523 -66.64 -3.87 20.14
CA ARG B 523 -67.24 -3.55 21.43
C ARG B 523 -66.24 -3.76 22.57
N VAL B 524 -65.50 -4.87 22.53
CA VAL B 524 -64.52 -5.15 23.57
C VAL B 524 -63.44 -4.08 23.59
N PHE B 525 -62.97 -3.69 22.41
CA PHE B 525 -61.93 -2.66 22.32
C PHE B 525 -62.43 -1.33 22.86
N SER B 526 -63.68 -0.97 22.55
CA SER B 526 -64.23 0.28 23.07
C SER B 526 -64.31 0.26 24.59
N ARG B 527 -64.80 -0.85 25.17
CA ARG B 527 -64.88 -0.93 26.62
C ARG B 527 -63.50 -0.85 27.26
N ALA B 528 -62.52 -1.55 26.67
CA ALA B 528 -61.16 -1.50 27.20
C ALA B 528 -60.58 -0.10 27.10
N SER B 529 -60.85 0.60 26.00
CA SER B 529 -60.37 1.96 25.85
C SER B 529 -60.96 2.89 26.91
N ASP B 530 -62.27 2.75 27.18
CA ASP B 530 -62.89 3.57 28.22
C ASP B 530 -62.27 3.27 29.59
N ARG B 531 -62.06 2.00 29.91
CA ARG B 531 -61.47 1.65 31.19
C ARG B 531 -60.06 2.20 31.32
N TYR B 532 -59.26 2.10 30.24
CA TYR B 532 -57.89 2.62 30.29
C TYR B 532 -57.89 4.14 30.40
N SER B 533 -58.83 4.81 29.75
CA SER B 533 -58.94 6.26 29.88
C SER B 533 -59.25 6.65 31.32
N GLN B 534 -60.17 5.94 31.97
CA GLN B 534 -60.44 6.20 33.37
C GLN B 534 -59.19 5.97 34.22
N GLY B 535 -58.46 4.89 33.95
CA GLY B 535 -57.26 4.61 34.72
C GLY B 535 -56.19 5.69 34.57
N VAL B 536 -55.95 6.13 33.34
CA VAL B 536 -54.91 7.13 33.12
C VAL B 536 -55.36 8.49 33.67
N SER B 537 -56.66 8.78 33.64
CA SER B 537 -57.14 9.99 34.29
C SER B 537 -56.95 9.94 35.79
N ARG B 538 -57.15 8.77 36.40
CA ARG B 538 -56.99 8.65 37.84
C ARG B 538 -55.52 8.72 38.25
N VAL B 539 -54.62 8.14 37.46
CA VAL B 539 -53.23 8.00 37.90
C VAL B 539 -52.54 9.37 37.96
N ILE B 540 -53.03 10.35 37.19
CA ILE B 540 -52.34 11.65 37.11
C ILE B 540 -52.45 12.40 38.43
N SER B 541 -53.60 12.32 39.11
CA SER B 541 -53.83 13.15 40.29
C SER B 541 -52.81 12.85 41.39
N HIS B 542 -52.53 11.58 41.64
CA HIS B 542 -51.54 11.18 42.64
C HIS B 542 -50.19 11.09 41.94
N LYS B 543 -49.32 12.07 42.21
CA LYS B 543 -48.05 12.19 41.50
C LYS B 543 -46.83 12.00 42.38
N ALA B 544 -46.91 12.30 43.68
CA ALA B 544 -45.76 12.09 44.56
C ALA B 544 -45.47 10.60 44.73
N SER B 545 -46.52 9.78 44.86
CA SER B 545 -46.32 8.34 44.94
C SER B 545 -45.68 7.81 43.66
N ALA B 546 -46.01 8.42 42.52
CA ALA B 546 -45.36 8.03 41.27
C ALA B 546 -43.86 8.29 41.34
N MET B 547 -43.46 9.44 41.89
CA MET B 547 -42.04 9.74 42.01
C MET B 547 -41.35 8.78 42.98
N GLY B 548 -42.02 8.45 44.08
CA GLY B 548 -41.44 7.48 45.01
C GLY B 548 -41.28 6.11 44.38
N VAL B 549 -42.28 5.66 43.62
CA VAL B 549 -42.20 4.38 42.94
C VAL B 549 -41.09 4.40 41.89
N TYR B 550 -40.96 5.52 41.19
CA TYR B 550 -39.88 5.65 40.21
C TYR B 550 -38.52 5.57 40.86
N ALA B 551 -38.34 6.23 42.01
CA ALA B 551 -37.07 6.15 42.73
C ALA B 551 -36.81 4.72 43.20
N ALA B 552 -37.83 4.04 43.69
CA ALA B 552 -37.67 2.66 44.15
C ALA B 552 -37.25 1.75 43.00
N LEU B 553 -37.89 1.89 41.84
CA LEU B 553 -37.52 1.06 40.69
C LEU B 553 -36.13 1.41 40.17
N LEU B 554 -35.77 2.70 40.22
CA LEU B 554 -34.43 3.09 39.79
C LEU B 554 -33.37 2.46 40.69
N GLY B 555 -33.61 2.44 42.00
CA GLY B 555 -32.69 1.75 42.89
C GLY B 555 -32.67 0.25 42.65
N LEU B 556 -33.83 -0.35 42.42
CA LEU B 556 -33.90 -1.79 42.17
C LEU B 556 -33.16 -2.16 40.89
N THR B 557 -33.12 -1.25 39.92
CA THR B 557 -32.42 -1.56 38.66
C THR B 557 -30.93 -1.77 38.91
N VAL B 558 -30.28 -0.83 39.60
CA VAL B 558 -28.88 -1.00 39.93
C VAL B 558 -28.69 -2.13 40.94
N GLY B 559 -29.73 -2.46 41.71
CA GLY B 559 -29.64 -3.61 42.59
C GLY B 559 -29.55 -4.92 41.84
N ILE B 560 -30.38 -5.08 40.80
CA ILE B 560 -30.38 -6.33 40.05
C ILE B 560 -29.23 -6.37 39.05
N SER B 561 -28.70 -5.21 38.65
CA SER B 561 -27.59 -5.19 37.72
C SER B 561 -26.32 -5.84 38.28
N TYR B 562 -26.25 -6.06 39.60
CA TYR B 562 -25.06 -6.59 40.25
C TYR B 562 -25.18 -8.03 40.72
N ILE B 563 -26.23 -8.75 40.35
CA ILE B 563 -26.35 -10.15 40.75
C ILE B 563 -26.23 -11.14 39.58
N VAL B 564 -26.26 -10.66 38.35
CA VAL B 564 -26.15 -11.54 37.18
C VAL B 564 -24.67 -11.79 36.88
N PRO B 565 -24.24 -13.05 36.79
CA PRO B 565 -22.83 -13.31 36.48
C PRO B 565 -22.47 -12.89 35.06
N GLY B 566 -21.23 -12.45 34.89
CA GLY B 566 -20.79 -11.95 33.60
C GLY B 566 -20.35 -13.03 32.64
N GLY B 567 -20.05 -12.61 31.41
CA GLY B 567 -19.59 -13.52 30.38
C GLY B 567 -19.35 -12.81 29.06
N PHE B 568 -18.67 -13.48 28.13
CA PHE B 568 -18.38 -12.90 26.82
C PHE B 568 -19.10 -13.61 25.68
N VAL B 569 -18.89 -14.91 25.53
CA VAL B 569 -19.58 -15.70 24.50
C VAL B 569 -20.04 -17.01 25.15
N PRO B 570 -21.31 -17.39 24.99
CA PRO B 570 -21.76 -18.66 25.57
C PRO B 570 -21.12 -19.85 24.88
N ALA B 571 -20.96 -20.93 25.63
CA ALA B 571 -20.38 -22.15 25.11
C ALA B 571 -21.43 -22.91 24.30
N GLN B 572 -21.14 -23.17 23.04
CA GLN B 572 -22.06 -23.83 22.13
C GLN B 572 -21.51 -25.19 21.74
N ASP B 573 -22.29 -25.94 20.97
CA ASP B 573 -21.90 -27.24 20.47
C ASP B 573 -21.60 -27.16 18.98
N LYS B 574 -20.42 -27.63 18.58
CA LYS B 574 -19.97 -27.56 17.20
C LYS B 574 -19.74 -28.96 16.62
N GLN B 575 -20.40 -29.97 17.18
CA GLN B 575 -20.45 -31.34 16.65
C GLN B 575 -19.10 -32.06 16.68
N TYR B 576 -18.21 -31.70 17.60
CA TYR B 576 -17.02 -32.51 17.81
C TYR B 576 -16.55 -32.36 19.24
N LEU B 577 -15.85 -33.38 19.72
CA LEU B 577 -15.30 -33.43 21.08
C LEU B 577 -13.83 -33.82 20.99
N ILE B 578 -13.05 -33.39 21.96
CA ILE B 578 -11.60 -33.64 21.96
C ILE B 578 -11.29 -34.64 23.06
N SER B 579 -10.41 -35.59 22.78
CA SER B 579 -9.92 -36.53 23.79
C SER B 579 -8.40 -36.52 23.75
N PHE B 580 -7.80 -36.29 24.90
CA PHE B 580 -6.34 -36.24 25.05
C PHE B 580 -5.87 -37.43 25.86
N ALA B 581 -4.85 -38.13 25.35
CA ALA B 581 -4.25 -39.26 26.04
C ALA B 581 -2.78 -38.95 26.27
N GLN B 582 -2.32 -39.13 27.50
CA GLN B 582 -0.94 -38.88 27.89
C GLN B 582 -0.37 -40.13 28.53
N LEU B 583 0.72 -40.63 27.96
CA LEU B 583 1.46 -41.77 28.48
C LEU B 583 2.52 -41.30 29.47
N PRO B 584 3.02 -42.19 30.32
CA PRO B 584 4.17 -41.84 31.15
C PRO B 584 5.37 -41.45 30.29
N ASN B 585 6.15 -40.50 30.79
CA ASN B 585 7.24 -39.93 30.01
C ASN B 585 8.27 -40.99 29.63
N GLY B 586 8.86 -40.82 28.45
CA GLY B 586 9.80 -41.78 27.92
C GLY B 586 9.19 -42.93 27.15
N ALA B 587 7.88 -42.93 26.95
CA ALA B 587 7.22 -44.00 26.21
C ALA B 587 7.47 -43.84 24.72
N SER B 588 7.41 -44.96 24.01
CA SER B 588 7.63 -45.00 22.57
C SER B 588 6.32 -44.76 21.84
N LEU B 589 6.41 -44.72 20.50
CA LEU B 589 5.23 -44.46 19.68
C LEU B 589 4.32 -45.66 19.58
N ASP B 590 4.85 -46.87 19.69
CA ASP B 590 4.02 -48.08 19.59
C ASP B 590 3.01 -48.16 20.72
N ARG B 591 3.44 -47.83 21.94
CA ARG B 591 2.54 -47.91 23.09
C ARG B 591 1.37 -46.95 22.94
N THR B 592 1.65 -45.69 22.59
CA THR B 592 0.57 -44.72 22.44
C THR B 592 -0.27 -45.05 21.22
N GLU B 593 0.32 -45.65 20.19
CA GLU B 593 -0.46 -46.12 19.05
C GLU B 593 -1.47 -47.16 19.47
N ALA B 594 -1.04 -48.15 20.26
CA ALA B 594 -1.95 -49.18 20.72
C ALA B 594 -3.03 -48.61 21.64
N VAL B 595 -2.64 -47.68 22.52
CA VAL B 595 -3.61 -47.07 23.43
C VAL B 595 -4.65 -46.28 22.65
N ILE B 596 -4.21 -45.53 21.63
CA ILE B 596 -5.14 -44.74 20.83
C ILE B 596 -6.06 -45.64 20.03
N ARG B 597 -5.52 -46.76 19.51
CA ARG B 597 -6.37 -47.71 18.80
C ARG B 597 -7.43 -48.30 19.72
N LYS B 598 -7.06 -48.67 20.94
CA LYS B 598 -8.05 -49.16 21.90
C LYS B 598 -9.09 -48.10 22.22
N MET B 599 -8.64 -46.84 22.38
CA MET B 599 -9.57 -45.75 22.65
C MET B 599 -10.58 -45.58 21.52
N SER B 600 -10.11 -45.62 20.27
CA SER B 600 -11.00 -45.47 19.13
C SER B 600 -11.96 -46.65 19.02
N ASP B 601 -11.47 -47.86 19.27
CA ASP B 601 -12.34 -49.03 19.24
C ASP B 601 -13.44 -48.93 20.29
N THR B 602 -13.08 -48.47 21.49
CA THR B 602 -14.08 -48.29 22.54
C THR B 602 -15.07 -47.18 22.19
N ALA B 603 -14.59 -46.09 21.60
CA ALA B 603 -15.45 -44.95 21.32
C ALA B 603 -16.42 -45.21 20.17
N LEU B 604 -15.99 -45.97 19.16
CA LEU B 604 -16.85 -46.22 18.00
C LEU B 604 -18.13 -46.95 18.34
N LYS B 605 -18.18 -47.66 19.45
CA LYS B 605 -19.36 -48.41 19.86
C LYS B 605 -20.41 -47.55 20.55
N GLN B 606 -20.10 -46.29 20.85
CA GLN B 606 -21.04 -45.43 21.54
C GLN B 606 -22.19 -45.06 20.61
N PRO B 607 -23.44 -45.06 21.10
CA PRO B 607 -24.58 -44.78 20.21
C PRO B 607 -24.52 -43.41 19.53
N GLY B 608 -24.03 -42.39 20.22
CA GLY B 608 -24.12 -41.03 19.70
C GLY B 608 -23.06 -40.61 18.73
N VAL B 609 -21.88 -41.20 18.82
CA VAL B 609 -20.75 -40.78 17.98
C VAL B 609 -20.93 -41.29 16.55
N GLU B 610 -20.18 -40.70 15.64
CA GLU B 610 -20.22 -41.08 14.23
C GLU B 610 -18.85 -41.38 13.65
N SER B 611 -17.83 -40.61 14.01
CA SER B 611 -16.48 -40.86 13.49
C SER B 611 -15.45 -40.53 14.56
N ALA B 612 -14.28 -41.17 14.42
CA ALA B 612 -13.15 -40.93 15.32
C ALA B 612 -11.91 -40.72 14.48
N VAL B 613 -11.27 -39.56 14.65
CA VAL B 613 -10.04 -39.21 13.94
C VAL B 613 -8.90 -39.22 14.94
N ALA B 614 -7.89 -40.05 14.69
CA ALA B 614 -6.80 -40.27 15.64
C ALA B 614 -5.53 -39.62 15.12
N PHE B 615 -4.78 -39.00 16.03
CA PHE B 615 -3.47 -38.42 15.72
C PHE B 615 -2.47 -38.85 16.78
N PRO B 616 -2.01 -40.10 16.74
CA PRO B 616 -1.00 -40.55 17.70
C PRO B 616 0.31 -39.83 17.48
N GLY B 617 0.82 -39.19 18.53
CA GLY B 617 2.08 -38.50 18.47
C GLY B 617 2.00 -37.00 18.33
N LEU B 618 0.85 -36.39 18.58
CA LEU B 618 0.69 -34.95 18.49
C LEU B 618 -0.05 -34.44 19.72
N SER B 619 0.43 -33.32 20.26
CA SER B 619 -0.08 -32.77 21.50
C SER B 619 -0.80 -31.44 21.25
N ILE B 620 -1.32 -30.86 22.33
CA ILE B 620 -2.03 -29.60 22.25
C ILE B 620 -1.17 -28.40 22.65
N ASN B 621 -0.09 -28.61 23.41
CA ASN B 621 0.78 -27.53 23.85
C ASN B 621 1.64 -27.07 22.67
N GLY B 622 1.02 -26.28 21.79
CA GLY B 622 1.68 -25.78 20.61
C GLY B 622 1.48 -26.62 19.37
N PHE B 623 0.70 -27.70 19.45
CA PHE B 623 0.46 -28.59 18.31
C PHE B 623 1.77 -29.12 17.72
N THR B 624 2.68 -29.50 18.61
CA THR B 624 3.96 -30.08 18.22
C THR B 624 3.86 -31.61 18.24
N ASN B 625 4.99 -32.26 18.00
CA ASN B 625 5.06 -33.72 17.99
C ASN B 625 5.71 -34.21 19.28
N SER B 626 5.00 -35.10 19.99
CA SER B 626 5.53 -35.74 21.18
C SER B 626 5.26 -37.23 21.10
N SER B 627 6.22 -38.02 21.57
CA SER B 627 6.17 -39.47 21.46
C SER B 627 5.29 -40.13 22.51
N SER B 628 4.77 -39.37 23.47
CA SER B 628 3.97 -39.91 24.57
C SER B 628 2.70 -39.10 24.75
N ALA B 629 2.01 -38.82 23.65
CA ALA B 629 0.76 -38.06 23.69
C ALA B 629 -0.04 -38.36 22.44
N GLY B 630 -1.34 -38.13 22.53
CA GLY B 630 -2.23 -38.39 21.40
C GLY B 630 -3.56 -37.71 21.56
N ILE B 631 -4.20 -37.45 20.42
CA ILE B 631 -5.50 -36.78 20.37
C ILE B 631 -6.46 -37.59 19.53
N VAL B 632 -7.73 -37.61 19.94
CA VAL B 632 -8.80 -38.22 19.19
C VAL B 632 -9.93 -37.21 19.09
N PHE B 633 -10.28 -36.84 17.86
CA PHE B 633 -11.46 -36.01 17.59
C PHE B 633 -12.65 -36.91 17.37
N VAL B 634 -13.71 -36.68 18.14
CA VAL B 634 -14.94 -37.45 18.02
C VAL B 634 -15.96 -36.58 17.29
N THR B 635 -16.39 -37.02 16.12
CA THR B 635 -17.37 -36.31 15.30
C THR B 635 -18.73 -36.96 15.48
N LEU B 636 -19.73 -36.15 15.81
CA LEU B 636 -21.03 -36.62 16.24
C LEU B 636 -21.98 -36.76 15.05
N LYS B 637 -23.13 -37.37 15.31
CA LYS B 637 -24.17 -37.56 14.32
C LYS B 637 -24.83 -36.22 13.98
N PRO B 638 -25.52 -36.14 12.83
CA PRO B 638 -26.22 -34.91 12.48
C PRO B 638 -27.25 -34.52 13.54
N PHE B 639 -27.55 -33.22 13.58
CA PHE B 639 -28.37 -32.67 14.66
C PHE B 639 -29.77 -33.26 14.69
N ASP B 640 -30.28 -33.74 13.55
CA ASP B 640 -31.63 -34.27 13.52
C ASP B 640 -31.74 -35.63 14.19
N GLU B 641 -30.67 -36.43 14.16
CA GLU B 641 -30.70 -37.74 14.81
C GLU B 641 -30.62 -37.61 16.33
N ARG B 642 -29.82 -36.68 16.84
CA ARG B 642 -29.60 -36.52 18.28
C ARG B 642 -30.56 -35.48 18.86
N LYS B 643 -31.85 -35.85 18.90
CA LYS B 643 -32.87 -34.99 19.47
C LYS B 643 -33.23 -35.33 20.90
N ALA B 644 -32.79 -36.48 21.41
CA ALA B 644 -33.11 -36.87 22.77
C ALA B 644 -32.26 -36.10 23.78
N LYS B 645 -32.76 -36.04 25.01
CA LYS B 645 -32.03 -35.37 26.08
C LYS B 645 -30.77 -36.12 26.49
N ASP B 646 -30.75 -37.45 26.32
CA ASP B 646 -29.58 -38.25 26.64
C ASP B 646 -28.53 -38.23 25.54
N LEU B 647 -28.82 -37.59 24.40
CA LEU B 647 -27.89 -37.51 23.29
C LEU B 647 -27.23 -36.15 23.16
N SER B 648 -27.29 -35.34 24.22
CA SER B 648 -26.62 -34.04 24.21
C SER B 648 -25.10 -34.23 24.30
N ALA B 649 -24.38 -33.15 23.98
CA ALA B 649 -22.92 -33.22 23.99
C ALA B 649 -22.37 -33.52 25.37
N ASN B 650 -22.96 -32.92 26.40
CA ASN B 650 -22.46 -33.12 27.76
C ASN B 650 -22.68 -34.57 28.20
N ALA B 651 -23.82 -35.16 27.86
CA ALA B 651 -24.07 -36.56 28.19
C ALA B 651 -23.07 -37.47 27.49
N ILE B 652 -22.77 -37.18 26.22
CA ILE B 652 -21.77 -37.95 25.48
C ILE B 652 -20.41 -37.84 26.16
N ALA B 653 -20.03 -36.62 26.57
CA ALA B 653 -18.74 -36.44 27.23
C ALA B 653 -18.69 -37.20 28.54
N GLY B 654 -19.76 -37.16 29.33
CA GLY B 654 -19.78 -37.88 30.59
C GLY B 654 -19.68 -39.39 30.40
N ALA B 655 -20.45 -39.93 29.47
CA ALA B 655 -20.38 -41.37 29.19
C ALA B 655 -19.00 -41.76 28.68
N LEU B 656 -18.41 -40.95 27.81
CA LEU B 656 -17.09 -41.26 27.29
C LEU B 656 -16.04 -41.24 28.40
N ASN B 657 -16.13 -40.26 29.31
CA ASN B 657 -15.20 -40.21 30.42
C ASN B 657 -15.35 -41.43 31.33
N GLN B 658 -16.60 -41.81 31.61
CA GLN B 658 -16.83 -42.99 32.45
C GLN B 658 -16.27 -44.24 31.80
N LYS B 659 -16.42 -44.38 30.49
CA LYS B 659 -15.86 -45.53 29.78
C LYS B 659 -14.34 -45.49 29.78
N TYR B 660 -13.75 -44.30 29.61
CA TYR B 660 -12.30 -44.18 29.50
C TYR B 660 -11.61 -44.35 30.84
N SER B 661 -12.33 -44.17 31.94
CA SER B 661 -11.72 -44.21 33.26
C SER B 661 -11.19 -45.59 33.66
N ALA B 662 -11.32 -46.57 32.76
CA ALA B 662 -10.89 -47.94 33.06
C ALA B 662 -9.71 -48.40 32.20
N ILE B 663 -8.99 -47.47 31.56
CA ILE B 663 -7.89 -47.88 30.69
C ILE B 663 -6.70 -48.38 31.51
N GLN B 664 -6.43 -47.76 32.66
CA GLN B 664 -5.37 -48.17 33.57
C GLN B 664 -4.00 -48.19 32.89
N ASP B 665 -3.84 -47.40 31.82
CA ASP B 665 -2.56 -47.31 31.14
C ASP B 665 -2.11 -45.90 30.83
N ALA B 666 -3.00 -44.91 30.84
CA ALA B 666 -2.64 -43.54 30.47
C ALA B 666 -3.63 -42.58 31.10
N TYR B 667 -3.24 -41.32 31.17
CA TYR B 667 -4.14 -40.27 31.62
C TYR B 667 -5.00 -39.82 30.44
N ILE B 668 -6.32 -39.92 30.58
CA ILE B 668 -7.24 -39.65 29.49
C ILE B 668 -8.20 -38.55 29.93
N ALA B 669 -8.35 -37.53 29.10
CA ALA B 669 -9.21 -36.39 29.40
C ALA B 669 -10.11 -36.09 28.19
N VAL B 670 -11.28 -35.54 28.47
CA VAL B 670 -12.25 -35.18 27.44
C VAL B 670 -12.59 -33.71 27.58
N PHE B 671 -12.58 -33.00 26.46
CA PHE B 671 -12.80 -31.56 26.44
C PHE B 671 -13.84 -31.22 25.38
N PRO B 672 -14.61 -30.15 25.61
CA PRO B 672 -15.52 -29.65 24.58
C PRO B 672 -14.79 -28.71 23.64
N PRO B 673 -15.37 -28.40 22.47
CA PRO B 673 -14.70 -27.52 21.53
C PRO B 673 -14.70 -26.08 22.05
N PRO B 674 -13.81 -25.24 21.53
CA PRO B 674 -13.82 -23.84 21.94
C PRO B 674 -14.85 -23.06 21.14
N PRO B 675 -15.49 -22.05 21.74
CA PRO B 675 -16.54 -21.32 21.01
C PRO B 675 -16.03 -20.60 19.77
N VAL B 676 -14.80 -20.10 19.79
CA VAL B 676 -14.20 -19.41 18.65
C VAL B 676 -12.82 -19.99 18.42
N MET B 677 -12.55 -20.42 17.18
CA MET B 677 -11.25 -20.99 16.85
C MET B 677 -10.20 -19.89 16.80
N GLY B 678 -9.00 -20.21 17.31
CA GLY B 678 -7.88 -19.30 17.28
C GLY B 678 -7.80 -18.33 18.44
N LEU B 679 -8.79 -18.33 19.33
CA LEU B 679 -8.76 -17.45 20.48
C LEU B 679 -8.40 -18.22 21.75
N GLY B 680 -7.90 -17.49 22.73
CA GLY B 680 -7.49 -18.08 24.00
C GLY B 680 -8.69 -18.37 24.90
N THR B 681 -8.38 -18.93 26.06
CA THR B 681 -9.42 -19.27 27.02
C THR B 681 -10.09 -18.01 27.56
N MET B 682 -11.39 -18.09 27.78
CA MET B 682 -12.16 -16.97 28.29
C MET B 682 -12.59 -17.22 29.72
N GLY B 683 -12.66 -16.16 30.50
CA GLY B 683 -12.98 -16.25 31.92
C GLY B 683 -11.76 -16.43 32.80
N GLY B 684 -10.88 -17.35 32.44
CA GLY B 684 -9.64 -17.55 33.17
C GLY B 684 -8.56 -16.59 32.72
N PHE B 685 -7.34 -16.88 33.14
CA PHE B 685 -6.19 -16.06 32.81
C PHE B 685 -4.96 -16.93 32.66
N LYS B 686 -3.98 -16.41 31.91
CA LYS B 686 -2.73 -17.08 31.65
C LYS B 686 -1.60 -16.07 31.75
N LEU B 687 -0.54 -16.44 32.45
CA LEU B 687 0.61 -15.57 32.64
C LEU B 687 1.90 -16.34 32.45
N GLN B 688 3.01 -15.62 32.37
CA GLN B 688 4.31 -16.20 32.08
C GLN B 688 5.31 -15.79 33.15
N LEU B 689 6.09 -16.76 33.64
CA LEU B 689 7.19 -16.51 34.57
C LEU B 689 8.49 -16.70 33.81
N GLU B 690 9.32 -15.65 33.78
CA GLU B 690 10.56 -15.67 33.04
C GLU B 690 11.72 -15.18 33.90
N ASP B 691 12.88 -15.77 33.68
CA ASP B 691 14.09 -15.39 34.41
C ASP B 691 14.92 -14.46 33.54
N ARG B 692 14.93 -13.17 33.90
CA ARG B 692 15.75 -12.21 33.16
C ARG B 692 17.24 -12.54 33.30
N GLY B 693 17.66 -12.93 34.49
CA GLY B 693 19.02 -13.39 34.69
C GLY B 693 19.23 -14.79 34.16
N ALA B 694 20.50 -15.19 34.07
CA ALA B 694 20.88 -16.50 33.55
C ALA B 694 20.85 -17.49 34.72
N LEU B 695 19.71 -18.14 34.90
CA LEU B 695 19.53 -19.13 35.95
C LEU B 695 19.14 -20.47 35.33
N GLY B 696 19.39 -21.54 36.07
CA GLY B 696 19.12 -22.88 35.58
C GLY B 696 17.64 -23.23 35.59
N TYR B 697 17.34 -24.38 34.99
CA TYR B 697 15.97 -24.87 34.94
C TYR B 697 15.45 -25.25 36.31
N SER B 698 16.33 -25.76 37.18
CA SER B 698 15.93 -26.14 38.53
C SER B 698 15.44 -24.93 39.31
N ALA B 699 16.11 -23.80 39.18
CA ALA B 699 15.68 -22.59 39.86
C ALA B 699 14.31 -22.15 39.38
N LEU B 700 14.07 -22.21 38.07
CA LEU B 700 12.76 -21.85 37.52
C LEU B 700 11.68 -22.78 38.05
N ASN B 701 11.97 -24.08 38.10
CA ASN B 701 10.98 -25.02 38.63
C ASN B 701 10.68 -24.77 40.10
N ASP B 702 11.72 -24.49 40.89
CA ASP B 702 11.52 -24.19 42.31
C ASP B 702 10.68 -22.93 42.48
N ALA B 703 10.96 -21.90 41.68
CA ALA B 703 10.18 -20.67 41.76
C ALA B 703 8.72 -20.92 41.38
N ALA B 704 8.49 -21.72 40.34
CA ALA B 704 7.12 -22.02 39.92
C ALA B 704 6.38 -22.79 41.02
N GLN B 705 7.04 -23.76 41.63
CA GLN B 705 6.39 -24.53 42.69
C GLN B 705 6.10 -23.66 43.91
N ASN B 706 7.03 -22.78 44.27
CA ASN B 706 6.79 -21.87 45.38
C ASN B 706 5.63 -20.93 45.09
N PHE B 707 5.56 -20.43 43.86
CA PHE B 707 4.43 -19.57 43.46
C PHE B 707 3.12 -20.35 43.56
N MET B 708 3.12 -21.60 43.09
CA MET B 708 1.91 -22.41 43.16
C MET B 708 1.48 -22.62 44.61
N LYS B 709 2.43 -22.93 45.49
CA LYS B 709 2.11 -23.15 46.89
C LYS B 709 1.59 -21.88 47.55
N ALA B 710 2.21 -20.73 47.24
CA ALA B 710 1.76 -19.47 47.82
C ALA B 710 0.37 -19.10 47.33
N ALA B 711 0.08 -19.33 46.04
CA ALA B 711 -1.22 -19.00 45.50
C ALA B 711 -2.29 -19.96 46.02
N GLN B 712 -1.90 -21.19 46.36
CA GLN B 712 -2.87 -22.14 46.89
C GLN B 712 -3.45 -21.69 48.22
N SER B 713 -2.63 -21.04 49.06
CA SER B 713 -3.05 -20.62 50.39
C SER B 713 -3.63 -19.20 50.41
N ALA B 714 -4.22 -18.76 49.30
CA ALA B 714 -4.81 -17.43 49.21
C ALA B 714 -6.23 -17.53 48.70
N PRO B 715 -7.10 -16.59 49.11
CA PRO B 715 -8.49 -16.62 48.64
C PRO B 715 -8.65 -16.05 47.24
N GLU B 716 -9.90 -15.90 46.80
CA GLU B 716 -10.30 -15.35 45.51
C GLU B 716 -9.45 -15.88 44.35
N LEU B 717 -9.00 -17.13 44.46
CA LEU B 717 -8.21 -17.75 43.40
C LEU B 717 -8.55 -19.23 43.35
N GLY B 718 -8.86 -19.72 42.16
CA GLY B 718 -9.18 -21.12 41.97
C GLY B 718 -7.95 -21.96 41.73
N PRO B 719 -8.15 -23.20 41.28
CA PRO B 719 -7.01 -24.07 40.99
C PRO B 719 -6.15 -23.53 39.87
N MET B 720 -4.85 -23.81 39.96
CA MET B 720 -3.88 -23.36 38.97
C MET B 720 -3.19 -24.56 38.34
N PHE B 721 -2.83 -24.42 37.07
CA PHE B 721 -2.20 -25.50 36.33
C PHE B 721 -0.98 -24.97 35.60
N SER B 722 -0.05 -25.88 35.30
CA SER B 722 1.16 -25.54 34.57
C SER B 722 1.58 -26.74 33.74
N SER B 723 2.50 -26.49 32.80
CA SER B 723 3.00 -27.52 31.92
C SER B 723 4.51 -27.71 32.02
N TYR B 724 5.18 -27.02 32.94
CA TYR B 724 6.62 -27.17 33.08
C TYR B 724 6.97 -28.57 33.61
N GLN B 725 7.86 -29.24 32.90
CA GLN B 725 8.30 -30.58 33.29
C GLN B 725 9.82 -30.62 33.24
N ILE B 726 10.43 -31.27 34.23
CA ILE B 726 11.88 -31.34 34.35
C ILE B 726 12.35 -32.76 34.60
N ASN B 727 11.49 -33.76 34.44
CA ASN B 727 11.81 -35.11 34.88
C ASN B 727 11.59 -36.18 33.82
N VAL B 728 12.10 -35.96 32.60
CA VAL B 728 12.14 -37.00 31.58
C VAL B 728 13.55 -37.57 31.53
N PRO B 729 13.71 -38.90 31.45
CA PRO B 729 15.06 -39.47 31.47
C PRO B 729 15.85 -39.10 30.21
N GLN B 730 17.17 -38.97 30.38
CA GLN B 730 18.09 -38.67 29.28
C GLN B 730 19.41 -39.37 29.55
N LEU B 731 20.22 -39.49 28.51
CA LEU B 731 21.54 -40.08 28.59
C LEU B 731 22.59 -38.99 28.46
N ASN B 732 23.54 -38.95 29.38
CA ASN B 732 24.63 -37.98 29.38
C ASN B 732 25.94 -38.72 29.17
N VAL B 733 26.74 -38.25 28.21
CA VAL B 733 28.01 -38.87 27.86
C VAL B 733 29.14 -37.93 28.23
N ASP B 734 30.21 -38.48 28.80
CA ASP B 734 31.38 -37.73 29.20
C ASP B 734 32.61 -38.33 28.53
N LEU B 735 33.44 -37.47 27.95
CA LEU B 735 34.64 -37.88 27.24
C LEU B 735 35.87 -37.33 27.94
N ASP B 736 36.84 -38.20 28.20
CA ASP B 736 38.09 -37.82 28.82
C ASP B 736 39.23 -37.90 27.81
N ARG B 737 40.19 -36.98 27.95
CA ARG B 737 41.28 -36.90 26.97
C ARG B 737 42.13 -38.16 26.98
N VAL B 738 42.41 -38.72 28.16
CA VAL B 738 43.22 -39.92 28.26
C VAL B 738 42.43 -41.14 27.83
N GLN B 743 45.47 -41.57 22.76
CA GLN B 743 45.79 -42.73 21.93
C GLN B 743 45.78 -42.36 20.45
N GLY B 744 45.96 -41.07 20.16
CA GLY B 744 45.97 -40.58 18.80
C GLY B 744 44.61 -40.25 18.23
N VAL B 745 43.53 -40.52 18.96
CA VAL B 745 42.20 -40.23 18.46
C VAL B 745 41.85 -38.76 18.73
N ALA B 746 41.23 -38.14 17.73
CA ALA B 746 40.86 -36.72 17.80
C ALA B 746 39.41 -36.59 18.29
N VAL B 747 39.11 -35.44 18.88
CA VAL B 747 37.77 -35.21 19.43
C VAL B 747 36.75 -35.13 18.29
N THR B 748 37.12 -34.49 17.18
CA THR B 748 36.22 -34.42 16.04
C THR B 748 35.95 -35.81 15.46
N ASP B 749 36.97 -36.67 15.43
CA ASP B 749 36.77 -38.03 14.92
C ASP B 749 35.81 -38.81 15.81
N VAL B 750 35.89 -38.63 17.13
CA VAL B 750 35.01 -39.38 18.02
C VAL B 750 33.62 -38.77 18.11
N PHE B 751 33.46 -37.50 17.72
CA PHE B 751 32.13 -36.90 17.69
C PHE B 751 31.41 -37.12 16.36
N ASN B 752 32.15 -37.19 15.25
CA ASN B 752 31.52 -37.42 13.96
C ASN B 752 30.88 -38.80 13.87
N THR B 753 31.50 -39.80 14.49
CA THR B 753 30.91 -41.13 14.52
C THR B 753 29.53 -41.11 15.17
N MET B 754 29.42 -40.47 16.33
CA MET B 754 28.14 -40.35 17.01
C MET B 754 27.16 -39.51 16.21
N GLN B 755 27.66 -38.45 15.56
CA GLN B 755 26.78 -37.59 14.77
C GLN B 755 26.16 -38.31 13.58
N ILE B 756 26.95 -39.14 12.89
CA ILE B 756 26.45 -39.80 11.68
C ILE B 756 25.68 -41.07 12.01
N TYR B 757 26.14 -41.87 12.98
CA TYR B 757 25.46 -43.13 13.25
C TYR B 757 24.15 -42.93 13.98
N LEU B 758 24.19 -42.28 15.15
CA LEU B 758 22.97 -42.13 15.95
C LEU B 758 22.04 -41.07 15.35
N GLY B 759 22.59 -40.02 14.77
CA GLY B 759 21.78 -38.95 14.19
C GLY B 759 21.82 -38.98 12.68
N SER B 760 20.73 -38.50 12.07
CA SER B 760 20.63 -38.51 10.62
C SER B 760 21.53 -37.44 10.01
N GLN B 761 22.08 -37.75 8.84
CA GLN B 761 22.95 -36.83 8.10
C GLN B 761 22.41 -36.69 6.68
N TYR B 762 22.13 -35.45 6.28
CA TYR B 762 21.66 -35.19 4.92
C TYR B 762 22.86 -35.18 3.97
N VAL B 763 22.78 -35.99 2.91
CA VAL B 763 23.92 -36.25 2.05
C VAL B 763 23.82 -35.51 0.72
N ASN B 764 22.82 -35.85 -0.09
CA ASN B 764 22.72 -35.32 -1.45
C ASN B 764 21.26 -35.37 -1.88
N ASP B 765 21.02 -35.11 -3.16
CA ASP B 765 19.67 -35.09 -3.72
C ASP B 765 19.64 -35.94 -4.98
N PHE B 766 18.42 -36.39 -5.32
CA PHE B 766 18.23 -37.14 -6.55
C PHE B 766 16.87 -36.76 -7.15
N ASN B 767 16.67 -37.16 -8.40
CA ASN B 767 15.45 -36.86 -9.12
C ASN B 767 14.63 -38.13 -9.34
N ARG B 768 13.34 -38.05 -8.99
CA ARG B 768 12.41 -39.14 -9.22
C ARG B 768 11.01 -38.56 -9.32
N PHE B 769 10.19 -39.16 -10.20
CA PHE B 769 8.81 -38.72 -10.45
C PHE B 769 8.76 -37.24 -10.85
N GLY B 770 9.82 -36.74 -11.47
CA GLY B 770 9.88 -35.36 -11.87
C GLY B 770 10.17 -34.37 -10.77
N ARG B 771 10.50 -34.85 -9.57
CA ARG B 771 10.79 -33.99 -8.42
C ARG B 771 12.15 -34.33 -7.85
N VAL B 772 12.58 -33.51 -6.89
CA VAL B 772 13.86 -33.68 -6.21
C VAL B 772 13.61 -34.14 -4.78
N TYR B 773 14.36 -35.16 -4.36
CA TYR B 773 14.24 -35.72 -3.03
C TYR B 773 15.61 -35.89 -2.41
N GLN B 774 15.62 -36.21 -1.13
CA GLN B 774 16.82 -36.18 -0.29
C GLN B 774 17.42 -37.58 -0.16
N VAL B 775 18.69 -37.61 0.26
CA VAL B 775 19.38 -38.84 0.63
C VAL B 775 19.94 -38.66 2.03
N ARG B 776 19.64 -39.61 2.92
CA ARG B 776 20.03 -39.53 4.31
C ARG B 776 20.68 -40.83 4.76
N ALA B 777 21.54 -40.73 5.76
CA ALA B 777 22.26 -41.88 6.30
C ALA B 777 22.00 -41.99 7.79
N GLN B 778 21.79 -43.22 8.25
CA GLN B 778 21.57 -43.48 9.67
C GLN B 778 21.86 -44.95 9.94
N ALA B 779 22.03 -45.28 11.22
CA ALA B 779 22.31 -46.64 11.62
C ALA B 779 21.02 -47.47 11.61
N ASP B 780 21.18 -48.78 11.52
CA ASP B 780 20.04 -49.68 11.57
C ASP B 780 19.39 -49.65 12.96
N ALA B 781 18.09 -49.87 12.98
CA ALA B 781 17.34 -49.76 14.24
C ALA B 781 17.82 -50.74 15.31
N PRO B 782 17.96 -52.05 15.05
CA PRO B 782 18.36 -52.96 16.13
C PRO B 782 19.72 -52.66 16.71
N PHE B 783 20.57 -51.93 16.00
CA PHE B 783 21.90 -51.58 16.49
C PHE B 783 21.93 -50.28 17.26
N ARG B 784 20.79 -49.60 17.43
CA ARG B 784 20.73 -48.37 18.20
C ARG B 784 19.47 -48.34 19.06
N ALA B 785 19.15 -49.45 19.72
CA ALA B 785 17.96 -49.54 20.55
C ALA B 785 18.26 -49.66 22.03
N ASN B 786 19.51 -49.76 22.43
CA ASN B 786 19.87 -49.91 23.84
C ASN B 786 20.91 -48.87 24.23
N PRO B 787 20.90 -48.44 25.49
CA PRO B 787 21.91 -47.46 25.93
C PRO B 787 23.35 -47.96 25.85
N GLU B 788 23.57 -49.26 25.96
CA GLU B 788 24.92 -49.81 25.89
C GLU B 788 25.46 -49.92 24.47
N ASP B 789 24.59 -49.78 23.47
CA ASP B 789 25.02 -49.92 22.09
C ASP B 789 26.08 -48.89 21.71
N ILE B 790 26.02 -47.70 22.31
CA ILE B 790 27.03 -46.68 22.04
C ILE B 790 28.42 -47.18 22.39
N LEU B 791 28.52 -48.05 23.41
CA LEU B 791 29.81 -48.60 23.78
C LEU B 791 30.36 -49.59 22.77
N GLN B 792 29.53 -50.07 21.83
CA GLN B 792 29.98 -51.04 20.83
C GLN B 792 30.46 -50.39 19.54
N LEU B 793 30.39 -49.07 19.42
CA LEU B 793 30.87 -48.40 18.22
C LEU B 793 32.39 -48.42 18.19
N LYS B 794 32.94 -48.23 16.98
CA LYS B 794 34.38 -48.23 16.77
C LYS B 794 34.77 -47.00 15.95
N THR B 795 36.03 -46.59 16.11
CA THR B 795 36.59 -45.46 15.38
C THR B 795 38.03 -45.78 15.01
N ARG B 796 38.68 -44.82 14.37
CA ARG B 796 40.00 -45.00 13.78
C ARG B 796 40.98 -43.98 14.33
N ASN B 797 42.25 -44.40 14.42
CA ASN B 797 43.33 -43.52 14.87
C ASN B 797 43.42 -42.25 14.03
N GLY B 800 46.85 -46.15 12.07
CA GLY B 800 45.48 -46.45 11.73
C GLY B 800 45.02 -47.82 12.18
N GLN B 801 44.17 -47.86 13.21
CA GLN B 801 43.65 -49.11 13.74
C GLN B 801 42.25 -48.88 14.30
N MET B 802 41.50 -49.97 14.41
CA MET B 802 40.15 -49.93 14.94
C MET B 802 40.21 -49.92 16.46
N VAL B 803 39.51 -48.97 17.08
CA VAL B 803 39.43 -48.93 18.54
C VAL B 803 37.98 -48.71 18.96
N PRO B 804 37.50 -49.47 19.94
CA PRO B 804 36.11 -49.26 20.40
C PRO B 804 36.00 -48.04 21.30
N LEU B 805 34.76 -47.61 21.51
CA LEU B 805 34.49 -46.46 22.37
C LEU B 805 34.28 -46.85 23.83
N SER B 806 34.41 -48.13 24.17
CA SER B 806 34.26 -48.53 25.57
C SER B 806 35.38 -47.98 26.45
N SER B 807 36.53 -47.68 25.85
CA SER B 807 37.68 -47.17 26.58
C SER B 807 37.81 -45.65 26.48
N LEU B 808 36.83 -44.96 25.90
CA LEU B 808 36.91 -43.52 25.68
C LEU B 808 35.86 -42.73 26.44
N VAL B 809 34.59 -43.12 26.34
CA VAL B 809 33.51 -42.33 26.89
C VAL B 809 32.79 -43.11 27.99
N ASN B 810 32.13 -42.37 28.87
CA ASN B 810 31.33 -42.94 29.96
C ASN B 810 29.92 -42.39 29.87
N VAL B 811 28.93 -43.28 29.99
CA VAL B 811 27.52 -42.91 29.84
C VAL B 811 26.83 -43.04 31.19
N THR B 812 25.96 -42.08 31.49
CA THR B 812 25.18 -42.06 32.72
C THR B 812 23.75 -41.68 32.39
N GLN B 813 22.83 -42.00 33.29
CA GLN B 813 21.42 -41.67 33.15
C GLN B 813 21.08 -40.48 34.05
N THR B 814 20.48 -39.45 33.46
CA THR B 814 20.12 -38.25 34.18
C THR B 814 18.67 -37.88 33.86
N TYR B 815 18.21 -36.77 34.41
CA TYR B 815 16.86 -36.28 34.22
C TYR B 815 16.91 -34.87 33.65
N GLY B 816 15.95 -34.53 32.80
CA GLY B 816 15.91 -33.23 32.18
C GLY B 816 14.53 -32.85 31.66
N PRO B 817 14.48 -31.76 30.89
CA PRO B 817 13.21 -31.38 30.24
C PRO B 817 13.09 -32.03 28.86
N GLU B 818 11.96 -31.81 28.19
CA GLU B 818 11.73 -32.38 26.87
C GLU B 818 11.38 -31.34 25.81
N MET B 819 10.67 -30.28 26.18
CA MET B 819 10.32 -29.21 25.25
C MET B 819 10.68 -27.87 25.89
N VAL B 820 11.25 -26.97 25.08
CA VAL B 820 11.71 -25.66 25.57
C VAL B 820 10.86 -24.57 24.94
N VAL B 821 10.27 -23.73 25.79
CA VAL B 821 9.45 -22.60 25.35
C VAL B 821 10.09 -21.32 25.83
N ARG B 822 10.33 -20.39 24.91
CA ARG B 822 10.91 -19.09 25.23
C ARG B 822 9.91 -18.00 24.90
N TYR B 823 9.72 -17.08 25.83
CA TYR B 823 8.78 -15.98 25.68
C TYR B 823 9.55 -14.67 25.70
N ASN B 824 9.49 -13.94 24.58
CA ASN B 824 10.14 -12.65 24.42
C ASN B 824 11.66 -12.71 24.59
N GLY B 825 12.25 -13.88 24.36
CA GLY B 825 13.69 -14.05 24.39
C GLY B 825 14.23 -14.74 25.63
N TYR B 826 13.45 -14.82 26.70
CA TYR B 826 13.87 -15.48 27.92
C TYR B 826 13.13 -16.80 28.11
N THR B 827 13.83 -17.77 28.70
CA THR B 827 13.18 -19.01 29.08
C THR B 827 12.04 -18.73 30.04
N SER B 828 10.89 -19.38 29.82
CA SER B 828 9.68 -19.04 30.54
C SER B 828 8.84 -20.28 30.79
N ALA B 829 7.99 -20.17 31.80
CA ALA B 829 7.02 -21.20 32.16
C ALA B 829 5.64 -20.58 32.26
N ASP B 830 4.64 -21.28 31.74
CA ASP B 830 3.27 -20.77 31.73
C ASP B 830 2.52 -21.14 32.99
N ILE B 831 1.63 -20.25 33.42
CA ILE B 831 0.75 -20.48 34.55
C ILE B 831 -0.67 -20.15 34.14
N ASN B 832 -1.56 -21.14 34.24
CA ASN B 832 -2.98 -20.96 33.93
C ASN B 832 -3.76 -20.91 35.21
N GLY B 833 -4.87 -20.17 35.19
CA GLY B 833 -5.70 -20.08 36.37
C GLY B 833 -7.01 -19.41 36.08
N GLY B 834 -7.75 -19.14 37.15
CA GLY B 834 -9.03 -18.47 37.05
C GLY B 834 -9.50 -17.97 38.40
N PRO B 835 -10.37 -16.96 38.39
CA PRO B 835 -10.88 -16.42 39.66
C PRO B 835 -11.78 -17.43 40.37
N ALA B 836 -11.74 -17.39 41.70
CA ALA B 836 -12.58 -18.23 42.51
C ALA B 836 -14.03 -17.79 42.39
N PRO B 837 -14.98 -18.70 42.61
CA PRO B 837 -16.40 -18.32 42.54
C PRO B 837 -16.73 -17.23 43.56
N GLY B 838 -17.60 -16.31 43.16
CA GLY B 838 -17.98 -15.20 44.00
C GLY B 838 -17.05 -14.01 43.97
N TYR B 839 -16.12 -13.96 43.02
CA TYR B 839 -15.18 -12.85 42.91
C TYR B 839 -15.01 -12.44 41.45
N SER B 840 -14.57 -11.21 41.25
CA SER B 840 -14.38 -10.66 39.92
C SER B 840 -12.96 -10.94 39.40
N SER B 841 -12.79 -10.76 38.10
CA SER B 841 -11.48 -11.00 37.47
C SER B 841 -10.44 -9.98 37.92
N SER B 842 -10.84 -8.72 38.12
CA SER B 842 -9.89 -7.70 38.53
C SER B 842 -9.32 -7.99 39.91
N GLN B 843 -10.16 -8.46 40.84
CA GLN B 843 -9.67 -8.85 42.15
C GLN B 843 -8.68 -10.00 42.06
N ALA B 844 -8.96 -10.98 41.18
CA ALA B 844 -8.03 -12.08 40.99
C ALA B 844 -6.70 -11.58 40.44
N GLU B 845 -6.75 -10.66 39.47
CA GLU B 845 -5.52 -10.11 38.91
C GLU B 845 -4.71 -9.36 39.98
N ALA B 846 -5.39 -8.58 40.81
CA ALA B 846 -4.70 -7.86 41.88
C ALA B 846 -4.07 -8.82 42.87
N ALA B 847 -4.79 -9.89 43.23
CA ALA B 847 -4.24 -10.89 44.13
C ALA B 847 -3.00 -11.56 43.53
N VAL B 848 -3.09 -11.91 42.24
CA VAL B 848 -1.94 -12.52 41.57
C VAL B 848 -0.75 -11.58 41.57
N GLU B 849 -0.98 -10.30 41.32
CA GLU B 849 0.11 -9.32 41.36
C GLU B 849 0.71 -9.23 42.76
N ARG B 850 -0.13 -9.26 43.80
CA ARG B 850 0.37 -9.16 45.17
C ARG B 850 1.24 -10.36 45.52
N ILE B 851 0.76 -11.57 45.23
CA ILE B 851 1.56 -12.77 45.55
C ILE B 851 2.83 -12.80 44.71
N ALA B 852 2.76 -12.35 43.45
CA ALA B 852 3.96 -12.31 42.62
C ALA B 852 5.00 -11.36 43.20
N ALA B 853 4.57 -10.19 43.66
CA ALA B 853 5.50 -9.27 44.31
C ALA B 853 6.01 -9.84 45.63
N GLN B 854 5.22 -10.69 46.28
CA GLN B 854 5.60 -11.19 47.60
C GLN B 854 6.62 -12.31 47.51
N THR B 855 6.39 -13.31 46.65
CA THR B 855 7.15 -14.55 46.71
C THR B 855 8.19 -14.74 45.61
N LEU B 856 8.13 -13.96 44.53
CA LEU B 856 9.05 -14.18 43.43
C LEU B 856 10.47 -13.75 43.82
N PRO B 857 11.49 -14.46 43.35
CA PRO B 857 12.87 -14.04 43.63
C PRO B 857 13.28 -12.82 42.84
N ARG B 858 14.56 -12.43 42.95
CA ARG B 858 15.03 -11.23 42.26
C ARG B 858 15.05 -11.41 40.75
N GLY B 859 15.60 -12.54 40.28
CA GLY B 859 15.75 -12.74 38.85
C GLY B 859 14.46 -13.09 38.13
N ILE B 860 13.46 -13.63 38.84
CA ILE B 860 12.22 -14.06 38.21
C ILE B 860 11.25 -12.89 38.12
N LYS B 861 10.52 -12.82 37.02
CA LYS B 861 9.50 -11.79 36.82
C LYS B 861 8.32 -12.38 36.07
N PHE B 862 7.13 -11.86 36.37
CA PHE B 862 5.89 -12.33 35.76
C PHE B 862 5.42 -11.34 34.70
N GLU B 863 4.60 -11.84 33.78
CA GLU B 863 4.08 -11.02 32.69
C GLU B 863 2.73 -11.55 32.24
N TRP B 864 1.80 -10.64 31.98
CA TRP B 864 0.50 -11.02 31.45
C TRP B 864 0.61 -11.34 29.96
N THR B 865 -0.38 -12.08 29.47
CA THR B 865 -0.40 -12.47 28.05
C THR B 865 -1.84 -12.74 27.65
N ASP B 866 -2.04 -12.83 26.33
CA ASP B 866 -3.30 -13.22 25.73
C ASP B 866 -4.40 -12.19 26.00
N LEU B 867 -5.61 -12.67 26.31
CA LEU B 867 -6.75 -11.77 26.51
C LEU B 867 -6.54 -10.82 27.69
N THR B 868 -5.92 -11.30 28.76
CA THR B 868 -5.65 -10.42 29.89
C THR B 868 -4.74 -9.26 29.50
N TYR B 869 -3.68 -9.55 28.73
CA TYR B 869 -2.79 -8.50 28.27
C TYR B 869 -3.52 -7.55 27.32
N GLN B 870 -4.36 -8.09 26.45
CA GLN B 870 -5.10 -7.24 25.52
C GLN B 870 -6.04 -6.30 26.27
N LYS B 871 -6.70 -6.81 27.32
CA LYS B 871 -7.59 -5.96 28.10
C LYS B 871 -6.82 -4.93 28.92
N ILE B 872 -5.65 -5.31 29.43
CA ILE B 872 -4.86 -4.38 30.24
C ILE B 872 -4.29 -3.26 29.37
N LEU B 873 -3.81 -3.60 28.17
CA LEU B 873 -3.25 -2.59 27.27
C LEU B 873 -4.30 -1.56 26.87
N ALA B 874 -5.50 -2.01 26.54
CA ALA B 874 -6.61 -1.13 26.20
C ALA B 874 -7.49 -0.99 27.44
N GLY B 875 -7.15 0.00 28.28
CA GLY B 875 -7.81 0.16 29.55
C GLY B 875 -9.24 0.63 29.47
N ASN B 876 -9.80 1.05 30.61
CA ASN B 876 -11.20 1.49 30.68
C ASN B 876 -11.33 2.86 30.03
N ALA B 877 -11.31 2.85 28.69
CA ALA B 877 -11.46 4.06 27.90
C ALA B 877 -12.74 4.11 27.09
N GLY B 878 -13.39 2.97 26.85
CA GLY B 878 -14.62 2.96 26.08
C GLY B 878 -15.85 3.42 26.85
N LEU B 879 -15.78 3.43 28.18
CA LEU B 879 -16.91 3.83 29.00
C LEU B 879 -17.32 5.28 28.76
N TRP B 880 -16.46 6.09 28.14
CA TRP B 880 -16.82 7.46 27.77
C TRP B 880 -17.95 7.50 26.75
N VAL B 881 -18.23 6.39 26.06
CA VAL B 881 -19.22 6.41 24.98
C VAL B 881 -20.64 6.49 25.54
N PHE B 882 -20.87 6.02 26.76
CA PHE B 882 -22.24 5.98 27.28
C PHE B 882 -22.75 7.37 27.63
N PRO B 883 -22.08 8.17 28.48
CA PRO B 883 -22.64 9.51 28.77
C PRO B 883 -22.75 10.41 27.56
N ILE B 884 -21.77 10.35 26.64
CA ILE B 884 -21.77 11.26 25.49
C ILE B 884 -23.03 11.06 24.67
N SER B 885 -23.36 9.81 24.36
CA SER B 885 -24.60 9.53 23.64
C SER B 885 -25.81 10.07 24.40
N VAL B 886 -25.80 9.92 25.72
CA VAL B 886 -26.91 10.43 26.54
C VAL B 886 -27.06 11.93 26.32
N LEU B 887 -25.95 12.65 26.18
CA LEU B 887 -26.03 14.06 25.83
C LEU B 887 -26.58 14.24 24.42
N LEU B 888 -26.03 13.50 23.45
CA LEU B 888 -26.31 13.78 22.05
C LEU B 888 -27.80 13.73 21.75
N VAL B 889 -28.46 12.64 22.15
CA VAL B 889 -29.90 12.52 21.93
C VAL B 889 -30.63 13.71 22.54
N PHE B 890 -30.27 14.06 23.78
CA PHE B 890 -30.89 15.21 24.42
C PHE B 890 -30.80 16.44 23.54
N LEU B 891 -29.59 16.72 23.03
CA LEU B 891 -29.40 17.88 22.16
C LEU B 891 -30.37 17.85 21.00
N VAL B 892 -30.48 16.71 20.33
CA VAL B 892 -31.37 16.62 19.18
C VAL B 892 -32.79 16.95 19.59
N LEU B 893 -33.24 16.40 20.72
CA LEU B 893 -34.60 16.67 21.17
C LEU B 893 -34.75 18.16 21.50
N ALA B 894 -33.72 18.77 22.08
CA ALA B 894 -33.77 20.19 22.37
C ALA B 894 -33.94 21.01 21.10
N ALA B 895 -33.44 20.50 19.96
CA ALA B 895 -33.62 21.20 18.70
C ALA B 895 -35.03 21.07 18.17
N GLN B 896 -35.76 20.02 18.57
CA GLN B 896 -37.07 19.75 17.99
C GLN B 896 -38.22 20.23 18.88
N TYR B 897 -38.02 20.21 20.20
CA TYR B 897 -39.09 20.53 21.13
C TYR B 897 -39.04 21.97 21.64
N GLU B 898 -38.14 22.78 21.07
CA GLU B 898 -37.96 24.20 21.42
C GLU B 898 -38.03 24.44 22.93
N SER B 899 -37.48 23.52 23.72
CA SER B 899 -37.43 23.67 25.16
C SER B 899 -36.26 22.87 25.70
N LEU B 900 -35.85 23.20 26.93
CA LEU B 900 -34.76 22.52 27.59
C LEU B 900 -35.24 21.60 28.72
N THR B 901 -36.53 21.36 28.83
CA THR B 901 -37.08 20.48 29.85
C THR B 901 -37.92 19.33 29.31
N LEU B 902 -38.54 19.49 28.14
CA LEU B 902 -39.33 18.42 27.57
C LEU B 902 -38.54 17.14 27.29
N PRO B 903 -37.32 17.18 26.75
CA PRO B 903 -36.59 15.92 26.53
C PRO B 903 -36.32 15.12 27.79
N LEU B 904 -36.39 15.74 28.96
CA LEU B 904 -36.19 15.01 30.21
C LEU B 904 -37.25 13.93 30.39
N ALA B 905 -38.49 14.22 30.00
CA ALA B 905 -39.56 13.23 30.11
C ALA B 905 -39.27 12.02 29.24
N VAL B 906 -38.75 12.23 28.03
CA VAL B 906 -38.44 11.10 27.16
C VAL B 906 -37.25 10.33 27.72
N ILE B 907 -36.21 11.03 28.18
CA ILE B 907 -35.00 10.35 28.61
C ILE B 907 -35.17 9.65 29.96
N LEU B 908 -36.13 10.05 30.78
CA LEU B 908 -36.32 9.44 32.09
C LEU B 908 -37.24 8.23 32.05
N ILE B 909 -37.26 7.48 30.95
CA ILE B 909 -38.14 6.34 30.81
C ILE B 909 -37.40 5.06 30.43
N VAL B 910 -36.23 5.17 29.78
CA VAL B 910 -35.51 4.02 29.26
C VAL B 910 -35.03 3.00 30.30
N PRO B 911 -34.84 3.34 31.60
CA PRO B 911 -34.43 2.29 32.54
C PRO B 911 -35.41 1.14 32.69
N MET B 912 -36.69 1.34 32.38
CA MET B 912 -37.67 0.27 32.56
C MET B 912 -37.39 -0.90 31.61
N GLY B 913 -36.94 -0.61 30.40
CA GLY B 913 -36.63 -1.69 29.46
C GLY B 913 -35.51 -2.58 29.96
N ILE B 914 -34.41 -1.99 30.42
CA ILE B 914 -33.31 -2.80 30.93
C ILE B 914 -33.71 -3.49 32.23
N LEU B 915 -34.54 -2.84 33.05
CA LEU B 915 -35.05 -3.51 34.24
C LEU B 915 -35.81 -4.78 33.88
N ALA B 916 -36.74 -4.69 32.93
CA ALA B 916 -37.53 -5.84 32.54
C ALA B 916 -36.66 -6.93 31.91
N ALA B 917 -35.73 -6.54 31.03
CA ALA B 917 -34.87 -7.52 30.40
C ALA B 917 -33.98 -8.22 31.41
N LEU B 918 -33.45 -7.47 32.39
CA LEU B 918 -32.58 -8.05 33.40
C LEU B 918 -33.36 -8.99 34.31
N THR B 919 -34.59 -8.62 34.67
CA THR B 919 -35.42 -9.53 35.46
C THR B 919 -35.71 -10.81 34.68
N GLY B 920 -36.01 -10.68 33.38
CA GLY B 920 -36.28 -11.86 32.58
C GLY B 920 -35.09 -12.78 32.46
N VAL B 921 -33.89 -12.21 32.23
CA VAL B 921 -32.72 -13.06 32.08
C VAL B 921 -32.31 -13.66 33.42
N TRP B 922 -32.53 -12.94 34.53
CA TRP B 922 -32.21 -13.50 35.84
C TRP B 922 -33.17 -14.60 36.23
N LEU B 923 -34.43 -14.53 35.76
CA LEU B 923 -35.40 -15.57 36.09
C LEU B 923 -34.98 -16.92 35.54
N THR B 924 -34.47 -16.94 34.30
CA THR B 924 -34.09 -18.19 33.67
C THR B 924 -32.67 -18.64 34.03
N ALA B 925 -32.06 -18.03 35.04
CA ALA B 925 -30.72 -18.39 35.52
C ALA B 925 -29.70 -18.36 34.40
N GLY B 926 -29.63 -17.26 33.66
CA GLY B 926 -28.66 -17.11 32.60
C GLY B 926 -27.59 -16.10 32.93
N ASP B 927 -26.86 -15.63 31.91
CA ASP B 927 -25.82 -14.63 32.07
C ASP B 927 -26.05 -13.51 31.06
N ASN B 928 -25.25 -12.45 31.19
CA ASN B 928 -25.34 -11.28 30.31
C ASN B 928 -24.13 -11.30 29.37
N ASN B 929 -24.26 -12.01 28.27
CA ASN B 929 -23.21 -12.10 27.27
C ASN B 929 -23.32 -10.90 26.32
N ILE B 930 -22.47 -10.88 25.29
CA ILE B 930 -22.56 -9.82 24.28
C ILE B 930 -23.90 -9.90 23.56
N PHE B 931 -24.37 -11.11 23.27
CA PHE B 931 -25.62 -11.28 22.53
C PHE B 931 -26.82 -10.81 23.34
N THR B 932 -26.76 -10.92 24.67
CA THR B 932 -27.79 -10.32 25.51
C THR B 932 -27.69 -8.80 25.52
N GLN B 933 -26.47 -8.26 25.53
CA GLN B 933 -26.28 -6.81 25.56
C GLN B 933 -26.80 -6.16 24.29
N ILE B 934 -26.56 -6.78 23.13
CA ILE B 934 -27.01 -6.21 21.87
C ILE B 934 -28.53 -6.21 21.72
N GLY B 935 -29.23 -6.95 22.57
CA GLY B 935 -30.69 -6.95 22.56
C GLY B 935 -31.32 -5.81 23.33
N LEU B 936 -30.52 -4.95 23.96
CA LEU B 936 -31.04 -3.83 24.73
C LEU B 936 -31.15 -2.55 23.93
N MET B 937 -30.30 -2.37 22.90
CA MET B 937 -30.37 -1.16 22.08
C MET B 937 -31.72 -1.03 21.38
N VAL B 938 -32.25 -2.14 20.86
CA VAL B 938 -33.54 -2.09 20.20
C VAL B 938 -34.63 -1.66 21.17
N LEU B 939 -34.61 -2.22 22.39
CA LEU B 939 -35.59 -1.83 23.39
C LEU B 939 -35.50 -0.35 23.72
N VAL B 940 -34.28 0.16 23.91
CA VAL B 940 -34.12 1.57 24.25
C VAL B 940 -34.64 2.45 23.12
N GLY B 941 -34.25 2.14 21.88
CA GLY B 941 -34.67 2.95 20.74
C GLY B 941 -36.17 2.92 20.50
N LEU B 942 -36.77 1.72 20.60
CA LEU B 942 -38.21 1.60 20.41
C LEU B 942 -38.97 2.33 21.50
N ALA B 943 -38.48 2.28 22.75
CA ALA B 943 -39.14 3.04 23.82
C ALA B 943 -39.06 4.53 23.56
N CYS B 944 -37.89 5.01 23.10
CA CYS B 944 -37.76 6.44 22.78
C CYS B 944 -38.73 6.83 21.66
N LYS B 945 -38.84 5.99 20.64
CA LYS B 945 -39.75 6.27 19.54
C LYS B 945 -41.20 6.29 20.01
N ASN B 946 -41.55 5.37 20.92
CA ASN B 946 -42.90 5.34 21.47
C ASN B 946 -43.21 6.61 22.25
N ALA B 947 -42.24 7.09 23.04
CA ALA B 947 -42.50 8.25 23.89
C ALA B 947 -42.52 9.55 23.09
N ILE B 948 -41.69 9.65 22.06
CA ILE B 948 -41.53 10.91 21.35
C ILE B 948 -42.83 11.34 20.67
N LEU B 949 -43.50 10.40 20.00
CA LEU B 949 -44.74 10.75 19.31
C LEU B 949 -45.84 11.15 20.29
N ILE B 950 -45.95 10.47 21.41
CA ILE B 950 -46.96 10.83 22.41
C ILE B 950 -46.69 12.22 22.94
N VAL B 951 -45.43 12.53 23.25
CA VAL B 951 -45.10 13.85 23.79
C VAL B 951 -45.38 14.93 22.74
N GLU B 952 -45.05 14.66 21.47
CA GLU B 952 -45.29 15.63 20.42
C GLU B 952 -46.78 15.88 20.23
N PHE B 953 -47.60 14.83 20.25
CA PHE B 953 -49.04 15.01 20.13
C PHE B 953 -49.59 15.80 21.31
N ALA B 954 -49.10 15.51 22.52
CA ALA B 954 -49.55 16.27 23.69
C ALA B 954 -49.21 17.74 23.56
N ARG B 955 -47.99 18.05 23.10
CA ARG B 955 -47.61 19.45 22.92
C ARG B 955 -48.45 20.12 21.85
N GLU B 956 -48.71 19.41 20.75
CA GLU B 956 -49.50 19.99 19.67
C GLU B 956 -50.92 20.28 20.14
N LEU B 957 -51.48 19.40 20.96
CA LEU B 957 -52.84 19.63 21.46
C LEU B 957 -52.88 20.73 22.51
N GLU B 958 -51.83 20.83 23.34
CA GLU B 958 -51.76 21.94 24.29
C GLU B 958 -51.63 23.28 23.57
N MET B 959 -50.93 23.30 22.44
CA MET B 959 -50.81 24.54 21.66
C MET B 959 -52.16 25.01 21.13
N GLN B 960 -53.15 24.12 21.02
CA GLN B 960 -54.46 24.52 20.54
C GLN B 960 -55.18 25.41 21.55
N GLY B 961 -55.00 25.15 22.84
CA GLY B 961 -55.63 25.96 23.87
C GLY B 961 -56.10 25.18 25.07
N ALA B 962 -56.09 23.85 24.97
CA ALA B 962 -56.49 23.01 26.09
C ALA B 962 -55.43 23.02 27.17
N THR B 963 -55.85 22.72 28.40
CA THR B 963 -54.93 22.66 29.52
C THR B 963 -54.06 21.41 29.43
N ALA B 964 -53.09 21.31 30.35
CA ALA B 964 -52.19 20.17 30.35
C ALA B 964 -52.92 18.86 30.60
N PHE B 965 -53.88 18.87 31.52
CA PHE B 965 -54.60 17.65 31.87
C PHE B 965 -55.35 17.08 30.67
N LYS B 966 -56.17 17.91 30.01
CA LYS B 966 -56.98 17.43 28.90
C LYS B 966 -56.11 17.04 27.71
N ALA B 967 -55.09 17.85 27.41
CA ALA B 967 -54.20 17.54 26.29
C ALA B 967 -53.48 16.22 26.51
N ALA B 968 -52.95 16.01 27.72
CA ALA B 968 -52.28 14.75 28.03
C ALA B 968 -53.25 13.57 27.93
N VAL B 969 -54.47 13.74 28.46
CA VAL B 969 -55.45 12.66 28.42
C VAL B 969 -55.77 12.28 26.98
N GLU B 970 -56.02 13.28 26.13
CA GLU B 970 -56.38 13.00 24.75
C GLU B 970 -55.21 12.39 23.98
N ALA B 971 -54.00 12.90 24.19
CA ALA B 971 -52.83 12.36 23.49
C ALA B 971 -52.59 10.91 23.89
N SER B 972 -52.75 10.60 25.17
CA SER B 972 -52.61 9.21 25.60
C SER B 972 -53.73 8.35 25.02
N ARG B 973 -54.94 8.91 24.91
CA ARG B 973 -56.06 8.14 24.40
C ARG B 973 -55.86 7.75 22.93
N LEU B 974 -55.52 8.72 22.09
CA LEU B 974 -55.53 8.47 20.65
C LEU B 974 -54.32 7.67 20.15
N ARG B 975 -53.32 7.44 21.00
CA ARG B 975 -52.16 6.65 20.61
C ARG B 975 -52.19 5.21 21.09
N LEU B 976 -53.29 4.77 21.69
CA LEU B 976 -53.37 3.41 22.22
C LEU B 976 -53.26 2.36 21.11
N ARG B 977 -54.04 2.53 20.05
CA ARG B 977 -54.21 1.47 19.06
C ARG B 977 -52.92 1.13 18.30
N PRO B 978 -52.19 2.11 17.72
CA PRO B 978 -50.98 1.72 16.97
C PRO B 978 -49.92 1.07 17.82
N ILE B 979 -49.68 1.58 19.02
CA ILE B 979 -48.69 0.96 19.91
C ILE B 979 -49.15 -0.43 20.32
N LEU B 980 -50.46 -0.62 20.50
CA LEU B 980 -50.97 -1.95 20.80
C LEU B 980 -50.65 -2.92 19.66
N MET B 981 -50.93 -2.52 18.41
CA MET B 981 -50.65 -3.42 17.30
C MET B 981 -49.16 -3.72 17.17
N THR B 982 -48.31 -2.69 17.27
CA THR B 982 -46.88 -2.95 17.08
C THR B 982 -46.32 -3.80 18.20
N SER B 983 -46.76 -3.57 19.45
CA SER B 983 -46.31 -4.40 20.55
C SER B 983 -46.73 -5.85 20.36
N ILE B 984 -47.99 -6.07 19.96
CA ILE B 984 -48.47 -7.44 19.76
C ILE B 984 -47.68 -8.12 18.64
N ALA B 985 -47.46 -7.39 17.54
CA ALA B 985 -46.75 -7.98 16.41
C ALA B 985 -45.32 -8.33 16.77
N PHE B 986 -44.62 -7.44 17.47
CA PHE B 986 -43.22 -7.72 17.80
C PHE B 986 -43.12 -8.81 18.87
N ILE B 987 -44.09 -8.87 19.78
CA ILE B 987 -44.08 -9.92 20.80
C ILE B 987 -44.29 -11.29 20.15
N MET B 988 -45.26 -11.38 19.23
CA MET B 988 -45.53 -12.67 18.59
C MET B 988 -44.47 -13.02 17.55
N GLY B 989 -43.74 -12.03 17.04
CA GLY B 989 -42.72 -12.30 16.04
C GLY B 989 -41.44 -12.90 16.58
N VAL B 990 -41.17 -12.75 17.88
CA VAL B 990 -39.94 -13.27 18.46
C VAL B 990 -40.15 -14.58 19.20
N VAL B 991 -41.35 -15.16 19.13
CA VAL B 991 -41.59 -16.45 19.79
C VAL B 991 -40.68 -17.55 19.26
N PRO B 992 -40.53 -17.74 17.94
CA PRO B 992 -39.63 -18.81 17.47
C PRO B 992 -38.18 -18.60 17.87
N LEU B 993 -37.77 -17.37 18.17
CA LEU B 993 -36.41 -17.13 18.63
C LEU B 993 -36.16 -17.79 19.99
N VAL B 994 -37.15 -17.75 20.87
CA VAL B 994 -36.99 -18.33 22.20
C VAL B 994 -36.95 -19.85 22.12
N THR B 995 -37.80 -20.45 21.29
CA THR B 995 -37.93 -21.90 21.22
C THR B 995 -37.23 -22.49 20.00
N SER B 996 -36.09 -21.94 19.60
CA SER B 996 -35.33 -22.44 18.47
C SER B 996 -34.41 -23.55 18.92
N THR B 997 -34.34 -24.63 18.14
CA THR B 997 -33.45 -25.74 18.41
C THR B 997 -32.71 -26.11 17.13
N GLY B 998 -31.50 -26.65 17.31
CA GLY B 998 -30.67 -27.03 16.17
C GLY B 998 -29.26 -26.51 16.26
N ALA B 999 -28.83 -25.76 15.24
CA ALA B 999 -27.48 -25.23 15.17
C ALA B 999 -27.49 -23.74 15.52
N GLY B 1000 -26.64 -23.36 16.47
CA GLY B 1000 -26.56 -21.96 16.88
C GLY B 1000 -27.74 -21.48 17.69
N SER B 1001 -28.47 -22.39 18.33
CA SER B 1001 -29.64 -22.00 19.11
C SER B 1001 -29.26 -21.30 20.41
N GLU B 1002 -28.12 -21.68 21.02
CA GLU B 1002 -27.65 -20.98 22.20
C GLU B 1002 -27.36 -19.51 21.90
N MET B 1003 -27.10 -19.18 20.64
CA MET B 1003 -26.82 -17.80 20.27
C MET B 1003 -28.10 -16.99 20.09
N ARG B 1004 -29.20 -17.64 19.70
CA ARG B 1004 -30.45 -16.92 19.50
C ARG B 1004 -31.29 -16.88 20.76
N HIS B 1005 -31.12 -17.86 21.65
CA HIS B 1005 -31.96 -17.98 22.83
C HIS B 1005 -31.82 -16.77 23.75
N ALA B 1006 -30.59 -16.27 23.93
CA ALA B 1006 -30.39 -15.14 24.82
C ALA B 1006 -31.12 -13.91 24.32
N MET B 1007 -30.99 -13.62 23.02
CA MET B 1007 -31.68 -12.46 22.48
C MET B 1007 -33.19 -12.62 22.57
N GLY B 1008 -33.68 -13.83 22.27
CA GLY B 1008 -35.12 -14.06 22.34
C GLY B 1008 -35.65 -13.83 23.74
N VAL B 1009 -34.99 -14.39 24.75
CA VAL B 1009 -35.46 -14.23 26.13
C VAL B 1009 -35.40 -12.75 26.52
N ALA B 1010 -34.29 -12.08 26.23
CA ALA B 1010 -34.13 -10.69 26.65
C ALA B 1010 -35.21 -9.81 26.03
N VAL B 1011 -35.37 -9.88 24.71
CA VAL B 1011 -36.33 -9.01 24.04
C VAL B 1011 -37.75 -9.34 24.49
N PHE B 1012 -38.09 -10.64 24.54
CA PHE B 1012 -39.44 -11.04 24.90
C PHE B 1012 -39.80 -10.58 26.31
N PHE B 1013 -38.87 -10.71 27.25
CA PHE B 1013 -39.16 -10.33 28.63
C PHE B 1013 -39.01 -8.84 28.88
N GLY B 1014 -38.40 -8.09 27.96
CA GLY B 1014 -38.33 -6.65 28.13
C GLY B 1014 -39.45 -5.89 27.47
N MET B 1015 -40.04 -6.48 26.43
CA MET B 1015 -41.07 -5.78 25.65
C MET B 1015 -42.32 -5.50 26.48
N ILE B 1016 -42.73 -6.44 27.33
CA ILE B 1016 -43.93 -6.25 28.14
C ILE B 1016 -43.75 -5.07 29.08
N GLY B 1017 -42.59 -5.02 29.76
CA GLY B 1017 -42.31 -3.89 30.63
C GLY B 1017 -42.22 -2.58 29.86
N VAL B 1018 -41.57 -2.61 28.69
CA VAL B 1018 -41.42 -1.41 27.88
C VAL B 1018 -42.78 -0.84 27.52
N THR B 1019 -43.66 -1.69 26.99
CA THR B 1019 -44.96 -1.21 26.54
C THR B 1019 -45.84 -0.78 27.72
N PHE B 1020 -45.77 -1.51 28.84
CA PHE B 1020 -46.59 -1.15 29.99
C PHE B 1020 -46.19 0.21 30.54
N PHE B 1021 -44.89 0.41 30.79
CA PHE B 1021 -44.43 1.69 31.31
C PHE B 1021 -44.64 2.82 30.30
N GLY B 1022 -44.42 2.55 29.01
CA GLY B 1022 -44.69 3.57 28.01
C GLY B 1022 -46.16 3.96 27.96
N LEU B 1023 -47.05 2.99 28.19
CA LEU B 1023 -48.46 3.30 28.27
C LEU B 1023 -48.79 4.16 29.47
N PHE B 1024 -48.21 3.85 30.63
CA PHE B 1024 -48.75 4.39 31.87
C PHE B 1024 -48.01 5.61 32.43
N LEU B 1025 -46.71 5.76 32.16
CA LEU B 1025 -45.93 6.74 32.92
C LEU B 1025 -45.71 8.07 32.20
N THR B 1026 -45.62 8.08 30.87
CA THR B 1026 -45.22 9.31 30.19
C THR B 1026 -46.18 10.49 30.40
N PRO B 1027 -47.51 10.33 30.41
CA PRO B 1027 -48.35 11.50 30.67
C PRO B 1027 -48.09 12.14 32.02
N ALA B 1028 -47.80 11.33 33.04
CA ALA B 1028 -47.48 11.87 34.35
C ALA B 1028 -46.19 12.69 34.31
N PHE B 1029 -45.17 12.18 33.60
CA PHE B 1029 -43.94 12.93 33.45
C PHE B 1029 -44.18 14.25 32.73
N TYR B 1030 -45.02 14.21 31.68
CA TYR B 1030 -45.29 15.43 30.92
C TYR B 1030 -45.99 16.47 31.78
N VAL B 1031 -47.02 16.07 32.53
CA VAL B 1031 -47.72 17.05 33.36
C VAL B 1031 -46.82 17.53 34.49
N LEU B 1032 -45.96 16.66 35.02
CA LEU B 1032 -45.01 17.09 36.06
C LEU B 1032 -44.06 18.15 35.51
N ILE B 1033 -43.52 17.93 34.32
CA ILE B 1033 -42.61 18.90 33.71
C ILE B 1033 -43.33 20.22 33.45
N ARG B 1034 -44.56 20.15 32.92
CA ARG B 1034 -45.29 21.38 32.61
C ARG B 1034 -45.63 22.15 33.88
N SER B 1035 -46.01 21.45 34.95
CA SER B 1035 -46.30 22.10 36.22
C SER B 1035 -45.04 22.71 36.83
N LEU B 1036 -43.91 22.01 36.73
CA LEU B 1036 -42.66 22.55 37.24
C LEU B 1036 -42.24 23.80 36.48
N ASN B 1037 -42.44 23.81 35.16
CA ASN B 1037 -42.07 24.99 34.38
C ASN B 1037 -42.87 26.22 34.79
N SER B 1038 -44.16 26.06 35.04
CA SER B 1038 -45.00 27.18 35.45
C SER B 1038 -44.83 27.47 36.94
N ASN C 1 -37.26 29.70 -10.99
CA ASN C 1 -36.67 29.02 -12.13
C ASN C 1 -35.16 29.19 -12.13
N ILE C 2 -34.44 28.11 -12.47
CA ILE C 2 -32.98 28.14 -12.47
C ILE C 2 -32.46 29.07 -13.56
N SER C 3 -33.10 29.05 -14.73
CA SER C 3 -32.61 29.86 -15.85
C SER C 3 -32.92 31.34 -15.67
N LYS C 4 -33.98 31.67 -14.94
CA LYS C 4 -34.33 33.07 -14.73
C LYS C 4 -33.29 33.79 -13.88
N PHE C 5 -32.67 33.07 -12.94
CA PHE C 5 -31.59 33.65 -12.15
C PHE C 5 -30.43 34.08 -13.04
N PHE C 6 -30.02 33.22 -13.97
CA PHE C 6 -28.87 33.50 -14.81
C PHE C 6 -29.19 34.40 -16.00
N ILE C 7 -30.46 34.53 -16.37
CA ILE C 7 -30.82 35.40 -17.50
C ILE C 7 -30.53 36.85 -17.17
N ASP C 8 -30.87 37.29 -15.96
CA ASP C 8 -30.70 38.68 -15.56
C ASP C 8 -29.29 39.00 -15.07
N ARG C 9 -28.43 37.99 -14.91
CA ARG C 9 -27.05 38.19 -14.45
C ARG C 9 -26.12 37.45 -15.39
N PRO C 10 -25.91 37.98 -16.60
CA PRO C 10 -24.98 37.31 -17.53
C PRO C 10 -23.56 37.23 -17.01
N ILE C 11 -23.15 38.17 -16.16
CA ILE C 11 -21.78 38.18 -15.65
C ILE C 11 -21.52 36.96 -14.78
N PHE C 12 -22.53 36.50 -14.04
CA PHE C 12 -22.36 35.28 -13.23
C PHE C 12 -22.07 34.08 -14.12
N ALA C 13 -22.81 33.94 -15.22
CA ALA C 13 -22.57 32.85 -16.15
C ALA C 13 -21.20 32.98 -16.79
N GLY C 14 -20.80 34.21 -17.14
CA GLY C 14 -19.47 34.40 -17.70
C GLY C 14 -18.38 33.99 -16.74
N VAL C 15 -18.52 34.37 -15.47
CA VAL C 15 -17.53 34.00 -14.46
C VAL C 15 -17.47 32.49 -14.29
N LEU C 16 -18.63 31.83 -14.24
CA LEU C 16 -18.64 30.38 -14.10
C LEU C 16 -17.98 29.69 -15.28
N SER C 17 -18.29 30.15 -16.51
CA SER C 17 -17.68 29.55 -17.69
C SER C 17 -16.18 29.78 -17.73
N VAL C 18 -15.73 30.98 -17.34
CA VAL C 18 -14.31 31.27 -17.33
C VAL C 18 -13.60 30.42 -16.29
N LEU C 19 -14.23 30.21 -15.13
CA LEU C 19 -13.66 29.34 -14.11
C LEU C 19 -13.52 27.91 -14.62
N ILE C 20 -14.55 27.40 -15.30
CA ILE C 20 -14.50 26.05 -15.85
C ILE C 20 -13.38 25.94 -16.88
N LEU C 21 -13.29 26.94 -17.77
CA LEU C 21 -12.26 26.95 -18.80
C LEU C 21 -10.86 26.98 -18.18
N LEU C 22 -10.66 27.81 -17.15
CA LEU C 22 -9.37 27.89 -16.49
C LEU C 22 -9.01 26.58 -15.81
N ALA C 23 -9.99 25.95 -15.16
CA ALA C 23 -9.72 24.66 -14.52
C ALA C 23 -9.32 23.62 -15.56
N GLY C 24 -10.03 23.56 -16.68
CA GLY C 24 -9.67 22.61 -17.73
C GLY C 24 -8.30 22.87 -18.30
N LEU C 25 -7.98 24.15 -18.56
CA LEU C 25 -6.68 24.48 -19.12
C LEU C 25 -5.54 24.16 -18.16
N LEU C 26 -5.76 24.39 -16.86
CA LEU C 26 -4.75 24.05 -15.87
C LEU C 26 -4.58 22.54 -15.73
N SER C 27 -5.68 21.79 -15.83
CA SER C 27 -5.62 20.35 -15.58
C SER C 27 -5.13 19.56 -16.79
N VAL C 28 -5.29 20.09 -18.01
CA VAL C 28 -4.95 19.30 -19.20
C VAL C 28 -3.46 18.99 -19.26
N PHE C 29 -2.61 19.84 -18.68
CA PHE C 29 -1.17 19.67 -18.82
C PHE C 29 -0.56 18.71 -17.80
N GLN C 30 -1.37 18.14 -16.90
CA GLN C 30 -0.89 17.20 -15.90
C GLN C 30 -1.58 15.85 -16.04
N LEU C 31 -1.63 15.32 -17.27
CA LEU C 31 -2.37 14.10 -17.55
C LEU C 31 -1.50 13.15 -18.36
N PRO C 32 -1.40 11.88 -17.97
CA PRO C 32 -0.55 10.95 -18.71
C PRO C 32 -1.09 10.64 -20.09
N ILE C 33 -0.17 10.28 -21.00
CA ILE C 33 -0.51 9.96 -22.38
C ILE C 33 0.15 8.63 -22.74
N SER C 34 -0.56 7.85 -23.54
CA SER C 34 -0.06 6.58 -24.07
C SER C 34 -0.89 6.25 -25.31
N GLU C 35 -0.35 5.38 -26.16
CA GLU C 35 -1.04 4.96 -27.38
C GLU C 35 -2.26 4.11 -27.08
N TYR C 36 -2.14 3.18 -26.15
CA TYR C 36 -3.21 2.30 -25.72
C TYR C 36 -3.22 2.21 -24.20
N PRO C 37 -4.38 1.94 -23.59
CA PRO C 37 -4.44 1.77 -22.14
C PRO C 37 -3.79 0.47 -21.70
N GLU C 38 -3.64 0.32 -20.39
CA GLU C 38 -3.00 -0.86 -19.81
C GLU C 38 -3.89 -2.08 -20.03
N VAL C 39 -3.47 -2.97 -20.92
CA VAL C 39 -4.22 -4.18 -21.22
C VAL C 39 -3.34 -5.41 -21.01
N VAL C 40 -2.03 -5.21 -21.10
CA VAL C 40 -1.10 -6.34 -20.90
C VAL C 40 -1.04 -6.68 -19.42
N PRO C 41 -1.33 -7.91 -19.02
CA PRO C 41 -1.22 -8.29 -17.60
C PRO C 41 0.22 -8.16 -17.12
N PRO C 42 0.41 -7.78 -15.86
CA PRO C 42 1.77 -7.67 -15.33
C PRO C 42 2.43 -9.04 -15.23
N SER C 43 3.76 -9.04 -15.32
CA SER C 43 4.52 -10.28 -15.27
C SER C 43 5.85 -10.02 -14.58
N VAL C 44 6.48 -11.10 -14.12
CA VAL C 44 7.76 -11.03 -13.43
C VAL C 44 8.70 -12.06 -14.08
N VAL C 45 9.94 -11.65 -14.34
CA VAL C 45 10.91 -12.46 -15.06
C VAL C 45 12.09 -12.75 -14.14
N VAL C 46 12.44 -14.02 -14.01
CA VAL C 46 13.59 -14.47 -13.25
C VAL C 46 14.59 -15.09 -14.22
N ARG C 47 15.85 -14.67 -14.13
CA ARG C 47 16.90 -15.12 -15.03
C ARG C 47 18.01 -15.79 -14.25
N ALA C 48 18.50 -16.91 -14.78
CA ALA C 48 19.61 -17.64 -14.19
C ALA C 48 20.52 -18.15 -15.31
N GLN C 49 21.78 -18.39 -14.95
CA GLN C 49 22.80 -18.80 -15.90
C GLN C 49 23.56 -20.00 -15.36
N TYR C 50 23.81 -20.97 -16.22
CA TYR C 50 24.60 -22.16 -15.87
C TYR C 50 25.43 -22.53 -17.10
N PRO C 51 26.60 -21.96 -17.25
CA PRO C 51 27.40 -22.20 -18.46
C PRO C 51 27.87 -23.64 -18.57
N GLY C 52 27.88 -24.14 -19.81
CA GLY C 52 28.38 -25.47 -20.09
C GLY C 52 27.45 -26.61 -19.75
N ALA C 53 26.17 -26.33 -19.52
CA ALA C 53 25.19 -27.34 -19.13
C ALA C 53 24.17 -27.55 -20.25
N ASN C 54 23.94 -28.80 -20.59
CA ASN C 54 22.94 -29.14 -21.60
C ASN C 54 21.53 -28.91 -21.06
N PRO C 55 20.55 -28.70 -21.95
CA PRO C 55 19.19 -28.36 -21.48
C PRO C 55 18.60 -29.36 -20.51
N LYS C 56 18.88 -30.66 -20.68
CA LYS C 56 18.30 -31.66 -19.78
C LYS C 56 18.75 -31.45 -18.34
N VAL C 57 20.04 -31.20 -18.13
CA VAL C 57 20.56 -31.04 -16.78
C VAL C 57 20.02 -29.77 -16.14
N ILE C 58 20.00 -28.66 -16.88
CA ILE C 58 19.53 -27.40 -16.32
C ILE C 58 18.02 -27.46 -16.06
N ALA C 59 17.30 -28.27 -16.84
CA ALA C 59 15.87 -28.43 -16.59
C ALA C 59 15.62 -29.30 -15.36
N GLU C 60 16.38 -30.38 -15.20
CA GLU C 60 16.16 -31.32 -14.11
C GLU C 60 16.65 -30.82 -12.77
N THR C 61 17.78 -30.10 -12.73
CA THR C 61 18.43 -29.76 -11.47
C THR C 61 18.30 -28.31 -11.05
N VAL C 62 17.94 -27.40 -11.95
CA VAL C 62 17.90 -25.98 -11.66
C VAL C 62 16.46 -25.45 -11.66
N ALA C 63 15.70 -25.74 -12.70
CA ALA C 63 14.34 -25.20 -12.80
C ALA C 63 13.37 -25.88 -11.85
N SER C 64 13.62 -27.15 -11.51
CA SER C 64 12.69 -27.89 -10.68
C SER C 64 12.51 -27.29 -9.28
N PRO C 65 13.58 -26.98 -8.52
CA PRO C 65 13.34 -26.38 -7.20
C PRO C 65 12.64 -25.04 -7.25
N LEU C 66 13.03 -24.16 -8.18
CA LEU C 66 12.39 -22.86 -8.30
C LEU C 66 10.91 -23.02 -8.66
N GLU C 67 10.59 -23.93 -9.59
CA GLU C 67 9.20 -24.14 -9.95
C GLU C 67 8.40 -24.71 -8.78
N GLU C 68 9.00 -25.62 -8.01
CA GLU C 68 8.29 -26.24 -6.90
C GLU C 68 8.10 -25.28 -5.74
N SER C 69 8.98 -24.29 -5.60
CA SER C 69 8.87 -23.35 -4.49
C SER C 69 8.04 -22.12 -4.84
N ILE C 70 8.07 -21.70 -6.11
CA ILE C 70 7.35 -20.49 -6.51
C ILE C 70 5.84 -20.68 -6.36
N ASN C 71 5.33 -21.85 -6.75
CA ASN C 71 3.90 -22.09 -6.73
C ASN C 71 3.32 -21.91 -5.33
N GLY C 72 2.23 -21.15 -5.24
CA GLY C 72 1.60 -20.87 -3.96
C GLY C 72 1.28 -19.41 -3.77
N VAL C 73 1.76 -18.55 -4.67
CA VAL C 73 1.49 -17.13 -4.57
C VAL C 73 0.03 -16.85 -4.92
N GLU C 74 -0.45 -15.69 -4.50
CA GLU C 74 -1.84 -15.33 -4.70
C GLU C 74 -2.05 -14.60 -6.03
N ASP C 75 -3.16 -14.92 -6.69
CA ASP C 75 -3.56 -14.27 -7.94
C ASP C 75 -2.49 -14.46 -9.02
N MET C 76 -2.20 -15.72 -9.33
CA MET C 76 -1.25 -16.08 -10.36
C MET C 76 -1.94 -16.90 -11.44
N LEU C 77 -1.79 -16.48 -12.70
CA LEU C 77 -2.40 -17.21 -13.80
C LEU C 77 -1.58 -18.43 -14.19
N TYR C 78 -0.31 -18.24 -14.53
CA TYR C 78 0.55 -19.35 -14.92
C TYR C 78 2.00 -18.91 -14.85
N MET C 79 2.89 -19.86 -15.13
CA MET C 79 4.32 -19.64 -15.17
C MET C 79 4.91 -20.50 -16.29
N GLN C 80 5.85 -19.94 -17.02
CA GLN C 80 6.51 -20.65 -18.11
C GLN C 80 8.02 -20.56 -17.93
N SER C 81 8.69 -21.71 -18.02
CA SER C 81 10.14 -21.76 -17.88
C SER C 81 10.75 -22.26 -19.18
N GLN C 82 11.79 -21.56 -19.64
CA GLN C 82 12.46 -21.90 -20.88
C GLN C 82 13.95 -22.05 -20.62
N ALA C 83 14.52 -23.15 -21.09
CA ALA C 83 15.96 -23.41 -20.98
C ALA C 83 16.48 -23.74 -22.35
N ASN C 84 17.54 -23.04 -22.77
CA ASN C 84 18.11 -23.22 -24.09
C ASN C 84 19.49 -23.87 -24.00
N SER C 85 20.18 -23.96 -25.14
CA SER C 85 21.41 -24.74 -25.22
C SER C 85 22.57 -24.08 -24.49
N ASP C 86 22.65 -22.74 -24.47
CA ASP C 86 23.81 -22.07 -23.90
C ASP C 86 23.67 -21.86 -22.39
N GLY C 87 22.86 -22.70 -21.75
CA GLY C 87 22.74 -22.67 -20.30
C GLY C 87 22.15 -21.41 -19.73
N ASN C 88 21.05 -20.94 -20.31
CA ASN C 88 20.32 -19.79 -19.82
C ASN C 88 18.90 -20.21 -19.48
N LEU C 89 18.45 -19.90 -18.27
CA LEU C 89 17.13 -20.28 -17.80
C LEU C 89 16.31 -19.01 -17.54
N THR C 90 15.11 -18.95 -18.13
CA THR C 90 14.24 -17.79 -17.99
C THR C 90 12.87 -18.25 -17.53
N ILE C 91 12.38 -17.72 -16.43
CA ILE C 91 11.07 -18.05 -15.88
C ILE C 91 10.21 -16.80 -15.89
N THR C 92 9.04 -16.89 -16.53
CA THR C 92 8.11 -15.77 -16.62
C THR C 92 6.82 -16.17 -15.93
N VAL C 93 6.45 -15.42 -14.89
CA VAL C 93 5.24 -15.69 -14.12
C VAL C 93 4.26 -14.54 -14.35
N ASN C 94 3.02 -14.90 -14.70
CA ASN C 94 1.99 -13.92 -15.03
C ASN C 94 0.98 -13.81 -13.90
N PHE C 95 0.62 -12.58 -13.57
CA PHE C 95 -0.36 -12.29 -12.53
C PHE C 95 -1.64 -11.81 -13.17
N LYS C 96 -2.67 -11.65 -12.34
CA LYS C 96 -3.96 -11.16 -12.82
C LYS C 96 -3.88 -9.67 -13.17
N LEU C 97 -4.99 -9.15 -13.67
CA LEU C 97 -5.06 -7.76 -14.07
C LEU C 97 -5.52 -6.90 -12.89
N GLY C 98 -4.81 -5.81 -12.64
CA GLY C 98 -5.12 -4.91 -11.56
C GLY C 98 -4.21 -5.02 -10.35
N ILE C 99 -3.34 -6.04 -10.31
CA ILE C 99 -2.43 -6.20 -9.18
C ILE C 99 -1.23 -5.30 -9.37
N ASP C 100 -0.81 -4.63 -8.30
CA ASP C 100 0.34 -3.75 -8.36
C ASP C 100 1.61 -4.55 -8.63
N PRO C 101 2.44 -4.15 -9.59
CA PRO C 101 3.65 -4.94 -9.88
C PRO C 101 4.62 -5.04 -8.71
N ASP C 102 4.68 -4.02 -7.84
CA ASP C 102 5.63 -4.03 -6.74
C ASP C 102 5.35 -5.18 -5.78
N LYS C 103 4.08 -5.41 -5.44
CA LYS C 103 3.74 -6.51 -4.54
C LYS C 103 4.10 -7.85 -5.15
N ALA C 104 3.82 -8.02 -6.45
CA ALA C 104 4.16 -9.27 -7.12
C ALA C 104 5.67 -9.50 -7.12
N GLN C 105 6.44 -8.45 -7.40
CA GLN C 105 7.90 -8.59 -7.40
C GLN C 105 8.40 -8.94 -6.01
N GLN C 106 7.85 -8.30 -4.99
CA GLN C 106 8.26 -8.61 -3.62
C GLN C 106 7.94 -10.05 -3.26
N LEU C 107 6.76 -10.53 -3.64
CA LEU C 107 6.39 -11.92 -3.35
C LEU C 107 7.31 -12.89 -4.06
N VAL C 108 7.61 -12.62 -5.34
CA VAL C 108 8.47 -13.51 -6.10
C VAL C 108 9.88 -13.53 -5.51
N GLN C 109 10.40 -12.36 -5.12
CA GLN C 109 11.72 -12.30 -4.51
C GLN C 109 11.75 -13.07 -3.19
N ASN C 110 10.71 -12.88 -2.37
CA ASN C 110 10.64 -13.59 -1.10
C ASN C 110 10.57 -15.10 -1.30
N ARG C 111 9.91 -15.54 -2.38
CA ARG C 111 9.80 -16.97 -2.65
C ARG C 111 11.12 -17.54 -3.16
N VAL C 112 11.81 -16.80 -4.03
CA VAL C 112 13.04 -17.33 -4.61
C VAL C 112 14.18 -17.31 -3.60
N SER C 113 14.18 -16.35 -2.69
CA SER C 113 15.22 -16.30 -1.67
C SER C 113 15.16 -17.51 -0.74
N GLN C 114 13.99 -18.10 -0.57
CA GLN C 114 13.89 -19.29 0.28
C GLN C 114 14.45 -20.52 -0.42
N ALA C 115 14.25 -20.63 -1.73
CA ALA C 115 14.71 -21.78 -2.50
C ALA C 115 16.12 -21.63 -3.04
N MET C 116 16.75 -20.47 -2.85
CA MET C 116 18.13 -20.28 -3.30
C MET C 116 19.10 -21.34 -2.79
N PRO C 117 19.12 -21.72 -1.50
CA PRO C 117 20.21 -22.60 -1.02
C PRO C 117 20.24 -23.97 -1.67
N ARG C 118 19.13 -24.46 -2.26
CA ARG C 118 19.13 -25.80 -2.83
C ARG C 118 19.81 -25.85 -4.19
N LEU C 119 20.11 -24.71 -4.79
CA LEU C 119 20.69 -24.69 -6.13
C LEU C 119 22.16 -25.13 -6.09
N PRO C 120 22.69 -25.60 -7.23
CA PRO C 120 24.11 -25.99 -7.27
C PRO C 120 25.06 -24.85 -6.94
N GLU C 121 26.33 -25.18 -6.71
CA GLU C 121 27.30 -24.17 -6.28
C GLU C 121 27.53 -23.13 -7.37
N ASP C 122 27.62 -23.57 -8.63
CA ASP C 122 27.98 -22.66 -9.72
C ASP C 122 26.92 -21.59 -9.92
N VAL C 123 25.65 -21.98 -9.95
CA VAL C 123 24.58 -21.01 -10.25
C VAL C 123 24.42 -20.01 -9.12
N GLN C 124 24.52 -20.48 -7.86
CA GLN C 124 24.39 -19.55 -6.74
C GLN C 124 25.61 -18.67 -6.59
N ARG C 125 26.80 -19.16 -6.96
CA ARG C 125 28.00 -18.34 -6.92
C ARG C 125 27.96 -17.29 -8.03
N LEU C 126 27.38 -17.62 -9.18
CA LEU C 126 27.19 -16.63 -10.23
C LEU C 126 26.03 -15.69 -9.92
N GLY C 127 24.99 -16.19 -9.28
CA GLY C 127 23.86 -15.39 -8.88
C GLY C 127 22.72 -15.43 -9.89
N VAL C 128 21.50 -15.23 -9.38
CA VAL C 128 20.30 -15.17 -10.18
C VAL C 128 19.62 -13.82 -9.96
N THR C 129 18.84 -13.39 -10.96
CA THR C 129 18.21 -12.08 -10.90
C THR C 129 16.71 -12.21 -11.10
N THR C 130 15.96 -11.24 -10.58
CA THR C 130 14.51 -11.18 -10.76
C THR C 130 14.09 -9.72 -10.94
N LEU C 131 13.15 -9.48 -11.85
CA LEU C 131 12.75 -8.12 -12.16
C LEU C 131 11.39 -8.13 -12.85
N LYS C 132 10.64 -7.04 -12.70
CA LYS C 132 9.36 -6.90 -13.37
C LYS C 132 9.56 -6.55 -14.85
N SER C 133 8.47 -6.63 -15.61
CA SER C 133 8.52 -6.44 -17.05
C SER C 133 7.70 -5.22 -17.46
N SER C 134 8.28 -4.40 -18.32
CA SER C 134 7.59 -3.23 -18.88
C SER C 134 7.26 -3.49 -20.34
N PRO C 135 5.98 -3.64 -20.71
CA PRO C 135 5.64 -4.03 -22.08
C PRO C 135 5.73 -2.91 -23.11
N THR C 136 5.83 -1.65 -22.69
CA THR C 136 5.75 -0.51 -23.61
C THR C 136 7.16 -0.04 -23.96
N LEU C 137 7.41 0.09 -25.26
CA LEU C 137 8.68 0.60 -25.77
C LEU C 137 8.44 1.95 -26.44
N THR C 138 9.34 2.90 -26.21
CA THR C 138 9.10 4.23 -26.75
C THR C 138 10.03 4.57 -27.92
N MET C 139 11.30 4.20 -27.82
CA MET C 139 12.25 4.49 -28.88
C MET C 139 13.33 3.41 -28.87
N VAL C 140 13.97 3.25 -30.02
CA VAL C 140 15.21 2.48 -30.13
C VAL C 140 16.27 3.41 -30.69
N VAL C 141 17.50 3.23 -30.23
CA VAL C 141 18.62 4.07 -30.63
C VAL C 141 19.82 3.16 -30.87
N HIS C 142 20.49 3.35 -32.01
CA HIS C 142 21.70 2.61 -32.34
C HIS C 142 22.91 3.51 -32.18
N LEU C 143 24.09 2.89 -32.16
CA LEU C 143 25.34 3.61 -31.90
C LEU C 143 26.44 2.83 -32.61
N THR C 144 26.89 3.34 -33.74
CA THR C 144 27.67 2.60 -34.72
C THR C 144 29.06 3.20 -34.89
N SER C 145 29.93 2.41 -35.50
CA SER C 145 31.27 2.85 -35.90
C SER C 145 31.38 2.74 -37.41
N PRO C 146 31.24 3.86 -38.15
CA PRO C 146 31.28 3.77 -39.61
C PRO C 146 32.59 3.25 -40.18
N ASP C 147 33.72 3.53 -39.54
CA ASP C 147 35.02 3.15 -40.06
C ASP C 147 35.43 1.73 -39.70
N ASN C 148 34.59 1.01 -38.96
CA ASN C 148 34.88 -0.37 -38.54
C ASN C 148 36.17 -0.44 -37.73
N ARG C 149 36.43 0.60 -36.93
CA ARG C 149 37.60 0.63 -36.07
C ARG C 149 37.38 -0.13 -34.77
N TYR C 150 36.14 -0.17 -34.28
CA TYR C 150 35.81 -0.83 -33.02
C TYR C 150 34.82 -1.95 -33.26
N ASP C 151 35.01 -3.06 -32.54
CA ASP C 151 34.15 -4.22 -32.66
C ASP C 151 32.91 -4.05 -31.80
N MET C 152 32.12 -5.12 -31.66
CA MET C 152 30.90 -5.07 -30.86
C MET C 152 31.17 -4.93 -29.38
N THR C 153 32.17 -5.65 -28.85
CA THR C 153 32.37 -5.71 -27.40
C THR C 153 32.75 -4.37 -26.82
N TYR C 154 33.73 -3.69 -27.42
CA TYR C 154 34.15 -2.38 -26.93
C TYR C 154 33.01 -1.37 -27.02
N LEU C 155 32.25 -1.43 -28.12
CA LEU C 155 31.18 -0.47 -28.32
C LEU C 155 30.08 -0.67 -27.28
N ARG C 156 29.72 -1.93 -27.02
CA ARG C 156 28.71 -2.23 -26.00
C ARG C 156 29.20 -1.82 -24.61
N ASN C 157 30.48 -2.08 -24.29
CA ASN C 157 30.99 -1.70 -22.99
C ASN C 157 31.04 -0.18 -22.83
N TYR C 158 31.36 0.54 -23.91
CA TYR C 158 31.31 2.00 -23.86
C TYR C 158 29.89 2.49 -23.61
N ALA C 159 28.90 1.89 -24.29
CA ALA C 159 27.51 2.25 -24.05
C ALA C 159 27.12 1.99 -22.59
N VAL C 160 27.59 0.87 -22.03
CA VAL C 160 27.33 0.57 -20.63
C VAL C 160 27.96 1.64 -19.73
N LEU C 161 29.20 2.02 -20.02
CA LEU C 161 29.95 2.90 -19.12
C LEU C 161 29.42 4.33 -19.14
N ASN C 162 29.08 4.84 -20.33
CA ASN C 162 28.84 6.28 -20.47
C ASN C 162 27.43 6.68 -20.87
N VAL C 163 26.57 5.76 -21.28
CA VAL C 163 25.26 6.08 -21.83
C VAL C 163 24.13 5.60 -20.94
N LYS C 164 24.21 4.35 -20.46
CA LYS C 164 23.10 3.76 -19.71
C LYS C 164 22.83 4.53 -18.42
N ASP C 165 23.89 4.95 -17.72
CA ASP C 165 23.71 5.62 -16.43
C ASP C 165 22.94 6.92 -16.58
N ARG C 166 23.26 7.71 -17.60
CA ARG C 166 22.56 8.99 -17.80
C ARG C 166 21.10 8.77 -18.20
N LEU C 167 20.83 7.76 -19.04
CA LEU C 167 19.47 7.50 -19.48
C LEU C 167 18.60 6.93 -18.37
N ALA C 168 19.18 6.13 -17.47
CA ALA C 168 18.39 5.48 -16.43
C ALA C 168 17.81 6.49 -15.44
N ARG C 169 18.57 7.55 -15.12
CA ARG C 169 18.12 8.54 -14.15
C ARG C 169 17.01 9.43 -14.65
N LEU C 170 16.66 9.35 -15.94
CA LEU C 170 15.61 10.19 -16.49
C LEU C 170 14.27 9.89 -15.84
N GLN C 171 13.35 10.85 -15.98
CA GLN C 171 12.04 10.75 -15.34
C GLN C 171 11.06 10.07 -16.30
N GLY C 172 10.43 8.98 -15.84
CA GLY C 172 9.46 8.25 -16.63
C GLY C 172 10.00 7.00 -17.28
N VAL C 173 11.30 6.78 -17.25
CA VAL C 173 11.90 5.61 -17.89
C VAL C 173 11.71 4.40 -16.98
N GLY C 174 11.15 3.32 -17.53
CA GLY C 174 10.97 2.10 -16.78
C GLY C 174 12.24 1.26 -16.75
N GLU C 175 12.73 0.87 -17.92
CA GLU C 175 13.97 0.12 -18.02
C GLU C 175 14.60 0.39 -19.37
N VAL C 176 15.90 0.15 -19.45
CA VAL C 176 16.69 0.31 -20.68
C VAL C 176 17.37 -1.00 -20.98
N GLY C 177 17.16 -1.51 -22.20
CA GLY C 177 17.75 -2.75 -22.63
C GLY C 177 19.09 -2.55 -23.34
N LEU C 178 19.73 -3.68 -23.63
CA LEU C 178 21.04 -3.67 -24.29
C LEU C 178 21.25 -5.02 -24.95
N PHE C 179 21.38 -5.04 -26.27
CA PHE C 179 21.56 -6.28 -27.02
C PHE C 179 22.85 -6.15 -27.82
N GLY C 180 23.94 -6.69 -27.27
CA GLY C 180 25.24 -6.60 -27.91
C GLY C 180 26.03 -7.89 -27.83
N SER C 181 27.29 -7.80 -27.41
CA SER C 181 28.17 -8.97 -27.32
C SER C 181 28.60 -9.31 -25.90
N GLY C 182 28.23 -8.52 -24.90
CA GLY C 182 28.59 -8.83 -23.53
C GLY C 182 29.63 -7.89 -22.94
N ASP C 183 29.76 -7.93 -21.62
CA ASP C 183 30.71 -7.08 -20.93
C ASP C 183 32.13 -7.64 -21.05
N TYR C 184 33.09 -6.86 -20.54
CA TYR C 184 34.49 -7.25 -20.62
C TYR C 184 34.79 -8.45 -19.72
N ALA C 185 35.85 -9.17 -20.08
CA ALA C 185 36.34 -10.28 -19.27
C ALA C 185 37.78 -10.57 -19.67
N MET C 186 38.52 -11.16 -18.74
CA MET C 186 39.89 -11.61 -18.98
C MET C 186 39.83 -13.10 -19.32
N ARG C 187 40.09 -13.44 -20.57
CA ARG C 187 39.96 -14.79 -21.07
C ARG C 187 41.34 -15.43 -21.19
N VAL C 188 41.45 -16.68 -20.76
CA VAL C 188 42.66 -17.48 -20.93
C VAL C 188 42.29 -18.67 -21.81
N TRP C 189 43.09 -18.92 -22.84
CA TRP C 189 42.91 -20.06 -23.72
C TRP C 189 44.05 -21.04 -23.50
N LEU C 190 43.71 -22.28 -23.18
CA LEU C 190 44.69 -23.29 -22.82
C LEU C 190 44.98 -24.23 -23.99
N ASP C 191 46.17 -24.81 -23.97
CA ASP C 191 46.57 -25.80 -24.97
C ASP C 191 46.84 -27.10 -24.22
N PRO C 192 45.96 -28.08 -24.33
CA PRO C 192 46.13 -29.32 -23.53
C PRO C 192 47.44 -30.03 -23.79
N GLN C 193 47.99 -29.94 -25.02
CA GLN C 193 49.25 -30.62 -25.31
C GLN C 193 50.39 -30.05 -24.48
N LYS C 194 50.50 -28.71 -24.43
CA LYS C 194 51.54 -28.09 -23.62
C LYS C 194 51.30 -28.30 -22.14
N VAL C 195 50.04 -28.33 -21.71
CA VAL C 195 49.73 -28.59 -20.31
C VAL C 195 50.19 -29.99 -19.91
N ALA C 196 49.91 -30.99 -20.75
CA ALA C 196 50.34 -32.34 -20.47
C ALA C 196 51.83 -32.53 -20.65
N GLN C 197 52.49 -31.64 -21.41
CA GLN C 197 53.94 -31.75 -21.57
C GLN C 197 54.67 -31.53 -20.25
N ARG C 198 54.10 -30.72 -19.37
CA ARG C 198 54.73 -30.38 -18.10
C ARG C 198 54.23 -31.22 -16.94
N ASN C 199 53.56 -32.34 -17.22
CA ASN C 199 52.96 -33.18 -16.19
C ASN C 199 52.04 -32.36 -15.28
N LEU C 200 51.24 -31.51 -15.91
CA LEU C 200 50.38 -30.55 -15.24
C LEU C 200 48.92 -30.86 -15.54
N THR C 201 48.05 -30.53 -14.60
CA THR C 201 46.61 -30.72 -14.75
C THR C 201 45.89 -29.38 -14.69
N ALA C 202 44.66 -29.36 -15.23
CA ALA C 202 43.92 -28.11 -15.33
C ALA C 202 43.47 -27.61 -13.96
N THR C 203 43.04 -28.52 -13.08
CA THR C 203 42.58 -28.11 -11.76
C THR C 203 43.68 -27.46 -10.95
N GLU C 204 44.91 -27.97 -11.06
CA GLU C 204 46.03 -27.33 -10.38
C GLU C 204 46.26 -25.92 -10.92
N ILE C 205 46.11 -25.74 -12.23
CA ILE C 205 46.25 -24.42 -12.83
C ILE C 205 45.19 -23.46 -12.27
N VAL C 206 43.94 -23.93 -12.19
CA VAL C 206 42.87 -23.09 -11.67
C VAL C 206 43.14 -22.73 -10.21
N ASN C 207 43.62 -23.69 -9.42
CA ASN C 207 43.96 -23.40 -8.04
C ASN C 207 45.10 -22.39 -7.95
N ALA C 208 46.10 -22.51 -8.82
CA ALA C 208 47.24 -21.60 -8.78
C ALA C 208 46.83 -20.17 -9.14
N ILE C 209 46.00 -20.02 -10.17
CA ILE C 209 45.60 -18.67 -10.57
C ILE C 209 44.70 -18.04 -9.53
N ARG C 210 43.94 -18.85 -8.79
CA ARG C 210 43.03 -18.33 -7.78
C ARG C 210 43.73 -17.85 -6.54
N GLU C 211 44.97 -18.27 -6.28
CA GLU C 211 45.69 -17.91 -5.07
C GLU C 211 46.65 -16.74 -5.25
N GLN C 212 46.97 -16.36 -6.50
CA GLN C 212 47.89 -15.26 -6.76
C GLN C 212 47.18 -14.02 -7.28
N ASN C 213 45.85 -13.98 -7.20
CA ASN C 213 45.06 -12.83 -7.65
C ASN C 213 44.01 -12.50 -6.60
N ILE C 214 44.42 -12.49 -5.34
CA ILE C 214 43.54 -12.16 -4.22
C ILE C 214 44.01 -10.87 -3.58
N GLN C 215 43.07 -10.13 -3.01
CA GLN C 215 43.42 -8.93 -2.28
C GLN C 215 43.82 -9.28 -0.84
N VAL C 216 44.68 -8.44 -0.26
CA VAL C 216 45.22 -8.66 1.06
C VAL C 216 44.71 -7.57 1.98
N ALA C 217 44.36 -7.95 3.21
CA ALA C 217 43.94 -7.01 4.25
C ALA C 217 45.02 -7.00 5.33
N ALA C 218 45.55 -5.82 5.60
CA ALA C 218 46.62 -5.66 6.59
C ALA C 218 46.17 -4.72 7.68
N GLY C 219 46.41 -5.11 8.93
CA GLY C 219 46.07 -4.27 10.06
C GLY C 219 46.99 -3.08 10.17
N THR C 220 46.56 -2.11 10.98
CA THR C 220 47.35 -0.91 11.19
C THR C 220 48.46 -1.18 12.20
N ILE C 221 49.38 -0.23 12.31
CA ILE C 221 50.50 -0.30 13.24
C ILE C 221 50.28 0.75 14.32
N GLY C 222 50.28 0.32 15.58
CA GLY C 222 50.04 1.24 16.67
C GLY C 222 48.60 1.66 16.84
N ALA C 223 47.64 0.77 16.53
CA ALA C 223 46.23 1.08 16.66
C ALA C 223 45.84 1.28 18.13
N PRO C 225 44.14 0.01 21.48
CA PRO C 225 44.58 -0.19 22.86
C PRO C 225 46.11 -0.18 22.99
N SER C 226 46.78 0.51 22.08
CA SER C 226 48.23 0.63 22.10
C SER C 226 48.63 1.92 22.80
N ASN C 227 49.93 2.11 22.98
CA ASN C 227 50.47 3.28 23.65
C ASN C 227 51.56 3.92 22.77
N SER C 228 51.32 3.96 21.46
CA SER C 228 52.23 4.59 20.54
C SER C 228 51.70 5.94 20.09
N PRO C 229 52.57 6.94 19.93
CA PRO C 229 52.10 8.27 19.52
C PRO C 229 51.50 8.32 18.12
N LEU C 230 51.90 7.41 17.23
CA LEU C 230 51.45 7.42 15.84
C LEU C 230 50.76 6.10 15.51
N GLN C 231 49.80 6.16 14.59
CA GLN C 231 49.17 4.97 14.03
C GLN C 231 49.23 5.09 12.51
N LEU C 232 49.81 4.07 11.87
CA LEU C 232 50.02 4.06 10.43
C LEU C 232 49.38 2.83 9.81
N SER C 233 48.69 3.03 8.69
CA SER C 233 48.06 1.93 7.98
C SER C 233 49.07 1.21 7.10
N VAL C 234 48.80 -0.07 6.85
CA VAL C 234 49.66 -0.92 6.04
C VAL C 234 48.88 -1.42 4.84
N ASN C 235 49.48 -1.31 3.65
CA ASN C 235 48.88 -1.79 2.42
C ASN C 235 49.92 -2.52 1.59
N ALA C 236 49.46 -3.46 0.77
CA ALA C 236 50.34 -4.26 -0.07
C ALA C 236 49.71 -4.38 -1.45
N GLN C 237 50.33 -5.21 -2.30
CA GLN C 237 49.87 -5.43 -3.67
C GLN C 237 48.86 -6.56 -3.68
N GLY C 238 47.69 -6.31 -4.26
CA GLY C 238 46.65 -7.31 -4.30
C GLY C 238 46.31 -7.81 -5.69
N ARG C 239 45.20 -7.33 -6.24
CA ARG C 239 44.72 -7.81 -7.52
C ARG C 239 45.59 -7.32 -8.67
N LEU C 240 45.68 -8.14 -9.71
CA LEU C 240 46.38 -7.79 -10.94
C LEU C 240 45.45 -7.00 -11.86
N THR C 241 46.05 -6.24 -12.78
CA THR C 241 45.28 -5.35 -13.64
C THR C 241 45.58 -5.51 -15.12
N THR C 242 46.83 -5.76 -15.50
CA THR C 242 47.21 -5.81 -16.90
C THR C 242 47.40 -7.25 -17.36
N GLU C 243 47.41 -7.41 -18.69
CA GLU C 243 47.56 -8.75 -19.27
C GLU C 243 48.95 -9.32 -19.02
N GLN C 244 49.99 -8.48 -19.01
CA GLN C 244 51.34 -8.96 -18.77
C GLN C 244 51.45 -9.55 -17.36
N GLU C 245 50.83 -8.91 -16.37
CA GLU C 245 50.86 -9.44 -15.01
C GLU C 245 50.17 -10.80 -14.94
N PHE C 246 49.06 -10.96 -15.65
CA PHE C 246 48.39 -12.26 -15.69
C PHE C 246 49.27 -13.30 -16.37
N ALA C 247 49.97 -12.92 -17.44
CA ALA C 247 50.84 -13.85 -18.14
C ALA C 247 52.09 -14.17 -17.37
N ASP C 248 52.45 -13.37 -16.36
CA ASP C 248 53.65 -13.59 -15.57
C ASP C 248 53.39 -14.45 -14.32
N ILE C 249 52.23 -15.09 -14.24
CA ILE C 249 51.92 -15.94 -13.08
C ILE C 249 52.77 -17.20 -13.13
N ILE C 250 53.39 -17.54 -12.00
CA ILE C 250 54.22 -18.73 -11.90
C ILE C 250 53.34 -19.90 -11.46
N LEU C 251 53.41 -21.00 -12.21
CA LEU C 251 52.58 -22.18 -11.91
C LEU C 251 53.39 -23.26 -11.18
N LYS C 252 54.47 -23.73 -11.78
CA LYS C 252 55.28 -24.79 -11.21
C LYS C 252 56.75 -24.47 -11.40
N THR C 253 57.55 -24.77 -10.37
CA THR C 253 58.98 -24.54 -10.39
C THR C 253 59.73 -25.86 -10.29
N ALA C 254 60.80 -25.99 -11.07
CA ALA C 254 61.60 -27.20 -11.07
C ALA C 254 63.07 -26.89 -10.82
N ALA C 258 64.17 -24.95 -13.44
CA ALA C 258 63.46 -24.09 -14.38
C ALA C 258 62.11 -23.66 -13.81
N VAL C 259 61.50 -22.66 -14.44
CA VAL C 259 60.21 -22.14 -14.01
C VAL C 259 59.27 -22.11 -15.21
N THR C 260 57.98 -22.35 -14.94
CA THR C 260 56.95 -22.34 -15.96
C THR C 260 55.98 -21.20 -15.70
N ARG C 261 55.75 -20.37 -16.73
CA ARG C 261 54.87 -19.23 -16.62
C ARG C 261 53.54 -19.52 -17.30
N LEU C 262 52.53 -18.70 -16.98
CA LEU C 262 51.22 -18.88 -17.60
C LEU C 262 51.26 -18.63 -19.10
N GLY C 263 52.01 -17.61 -19.55
CA GLY C 263 52.09 -17.31 -20.96
C GLY C 263 52.77 -18.39 -21.78
N ASP C 264 53.59 -19.22 -21.16
CA ASP C 264 54.27 -20.31 -21.86
C ASP C 264 53.36 -21.52 -22.09
N VAL C 265 52.21 -21.59 -21.45
CA VAL C 265 51.35 -22.76 -21.56
C VAL C 265 49.96 -22.36 -22.05
N ALA C 266 49.63 -21.08 -21.98
CA ALA C 266 48.33 -20.57 -22.37
C ALA C 266 48.47 -19.22 -23.06
N ARG C 267 47.34 -18.66 -23.49
CA ARG C 267 47.30 -17.35 -24.12
C ARG C 267 46.27 -16.50 -23.40
N VAL C 268 46.69 -15.31 -22.96
CA VAL C 268 45.88 -14.41 -22.15
C VAL C 268 45.43 -13.25 -23.02
N GLU C 269 44.15 -12.90 -22.96
CA GLU C 269 43.65 -11.76 -23.71
C GLU C 269 42.42 -11.20 -23.03
N LEU C 270 41.94 -10.06 -23.52
CA LEU C 270 40.76 -9.41 -22.98
C LEU C 270 39.66 -9.48 -24.04
N ALA C 271 38.52 -10.05 -23.68
CA ALA C 271 37.45 -10.28 -24.64
C ALA C 271 36.08 -10.07 -24.01
N ALA C 272 35.03 -10.55 -24.68
CA ALA C 272 33.68 -10.44 -24.14
C ALA C 272 33.38 -11.63 -23.23
N SER C 273 32.35 -11.46 -22.41
CA SER C 273 31.96 -12.48 -21.43
C SER C 273 31.12 -13.60 -22.02
N GLN C 274 30.18 -13.29 -22.91
CA GLN C 274 29.27 -14.29 -23.48
C GLN C 274 29.15 -14.06 -24.98
N TYR C 275 29.64 -15.03 -25.76
CA TYR C 275 29.42 -15.02 -27.19
C TYR C 275 28.08 -15.67 -27.53
N GLY C 276 27.51 -15.25 -28.66
CA GLY C 276 26.27 -15.86 -29.11
C GLY C 276 25.29 -14.92 -29.77
N LEU C 277 25.52 -13.61 -29.68
CA LEU C 277 24.64 -12.63 -30.27
C LEU C 277 25.44 -11.61 -31.08
N ARG C 278 24.91 -11.25 -32.25
CA ARG C 278 25.52 -10.23 -33.09
C ARG C 278 24.46 -9.18 -33.43
N SER C 279 24.93 -7.95 -33.64
CA SER C 279 24.06 -6.84 -33.99
C SER C 279 24.64 -6.12 -35.19
N LEU C 280 23.82 -5.92 -36.22
CA LEU C 280 24.24 -5.24 -37.44
C LEU C 280 23.19 -4.24 -37.86
N LEU C 281 23.65 -3.13 -38.43
CA LEU C 281 22.80 -2.10 -39.00
C LEU C 281 23.38 -1.74 -40.37
N ASP C 282 22.78 -2.29 -41.43
CA ASP C 282 23.26 -2.11 -42.79
C ASP C 282 24.71 -2.57 -42.92
N ASN C 283 24.95 -3.84 -42.52
CA ASN C 283 26.25 -4.49 -42.66
C ASN C 283 27.34 -3.76 -41.87
N LYS C 284 26.94 -3.06 -40.82
CA LYS C 284 27.85 -2.30 -39.98
C LYS C 284 27.70 -2.71 -38.53
N GLN C 285 28.83 -2.82 -37.85
CA GLN C 285 28.84 -3.19 -36.43
C GLN C 285 28.10 -2.14 -35.62
N ALA C 286 27.23 -2.59 -34.72
CA ALA C 286 26.39 -1.68 -33.94
C ALA C 286 25.96 -2.37 -32.65
N VAL C 287 25.19 -1.63 -31.85
CA VAL C 287 24.54 -2.14 -30.65
C VAL C 287 23.27 -1.35 -30.43
N ALA C 288 22.15 -2.07 -30.25
CA ALA C 288 20.85 -1.45 -30.10
C ALA C 288 20.56 -1.20 -28.63
N ILE C 289 19.95 -0.05 -28.33
CA ILE C 289 19.56 0.29 -26.97
C ILE C 289 18.08 0.68 -26.93
N PRO C 290 17.15 -0.27 -27.03
CA PRO C 290 15.74 0.06 -26.84
C PRO C 290 15.47 0.58 -25.43
N ILE C 291 14.53 1.52 -25.34
CA ILE C 291 14.10 2.08 -24.06
C ILE C 291 12.60 1.87 -23.90
N PHE C 292 12.21 1.49 -22.69
CA PHE C 292 10.83 1.20 -22.33
C PHE C 292 10.29 2.32 -21.45
N GLN C 293 9.03 2.17 -21.05
CA GLN C 293 8.35 3.13 -20.21
C GLN C 293 8.02 2.54 -18.84
N ALA C 294 7.58 3.42 -17.95
CA ALA C 294 7.00 3.08 -16.67
C ALA C 294 5.52 3.43 -16.68
N PRO C 295 4.68 2.70 -15.93
CA PRO C 295 3.24 3.00 -15.94
C PRO C 295 2.96 4.41 -15.45
N GLY C 296 1.95 5.03 -16.06
CA GLY C 296 1.55 6.37 -15.70
C GLY C 296 2.57 7.45 -16.02
N ALA C 297 3.16 7.38 -17.22
CA ALA C 297 4.13 8.37 -17.68
C ALA C 297 3.60 9.09 -18.91
N ASN C 298 4.42 10.02 -19.42
CA ASN C 298 4.09 10.79 -20.62
C ASN C 298 5.11 10.45 -21.69
N ALA C 299 4.62 10.00 -22.85
CA ALA C 299 5.51 9.50 -23.90
C ALA C 299 6.30 10.63 -24.54
N LEU C 300 5.63 11.73 -24.91
CA LEU C 300 6.30 12.79 -25.65
C LEU C 300 7.38 13.45 -24.81
N GLN C 301 7.13 13.63 -23.50
CA GLN C 301 8.12 14.27 -22.64
C GLN C 301 9.38 13.42 -22.54
N VAL C 302 9.24 12.12 -22.27
CA VAL C 302 10.42 11.28 -22.15
C VAL C 302 11.14 11.14 -23.48
N SER C 303 10.39 11.10 -24.58
CA SER C 303 11.02 11.06 -25.90
C SER C 303 11.87 12.31 -26.15
N ASP C 304 11.30 13.49 -25.87
CA ASP C 304 12.04 14.73 -26.09
C ASP C 304 13.26 14.82 -25.19
N GLN C 305 13.13 14.39 -23.93
CA GLN C 305 14.27 14.38 -23.04
C GLN C 305 15.36 13.44 -23.54
N VAL C 306 14.96 12.30 -24.11
CA VAL C 306 15.93 11.35 -24.65
C VAL C 306 16.69 11.97 -25.82
N ARG C 307 15.96 12.62 -26.74
CA ARG C 307 16.64 13.27 -27.86
C ARG C 307 17.59 14.35 -27.36
N SER C 308 17.15 15.15 -26.39
CA SER C 308 18.00 16.22 -25.87
C SER C 308 19.26 15.67 -25.22
N THR C 309 19.13 14.63 -24.39
CA THR C 309 20.30 14.10 -23.71
C THR C 309 21.24 13.38 -24.67
N MET C 310 20.71 12.71 -25.69
CA MET C 310 21.57 12.10 -26.70
C MET C 310 22.33 13.16 -27.48
N LYS C 311 21.66 14.25 -27.84
CA LYS C 311 22.34 15.34 -28.53
C LYS C 311 23.43 15.96 -27.65
N GLU C 312 23.15 16.14 -26.36
CA GLU C 312 24.16 16.68 -25.45
C GLU C 312 25.35 15.73 -25.32
N LEU C 313 25.08 14.43 -25.19
CA LEU C 313 26.17 13.46 -25.05
C LEU C 313 26.98 13.32 -26.32
N SER C 314 26.38 13.59 -27.48
CA SER C 314 27.10 13.48 -28.75
C SER C 314 28.26 14.46 -28.85
N LYS C 315 28.26 15.54 -28.07
CA LYS C 315 29.32 16.52 -28.17
C LYS C 315 30.65 15.97 -27.66
N ASP C 316 30.60 15.14 -26.61
CA ASP C 316 31.79 14.54 -26.03
C ASP C 316 32.13 13.19 -26.66
N PHE C 317 31.39 12.76 -27.67
CA PHE C 317 31.65 11.49 -28.30
C PHE C 317 33.00 11.51 -29.01
N PRO C 318 33.80 10.44 -28.90
CA PRO C 318 35.06 10.38 -29.66
C PRO C 318 34.81 10.21 -31.14
N SER C 319 35.87 10.27 -31.95
CA SER C 319 35.74 10.12 -33.38
C SER C 319 35.47 8.66 -33.75
N SER C 320 35.02 8.46 -34.98
CA SER C 320 34.77 7.15 -35.59
C SER C 320 33.56 6.43 -34.99
N ILE C 321 32.84 7.05 -34.06
CA ILE C 321 31.61 6.49 -33.51
C ILE C 321 30.54 7.58 -33.53
N LYS C 322 29.31 7.19 -33.87
CA LYS C 322 28.20 8.12 -33.95
C LYS C 322 26.91 7.42 -33.59
N TYR C 323 25.94 8.19 -33.09
CA TYR C 323 24.65 7.65 -32.70
C TYR C 323 23.61 7.88 -33.79
N ASP C 324 22.54 7.10 -33.74
CA ASP C 324 21.52 7.10 -34.78
C ASP C 324 20.15 6.77 -34.17
N ILE C 325 19.12 7.41 -34.70
CA ILE C 325 17.74 7.14 -34.30
C ILE C 325 17.07 6.32 -35.40
N VAL C 326 16.51 5.17 -35.04
CA VAL C 326 15.99 4.21 -35.99
C VAL C 326 14.47 4.19 -36.02
N TYR C 327 13.84 3.96 -34.87
CA TYR C 327 12.40 3.75 -34.79
C TYR C 327 11.82 4.56 -33.66
N ASP C 328 10.63 5.10 -33.85
CA ASP C 328 9.98 5.97 -32.87
C ASP C 328 8.48 5.77 -32.98
N PRO C 329 7.91 4.87 -32.17
CA PRO C 329 6.46 4.60 -32.27
C PRO C 329 5.58 5.70 -31.70
N THR C 330 6.16 6.85 -31.35
CA THR C 330 5.43 7.91 -30.69
C THR C 330 4.68 8.80 -31.68
N GLN C 331 4.89 8.61 -32.98
CA GLN C 331 4.26 9.46 -34.00
C GLN C 331 2.74 9.31 -34.04
N PHE C 332 2.22 8.13 -33.66
CA PHE C 332 0.80 7.86 -33.84
C PHE C 332 -0.06 8.76 -32.97
N VAL C 333 0.35 8.99 -31.71
CA VAL C 333 -0.45 9.82 -30.82
C VAL C 333 -0.44 11.28 -31.30
N ARG C 334 0.71 11.74 -31.79
CA ARG C 334 0.78 13.10 -32.33
C ARG C 334 -0.13 13.26 -33.54
N ALA C 335 -0.12 12.27 -34.44
CA ALA C 335 -1.00 12.32 -35.61
C ALA C 335 -2.46 12.31 -35.19
N SER C 336 -2.82 11.50 -34.20
CA SER C 336 -4.20 11.46 -33.74
C SER C 336 -4.63 12.79 -33.12
N ILE C 337 -3.74 13.41 -32.34
CA ILE C 337 -4.05 14.72 -31.75
C ILE C 337 -4.26 15.76 -32.85
N LYS C 338 -3.38 15.76 -33.86
CA LYS C 338 -3.52 16.69 -34.96
C LYS C 338 -4.84 16.49 -35.69
N ALA C 339 -5.20 15.23 -35.95
CA ALA C 339 -6.45 14.94 -36.64
C ALA C 339 -7.65 15.39 -35.81
N VAL C 340 -7.62 15.17 -34.50
CA VAL C 340 -8.73 15.58 -33.65
C VAL C 340 -8.88 17.11 -33.67
N VAL C 341 -7.77 17.83 -33.58
CA VAL C 341 -7.83 19.29 -33.59
C VAL C 341 -8.39 19.79 -34.93
N HIS C 342 -7.91 19.21 -36.03
CA HIS C 342 -8.41 19.61 -37.35
C HIS C 342 -9.90 19.34 -37.47
N THR C 343 -10.35 18.18 -37.02
CA THR C 343 -11.77 17.84 -37.10
C THR C 343 -12.62 18.80 -36.26
N LEU C 344 -12.13 19.14 -35.06
CA LEU C 344 -12.88 20.06 -34.21
C LEU C 344 -13.02 21.43 -34.86
N LEU C 345 -11.92 21.94 -35.43
CA LEU C 345 -11.98 23.25 -36.08
C LEU C 345 -12.91 23.22 -37.29
N GLU C 346 -12.83 22.16 -38.10
CA GLU C 346 -13.71 22.05 -39.26
C GLU C 346 -15.17 21.97 -38.83
N ALA C 347 -15.46 21.23 -37.75
CA ALA C 347 -16.84 21.10 -37.28
C ALA C 347 -17.36 22.44 -36.78
N ILE C 348 -16.52 23.21 -36.08
CA ILE C 348 -16.95 24.53 -35.60
C ILE C 348 -17.28 25.44 -36.79
N ALA C 349 -16.41 25.46 -37.79
CA ALA C 349 -16.68 26.27 -38.98
C ALA C 349 -17.96 25.81 -39.67
N LEU C 350 -18.16 24.49 -39.75
CA LEU C 350 -19.33 23.95 -40.43
C LEU C 350 -20.62 24.35 -39.71
N VAL C 351 -20.63 24.24 -38.38
CA VAL C 351 -21.85 24.60 -37.65
C VAL C 351 -22.12 26.09 -37.75
N VAL C 352 -21.07 26.92 -37.71
CA VAL C 352 -21.28 28.35 -37.87
C VAL C 352 -21.88 28.64 -39.24
N VAL C 353 -21.35 28.00 -40.29
CA VAL C 353 -21.82 28.25 -41.64
C VAL C 353 -23.28 27.83 -41.80
N VAL C 354 -23.63 26.65 -41.28
CA VAL C 354 -25.01 26.17 -41.45
C VAL C 354 -25.97 27.01 -40.63
N VAL C 355 -25.56 27.47 -39.44
CA VAL C 355 -26.41 28.36 -38.66
C VAL C 355 -26.66 29.65 -39.42
N ILE C 356 -25.61 30.24 -40.01
CA ILE C 356 -25.77 31.49 -40.76
C ILE C 356 -26.71 31.26 -41.95
N LEU C 357 -26.54 30.15 -42.66
CA LEU C 357 -27.36 29.91 -43.85
C LEU C 357 -28.83 29.66 -43.48
N PHE C 358 -29.09 28.92 -42.40
CA PHE C 358 -30.46 28.56 -42.11
C PHE C 358 -31.22 29.67 -41.37
N LEU C 359 -30.54 30.41 -40.50
CA LEU C 359 -31.24 31.40 -39.68
C LEU C 359 -31.20 32.81 -40.26
N GLN C 360 -30.25 33.12 -41.14
CA GLN C 360 -30.14 34.41 -41.80
C GLN C 360 -29.98 35.55 -40.80
N THR C 361 -29.24 35.31 -39.72
CA THR C 361 -28.90 36.34 -38.74
C THR C 361 -27.49 36.07 -38.23
N TRP C 362 -26.68 37.12 -38.15
CA TRP C 362 -25.28 36.95 -37.78
C TRP C 362 -25.09 36.84 -36.27
N ARG C 363 -26.11 37.22 -35.49
CA ARG C 363 -25.98 37.14 -34.04
C ARG C 363 -26.02 35.70 -33.54
N ALA C 364 -26.94 34.90 -34.08
CA ALA C 364 -27.17 33.55 -33.57
C ALA C 364 -25.94 32.65 -33.73
N SER C 365 -25.04 32.98 -34.64
CA SER C 365 -23.82 32.19 -34.80
C SER C 365 -22.87 32.33 -33.61
N ILE C 366 -23.05 33.36 -32.77
CA ILE C 366 -22.14 33.57 -31.66
C ILE C 366 -22.32 32.50 -30.59
N ILE C 367 -23.57 32.11 -30.32
CA ILE C 367 -23.85 31.24 -29.18
C ILE C 367 -23.13 29.90 -29.27
N PRO C 368 -23.21 29.14 -30.37
CA PRO C 368 -22.44 27.88 -30.43
C PRO C 368 -20.94 28.10 -30.36
N LEU C 369 -20.43 29.20 -30.92
CA LEU C 369 -18.99 29.41 -30.99
C LEU C 369 -18.38 29.50 -29.59
N LEU C 370 -19.14 30.02 -28.63
CA LEU C 370 -18.68 30.10 -27.24
C LEU C 370 -19.17 28.95 -26.40
N ALA C 371 -19.86 27.97 -26.98
CA ALA C 371 -20.34 26.81 -26.25
C ALA C 371 -19.57 25.53 -26.60
N VAL C 372 -19.15 25.40 -27.85
CA VAL C 372 -18.39 24.21 -28.26
C VAL C 372 -17.08 24.06 -27.51
N PRO C 373 -16.21 25.08 -27.41
CA PRO C 373 -14.90 24.85 -26.77
C PRO C 373 -15.00 24.60 -25.27
N VAL C 374 -15.76 25.41 -24.54
CA VAL C 374 -15.79 25.33 -23.09
C VAL C 374 -16.23 23.93 -22.66
N SER C 375 -17.35 23.46 -23.20
CA SER C 375 -17.87 22.15 -22.84
C SER C 375 -16.87 21.04 -23.13
N ILE C 376 -15.92 21.28 -24.02
CA ILE C 376 -14.84 20.31 -24.23
C ILE C 376 -13.78 20.47 -23.16
N ILE C 377 -13.30 21.70 -22.95
CA ILE C 377 -12.14 21.91 -22.08
C ILE C 377 -12.48 21.49 -20.65
N GLY C 378 -13.66 21.87 -20.17
CA GLY C 378 -14.09 21.50 -18.84
C GLY C 378 -14.13 20.00 -18.61
N THR C 379 -14.23 19.22 -19.69
CA THR C 379 -14.17 17.77 -19.54
C THR C 379 -12.81 17.33 -19.02
N PHE C 380 -11.73 17.91 -19.55
CA PHE C 380 -10.38 17.46 -19.24
C PHE C 380 -10.14 17.38 -17.74
N ALA C 381 -10.48 18.45 -17.02
CA ALA C 381 -10.22 18.50 -15.59
C ALA C 381 -10.87 17.33 -14.87
N LEU C 382 -12.11 17.01 -15.25
CA LEU C 382 -12.82 15.94 -14.54
C LEU C 382 -12.13 14.60 -14.72
N MET C 383 -11.44 14.42 -15.84
CA MET C 383 -10.68 13.18 -16.02
C MET C 383 -9.60 13.05 -14.95
N LEU C 384 -8.93 14.15 -14.64
CA LEU C 384 -7.93 14.10 -13.58
C LEU C 384 -8.56 13.82 -12.22
N ALA C 385 -9.86 14.08 -12.07
CA ALA C 385 -10.55 13.70 -10.85
C ALA C 385 -10.78 12.20 -10.79
N PHE C 386 -10.90 11.55 -11.95
CA PHE C 386 -11.19 10.12 -12.00
C PHE C 386 -9.96 9.27 -12.28
N GLY C 387 -8.78 9.87 -12.42
CA GLY C 387 -7.57 9.11 -12.65
C GLY C 387 -7.53 8.40 -13.99
N TYR C 388 -7.78 9.13 -15.06
CA TYR C 388 -7.74 8.60 -16.42
C TYR C 388 -6.57 9.21 -17.18
N SER C 389 -6.28 8.62 -18.34
CA SER C 389 -5.24 9.10 -19.22
C SER C 389 -5.78 9.13 -20.64
N ILE C 390 -5.30 10.11 -21.42
CA ILE C 390 -5.79 10.32 -22.78
C ILE C 390 -5.17 9.27 -23.69
N ASN C 391 -5.98 8.75 -24.61
CA ASN C 391 -5.53 7.78 -25.60
C ASN C 391 -6.44 7.92 -26.82
N ALA C 392 -6.40 6.93 -27.71
CA ALA C 392 -7.22 6.98 -28.91
C ALA C 392 -8.71 6.98 -28.56
N LEU C 393 -9.10 6.18 -27.57
CA LEU C 393 -10.52 6.04 -27.23
C LEU C 393 -11.08 7.36 -26.70
N SER C 394 -10.34 8.06 -25.85
CA SER C 394 -10.85 9.31 -25.28
C SER C 394 -11.01 10.39 -26.34
N LEU C 395 -10.03 10.52 -27.23
CA LEU C 395 -10.14 11.51 -28.30
C LEU C 395 -11.27 11.16 -29.26
N PHE C 396 -11.45 9.86 -29.55
CA PHE C 396 -12.59 9.46 -30.37
C PHE C 396 -13.91 9.81 -29.69
N GLY C 397 -13.98 9.63 -28.37
CA GLY C 397 -15.18 10.00 -27.63
C GLY C 397 -15.46 11.48 -27.69
N MET C 398 -14.40 12.30 -27.59
CA MET C 398 -14.58 13.75 -27.75
C MET C 398 -15.11 14.10 -29.14
N VAL C 399 -14.51 13.50 -30.17
CA VAL C 399 -14.92 13.77 -31.55
C VAL C 399 -16.38 13.40 -31.74
N LEU C 400 -16.83 12.32 -31.11
CA LEU C 400 -18.21 11.89 -31.25
C LEU C 400 -19.18 12.74 -30.42
N ALA C 401 -18.77 13.20 -29.23
CA ALA C 401 -19.65 14.00 -28.39
C ALA C 401 -19.77 15.44 -28.87
N ILE C 402 -18.85 15.88 -29.73
CA ILE C 402 -18.98 17.23 -30.32
C ILE C 402 -20.33 17.36 -31.01
N GLY C 403 -20.81 16.26 -31.62
CA GLY C 403 -22.10 16.31 -32.28
C GLY C 403 -23.26 16.52 -31.33
N ILE C 404 -23.21 15.86 -30.17
CA ILE C 404 -24.26 16.05 -29.16
C ILE C 404 -24.24 17.49 -28.65
N VAL C 405 -23.05 18.04 -28.41
CA VAL C 405 -22.96 19.43 -27.95
C VAL C 405 -23.58 20.37 -28.98
N VAL C 406 -23.22 20.18 -30.26
CA VAL C 406 -23.77 21.01 -31.32
C VAL C 406 -25.29 20.84 -31.40
N ASP C 407 -25.78 19.61 -31.22
CA ASP C 407 -27.22 19.37 -31.28
C ASP C 407 -27.94 20.15 -30.19
N ASP C 408 -27.41 20.11 -28.97
CA ASP C 408 -28.07 20.80 -27.86
C ASP C 408 -28.08 22.30 -28.09
N ALA C 409 -26.93 22.86 -28.52
CA ALA C 409 -26.88 24.29 -28.79
C ALA C 409 -27.83 24.69 -29.90
N ILE C 410 -27.88 23.86 -30.96
CA ILE C 410 -28.78 24.12 -32.08
C ILE C 410 -30.22 24.14 -31.61
N VAL C 411 -30.60 23.19 -30.76
CA VAL C 411 -31.98 23.11 -30.28
C VAL C 411 -32.33 24.38 -29.50
N VAL C 412 -31.45 24.79 -28.59
CA VAL C 412 -31.75 25.97 -27.77
C VAL C 412 -31.87 27.23 -28.64
N VAL C 413 -30.90 27.42 -29.54
CA VAL C 413 -30.89 28.62 -30.37
C VAL C 413 -32.10 28.65 -31.30
N GLU C 414 -32.43 27.50 -31.89
CA GLU C 414 -33.57 27.43 -32.81
C GLU C 414 -34.87 27.72 -32.08
N ASN C 415 -35.04 27.18 -30.87
CA ASN C 415 -36.26 27.47 -30.12
C ASN C 415 -36.36 28.95 -29.78
N VAL C 416 -35.25 29.57 -29.38
CA VAL C 416 -35.29 31.00 -29.07
C VAL C 416 -35.61 31.82 -30.31
N GLU C 417 -35.03 31.44 -31.46
CA GLU C 417 -35.29 32.19 -32.69
C GLU C 417 -36.73 32.03 -33.15
N ARG C 418 -37.30 30.83 -33.01
CA ARG C 418 -38.71 30.65 -33.31
C ARG C 418 -39.58 31.52 -32.40
N ASN C 419 -39.25 31.57 -31.11
CA ASN C 419 -40.00 32.41 -30.19
C ASN C 419 -39.90 33.87 -30.59
N ILE C 420 -38.73 34.31 -31.06
CA ILE C 420 -38.60 35.69 -31.54
C ILE C 420 -39.47 35.90 -32.77
N GLU C 421 -39.44 34.97 -33.72
CA GLU C 421 -40.23 35.10 -34.94
C GLU C 421 -41.72 35.08 -34.65
N ALA C 422 -42.13 34.57 -33.49
CA ALA C 422 -43.53 34.64 -33.10
C ALA C 422 -44.01 36.09 -32.97
N GLY C 423 -43.18 36.97 -32.42
CA GLY C 423 -43.53 38.37 -32.32
C GLY C 423 -43.29 39.02 -30.98
N LEU C 424 -42.56 38.34 -30.09
CA LEU C 424 -42.28 38.87 -28.76
C LEU C 424 -40.90 39.52 -28.71
N ASN C 425 -40.67 40.30 -27.65
CA ASN C 425 -39.38 40.91 -27.43
C ASN C 425 -38.37 39.85 -26.95
N PRO C 426 -37.06 40.13 -27.04
CA PRO C 426 -36.07 39.10 -26.68
C PRO C 426 -36.23 38.54 -25.28
N ARG C 427 -36.55 39.39 -24.30
CA ARG C 427 -36.61 38.91 -22.91
C ARG C 427 -37.77 37.94 -22.71
N GLU C 428 -38.97 38.34 -23.15
CA GLU C 428 -40.12 37.45 -23.01
C GLU C 428 -39.99 36.21 -23.89
N ALA C 429 -39.40 36.36 -25.08
CA ALA C 429 -39.16 35.20 -25.94
C ALA C 429 -38.24 34.21 -25.24
N THR C 430 -37.17 34.70 -24.61
CA THR C 430 -36.26 33.83 -23.88
C THR C 430 -36.95 33.16 -22.69
N TYR C 431 -37.76 33.93 -21.96
CA TYR C 431 -38.51 33.35 -20.84
C TYR C 431 -39.39 32.20 -21.31
N ARG C 432 -40.18 32.45 -22.35
CA ARG C 432 -41.09 31.42 -22.84
C ARG C 432 -40.33 30.21 -23.37
N ALA C 433 -39.23 30.45 -24.10
CA ALA C 433 -38.47 29.33 -24.66
C ALA C 433 -37.86 28.47 -23.56
N MET C 434 -37.26 29.09 -22.55
CA MET C 434 -36.69 28.31 -21.46
C MET C 434 -37.76 27.73 -20.53
N ARG C 435 -39.01 28.20 -20.66
CA ARG C 435 -40.09 27.62 -19.86
C ARG C 435 -40.38 26.16 -20.24
N GLU C 436 -40.01 25.74 -21.45
CA GLU C 436 -40.36 24.39 -21.89
C GLU C 436 -39.15 23.61 -22.41
N VAL C 437 -37.95 23.89 -21.91
CA VAL C 437 -36.76 23.18 -22.35
C VAL C 437 -35.95 22.60 -21.21
N SER C 438 -36.01 23.16 -20.00
CA SER C 438 -35.15 22.68 -18.91
C SER C 438 -35.49 21.23 -18.53
N GLY C 439 -36.79 20.93 -18.42
CA GLY C 439 -37.23 19.60 -18.06
C GLY C 439 -36.74 18.52 -19.01
N PRO C 440 -37.04 18.68 -20.30
CA PRO C 440 -36.48 17.73 -21.28
C PRO C 440 -34.96 17.71 -21.32
N ILE C 441 -34.29 18.82 -21.03
CA ILE C 441 -32.84 18.82 -21.00
C ILE C 441 -32.33 17.92 -19.88
N ILE C 442 -32.90 18.05 -18.69
CA ILE C 442 -32.50 17.18 -17.59
C ILE C 442 -32.85 15.74 -17.90
N ALA C 443 -34.00 15.50 -18.52
CA ALA C 443 -34.41 14.14 -18.84
C ALA C 443 -33.44 13.49 -19.82
N ILE C 444 -33.05 14.22 -20.88
CA ILE C 444 -32.15 13.64 -21.87
C ILE C 444 -30.76 13.44 -21.26
N ALA C 445 -30.31 14.37 -20.41
CA ALA C 445 -29.04 14.15 -19.73
C ALA C 445 -29.07 12.90 -18.88
N LEU C 446 -30.16 12.70 -18.12
CA LEU C 446 -30.25 11.54 -17.25
C LEU C 446 -30.33 10.25 -18.04
N THR C 447 -31.06 10.24 -19.16
CA THR C 447 -31.17 9.00 -19.92
C THR C 447 -29.88 8.69 -20.67
N LEU C 448 -29.14 9.72 -21.12
CA LEU C 448 -27.83 9.45 -21.71
C LEU C 448 -26.87 8.91 -20.66
N VAL C 449 -26.93 9.42 -19.44
CA VAL C 449 -26.11 8.87 -18.35
C VAL C 449 -26.48 7.42 -18.11
N ALA C 450 -27.78 7.12 -18.05
CA ALA C 450 -28.23 5.75 -17.81
C ALA C 450 -27.84 4.82 -18.96
N VAL C 451 -27.76 5.35 -20.19
CA VAL C 451 -27.29 4.54 -21.31
C VAL C 451 -25.80 4.26 -21.19
N PHE C 452 -25.00 5.28 -20.86
CA PHE C 452 -23.56 5.16 -21.04
C PHE C 452 -22.86 4.55 -19.83
N VAL C 453 -23.32 4.84 -18.61
CA VAL C 453 -22.60 4.41 -17.42
C VAL C 453 -22.49 2.88 -17.32
N PRO C 454 -23.57 2.10 -17.41
CA PRO C 454 -23.45 0.65 -17.15
C PRO C 454 -22.54 -0.09 -18.11
N LEU C 455 -22.43 0.34 -19.36
CA LEU C 455 -21.61 -0.40 -20.32
C LEU C 455 -20.12 -0.17 -20.11
N ALA C 456 -19.73 0.51 -19.04
CA ALA C 456 -18.33 0.57 -18.62
C ALA C 456 -17.97 -0.55 -17.66
N PHE C 457 -18.92 -1.43 -17.33
CA PHE C 457 -18.72 -2.48 -16.34
C PHE C 457 -18.51 -3.86 -16.96
N MET C 458 -18.26 -3.95 -18.26
CA MET C 458 -17.98 -5.25 -18.87
C MET C 458 -16.70 -5.84 -18.31
N THR C 459 -16.61 -7.16 -18.33
CA THR C 459 -15.40 -7.85 -17.91
C THR C 459 -14.56 -8.25 -19.12
N GLY C 460 -13.24 -8.26 -18.93
CA GLY C 460 -12.33 -8.63 -19.99
C GLY C 460 -11.81 -7.45 -20.78
N LEU C 461 -11.25 -7.77 -21.95
CA LEU C 461 -10.65 -6.75 -22.80
C LEU C 461 -11.69 -5.76 -23.33
N THR C 462 -12.87 -6.26 -23.69
CA THR C 462 -13.90 -5.40 -24.27
C THR C 462 -14.31 -4.31 -23.29
N GLY C 463 -14.53 -4.66 -22.02
CA GLY C 463 -14.85 -3.65 -21.03
C GLY C 463 -13.69 -2.70 -20.78
N GLN C 464 -12.46 -3.21 -20.83
CA GLN C 464 -11.30 -2.36 -20.65
C GLN C 464 -11.24 -1.28 -21.74
N PHE C 465 -11.59 -1.65 -22.97
CA PHE C 465 -11.65 -0.67 -24.04
C PHE C 465 -12.88 0.23 -23.96
N TYR C 466 -13.98 -0.29 -23.42
CA TYR C 466 -15.24 0.46 -23.37
C TYR C 466 -15.25 1.53 -22.28
N LYS C 467 -14.56 1.27 -21.16
CA LYS C 467 -14.72 2.11 -19.98
C LYS C 467 -14.30 3.55 -20.24
N GLN C 468 -13.15 3.75 -20.86
CA GLN C 468 -12.64 5.10 -21.09
C GLN C 468 -13.58 5.90 -21.98
N PHE C 469 -14.00 5.29 -23.10
CA PHE C 469 -14.91 5.96 -24.02
C PHE C 469 -16.22 6.33 -23.33
N ALA C 470 -16.80 5.37 -22.60
CA ALA C 470 -18.08 5.63 -21.96
C ALA C 470 -17.98 6.74 -20.92
N MET C 471 -16.95 6.68 -20.08
CA MET C 471 -16.79 7.68 -19.03
C MET C 471 -16.55 9.06 -19.63
N THR C 472 -15.70 9.13 -20.66
CA THR C 472 -15.42 10.41 -21.29
C THR C 472 -16.68 11.01 -21.91
N ILE C 473 -17.46 10.21 -22.64
CA ILE C 473 -18.65 10.75 -23.27
C ILE C 473 -19.69 11.15 -22.23
N ALA C 474 -19.80 10.40 -21.13
CA ALA C 474 -20.77 10.76 -20.09
C ALA C 474 -20.40 12.07 -19.42
N ILE C 475 -19.12 12.25 -19.08
CA ILE C 475 -18.67 13.50 -18.49
C ILE C 475 -18.91 14.65 -19.46
N SER C 476 -18.61 14.43 -20.74
CA SER C 476 -18.77 15.48 -21.74
C SER C 476 -20.23 15.90 -21.86
N THR C 477 -21.15 14.93 -21.91
CA THR C 477 -22.56 15.29 -22.10
C THR C 477 -23.13 15.95 -20.84
N VAL C 478 -22.68 15.52 -19.65
CA VAL C 478 -23.14 16.17 -18.42
C VAL C 478 -22.68 17.62 -18.40
N ILE C 479 -21.41 17.85 -18.72
CA ILE C 479 -20.89 19.21 -18.73
C ILE C 479 -21.59 20.06 -19.79
N SER C 480 -21.87 19.46 -20.96
CA SER C 480 -22.56 20.19 -22.02
C SER C 480 -23.97 20.58 -21.60
N ALA C 481 -24.68 19.68 -20.93
CA ALA C 481 -26.02 20.02 -20.44
C ALA C 481 -25.95 21.15 -19.41
N PHE C 482 -24.95 21.10 -18.51
CA PHE C 482 -24.82 22.17 -17.53
C PHE C 482 -24.52 23.50 -18.20
N ASN C 483 -23.65 23.49 -19.20
CA ASN C 483 -23.30 24.73 -19.91
C ASN C 483 -24.51 25.25 -20.67
N SER C 484 -25.29 24.37 -21.28
CA SER C 484 -26.47 24.80 -22.02
C SER C 484 -27.54 25.36 -21.08
N LEU C 485 -27.60 24.88 -19.85
CA LEU C 485 -28.58 25.39 -18.92
C LEU C 485 -28.27 26.83 -18.48
N THR C 486 -27.00 27.24 -18.57
CA THR C 486 -26.59 28.53 -17.99
C THR C 486 -26.15 29.54 -19.05
N LEU C 487 -25.15 29.22 -19.87
CA LEU C 487 -24.56 30.24 -20.73
C LEU C 487 -25.49 30.61 -21.89
N SER C 488 -26.11 29.62 -22.53
CA SER C 488 -26.83 29.87 -23.77
C SER C 488 -28.00 30.84 -23.64
N PRO C 489 -28.93 30.68 -22.69
CA PRO C 489 -30.05 31.63 -22.62
C PRO C 489 -29.61 33.07 -22.36
N ALA C 490 -28.59 33.26 -21.52
CA ALA C 490 -28.13 34.62 -21.24
C ALA C 490 -27.54 35.28 -22.48
N LEU C 491 -26.70 34.55 -23.22
CA LEU C 491 -26.15 35.08 -24.46
C LEU C 491 -27.23 35.36 -25.48
N ALA C 492 -28.22 34.47 -25.58
CA ALA C 492 -29.31 34.69 -26.53
C ALA C 492 -30.10 35.93 -26.18
N ALA C 493 -30.35 36.16 -24.89
CA ALA C 493 -31.08 37.35 -24.48
C ALA C 493 -30.24 38.61 -24.64
N LEU C 494 -28.92 38.50 -24.52
CA LEU C 494 -28.05 39.67 -24.59
C LEU C 494 -27.74 40.11 -26.02
N LEU C 495 -27.33 39.20 -26.89
CA LEU C 495 -26.87 39.58 -28.23
C LEU C 495 -28.01 39.70 -29.24
N LEU C 496 -28.96 38.78 -29.20
CA LEU C 496 -30.01 38.76 -30.21
C LEU C 496 -30.94 39.97 -30.05
N LYS C 497 -31.38 40.51 -31.17
CA LYS C 497 -32.21 41.71 -31.22
C LYS C 497 -33.54 41.40 -31.89
N GLY C 498 -34.43 42.39 -31.87
CA GLY C 498 -35.77 42.22 -32.38
C GLY C 498 -35.84 42.25 -33.90
N HIS C 499 -37.02 41.94 -34.41
CA HIS C 499 -37.27 41.87 -35.85
C HIS C 499 -37.48 43.23 -36.49
N ASP C 500 -37.78 44.26 -35.70
CA ASP C 500 -38.03 45.60 -36.23
C ASP C 500 -36.87 46.56 -36.00
N ALA C 501 -35.73 46.07 -35.54
CA ALA C 501 -34.58 46.92 -35.27
C ALA C 501 -33.92 47.36 -36.57
N LYS C 502 -33.24 48.51 -36.50
CA LYS C 502 -32.53 49.02 -37.67
C LYS C 502 -31.31 48.15 -37.95
N PRO C 503 -31.09 47.75 -39.20
CA PRO C 503 -29.93 46.91 -39.51
C PRO C 503 -28.62 47.65 -39.28
N ASP C 504 -27.59 46.90 -38.89
CA ASP C 504 -26.27 47.43 -38.68
C ASP C 504 -25.44 47.30 -39.96
N ALA C 505 -24.14 47.58 -39.87
CA ALA C 505 -23.28 47.50 -41.05
C ALA C 505 -23.11 46.07 -41.53
N LEU C 506 -22.86 45.14 -40.60
CA LEU C 506 -22.69 43.74 -40.98
C LEU C 506 -23.95 43.17 -41.60
N THR C 507 -25.11 43.52 -41.04
CA THR C 507 -26.38 43.08 -41.62
C THR C 507 -26.56 43.65 -43.02
N ARG C 508 -26.19 44.92 -43.21
CA ARG C 508 -26.29 45.53 -44.53
C ARG C 508 -25.41 44.81 -45.54
N ILE C 509 -24.17 44.48 -45.15
CA ILE C 509 -23.27 43.78 -46.05
C ILE C 509 -23.82 42.39 -46.38
N MET C 510 -24.30 41.67 -45.37
CA MET C 510 -24.80 40.32 -45.61
C MET C 510 -26.08 40.35 -46.45
N ASN C 511 -26.84 41.45 -46.37
CA ASN C 511 -28.01 41.58 -47.22
C ASN C 511 -27.63 41.91 -48.66
N ARG C 512 -26.64 42.78 -48.84
CA ARG C 512 -26.24 43.18 -50.19
C ARG C 512 -25.45 42.10 -50.89
N VAL C 513 -24.84 41.17 -50.16
CA VAL C 513 -24.09 40.08 -50.77
C VAL C 513 -25.04 38.92 -51.06
N PHE C 514 -25.78 38.49 -50.04
CA PHE C 514 -26.74 37.41 -50.17
C PHE C 514 -28.14 38.01 -50.04
N GLY C 515 -28.74 38.35 -51.18
CA GLY C 515 -30.06 38.95 -51.17
C GLY C 515 -31.16 38.08 -51.77
N ARG C 516 -30.81 37.30 -52.79
CA ARG C 516 -31.77 36.41 -53.43
C ARG C 516 -31.64 34.97 -53.00
N PHE C 517 -30.44 34.54 -52.60
CA PHE C 517 -30.26 33.18 -52.12
C PHE C 517 -31.14 32.90 -50.91
N PHE C 518 -31.23 33.84 -49.99
CA PHE C 518 -32.07 33.65 -48.80
C PHE C 518 -33.53 33.50 -49.17
N ALA C 519 -34.03 34.33 -50.09
CA ALA C 519 -35.43 34.25 -50.49
C ALA C 519 -35.73 32.93 -51.20
N LEU C 520 -34.85 32.51 -52.11
CA LEU C 520 -35.04 31.23 -52.80
C LEU C 520 -35.03 30.09 -51.80
N PHE C 521 -34.10 30.11 -50.84
CA PHE C 521 -34.04 29.06 -49.84
C PHE C 521 -35.30 29.03 -48.99
N ASN C 522 -35.81 30.21 -48.61
CA ASN C 522 -37.04 30.27 -47.82
C ASN C 522 -38.21 29.69 -48.58
N ARG C 523 -38.36 30.04 -49.87
CA ARG C 523 -39.46 29.51 -50.66
C ARG C 523 -39.36 27.99 -50.80
N VAL C 524 -38.16 27.48 -51.08
CA VAL C 524 -37.98 26.04 -51.22
C VAL C 524 -38.28 25.34 -49.91
N PHE C 525 -37.81 25.90 -48.79
CA PHE C 525 -38.04 25.30 -47.49
C PHE C 525 -39.53 25.27 -47.15
N SER C 526 -40.25 26.35 -47.45
CA SER C 526 -41.68 26.37 -47.18
C SER C 526 -42.42 25.32 -48.01
N ARG C 527 -42.09 25.22 -49.30
CA ARG C 527 -42.73 24.23 -50.15
C ARG C 527 -42.44 22.81 -49.65
N ALA C 528 -41.19 22.55 -49.26
CA ALA C 528 -40.83 21.24 -48.74
C ALA C 528 -41.54 20.95 -47.43
N SER C 529 -41.69 21.95 -46.58
CA SER C 529 -42.39 21.77 -45.31
C SER C 529 -43.85 21.41 -45.54
N ASP C 530 -44.50 22.10 -46.49
CA ASP C 530 -45.88 21.76 -46.82
C ASP C 530 -46.00 20.33 -47.34
N ARG C 531 -45.10 19.94 -48.24
CA ARG C 531 -45.16 18.58 -48.77
C ARG C 531 -44.91 17.55 -47.68
N TYR C 532 -43.99 17.83 -46.76
CA TYR C 532 -43.71 16.87 -45.70
C TYR C 532 -44.89 16.76 -44.73
N SER C 533 -45.54 17.89 -44.44
CA SER C 533 -46.73 17.83 -43.59
C SER C 533 -47.83 17.00 -44.24
N GLN C 534 -48.05 17.20 -45.54
CA GLN C 534 -49.04 16.38 -46.23
C GLN C 534 -48.66 14.90 -46.20
N GLY C 535 -47.38 14.60 -46.40
CA GLY C 535 -46.91 13.23 -46.36
C GLY C 535 -47.10 12.57 -45.01
N VAL C 536 -46.77 13.27 -43.93
CA VAL C 536 -46.95 12.70 -42.60
C VAL C 536 -48.42 12.53 -42.28
N SER C 537 -49.27 13.46 -42.74
CA SER C 537 -50.70 13.29 -42.55
C SER C 537 -51.21 12.05 -43.27
N ARG C 538 -50.72 11.81 -44.49
CA ARG C 538 -51.10 10.60 -45.21
C ARG C 538 -50.60 9.34 -44.50
N VAL C 539 -49.37 9.38 -43.98
CA VAL C 539 -48.79 8.20 -43.34
C VAL C 539 -49.57 7.85 -42.07
N ILE C 540 -49.97 8.86 -41.29
CA ILE C 540 -50.63 8.58 -40.01
C ILE C 540 -51.94 7.82 -40.21
N SER C 541 -52.62 8.04 -41.33
CA SER C 541 -53.96 7.46 -41.52
C SER C 541 -53.93 5.94 -41.49
N HIS C 542 -52.97 5.32 -42.18
CA HIS C 542 -52.83 3.87 -42.20
C HIS C 542 -51.65 3.47 -41.31
N LYS C 543 -51.91 2.59 -40.34
CA LYS C 543 -50.91 2.23 -39.35
C LYS C 543 -50.70 0.73 -39.17
N ALA C 544 -51.67 -0.12 -39.52
CA ALA C 544 -51.45 -1.56 -39.45
C ALA C 544 -50.35 -1.99 -40.41
N SER C 545 -50.35 -1.44 -41.63
CA SER C 545 -49.27 -1.70 -42.57
C SER C 545 -47.94 -1.18 -42.02
N ALA C 546 -47.98 -0.05 -41.30
CA ALA C 546 -46.76 0.46 -40.67
C ALA C 546 -46.23 -0.53 -39.64
N MET C 547 -47.12 -1.10 -38.82
CA MET C 547 -46.69 -2.09 -37.84
C MET C 547 -46.13 -3.33 -38.50
N GLY C 548 -46.75 -3.79 -39.58
CA GLY C 548 -46.22 -4.93 -40.31
C GLY C 548 -44.84 -4.65 -40.90
N VAL C 549 -44.67 -3.45 -41.46
CA VAL C 549 -43.38 -3.05 -42.00
C VAL C 549 -42.33 -2.99 -40.90
N TYR C 550 -42.71 -2.48 -39.72
CA TYR C 550 -41.80 -2.43 -38.59
C TYR C 550 -41.37 -3.82 -38.16
N ALA C 551 -42.32 -4.77 -38.10
CA ALA C 551 -41.98 -6.14 -37.75
C ALA C 551 -41.06 -6.76 -38.79
N ALA C 552 -41.32 -6.50 -40.07
CA ALA C 552 -40.46 -7.03 -41.13
C ALA C 552 -39.05 -6.46 -41.03
N LEU C 553 -38.94 -5.16 -40.73
CA LEU C 553 -37.62 -4.54 -40.59
C LEU C 553 -36.88 -5.09 -39.38
N LEU C 554 -37.59 -5.34 -38.28
CA LEU C 554 -36.96 -5.94 -37.11
C LEU C 554 -36.44 -7.34 -37.43
N GLY C 555 -37.23 -8.13 -38.16
CA GLY C 555 -36.77 -9.44 -38.58
C GLY C 555 -35.56 -9.36 -39.49
N LEU C 556 -35.56 -8.39 -40.41
CA LEU C 556 -34.42 -8.20 -41.31
C LEU C 556 -33.17 -7.82 -40.53
N THR C 557 -33.32 -6.96 -39.52
CA THR C 557 -32.18 -6.61 -38.67
C THR C 557 -31.63 -7.82 -37.94
N VAL C 558 -32.52 -8.64 -37.38
CA VAL C 558 -32.09 -9.84 -36.67
C VAL C 558 -31.36 -10.78 -37.62
N GLY C 559 -31.87 -10.92 -38.84
CA GLY C 559 -31.22 -11.79 -39.81
C GLY C 559 -29.86 -11.27 -40.24
N ILE C 560 -29.76 -9.95 -40.49
CA ILE C 560 -28.52 -9.36 -40.97
C ILE C 560 -27.47 -9.21 -39.88
N SER C 561 -27.86 -9.30 -38.61
CA SER C 561 -26.88 -9.22 -37.54
C SER C 561 -25.99 -10.46 -37.45
N TYR C 562 -26.23 -11.48 -38.27
CA TYR C 562 -25.47 -12.72 -38.19
C TYR C 562 -24.56 -12.98 -39.39
N ILE C 563 -24.57 -12.11 -40.40
CA ILE C 563 -23.79 -12.39 -41.61
C ILE C 563 -22.44 -11.68 -41.61
N VAL C 564 -22.26 -10.66 -40.78
CA VAL C 564 -20.99 -9.92 -40.75
C VAL C 564 -19.96 -10.72 -39.96
N PRO C 565 -18.74 -10.89 -40.48
CA PRO C 565 -17.71 -11.59 -39.71
C PRO C 565 -17.26 -10.77 -38.52
N GLY C 566 -16.85 -11.48 -37.47
CA GLY C 566 -16.44 -10.84 -36.24
C GLY C 566 -14.97 -10.44 -36.23
N GLY C 567 -14.60 -9.72 -35.19
CA GLY C 567 -13.22 -9.29 -35.02
C GLY C 567 -13.09 -8.42 -33.79
N PHE C 568 -11.83 -8.19 -33.40
CA PHE C 568 -11.51 -7.37 -32.24
C PHE C 568 -10.77 -6.09 -32.60
N VAL C 569 -9.60 -6.19 -33.23
CA VAL C 569 -8.83 -5.02 -33.65
C VAL C 569 -8.36 -5.25 -35.07
N PRO C 570 -8.58 -4.30 -35.99
CA PRO C 570 -8.07 -4.48 -37.35
C PRO C 570 -6.56 -4.37 -37.40
N ALA C 571 -5.98 -5.03 -38.40
CA ALA C 571 -4.53 -5.04 -38.60
C ALA C 571 -4.14 -3.82 -39.41
N GLN C 572 -3.34 -2.94 -38.80
CA GLN C 572 -2.86 -1.72 -39.44
C GLN C 572 -1.36 -1.80 -39.65
N ASP C 573 -0.81 -0.73 -40.23
CA ASP C 573 0.61 -0.66 -40.55
C ASP C 573 1.32 0.22 -39.53
N LYS C 574 2.43 -0.28 -39.00
CA LYS C 574 3.22 0.42 -37.99
C LYS C 574 4.62 0.71 -38.52
N GLN C 575 4.74 0.93 -39.82
CA GLN C 575 5.96 1.40 -40.49
C GLN C 575 7.11 0.40 -40.43
N TYR C 576 6.83 -0.89 -40.17
CA TYR C 576 7.89 -1.87 -40.13
C TYR C 576 7.31 -3.27 -40.27
N LEU C 577 8.16 -4.21 -40.65
CA LEU C 577 7.81 -5.63 -40.78
C LEU C 577 8.99 -6.47 -40.32
N ILE C 578 8.75 -7.76 -40.07
CA ILE C 578 9.78 -8.65 -39.55
C ILE C 578 10.03 -9.76 -40.56
N SER C 579 11.23 -10.33 -40.54
CA SER C 579 11.58 -11.45 -41.40
C SER C 579 12.42 -12.45 -40.62
N PHE C 580 11.99 -13.71 -40.64
CA PHE C 580 12.66 -14.82 -39.98
C PHE C 580 13.44 -15.66 -40.97
N ALA C 581 14.65 -16.04 -40.59
CA ALA C 581 15.45 -17.00 -41.34
C ALA C 581 15.82 -18.15 -40.44
N GLN C 582 15.64 -19.38 -40.92
CA GLN C 582 15.93 -20.59 -40.15
C GLN C 582 16.86 -21.48 -40.98
N LEU C 583 17.99 -21.83 -40.39
CA LEU C 583 18.96 -22.72 -41.02
C LEU C 583 18.69 -24.15 -40.62
N PRO C 584 19.26 -25.11 -41.35
CA PRO C 584 19.18 -26.52 -40.90
C PRO C 584 19.83 -26.67 -39.54
N ASN C 585 19.28 -27.60 -38.75
CA ASN C 585 19.71 -27.75 -37.35
C ASN C 585 21.17 -28.15 -37.28
N GLY C 586 21.86 -27.62 -36.25
CA GLY C 586 23.27 -27.86 -36.07
C GLY C 586 24.19 -26.88 -36.77
N ALA C 587 23.64 -25.89 -37.45
CA ALA C 587 24.46 -24.92 -38.16
C ALA C 587 25.15 -23.97 -37.17
N SER C 588 26.35 -23.54 -37.55
CA SER C 588 27.12 -22.61 -36.74
C SER C 588 26.62 -21.18 -36.98
N LEU C 589 27.17 -20.23 -36.21
CA LEU C 589 26.72 -18.86 -36.31
C LEU C 589 27.25 -18.16 -37.56
N ASP C 590 28.36 -18.65 -38.12
CA ASP C 590 28.93 -18.04 -39.31
C ASP C 590 27.98 -18.16 -40.51
N ARG C 591 27.37 -19.33 -40.68
CA ARG C 591 26.45 -19.54 -41.79
C ARG C 591 25.23 -18.63 -41.68
N THR C 592 24.67 -18.52 -40.46
CA THR C 592 23.54 -17.60 -40.26
C THR C 592 23.95 -16.17 -40.51
N GLU C 593 25.18 -15.80 -40.07
CA GLU C 593 25.68 -14.46 -40.32
C GLU C 593 25.75 -14.17 -41.82
N ALA C 594 26.29 -15.10 -42.60
CA ALA C 594 26.40 -14.89 -44.04
C ALA C 594 25.03 -14.82 -44.70
N VAL C 595 24.10 -15.68 -44.28
CA VAL C 595 22.76 -15.68 -44.86
C VAL C 595 22.05 -14.36 -44.55
N ILE C 596 22.17 -13.89 -43.31
CA ILE C 596 21.55 -12.62 -42.93
C ILE C 596 22.19 -11.46 -43.68
N ARG C 597 23.51 -11.52 -43.89
CA ARG C 597 24.19 -10.50 -44.69
C ARG C 597 23.62 -10.44 -46.10
N LYS C 598 23.49 -11.61 -46.74
CA LYS C 598 22.93 -11.64 -48.09
C LYS C 598 21.49 -11.11 -48.10
N MET C 599 20.70 -11.51 -47.11
CA MET C 599 19.30 -11.10 -47.07
C MET C 599 19.17 -9.58 -46.87
N SER C 600 19.99 -9.01 -45.99
CA SER C 600 19.96 -7.57 -45.78
C SER C 600 20.44 -6.82 -47.01
N ASP C 601 21.48 -7.33 -47.68
CA ASP C 601 21.94 -6.69 -48.91
C ASP C 601 20.86 -6.71 -49.98
N THR C 602 20.14 -7.83 -50.10
CA THR C 602 19.04 -7.90 -51.06
C THR C 602 17.92 -6.94 -50.68
N ALA C 603 17.59 -6.86 -49.38
CA ALA C 603 16.46 -6.05 -48.94
C ALA C 603 16.74 -4.56 -49.09
N LEU C 604 18.00 -4.15 -48.89
CA LEU C 604 18.34 -2.73 -48.98
C LEU C 604 18.13 -2.15 -50.37
N LYS C 605 18.21 -2.97 -51.42
CA LYS C 605 18.01 -2.50 -52.78
C LYS C 605 16.54 -2.38 -53.16
N GLN C 606 15.63 -2.89 -52.35
CA GLN C 606 14.20 -2.85 -52.68
C GLN C 606 13.66 -1.44 -52.48
N PRO C 607 12.97 -0.87 -53.48
CA PRO C 607 12.41 0.48 -53.30
C PRO C 607 11.33 0.49 -52.23
N GLY C 608 11.23 1.62 -51.53
CA GLY C 608 10.23 1.82 -50.50
C GLY C 608 10.72 1.54 -49.09
N VAL C 609 11.81 0.79 -48.94
CA VAL C 609 12.33 0.49 -47.61
C VAL C 609 13.33 1.56 -47.19
N GLU C 610 13.48 1.72 -45.88
CA GLU C 610 14.38 2.72 -45.31
C GLU C 610 15.60 2.09 -44.64
N SER C 611 15.40 1.15 -43.74
CA SER C 611 16.52 0.58 -43.00
C SER C 611 16.22 -0.86 -42.64
N ALA C 612 17.28 -1.61 -42.33
CA ALA C 612 17.17 -3.01 -41.93
C ALA C 612 18.04 -3.24 -40.70
N VAL C 613 17.45 -3.75 -39.64
CA VAL C 613 18.16 -4.09 -38.41
C VAL C 613 18.21 -5.60 -38.29
N ALA C 614 19.41 -6.16 -38.18
CA ALA C 614 19.62 -7.59 -38.22
C ALA C 614 20.14 -8.09 -36.87
N PHE C 615 19.62 -9.25 -36.44
CA PHE C 615 20.05 -9.89 -35.20
C PHE C 615 20.36 -11.35 -35.46
N PRO C 616 21.52 -11.63 -36.04
CA PRO C 616 21.88 -13.04 -36.30
C PRO C 616 22.06 -13.80 -34.99
N GLY C 617 21.18 -14.76 -34.75
CA GLY C 617 21.26 -15.59 -33.57
C GLY C 617 20.11 -15.47 -32.59
N LEU C 618 18.96 -14.98 -33.02
CA LEU C 618 17.80 -14.80 -32.13
C LEU C 618 16.54 -15.28 -32.82
N SER C 619 15.67 -15.91 -32.03
CA SER C 619 14.42 -16.50 -32.51
C SER C 619 13.23 -15.92 -31.75
N ILE C 620 12.04 -16.24 -32.24
CA ILE C 620 10.80 -15.72 -31.65
C ILE C 620 10.10 -16.74 -30.75
N ASN C 621 10.66 -17.94 -30.57
CA ASN C 621 10.03 -18.92 -29.71
C ASN C 621 9.91 -18.41 -28.27
N GLY C 622 10.99 -17.84 -27.75
CA GLY C 622 10.97 -17.19 -26.46
C GLY C 622 11.88 -15.99 -26.41
N PHE C 623 12.24 -15.47 -27.58
CA PHE C 623 13.26 -14.43 -27.71
C PHE C 623 14.56 -14.85 -27.03
N THR C 624 14.90 -16.14 -27.19
CA THR C 624 16.13 -16.71 -26.65
C THR C 624 17.20 -16.74 -27.75
N ASN C 625 18.37 -17.25 -27.38
CA ASN C 625 19.50 -17.33 -28.30
C ASN C 625 19.53 -18.69 -28.99
N SER C 626 19.73 -18.67 -30.29
CA SER C 626 19.85 -19.89 -31.08
C SER C 626 20.95 -19.70 -32.12
N SER C 627 21.63 -20.80 -32.44
CA SER C 627 22.74 -20.76 -33.38
C SER C 627 22.33 -21.04 -34.81
N SER C 628 21.03 -21.24 -35.07
CA SER C 628 20.53 -21.55 -36.40
C SER C 628 19.24 -20.79 -36.68
N ALA C 629 19.21 -19.51 -36.32
CA ALA C 629 18.04 -18.68 -36.57
C ALA C 629 18.47 -17.22 -36.63
N GLY C 630 17.61 -16.40 -37.23
CA GLY C 630 17.92 -14.98 -37.36
C GLY C 630 16.69 -14.17 -37.68
N ILE C 631 16.75 -12.89 -37.33
CA ILE C 631 15.64 -11.96 -37.52
C ILE C 631 16.18 -10.68 -38.15
N VAL C 632 15.40 -10.09 -39.05
CA VAL C 632 15.66 -8.74 -39.55
C VAL C 632 14.37 -7.95 -39.51
N PHE C 633 14.40 -6.80 -38.86
CA PHE C 633 13.31 -5.84 -38.91
C PHE C 633 13.57 -4.88 -40.05
N VAL C 634 12.63 -4.76 -40.97
CA VAL C 634 12.71 -3.77 -42.04
C VAL C 634 11.80 -2.62 -41.66
N THR C 635 12.37 -1.42 -41.63
CA THR C 635 11.65 -0.20 -41.33
C THR C 635 11.51 0.62 -42.62
N LEU C 636 10.30 1.08 -42.88
CA LEU C 636 9.93 1.65 -44.16
C LEU C 636 10.13 3.16 -44.16
N LYS C 637 9.91 3.76 -45.33
CA LYS C 637 10.00 5.20 -45.53
C LYS C 637 8.81 5.90 -44.86
N PRO C 638 8.92 7.21 -44.62
CA PRO C 638 7.80 7.94 -44.01
C PRO C 638 6.52 7.84 -44.82
N PHE C 639 5.39 7.95 -44.10
CA PHE C 639 4.09 7.75 -44.72
C PHE C 639 3.82 8.74 -45.86
N ASP C 640 4.46 9.91 -45.83
CA ASP C 640 4.19 10.92 -46.84
C ASP C 640 4.84 10.60 -48.18
N GLU C 641 5.81 9.71 -48.22
CA GLU C 641 6.46 9.34 -49.47
C GLU C 641 5.85 8.10 -50.13
N ARG C 642 5.35 7.16 -49.33
CA ARG C 642 4.75 5.94 -49.87
C ARG C 642 3.24 6.16 -50.06
N LYS C 643 2.93 6.89 -51.12
CA LYS C 643 1.54 7.21 -51.44
C LYS C 643 0.95 6.31 -52.52
N ALA C 644 1.79 5.74 -53.39
CA ALA C 644 1.28 4.88 -54.45
C ALA C 644 0.77 3.56 -53.88
N LYS C 645 -0.16 2.94 -54.61
CA LYS C 645 -0.70 1.66 -54.19
C LYS C 645 0.33 0.54 -54.22
N ASP C 646 1.38 0.68 -55.04
CA ASP C 646 2.44 -0.32 -55.10
C ASP C 646 3.41 -0.23 -53.93
N LEU C 647 3.32 0.82 -53.11
CA LEU C 647 4.20 1.00 -51.97
C LEU C 647 3.51 0.70 -50.63
N SER C 648 2.40 -0.02 -50.66
CA SER C 648 1.76 -0.42 -49.41
C SER C 648 2.55 -1.52 -48.74
N ALA C 649 2.22 -1.77 -47.46
CA ALA C 649 2.94 -2.78 -46.69
C ALA C 649 2.79 -4.17 -47.30
N ASN C 650 1.58 -4.51 -47.73
CA ASN C 650 1.34 -5.84 -48.29
C ASN C 650 2.11 -6.05 -49.59
N ALA C 651 2.16 -5.01 -50.43
CA ALA C 651 2.92 -5.11 -51.68
C ALA C 651 4.41 -5.31 -51.39
N ILE C 652 4.94 -4.57 -50.41
CA ILE C 652 6.34 -4.74 -50.03
C ILE C 652 6.59 -6.15 -49.52
N ALA C 653 5.68 -6.67 -48.69
CA ALA C 653 5.84 -8.03 -48.18
C ALA C 653 5.81 -9.05 -49.30
N GLY C 654 4.90 -8.88 -50.26
CA GLY C 654 4.84 -9.80 -51.39
C GLY C 654 6.10 -9.76 -52.24
N ALA C 655 6.60 -8.56 -52.53
CA ALA C 655 7.82 -8.44 -53.30
C ALA C 655 9.01 -9.06 -52.56
N LEU C 656 9.09 -8.85 -51.25
CA LEU C 656 10.17 -9.43 -50.47
C LEU C 656 10.08 -10.95 -50.44
N ASN C 657 8.86 -11.49 -50.32
CA ASN C 657 8.68 -12.94 -50.39
C ASN C 657 9.12 -13.49 -51.73
N GLN C 658 8.76 -12.80 -52.82
CA GLN C 658 9.18 -13.26 -54.14
C GLN C 658 10.69 -13.23 -54.28
N LYS C 659 11.33 -12.18 -53.78
CA LYS C 659 12.79 -12.06 -53.91
C LYS C 659 13.52 -13.08 -53.04
N TYR C 660 13.01 -13.36 -51.85
CA TYR C 660 13.71 -14.25 -50.93
C TYR C 660 13.64 -15.71 -51.35
N SER C 661 12.79 -16.05 -52.32
CA SER C 661 12.69 -17.44 -52.77
C SER C 661 13.95 -17.88 -53.50
N ALA C 662 14.77 -16.95 -53.99
CA ALA C 662 16.00 -17.32 -54.69
C ALA C 662 17.01 -17.94 -53.74
N ILE C 663 17.06 -17.46 -52.49
CA ILE C 663 18.00 -18.01 -51.52
C ILE C 663 17.63 -19.45 -51.22
N GLN C 664 18.59 -20.35 -51.42
CA GLN C 664 18.28 -21.78 -51.39
C GLN C 664 19.11 -22.54 -50.35
N ASP C 665 19.32 -21.93 -49.19
CA ASP C 665 19.94 -22.65 -48.07
C ASP C 665 19.25 -22.44 -46.74
N ALA C 666 18.23 -21.60 -46.66
CA ALA C 666 17.52 -21.38 -45.41
C ALA C 666 16.04 -21.20 -45.70
N TYR C 667 15.22 -21.49 -44.69
CA TYR C 667 13.79 -21.20 -44.76
C TYR C 667 13.57 -19.74 -44.37
N ILE C 668 12.93 -18.98 -45.25
CA ILE C 668 12.78 -17.54 -45.10
C ILE C 668 11.30 -17.19 -45.09
N ALA C 669 10.88 -16.42 -44.09
CA ALA C 669 9.49 -16.00 -43.98
C ALA C 669 9.44 -14.52 -43.60
N VAL C 670 8.34 -13.87 -43.96
CA VAL C 670 8.13 -12.46 -43.66
C VAL C 670 6.77 -12.29 -43.00
N PHE C 671 6.72 -11.55 -41.91
CA PHE C 671 5.50 -11.33 -41.16
C PHE C 671 5.25 -9.84 -40.92
N PRO C 672 3.99 -9.45 -40.84
CA PRO C 672 3.67 -8.07 -40.47
C PRO C 672 3.71 -7.89 -38.96
N PRO C 673 3.75 -6.65 -38.48
CA PRO C 673 3.81 -6.42 -37.04
C PRO C 673 2.49 -6.74 -36.38
N PRO C 674 2.50 -7.05 -35.07
CA PRO C 674 1.25 -7.30 -34.38
C PRO C 674 0.54 -6.00 -34.05
N PRO C 675 -0.79 -5.99 -34.03
CA PRO C 675 -1.52 -4.73 -33.77
C PRO C 675 -1.22 -4.14 -32.40
N VAL C 676 -1.05 -4.97 -31.38
CA VAL C 676 -0.73 -4.52 -30.03
C VAL C 676 0.47 -5.31 -29.55
N MET C 677 1.51 -4.61 -29.10
CA MET C 677 2.70 -5.27 -28.60
C MET C 677 2.44 -5.90 -27.24
N GLY C 678 2.97 -7.11 -27.04
CA GLY C 678 2.82 -7.84 -25.81
C GLY C 678 1.60 -8.71 -25.72
N LEU C 679 0.69 -8.64 -26.70
CA LEU C 679 -0.50 -9.46 -26.71
C LEU C 679 -0.30 -10.69 -27.59
N GLY C 680 -1.20 -11.65 -27.45
CA GLY C 680 -1.19 -12.86 -28.24
C GLY C 680 -1.92 -12.69 -29.55
N THR C 681 -2.09 -13.80 -30.25
CA THR C 681 -2.79 -13.80 -31.53
C THR C 681 -4.26 -13.49 -31.32
N MET C 682 -4.85 -12.71 -32.22
CA MET C 682 -6.25 -12.32 -32.07
C MET C 682 -7.17 -13.40 -32.61
N GLY C 683 -6.89 -13.91 -33.81
CA GLY C 683 -7.70 -14.95 -34.40
C GLY C 683 -7.04 -16.32 -34.34
N GLY C 684 -7.51 -17.18 -33.46
CA GLY C 684 -6.96 -18.51 -33.31
C GLY C 684 -6.82 -18.86 -31.84
N PHE C 685 -6.04 -19.89 -31.58
CA PHE C 685 -5.85 -20.37 -30.22
C PHE C 685 -4.51 -21.08 -30.11
N LYS C 686 -4.04 -21.23 -28.87
CA LYS C 686 -2.85 -22.02 -28.58
C LYS C 686 -3.10 -22.82 -27.31
N LEU C 687 -2.63 -24.06 -27.30
CA LEU C 687 -2.85 -24.97 -26.19
C LEU C 687 -1.57 -25.72 -25.86
N GLN C 688 -1.51 -26.25 -24.65
CA GLN C 688 -0.34 -26.95 -24.15
C GLN C 688 -0.70 -28.39 -23.82
N LEU C 689 0.15 -29.32 -24.26
CA LEU C 689 -0.03 -30.75 -23.99
C LEU C 689 0.99 -31.14 -22.92
N GLU C 690 0.58 -31.08 -21.66
CA GLU C 690 1.47 -31.36 -20.55
C GLU C 690 1.58 -32.86 -20.32
N ASP C 691 2.82 -33.29 -20.02
CA ASP C 691 3.13 -34.68 -19.68
C ASP C 691 3.07 -34.82 -18.16
N ARG C 692 1.84 -34.92 -17.64
CA ARG C 692 1.65 -35.04 -16.20
C ARG C 692 2.10 -36.40 -15.66
N GLY C 693 2.23 -37.40 -16.53
CA GLY C 693 2.64 -38.72 -16.09
C GLY C 693 4.14 -38.93 -16.10
N ALA C 694 4.88 -37.93 -16.58
CA ALA C 694 6.34 -37.98 -16.67
C ALA C 694 6.80 -39.21 -17.46
N LEU C 695 6.33 -39.25 -18.71
CA LEU C 695 6.60 -40.38 -19.60
C LEU C 695 7.94 -40.24 -20.32
N GLY C 696 8.13 -39.15 -21.06
CA GLY C 696 9.36 -38.93 -21.77
C GLY C 696 9.15 -38.04 -22.97
N TYR C 697 10.25 -37.70 -23.63
CA TYR C 697 10.21 -36.81 -24.79
C TYR C 697 9.64 -37.52 -26.01
N SER C 698 10.04 -38.77 -26.25
CA SER C 698 9.54 -39.51 -27.39
C SER C 698 8.03 -39.73 -27.30
N ALA C 699 7.54 -40.05 -26.09
CA ALA C 699 6.11 -40.23 -25.91
C ALA C 699 5.35 -38.93 -26.18
N LEU C 700 5.90 -37.80 -25.72
CA LEU C 700 5.26 -36.52 -25.99
C LEU C 700 5.24 -36.22 -27.49
N ASN C 701 6.33 -36.50 -28.18
CA ASN C 701 6.36 -36.27 -29.63
C ASN C 701 5.34 -37.15 -30.36
N ASP C 702 5.25 -38.43 -29.96
CA ASP C 702 4.29 -39.32 -30.58
C ASP C 702 2.86 -38.85 -30.33
N ALA C 703 2.58 -38.41 -29.09
CA ALA C 703 1.25 -37.89 -28.78
C ALA C 703 0.93 -36.65 -29.59
N ALA C 704 1.92 -35.75 -29.76
CA ALA C 704 1.70 -34.55 -30.55
C ALA C 704 1.41 -34.88 -32.01
N GLN C 705 2.17 -35.82 -32.58
CA GLN C 705 1.94 -36.20 -33.97
C GLN C 705 0.58 -36.89 -34.13
N ASN C 706 0.19 -37.73 -33.17
CA ASN C 706 -1.12 -38.36 -33.23
C ASN C 706 -2.23 -37.32 -33.14
N PHE C 707 -2.05 -36.31 -32.28
CA PHE C 707 -3.03 -35.24 -32.19
C PHE C 707 -3.12 -34.46 -33.50
N MET C 708 -1.97 -34.21 -34.12
CA MET C 708 -1.96 -33.53 -35.42
C MET C 708 -2.73 -34.34 -36.45
N LYS C 709 -2.47 -35.65 -36.51
CA LYS C 709 -3.16 -36.50 -37.48
C LYS C 709 -4.66 -36.54 -37.22
N ALA C 710 -5.05 -36.62 -35.94
CA ALA C 710 -6.48 -36.66 -35.61
C ALA C 710 -7.16 -35.34 -35.96
N ALA C 711 -6.51 -34.21 -35.67
CA ALA C 711 -7.09 -32.91 -35.99
C ALA C 711 -7.13 -32.65 -37.49
N GLN C 712 -6.25 -33.29 -38.26
CA GLN C 712 -6.29 -33.13 -39.72
C GLN C 712 -7.61 -33.63 -40.29
N SER C 713 -8.25 -34.61 -39.64
CA SER C 713 -9.51 -35.16 -40.14
C SER C 713 -10.68 -34.22 -39.88
N ALA C 714 -10.63 -33.43 -38.82
CA ALA C 714 -11.76 -32.55 -38.49
C ALA C 714 -11.92 -31.47 -39.56
N PRO C 715 -13.14 -31.20 -40.02
CA PRO C 715 -13.32 -30.19 -41.08
C PRO C 715 -13.36 -28.75 -40.58
N GLU C 716 -13.64 -28.51 -39.30
CA GLU C 716 -13.76 -27.16 -38.78
C GLU C 716 -12.54 -26.71 -38.00
N LEU C 717 -11.43 -27.46 -38.06
CA LEU C 717 -10.23 -27.13 -37.31
C LEU C 717 -9.17 -26.44 -38.13
N GLY C 718 -9.18 -26.59 -39.46
CA GLY C 718 -8.24 -25.92 -40.32
C GLY C 718 -6.80 -26.34 -40.09
N PRO C 719 -5.87 -25.45 -40.40
CA PRO C 719 -4.45 -25.79 -40.22
C PRO C 719 -4.04 -25.75 -38.76
N MET C 720 -2.96 -26.47 -38.46
CA MET C 720 -2.42 -26.55 -37.11
C MET C 720 -0.90 -26.52 -37.20
N PHE C 721 -0.27 -25.87 -36.24
CA PHE C 721 1.19 -25.74 -36.23
C PHE C 721 1.72 -26.13 -34.86
N SER C 722 3.00 -26.51 -34.84
CA SER C 722 3.70 -26.83 -33.60
C SER C 722 5.14 -26.34 -33.73
N SER C 723 5.89 -26.48 -32.63
CA SER C 723 7.28 -26.05 -32.60
C SER C 723 8.19 -27.06 -31.91
N TYR C 724 7.69 -28.25 -31.60
CA TYR C 724 8.51 -29.26 -30.95
C TYR C 724 9.49 -29.87 -31.94
N GLN C 725 10.70 -30.18 -31.45
CA GLN C 725 11.76 -30.69 -32.30
C GLN C 725 12.67 -31.60 -31.47
N ILE C 726 12.93 -32.80 -31.97
CA ILE C 726 13.68 -33.80 -31.20
C ILE C 726 14.80 -34.41 -32.05
N ASN C 727 15.08 -33.82 -33.21
CA ASN C 727 16.04 -34.37 -34.16
C ASN C 727 17.27 -33.48 -34.32
N VAL C 728 17.77 -32.94 -33.22
CA VAL C 728 19.01 -32.14 -33.26
C VAL C 728 20.16 -33.07 -32.90
N PRO C 729 21.24 -33.09 -33.69
CA PRO C 729 22.35 -34.00 -33.39
C PRO C 729 23.04 -33.65 -32.09
N GLN C 730 23.58 -34.68 -31.43
CA GLN C 730 24.25 -34.51 -30.15
C GLN C 730 25.27 -35.63 -29.98
N LEU C 731 26.20 -35.42 -29.05
CA LEU C 731 27.22 -36.40 -28.72
C LEU C 731 26.94 -37.01 -27.36
N ASN C 732 27.05 -38.33 -27.27
CA ASN C 732 26.85 -39.07 -26.03
C ASN C 732 28.20 -39.70 -25.64
N VAL C 733 28.64 -39.43 -24.41
CA VAL C 733 29.89 -39.97 -23.89
C VAL C 733 29.57 -40.92 -22.75
N ASP C 734 30.19 -42.11 -22.76
CA ASP C 734 29.99 -43.06 -21.69
C ASP C 734 31.32 -43.58 -21.18
N LEU C 735 31.36 -43.86 -19.88
CA LEU C 735 32.56 -44.33 -19.20
C LEU C 735 32.39 -45.80 -18.85
N ASP C 736 33.39 -46.61 -19.19
CA ASP C 736 33.33 -48.06 -19.00
C ASP C 736 33.86 -48.50 -17.64
N ARG C 737 34.23 -47.56 -16.77
CA ARG C 737 34.80 -47.87 -15.46
C ARG C 737 36.04 -48.76 -15.60
N VAL C 738 36.91 -48.37 -16.54
CA VAL C 738 38.14 -49.07 -16.94
C VAL C 738 38.06 -50.60 -16.79
N GLN C 743 42.79 -49.03 -13.87
CA GLN C 743 43.66 -47.90 -13.57
C GLN C 743 43.23 -47.18 -12.30
N GLY C 744 44.05 -46.27 -11.83
CA GLY C 744 43.80 -45.50 -10.63
C GLY C 744 43.07 -44.19 -10.83
N VAL C 745 42.56 -43.94 -12.05
CA VAL C 745 41.87 -42.69 -12.31
C VAL C 745 40.54 -42.67 -11.57
N ALA C 746 39.99 -41.47 -11.38
CA ALA C 746 38.72 -41.28 -10.70
C ALA C 746 37.74 -40.59 -11.64
N VAL C 747 36.45 -40.83 -11.40
CA VAL C 747 35.41 -40.21 -12.22
C VAL C 747 35.42 -38.69 -12.03
N THR C 748 35.69 -38.24 -10.80
CA THR C 748 35.75 -36.81 -10.55
C THR C 748 36.86 -36.14 -11.35
N ASP C 749 38.00 -36.81 -11.49
CA ASP C 749 39.13 -36.24 -12.23
C ASP C 749 38.75 -35.99 -13.69
N VAL C 750 38.23 -37.02 -14.36
CA VAL C 750 37.90 -36.89 -15.78
C VAL C 750 36.74 -35.90 -15.96
N PHE C 751 35.76 -35.93 -15.05
CA PHE C 751 34.65 -34.97 -15.15
C PHE C 751 35.15 -33.53 -15.00
N ASN C 752 36.05 -33.28 -14.05
CA ASN C 752 36.58 -31.94 -13.86
C ASN C 752 37.39 -31.49 -15.06
N THR C 753 38.23 -32.38 -15.61
CA THR C 753 39.00 -32.02 -16.78
C THR C 753 38.09 -31.69 -17.97
N MET C 754 37.07 -32.52 -18.20
CA MET C 754 36.16 -32.26 -19.30
C MET C 754 35.40 -30.96 -19.11
N GLN C 755 34.93 -30.71 -17.89
CA GLN C 755 34.23 -29.46 -17.59
C GLN C 755 35.10 -28.23 -17.78
N ILE C 756 36.35 -28.28 -17.33
CA ILE C 756 37.23 -27.11 -17.46
C ILE C 756 37.61 -26.88 -18.91
N TYR C 757 37.97 -27.94 -19.64
CA TYR C 757 38.45 -27.77 -21.01
C TYR C 757 37.30 -27.46 -21.95
N LEU C 758 36.34 -28.39 -22.08
CA LEU C 758 35.29 -28.24 -23.08
C LEU C 758 34.24 -27.20 -22.69
N GLY C 759 33.97 -27.06 -21.40
CA GLY C 759 32.92 -26.14 -20.96
C GLY C 759 33.45 -24.77 -20.61
N SER C 760 33.38 -24.42 -19.32
CA SER C 760 33.85 -23.12 -18.86
C SER C 760 34.08 -23.22 -17.35
N GLN C 761 34.78 -22.23 -16.81
CA GLN C 761 35.07 -22.18 -15.39
C GLN C 761 35.36 -20.74 -15.01
N TYR C 762 34.55 -20.20 -14.12
CA TYR C 762 34.66 -18.80 -13.70
C TYR C 762 35.46 -18.76 -12.40
N VAL C 763 36.64 -18.12 -12.46
CA VAL C 763 37.60 -18.14 -11.36
C VAL C 763 37.93 -16.69 -11.01
N ASN C 764 37.59 -16.29 -9.78
CA ASN C 764 37.97 -14.99 -9.21
C ASN C 764 37.45 -13.81 -10.02
N ASP C 765 37.83 -12.60 -9.61
CA ASP C 765 37.47 -11.37 -10.29
C ASP C 765 38.67 -10.45 -10.34
N PHE C 766 38.54 -9.36 -11.09
CA PHE C 766 39.55 -8.31 -11.13
C PHE C 766 38.85 -6.97 -11.34
N ASN C 767 39.64 -5.90 -11.31
CA ASN C 767 39.12 -4.55 -11.42
C ASN C 767 39.77 -3.82 -12.58
N ARG C 768 38.95 -3.09 -13.34
CA ARG C 768 39.42 -2.32 -14.48
C ARG C 768 38.41 -1.22 -14.76
N PHE C 769 38.90 -0.04 -15.12
CA PHE C 769 38.06 1.13 -15.37
C PHE C 769 37.13 1.44 -14.19
N GLY C 770 37.57 1.11 -12.99
CA GLY C 770 36.75 1.36 -11.81
C GLY C 770 35.57 0.44 -11.65
N ARG C 771 35.59 -0.73 -12.30
CA ARG C 771 34.50 -1.68 -12.20
C ARG C 771 35.06 -3.09 -12.10
N VAL C 772 34.23 -4.02 -11.62
CA VAL C 772 34.65 -5.38 -11.38
C VAL C 772 34.24 -6.25 -12.57
N TYR C 773 35.16 -7.10 -13.03
CA TYR C 773 34.92 -8.02 -14.13
C TYR C 773 35.44 -9.40 -13.76
N GLN C 774 35.13 -10.37 -14.61
CA GLN C 774 35.36 -11.77 -14.34
C GLN C 774 36.59 -12.29 -15.08
N VAL C 775 37.09 -13.44 -14.60
CA VAL C 775 38.15 -14.18 -15.28
C VAL C 775 37.64 -15.59 -15.53
N ARG C 776 37.73 -16.04 -16.78
CA ARG C 776 37.21 -17.33 -17.19
C ARG C 776 38.29 -18.14 -17.88
N ALA C 777 38.16 -19.46 -17.80
CA ALA C 777 39.11 -20.39 -18.39
C ALA C 777 38.39 -21.31 -19.37
N GLN C 778 39.01 -21.51 -20.53
CA GLN C 778 38.45 -22.39 -21.56
C GLN C 778 39.58 -22.82 -22.49
N ALA C 779 39.35 -23.92 -23.18
CA ALA C 779 40.32 -24.42 -24.15
C ALA C 779 40.32 -23.58 -25.41
N ASP C 780 41.43 -23.64 -26.13
CA ASP C 780 41.53 -22.92 -27.39
C ASP C 780 40.56 -23.48 -28.42
N ALA C 781 40.07 -22.61 -29.30
CA ALA C 781 39.06 -23.02 -30.27
C ALA C 781 39.51 -24.15 -31.19
N PRO C 782 40.66 -24.08 -31.87
CA PRO C 782 41.03 -25.16 -32.80
C PRO C 782 41.18 -26.52 -32.14
N PHE C 783 41.35 -26.57 -30.82
CA PHE C 783 41.49 -27.82 -30.11
C PHE C 783 40.16 -28.39 -29.62
N ARG C 784 39.05 -27.71 -29.90
CA ARG C 784 37.72 -28.20 -29.54
C ARG C 784 36.74 -28.01 -30.69
N ALA C 785 37.17 -28.40 -31.89
CA ALA C 785 36.35 -28.23 -33.08
C ALA C 785 35.85 -29.54 -33.67
N ASN C 786 36.37 -30.68 -33.23
CA ASN C 786 35.97 -31.97 -33.77
C ASN C 786 35.60 -32.92 -32.64
N PRO C 787 34.68 -33.86 -32.89
CA PRO C 787 34.33 -34.83 -31.84
C PRO C 787 35.48 -35.71 -31.41
N GLU C 788 36.47 -35.93 -32.28
CA GLU C 788 37.62 -36.75 -31.92
C GLU C 788 38.56 -36.06 -30.94
N ASP C 789 38.48 -34.73 -30.84
CA ASP C 789 39.37 -33.99 -29.95
C ASP C 789 39.22 -34.43 -28.50
N ILE C 790 38.04 -34.94 -28.13
CA ILE C 790 37.83 -35.43 -26.78
C ILE C 790 38.80 -36.56 -26.47
N LEU C 791 39.08 -37.41 -27.47
CA LEU C 791 40.03 -38.50 -27.27
C LEU C 791 41.47 -38.01 -27.13
N GLN C 792 41.74 -36.74 -27.43
CA GLN C 792 43.08 -36.20 -27.32
C GLN C 792 43.37 -35.56 -25.97
N LEU C 793 42.39 -35.51 -25.08
CA LEU C 793 42.62 -34.97 -23.75
C LEU C 793 43.37 -35.99 -22.88
N LYS C 794 44.04 -35.48 -21.85
CA LYS C 794 44.84 -36.30 -20.97
C LYS C 794 44.55 -35.96 -19.52
N THR C 795 44.70 -36.94 -18.65
CA THR C 795 44.49 -36.78 -17.21
C THR C 795 45.64 -37.45 -16.47
N ARG C 796 45.59 -37.37 -15.13
CA ARG C 796 46.71 -37.77 -14.29
C ARG C 796 46.32 -38.96 -13.42
N ASN C 797 47.26 -39.91 -13.30
CA ASN C 797 47.10 -41.10 -12.46
C ASN C 797 45.87 -41.91 -12.86
N GLY C 800 48.55 -44.15 -13.46
CA GLY C 800 49.68 -43.77 -12.63
C GLY C 800 50.33 -42.48 -13.09
N GLN C 801 50.25 -42.21 -14.39
CA GLN C 801 50.89 -41.04 -14.99
C GLN C 801 49.94 -40.47 -16.04
N MET C 802 50.50 -39.67 -16.95
CA MET C 802 49.75 -39.09 -18.06
C MET C 802 49.05 -40.18 -18.86
N VAL C 803 47.73 -40.11 -18.95
CA VAL C 803 46.98 -41.12 -19.69
C VAL C 803 45.92 -40.44 -20.56
N PRO C 804 45.88 -40.75 -21.85
CA PRO C 804 44.86 -40.16 -22.72
C PRO C 804 43.47 -40.69 -22.41
N LEU C 805 42.46 -39.88 -22.75
CA LEU C 805 41.07 -40.24 -22.51
C LEU C 805 40.56 -41.32 -23.44
N SER C 806 41.31 -41.68 -24.48
CA SER C 806 40.83 -42.66 -25.45
C SER C 806 40.67 -44.05 -24.85
N SER C 807 41.35 -44.34 -23.74
CA SER C 807 41.31 -45.66 -23.14
C SER C 807 40.22 -45.82 -22.08
N LEU C 808 39.44 -44.78 -21.82
CA LEU C 808 38.43 -44.83 -20.77
C LEU C 808 37.01 -44.59 -21.27
N VAL C 809 36.80 -43.61 -22.13
CA VAL C 809 35.47 -43.19 -22.53
C VAL C 809 35.22 -43.56 -23.98
N ASN C 810 33.94 -43.68 -24.32
CA ASN C 810 33.51 -43.92 -25.69
C ASN C 810 32.50 -42.87 -26.10
N VAL C 811 32.51 -42.53 -27.39
CA VAL C 811 31.71 -41.44 -27.94
C VAL C 811 30.80 -42.00 -29.02
N THR C 812 29.53 -41.60 -28.98
CA THR C 812 28.54 -41.98 -29.98
C THR C 812 27.76 -40.73 -30.39
N GLN C 813 27.08 -40.83 -31.52
CA GLN C 813 26.23 -39.75 -32.05
C GLN C 813 24.77 -40.13 -31.85
N THR C 814 23.98 -39.18 -31.32
CA THR C 814 22.58 -39.44 -31.01
C THR C 814 21.77 -38.20 -31.39
N TYR C 815 20.48 -38.23 -31.10
CA TYR C 815 19.56 -37.16 -31.44
C TYR C 815 18.81 -36.71 -30.19
N GLY C 816 18.46 -35.43 -30.14
CA GLY C 816 17.72 -34.89 -29.03
C GLY C 816 17.19 -33.48 -29.29
N PRO C 817 16.44 -32.95 -28.34
CA PRO C 817 15.90 -31.59 -28.49
C PRO C 817 16.97 -30.54 -28.18
N GLU C 818 16.57 -29.28 -28.31
CA GLU C 818 17.49 -28.16 -28.13
C GLU C 818 17.00 -27.14 -27.12
N MET C 819 15.69 -26.91 -27.03
CA MET C 819 15.11 -25.98 -26.07
C MET C 819 14.02 -26.71 -25.28
N VAL C 820 14.16 -26.71 -23.96
CA VAL C 820 13.19 -27.37 -23.10
C VAL C 820 12.28 -26.31 -22.49
N VAL C 821 10.97 -26.48 -22.68
CA VAL C 821 9.96 -25.55 -22.17
C VAL C 821 9.06 -26.31 -21.20
N ARG C 822 8.93 -25.77 -19.98
CA ARG C 822 8.07 -26.35 -18.96
C ARG C 822 6.94 -25.39 -18.66
N TYR C 823 5.73 -25.91 -18.62
CA TYR C 823 4.52 -25.14 -18.37
C TYR C 823 3.87 -25.65 -17.09
N ASN C 824 3.82 -24.79 -16.07
CA ASN C 824 3.24 -25.13 -14.77
C ASN C 824 3.91 -26.33 -14.11
N GLY C 825 5.21 -26.50 -14.37
CA GLY C 825 6.00 -27.51 -13.71
C GLY C 825 6.26 -28.76 -14.52
N TYR C 826 5.50 -28.99 -15.59
CA TYR C 826 5.66 -30.17 -16.42
C TYR C 826 6.12 -29.79 -17.81
N THR C 827 7.01 -30.61 -18.37
CA THR C 827 7.40 -30.44 -19.76
C THR C 827 6.19 -30.66 -20.66
N SER C 828 5.99 -29.73 -21.60
CA SER C 828 4.77 -29.71 -22.39
C SER C 828 5.12 -29.34 -23.83
N ALA C 829 4.16 -29.57 -24.72
CA ALA C 829 4.28 -29.22 -26.12
C ALA C 829 3.22 -28.18 -26.47
N ASP C 830 3.55 -27.31 -27.41
CA ASP C 830 2.70 -26.20 -27.79
C ASP C 830 2.04 -26.48 -29.14
N ILE C 831 0.74 -26.23 -29.21
CA ILE C 831 -0.03 -26.42 -30.44
C ILE C 831 -0.77 -25.13 -30.75
N ASN C 832 -0.50 -24.55 -31.92
CA ASN C 832 -1.16 -23.34 -32.37
C ASN C 832 -2.15 -23.68 -33.48
N GLY C 833 -3.21 -22.88 -33.56
CA GLY C 833 -4.19 -23.12 -34.59
C GLY C 833 -5.26 -22.04 -34.60
N GLY C 834 -6.39 -22.38 -35.20
CA GLY C 834 -7.51 -21.48 -35.29
C GLY C 834 -8.67 -22.10 -36.02
N PRO C 835 -9.84 -21.47 -35.94
CA PRO C 835 -11.04 -22.02 -36.57
C PRO C 835 -10.95 -21.98 -38.09
N ALA C 836 -11.56 -22.99 -38.71
CA ALA C 836 -11.66 -23.04 -40.16
C ALA C 836 -12.69 -22.02 -40.65
N PRO C 837 -12.56 -21.53 -41.87
CA PRO C 837 -13.54 -20.58 -42.39
C PRO C 837 -14.94 -21.17 -42.41
N GLY C 838 -15.92 -20.34 -42.09
CA GLY C 838 -17.31 -20.78 -42.05
C GLY C 838 -17.81 -21.25 -40.71
N TYR C 839 -16.97 -21.27 -39.67
CA TYR C 839 -17.36 -21.71 -38.35
C TYR C 839 -16.89 -20.72 -37.30
N SER C 840 -17.55 -20.75 -36.14
CA SER C 840 -17.20 -19.86 -35.05
C SER C 840 -16.09 -20.46 -34.19
N SER C 841 -15.61 -19.65 -33.23
CA SER C 841 -14.52 -20.09 -32.36
C SER C 841 -14.98 -21.20 -31.42
N SER C 842 -16.20 -21.09 -30.90
CA SER C 842 -16.70 -22.08 -29.94
C SER C 842 -16.77 -23.47 -30.56
N GLN C 843 -17.13 -23.55 -31.83
CA GLN C 843 -17.13 -24.83 -32.53
C GLN C 843 -15.73 -25.43 -32.56
N ALA C 844 -14.72 -24.59 -32.81
CA ALA C 844 -13.34 -25.05 -32.80
C ALA C 844 -12.95 -25.55 -31.42
N GLU C 845 -13.35 -24.84 -30.37
CA GLU C 845 -13.03 -25.29 -29.02
C GLU C 845 -13.68 -26.63 -28.70
N ALA C 846 -14.94 -26.80 -29.09
CA ALA C 846 -15.62 -28.08 -28.87
C ALA C 846 -14.94 -29.21 -29.64
N ALA C 847 -14.56 -28.94 -30.90
CA ALA C 847 -13.87 -29.95 -31.69
C ALA C 847 -12.53 -30.32 -31.07
N VAL C 848 -11.78 -29.34 -30.58
CA VAL C 848 -10.50 -29.61 -29.94
C VAL C 848 -10.70 -30.44 -28.68
N GLU C 849 -11.71 -30.11 -27.88
CA GLU C 849 -11.99 -30.89 -26.69
C GLU C 849 -12.35 -32.33 -27.03
N ARG C 850 -13.19 -32.53 -28.04
CA ARG C 850 -13.57 -33.87 -28.44
C ARG C 850 -12.36 -34.66 -28.94
N ILE C 851 -11.51 -34.03 -29.75
CA ILE C 851 -10.32 -34.71 -30.27
C ILE C 851 -9.39 -35.09 -29.12
N ALA C 852 -9.19 -34.16 -28.17
CA ALA C 852 -8.32 -34.44 -27.04
C ALA C 852 -8.85 -35.60 -26.20
N ALA C 853 -10.16 -35.63 -25.99
CA ALA C 853 -10.76 -36.76 -25.26
C ALA C 853 -10.60 -38.05 -26.04
N GLN C 854 -10.68 -37.99 -27.38
CA GLN C 854 -10.65 -39.20 -28.19
C GLN C 854 -9.26 -39.81 -28.29
N THR C 855 -8.22 -38.99 -28.52
CA THR C 855 -6.93 -39.53 -28.92
C THR C 855 -5.82 -39.41 -27.88
N LEU C 856 -5.97 -38.55 -26.87
CA LEU C 856 -4.88 -38.37 -25.93
C LEU C 856 -4.71 -39.60 -25.05
N PRO C 857 -3.47 -40.00 -24.76
CA PRO C 857 -3.25 -41.15 -23.87
C PRO C 857 -3.54 -40.82 -22.42
N ARG C 858 -3.32 -41.79 -21.53
CA ARG C 858 -3.65 -41.60 -20.12
C ARG C 858 -2.76 -40.55 -19.47
N GLY C 859 -1.46 -40.56 -19.78
CA GLY C 859 -0.51 -39.70 -19.12
C GLY C 859 -0.37 -38.29 -19.67
N ILE C 860 -1.04 -37.96 -20.76
CA ILE C 860 -0.92 -36.66 -21.40
C ILE C 860 -2.24 -35.90 -21.21
N LYS C 861 -2.14 -34.66 -20.73
CA LYS C 861 -3.33 -33.85 -20.50
C LYS C 861 -3.17 -32.50 -21.17
N PHE C 862 -4.24 -32.01 -21.78
CA PHE C 862 -4.18 -30.74 -22.50
C PHE C 862 -4.72 -29.61 -21.63
N GLU C 863 -4.36 -28.38 -22.02
CA GLU C 863 -4.77 -27.20 -21.27
C GLU C 863 -4.78 -25.99 -22.19
N TRP C 864 -5.71 -25.07 -21.92
CA TRP C 864 -5.79 -23.81 -22.63
C TRP C 864 -4.81 -22.80 -22.04
N THR C 865 -4.57 -21.72 -22.79
CA THR C 865 -3.69 -20.66 -22.31
C THR C 865 -4.00 -19.39 -23.09
N ASP C 866 -3.49 -18.28 -22.56
CA ASP C 866 -3.52 -16.97 -23.23
C ASP C 866 -4.94 -16.42 -23.35
N LEU C 867 -5.28 -15.89 -24.53
CA LEU C 867 -6.57 -15.23 -24.72
C LEU C 867 -7.73 -16.21 -24.54
N THR C 868 -7.59 -17.43 -25.04
CA THR C 868 -8.66 -18.42 -24.87
C THR C 868 -8.90 -18.72 -23.39
N TYR C 869 -7.82 -18.87 -22.62
CA TYR C 869 -7.96 -19.11 -21.19
C TYR C 869 -8.60 -17.92 -20.49
N GLN C 870 -8.21 -16.70 -20.87
CA GLN C 870 -8.82 -15.52 -20.27
C GLN C 870 -10.31 -15.45 -20.59
N LYS C 871 -10.68 -15.76 -21.82
CA LYS C 871 -12.09 -15.76 -22.20
C LYS C 871 -12.87 -16.81 -21.43
N ILE C 872 -12.31 -18.01 -21.28
CA ILE C 872 -12.98 -19.08 -20.55
C ILE C 872 -13.16 -18.70 -19.08
N LEU C 873 -12.11 -18.15 -18.47
CA LEU C 873 -12.19 -17.75 -17.07
C LEU C 873 -13.20 -16.64 -16.86
N ALA C 874 -13.20 -15.63 -17.75
CA ALA C 874 -14.17 -14.55 -17.64
C ALA C 874 -15.59 -15.06 -17.86
N GLY C 875 -15.77 -15.90 -18.87
CA GLY C 875 -17.08 -16.47 -19.16
C GLY C 875 -18.03 -15.46 -19.77
N ASN C 876 -19.26 -15.91 -19.99
CA ASN C 876 -20.32 -15.06 -20.52
C ASN C 876 -21.11 -14.47 -19.35
N ALA C 877 -20.54 -13.40 -18.78
CA ALA C 877 -21.14 -12.73 -17.64
C ALA C 877 -21.53 -11.29 -17.89
N GLY C 878 -20.93 -10.64 -18.89
CA GLY C 878 -21.27 -9.26 -19.20
C GLY C 878 -22.57 -9.06 -19.94
N LEU C 879 -23.13 -10.13 -20.52
CA LEU C 879 -24.34 -10.02 -21.33
C LEU C 879 -25.53 -9.53 -20.53
N TRP C 880 -25.47 -9.56 -19.19
CA TRP C 880 -26.54 -9.02 -18.37
C TRP C 880 -26.65 -7.50 -18.50
N VAL C 881 -25.60 -6.82 -18.96
CA VAL C 881 -25.61 -5.36 -18.92
C VAL C 881 -26.62 -4.78 -19.91
N PHE C 882 -26.77 -5.43 -21.08
CA PHE C 882 -27.65 -4.86 -22.11
C PHE C 882 -29.11 -4.83 -21.67
N PRO C 883 -29.69 -5.90 -21.09
CA PRO C 883 -31.08 -5.79 -20.61
C PRO C 883 -31.25 -4.72 -19.54
N ILE C 884 -30.44 -4.81 -18.48
CA ILE C 884 -30.64 -3.94 -17.31
C ILE C 884 -30.61 -2.47 -17.73
N SER C 885 -29.59 -2.08 -18.51
CA SER C 885 -29.50 -0.71 -18.98
C SER C 885 -30.80 -0.28 -19.67
N VAL C 886 -31.29 -1.13 -20.58
CA VAL C 886 -32.58 -0.87 -21.22
C VAL C 886 -33.63 -0.53 -20.17
N LEU C 887 -33.83 -1.45 -19.21
CA LEU C 887 -34.80 -1.21 -18.15
C LEU C 887 -34.55 0.12 -17.47
N LEU C 888 -33.28 0.41 -17.14
CA LEU C 888 -32.96 1.67 -16.48
C LEU C 888 -33.55 2.85 -17.24
N VAL C 889 -33.30 2.90 -18.55
CA VAL C 889 -33.80 4.01 -19.34
C VAL C 889 -35.31 4.12 -19.20
N PHE C 890 -36.01 2.98 -19.36
CA PHE C 890 -37.46 2.97 -19.21
C PHE C 890 -37.86 3.62 -17.90
N LEU C 891 -37.22 3.19 -16.81
CA LEU C 891 -37.54 3.75 -15.49
C LEU C 891 -37.45 5.27 -15.52
N VAL C 892 -36.33 5.80 -16.00
CA VAL C 892 -36.17 7.25 -16.03
C VAL C 892 -37.26 7.87 -16.89
N LEU C 893 -37.52 7.29 -18.06
CA LEU C 893 -38.56 7.83 -18.93
C LEU C 893 -39.92 7.75 -18.25
N ALA C 894 -40.15 6.68 -17.48
CA ALA C 894 -41.42 6.57 -16.77
C ALA C 894 -41.60 7.71 -15.77
N ALA C 895 -40.50 8.26 -15.27
CA ALA C 895 -40.60 9.37 -14.33
C ALA C 895 -40.85 10.70 -15.03
N GLN C 896 -40.66 10.75 -16.35
CA GLN C 896 -40.78 12.03 -17.06
C GLN C 896 -42.20 12.32 -17.51
N TYR C 897 -42.79 11.43 -18.32
CA TYR C 897 -44.14 11.63 -18.80
C TYR C 897 -45.20 11.21 -17.78
N GLU C 898 -44.81 10.58 -16.68
CA GLU C 898 -45.74 10.09 -15.67
C GLU C 898 -46.74 9.10 -16.27
N SER C 899 -46.21 8.13 -17.01
CA SER C 899 -47.03 7.10 -17.63
C SER C 899 -46.19 5.85 -17.84
N LEU C 900 -46.87 4.72 -18.04
CA LEU C 900 -46.21 3.44 -18.22
C LEU C 900 -46.29 2.92 -19.65
N THR C 901 -46.83 3.70 -20.59
CA THR C 901 -46.93 3.29 -21.98
C THR C 901 -46.23 4.24 -22.95
N LEU C 902 -46.16 5.53 -22.61
CA LEU C 902 -45.49 6.48 -23.50
C LEU C 902 -44.03 6.16 -23.77
N PRO C 903 -43.21 5.74 -22.80
CA PRO C 903 -41.81 5.41 -23.13
C PRO C 903 -41.66 4.32 -24.17
N LEU C 904 -42.66 3.44 -24.33
CA LEU C 904 -42.60 2.42 -25.36
C LEU C 904 -42.59 3.01 -26.76
N ALA C 905 -43.00 4.28 -26.91
CA ALA C 905 -42.92 4.96 -28.19
C ALA C 905 -41.56 5.56 -28.46
N VAL C 906 -40.63 5.45 -27.50
CA VAL C 906 -39.27 5.96 -27.68
C VAL C 906 -38.24 4.85 -27.83
N ILE C 907 -38.32 3.78 -27.04
CA ILE C 907 -37.34 2.72 -27.09
C ILE C 907 -37.51 1.80 -28.31
N LEU C 908 -38.70 1.78 -28.94
CA LEU C 908 -38.91 0.96 -30.12
C LEU C 908 -38.26 1.55 -31.36
N ILE C 909 -37.74 2.77 -31.27
CA ILE C 909 -37.12 3.43 -32.41
C ILE C 909 -35.65 3.04 -32.57
N VAL C 910 -34.95 2.78 -31.47
CA VAL C 910 -33.49 2.58 -31.57
C VAL C 910 -33.09 1.44 -32.50
N PRO C 911 -33.82 0.31 -32.57
CA PRO C 911 -33.40 -0.74 -33.52
C PRO C 911 -33.29 -0.27 -34.97
N MET C 912 -34.15 0.64 -35.41
CA MET C 912 -34.09 1.13 -36.77
C MET C 912 -32.76 1.81 -37.08
N GLY C 913 -31.99 2.20 -36.05
CA GLY C 913 -30.63 2.68 -36.26
C GLY C 913 -29.61 1.62 -36.64
N ILE C 914 -29.62 0.46 -35.97
CA ILE C 914 -28.48 -0.44 -36.11
C ILE C 914 -28.30 -0.88 -37.57
N LEU C 915 -29.40 -1.20 -38.25
CA LEU C 915 -29.30 -1.64 -39.64
C LEU C 915 -28.64 -0.58 -40.50
N ALA C 916 -29.01 0.69 -40.27
CA ALA C 916 -28.44 1.77 -41.06
C ALA C 916 -26.92 1.78 -40.95
N ALA C 917 -26.41 1.43 -39.77
CA ALA C 917 -24.97 1.26 -39.62
C ALA C 917 -24.53 -0.10 -40.17
N LEU C 918 -25.27 -1.16 -39.81
CA LEU C 918 -24.81 -2.51 -40.11
C LEU C 918 -24.73 -2.75 -41.61
N THR C 919 -25.73 -2.26 -42.36
CA THR C 919 -25.66 -2.35 -43.82
C THR C 919 -24.39 -1.70 -44.34
N GLY C 920 -24.02 -0.55 -43.81
CA GLY C 920 -22.78 0.10 -44.22
C GLY C 920 -21.56 -0.77 -43.94
N VAL C 921 -21.60 -1.56 -42.87
CA VAL C 921 -20.53 -2.51 -42.62
C VAL C 921 -20.56 -3.64 -43.63
N TRP C 922 -21.76 -4.11 -43.99
CA TRP C 922 -21.87 -5.23 -44.93
C TRP C 922 -21.40 -4.83 -46.32
N LEU C 923 -21.77 -3.62 -46.75
CA LEU C 923 -21.27 -3.10 -48.01
C LEU C 923 -19.80 -2.69 -47.88
N THR C 924 -19.09 -2.71 -49.01
CA THR C 924 -17.67 -2.36 -49.07
C THR C 924 -16.83 -3.19 -48.12
N ALA C 925 -17.28 -4.42 -47.81
CA ALA C 925 -16.58 -5.33 -46.91
C ALA C 925 -16.41 -4.74 -45.52
N GLY C 926 -15.75 -5.47 -44.63
CA GLY C 926 -15.50 -5.01 -43.28
C GLY C 926 -16.00 -6.00 -42.24
N ASP C 927 -15.66 -5.70 -40.99
CA ASP C 927 -16.06 -6.52 -39.86
C ASP C 927 -16.49 -5.61 -38.72
N ASN C 928 -17.26 -6.17 -37.80
CA ASN C 928 -17.76 -5.43 -36.64
C ASN C 928 -16.76 -5.59 -35.52
N ASN C 929 -15.66 -4.83 -35.60
CA ASN C 929 -14.65 -4.87 -34.56
C ASN C 929 -15.09 -4.02 -33.38
N ILE C 930 -14.16 -3.69 -32.48
CA ILE C 930 -14.50 -2.91 -31.31
C ILE C 930 -14.98 -1.51 -31.71
N PHE C 931 -14.27 -0.88 -32.65
CA PHE C 931 -14.53 0.51 -32.96
C PHE C 931 -15.80 0.70 -33.78
N THR C 932 -16.20 -0.32 -34.55
CA THR C 932 -17.54 -0.29 -35.14
C THR C 932 -18.60 -0.39 -34.06
N GLN C 933 -18.34 -1.19 -33.02
CA GLN C 933 -19.30 -1.34 -31.93
C GLN C 933 -19.47 -0.04 -31.16
N ILE C 934 -18.37 0.69 -30.92
CA ILE C 934 -18.47 1.93 -30.16
C ILE C 934 -19.13 3.05 -30.95
N GLY C 935 -19.29 2.90 -32.27
CA GLY C 935 -19.95 3.90 -33.08
C GLY C 935 -21.46 3.81 -33.08
N LEU C 936 -22.01 2.86 -32.34
CA LEU C 936 -23.46 2.63 -32.26
C LEU C 936 -24.08 3.31 -31.05
N MET C 937 -23.29 3.50 -29.99
CA MET C 937 -23.77 4.17 -28.78
C MET C 937 -24.23 5.59 -29.11
N VAL C 938 -23.41 6.32 -29.87
CA VAL C 938 -23.77 7.68 -30.24
C VAL C 938 -25.03 7.69 -31.10
N LEU C 939 -25.14 6.73 -32.02
CA LEU C 939 -26.32 6.66 -32.87
C LEU C 939 -27.59 6.47 -32.05
N VAL C 940 -27.59 5.50 -31.13
CA VAL C 940 -28.81 5.24 -30.36
C VAL C 940 -29.11 6.40 -29.41
N GLY C 941 -28.06 7.01 -28.84
CA GLY C 941 -28.29 8.16 -27.97
C GLY C 941 -28.89 9.34 -28.73
N LEU C 942 -28.38 9.59 -29.93
CA LEU C 942 -28.93 10.67 -30.75
C LEU C 942 -30.36 10.39 -31.16
N ALA C 943 -30.67 9.14 -31.49
CA ALA C 943 -32.05 8.79 -31.84
C ALA C 943 -32.99 9.04 -30.67
N CYS C 944 -32.60 8.58 -29.47
CA CYS C 944 -33.44 8.81 -28.30
C CYS C 944 -33.60 10.30 -28.00
N LYS C 945 -32.51 11.06 -28.10
CA LYS C 945 -32.57 12.50 -27.87
C LYS C 945 -33.51 13.17 -28.86
N ASN C 946 -33.47 12.74 -30.12
CA ASN C 946 -34.34 13.31 -31.13
C ASN C 946 -35.80 12.99 -30.85
N ALA C 947 -36.08 11.76 -30.45
CA ALA C 947 -37.49 11.35 -30.28
C ALA C 947 -38.11 11.94 -29.01
N ILE C 948 -37.31 12.12 -27.95
CA ILE C 948 -37.87 12.55 -26.67
C ILE C 948 -38.55 13.90 -26.79
N LEU C 949 -37.90 14.85 -27.48
CA LEU C 949 -38.47 16.19 -27.57
C LEU C 949 -39.72 16.23 -28.43
N ILE C 950 -39.77 15.43 -29.50
CA ILE C 950 -40.99 15.36 -30.32
C ILE C 950 -42.14 14.82 -29.48
N VAL C 951 -41.88 13.76 -28.70
CA VAL C 951 -42.93 13.22 -27.84
C VAL C 951 -43.37 14.24 -26.80
N GLU C 952 -42.42 14.99 -26.24
CA GLU C 952 -42.76 16.00 -25.24
C GLU C 952 -43.64 17.08 -25.85
N PHE C 953 -43.30 17.56 -27.04
CA PHE C 953 -44.11 18.59 -27.69
C PHE C 953 -45.50 18.07 -28.06
N ALA C 954 -45.57 16.81 -28.50
CA ALA C 954 -46.87 16.22 -28.81
C ALA C 954 -47.74 16.14 -27.55
N ARG C 955 -47.14 15.73 -26.44
CA ARG C 955 -47.88 15.69 -25.17
C ARG C 955 -48.34 17.07 -24.75
N GLU C 956 -47.48 18.08 -24.92
CA GLU C 956 -47.86 19.45 -24.59
C GLU C 956 -49.05 19.92 -25.42
N LEU C 957 -49.00 19.66 -26.73
CA LEU C 957 -50.11 20.06 -27.59
C LEU C 957 -51.39 19.33 -27.26
N GLU C 958 -51.31 18.03 -26.96
CA GLU C 958 -52.52 17.28 -26.60
C GLU C 958 -53.10 17.76 -25.28
N MET C 959 -52.23 18.13 -24.33
CA MET C 959 -52.70 18.73 -23.09
C MET C 959 -53.35 20.08 -23.32
N GLN C 960 -52.86 20.86 -24.28
CA GLN C 960 -53.42 22.18 -24.54
C GLN C 960 -54.87 22.13 -25.01
N GLY C 961 -55.37 20.96 -25.42
CA GLY C 961 -56.77 20.85 -25.81
C GLY C 961 -57.00 20.43 -27.24
N ALA C 962 -56.08 19.66 -27.81
CA ALA C 962 -56.19 19.17 -29.18
C ALA C 962 -56.15 17.65 -29.18
N THR C 963 -56.76 17.07 -30.22
CA THR C 963 -56.79 15.62 -30.34
C THR C 963 -55.41 15.08 -30.70
N ALA C 964 -55.29 13.75 -30.73
CA ALA C 964 -54.01 13.13 -31.03
C ALA C 964 -53.52 13.48 -32.43
N PHE C 965 -54.44 13.47 -33.41
CA PHE C 965 -54.04 13.73 -34.79
C PHE C 965 -53.44 15.11 -34.96
N LYS C 966 -54.14 16.15 -34.51
CA LYS C 966 -53.67 17.52 -34.69
C LYS C 966 -52.41 17.77 -33.87
N ALA C 967 -52.37 17.28 -32.63
CA ALA C 967 -51.20 17.50 -31.79
C ALA C 967 -49.96 16.84 -32.40
N ALA C 968 -50.09 15.60 -32.84
CA ALA C 968 -48.96 14.91 -33.46
C ALA C 968 -48.52 15.61 -34.74
N VAL C 969 -49.49 16.03 -35.57
CA VAL C 969 -49.14 16.70 -36.82
C VAL C 969 -48.38 17.98 -36.55
N GLU C 970 -48.87 18.80 -35.62
CA GLU C 970 -48.21 20.08 -35.33
C GLU C 970 -46.85 19.88 -34.70
N ALA C 971 -46.73 18.93 -33.76
CA ALA C 971 -45.45 18.70 -33.11
C ALA C 971 -44.41 18.20 -34.11
N SER C 972 -44.82 17.34 -35.04
CA SER C 972 -43.88 16.88 -36.06
C SER C 972 -43.54 18.01 -37.03
N ARG C 973 -44.51 18.87 -37.32
CA ARG C 973 -44.26 19.96 -38.27
C ARG C 973 -43.27 20.98 -37.73
N LEU C 974 -43.49 21.46 -36.51
CA LEU C 974 -42.69 22.58 -36.01
C LEU C 974 -41.29 22.17 -35.56
N ARG C 975 -40.90 20.91 -35.72
CA ARG C 975 -39.62 20.43 -35.21
C ARG C 975 -38.67 19.97 -36.32
N LEU C 976 -39.10 19.94 -37.58
CA LEU C 976 -38.26 19.35 -38.62
C LEU C 976 -36.95 20.13 -38.80
N ARG C 977 -36.99 21.45 -38.58
CA ARG C 977 -35.82 22.27 -38.88
C ARG C 977 -34.66 22.04 -37.92
N PRO C 978 -34.83 22.03 -36.60
CA PRO C 978 -33.67 21.75 -35.73
C PRO C 978 -33.05 20.38 -35.96
N ILE C 979 -33.86 19.38 -36.30
CA ILE C 979 -33.32 18.07 -36.67
C ILE C 979 -32.54 18.15 -37.97
N LEU C 980 -33.06 18.89 -38.95
CA LEU C 980 -32.39 18.97 -40.25
C LEU C 980 -31.02 19.62 -40.12
N MET C 981 -30.93 20.73 -39.37
CA MET C 981 -29.64 21.39 -39.21
C MET C 981 -28.61 20.49 -38.55
N THR C 982 -28.95 19.84 -37.43
CA THR C 982 -27.96 19.03 -36.75
C THR C 982 -27.61 17.78 -37.55
N SER C 983 -28.58 17.21 -38.27
CA SER C 983 -28.28 16.05 -39.10
C SER C 983 -27.32 16.42 -40.22
N ILE C 984 -27.56 17.55 -40.89
CA ILE C 984 -26.66 17.98 -41.96
C ILE C 984 -25.27 18.27 -41.40
N ALA C 985 -25.22 18.96 -40.26
CA ALA C 985 -23.93 19.31 -39.66
C ALA C 985 -23.14 18.06 -39.28
N PHE C 986 -23.79 17.07 -38.67
CA PHE C 986 -23.08 15.87 -38.26
C PHE C 986 -22.70 15.01 -39.46
N ILE C 987 -23.53 14.99 -40.50
CA ILE C 987 -23.19 14.23 -41.70
C ILE C 987 -21.96 14.83 -42.38
N MET C 988 -21.94 16.15 -42.52
CA MET C 988 -20.81 16.78 -43.20
C MET C 988 -19.58 16.87 -42.32
N GLY C 989 -19.73 16.74 -40.99
CA GLY C 989 -18.58 16.78 -40.11
C GLY C 989 -17.81 15.48 -40.07
N VAL C 990 -18.44 14.38 -40.46
CA VAL C 990 -17.78 13.07 -40.41
C VAL C 990 -17.20 12.66 -41.76
N VAL C 991 -17.35 13.50 -42.79
CA VAL C 991 -16.77 13.18 -44.10
C VAL C 991 -15.26 13.01 -44.05
N PRO C 992 -14.48 13.90 -43.43
CA PRO C 992 -13.03 13.66 -43.36
C PRO C 992 -12.66 12.42 -42.57
N LEU C 993 -13.54 11.94 -41.69
CA LEU C 993 -13.23 10.75 -40.91
C LEU C 993 -13.21 9.50 -41.77
N VAL C 994 -13.93 9.53 -42.90
CA VAL C 994 -14.00 8.36 -43.76
C VAL C 994 -12.81 8.34 -44.73
N THR C 995 -12.52 9.48 -45.34
CA THR C 995 -11.49 9.58 -46.37
C THR C 995 -10.09 9.83 -45.80
N SER C 996 -9.92 9.73 -44.48
CA SER C 996 -8.62 9.99 -43.88
C SER C 996 -7.59 8.96 -44.35
N THR C 997 -6.40 9.45 -44.66
CA THR C 997 -5.28 8.60 -45.06
C THR C 997 -4.05 8.96 -44.24
N GLY C 998 -3.21 7.97 -43.98
CA GLY C 998 -2.03 8.19 -43.17
C GLY C 998 -1.89 7.22 -42.01
N ALA C 999 -1.43 7.72 -40.87
CA ALA C 999 -1.19 6.89 -39.70
C ALA C 999 -2.50 6.69 -38.94
N GLY C 1000 -2.86 5.43 -38.69
CA GLY C 1000 -4.08 5.13 -37.96
C GLY C 1000 -5.35 5.33 -38.75
N SER C 1001 -5.29 5.29 -40.08
CA SER C 1001 -6.49 5.51 -40.88
C SER C 1001 -7.40 4.29 -40.86
N GLU C 1002 -6.83 3.08 -40.85
CA GLU C 1002 -7.65 1.88 -40.65
C GLU C 1002 -8.24 1.84 -39.26
N MET C 1003 -7.69 2.62 -38.32
CA MET C 1003 -8.26 2.72 -36.99
C MET C 1003 -9.51 3.59 -36.98
N ARG C 1004 -9.54 4.61 -37.84
CA ARG C 1004 -10.64 5.58 -37.87
C ARG C 1004 -11.71 5.22 -38.89
N HIS C 1005 -11.37 4.44 -39.92
CA HIS C 1005 -12.27 4.22 -41.04
C HIS C 1005 -13.56 3.53 -40.61
N ALA C 1006 -13.44 2.52 -39.72
CA ALA C 1006 -14.63 1.78 -39.31
C ALA C 1006 -15.63 2.67 -38.61
N MET C 1007 -15.17 3.45 -37.63
CA MET C 1007 -16.06 4.37 -36.93
C MET C 1007 -16.65 5.39 -37.89
N GLY C 1008 -15.82 5.94 -38.78
CA GLY C 1008 -16.32 6.95 -39.70
C GLY C 1008 -17.43 6.42 -40.59
N VAL C 1009 -17.20 5.25 -41.19
CA VAL C 1009 -18.19 4.69 -42.11
C VAL C 1009 -19.45 4.28 -41.36
N ALA C 1010 -19.29 3.74 -40.15
CA ALA C 1010 -20.46 3.32 -39.37
C ALA C 1010 -21.34 4.51 -39.03
N VAL C 1011 -20.74 5.58 -38.49
CA VAL C 1011 -21.53 6.75 -38.11
C VAL C 1011 -22.15 7.38 -39.36
N PHE C 1012 -21.37 7.52 -40.43
CA PHE C 1012 -21.87 8.17 -41.64
C PHE C 1012 -23.04 7.42 -42.26
N PHE C 1013 -22.98 6.09 -42.30
CA PHE C 1013 -24.07 5.32 -42.87
C PHE C 1013 -25.27 5.22 -41.95
N GLY C 1014 -25.05 5.24 -40.63
CA GLY C 1014 -26.17 5.16 -39.70
C GLY C 1014 -26.95 6.44 -39.54
N MET C 1015 -26.27 7.58 -39.68
CA MET C 1015 -26.93 8.87 -39.48
C MET C 1015 -28.05 9.07 -40.50
N ILE C 1016 -27.80 8.72 -41.76
CA ILE C 1016 -28.81 8.88 -42.80
C ILE C 1016 -30.05 8.05 -42.48
N GLY C 1017 -29.85 6.83 -41.98
CA GLY C 1017 -30.98 6.00 -41.62
C GLY C 1017 -31.78 6.55 -40.45
N VAL C 1018 -31.10 7.01 -39.40
CA VAL C 1018 -31.83 7.44 -38.21
C VAL C 1018 -32.57 8.74 -38.48
N THR C 1019 -31.95 9.69 -39.19
CA THR C 1019 -32.60 10.98 -39.40
C THR C 1019 -33.89 10.86 -40.22
N PHE C 1020 -34.07 9.75 -40.93
CA PHE C 1020 -35.29 9.47 -41.69
C PHE C 1020 -36.28 8.63 -40.89
N PHE C 1021 -35.80 7.56 -40.24
CA PHE C 1021 -36.69 6.70 -39.47
C PHE C 1021 -37.32 7.46 -38.31
N GLY C 1022 -36.54 8.22 -37.56
CA GLY C 1022 -37.10 8.99 -36.46
C GLY C 1022 -38.06 10.05 -36.94
N LEU C 1023 -37.77 10.66 -38.09
CA LEU C 1023 -38.64 11.69 -38.63
C LEU C 1023 -39.99 11.13 -39.05
N PHE C 1024 -40.00 9.95 -39.68
CA PHE C 1024 -41.22 9.42 -40.27
C PHE C 1024 -41.90 8.33 -39.44
N LEU C 1025 -41.37 7.97 -38.27
CA LEU C 1025 -41.97 6.89 -37.49
C LEU C 1025 -42.49 7.28 -36.12
N THR C 1026 -42.02 8.39 -35.54
CA THR C 1026 -42.44 8.74 -34.18
C THR C 1026 -43.93 9.06 -34.06
N PRO C 1027 -44.52 9.94 -34.89
CA PRO C 1027 -45.94 10.28 -34.67
C PRO C 1027 -46.88 9.09 -34.82
N ALA C 1028 -46.55 8.14 -35.70
CA ALA C 1028 -47.40 6.96 -35.85
C ALA C 1028 -47.42 6.14 -34.57
N PHE C 1029 -46.25 5.93 -33.96
CA PHE C 1029 -46.19 5.22 -32.68
C PHE C 1029 -46.91 6.00 -31.58
N TYR C 1030 -46.78 7.33 -31.57
CA TYR C 1030 -47.46 8.11 -30.54
C TYR C 1030 -48.97 7.96 -30.67
N VAL C 1031 -49.50 8.06 -31.89
CA VAL C 1031 -50.94 7.91 -32.11
C VAL C 1031 -51.39 6.50 -31.76
N LEU C 1032 -50.58 5.49 -32.12
CA LEU C 1032 -50.93 4.11 -31.79
C LEU C 1032 -51.02 3.92 -30.28
N ILE C 1033 -50.04 4.43 -29.53
CA ILE C 1033 -50.04 4.28 -28.08
C ILE C 1033 -51.24 5.01 -27.47
N ARG C 1034 -51.50 6.24 -27.93
CA ARG C 1034 -52.62 7.00 -27.38
C ARG C 1034 -53.95 6.32 -27.67
N SER C 1035 -54.13 5.78 -28.88
CA SER C 1035 -55.36 5.07 -29.19
C SER C 1035 -55.48 3.78 -28.39
N LEU C 1036 -54.36 3.08 -28.16
CA LEU C 1036 -54.40 1.85 -27.37
C LEU C 1036 -54.80 2.14 -25.93
N ASN C 1037 -54.25 3.21 -25.33
CA ASN C 1037 -54.56 3.54 -23.95
C ASN C 1037 -56.01 3.95 -23.78
N SER C 1038 -56.50 4.84 -24.65
CA SER C 1038 -57.87 5.32 -24.56
C SER C 1038 -58.75 4.66 -25.62
C1B LMT D . 30.77 24.13 9.58
C2B LMT D . 30.74 25.67 9.71
C3B LMT D . 31.86 26.29 8.88
C4B LMT D . 33.18 25.49 9.03
C5B LMT D . 32.90 24.04 8.60
C6B LMT D . 33.58 23.07 9.55
O1B LMT D . 29.46 23.67 9.45
O2B LMT D . 29.51 26.09 9.26
O3B LMT D . 32.04 27.63 9.17
O4' LMT D . 34.18 26.02 8.26
O5B LMT D . 31.53 23.74 8.49
O6B LMT D . 33.19 21.78 9.28
C1' LMT D . 26.58 21.48 11.42
C2' LMT D . 26.87 22.85 12.04
C3' LMT D . 27.72 23.73 11.08
C4' LMT D . 28.92 22.95 10.54
C5' LMT D . 28.36 21.63 9.98
C6' LMT D . 29.35 20.79 9.23
O1' LMT D . 26.00 20.65 12.33
O2' LMT D . 25.68 23.48 12.27
O3' LMT D . 28.16 24.85 11.71
O5' LMT D . 27.80 20.87 11.01
O6' LMT D . 30.52 20.87 9.94
C1 LMT D . 26.86 19.70 12.91
C2 LMT D . 25.99 18.56 13.29
C3 LMT D . 24.99 18.81 14.36
C4 LMT D . 24.79 17.51 15.11
C5 LMT D . 23.67 17.64 16.09
C6 LMT D . 23.53 16.43 16.95
C7 LMT D . 22.31 16.55 17.81
C8 LMT D . 22.66 17.31 19.05
C9 LMT D . 22.55 16.50 20.31
C10 LMT D . 22.78 17.43 21.47
C11 LMT D . 23.15 16.66 22.69
C12 LMT D . 23.47 17.57 23.84
C1B LMT E . 24.28 17.56 7.85
C2B LMT E . 24.33 18.91 8.55
C3B LMT E . 24.69 20.02 7.55
C4B LMT E . 25.66 19.46 6.47
C5B LMT E . 24.93 18.33 5.73
C6B LMT E . 25.94 17.29 5.25
O1B LMT E . 23.36 16.75 8.48
O2B LMT E . 23.08 19.11 9.07
O3B LMT E . 25.19 21.12 8.19
O4' LMT E . 26.00 20.45 5.58
O5B LMT E . 23.93 17.73 6.50
O6B LMT E . 25.31 16.10 4.99
C1' LMT E . 22.31 14.60 11.07
C2' LMT E . 23.56 15.48 11.20
C3' LMT E . 24.49 15.29 9.97
C4' LMT E . 23.72 15.40 8.65
C5' LMT E . 22.40 14.62 8.80
C6' LMT E . 21.98 13.84 7.58
O1' LMT E . 22.21 13.76 12.15
O2' LMT E . 23.15 16.79 11.24
O3' LMT E . 25.14 14.09 10.03
O5' LMT E . 22.45 13.78 9.92
O6' LMT E . 22.99 12.96 7.33
C1 LMT E . 23.10 12.68 12.15
C2 LMT E . 22.76 11.89 13.37
C3 LMT E . 23.08 12.51 14.68
C4 LMT E . 22.71 11.53 15.76
C5 LMT E . 23.86 11.27 16.67
C6 LMT E . 23.91 12.26 17.80
C7 LMT E . 24.64 11.67 18.97
C8 LMT E . 24.51 12.59 20.13
C9 LMT E . 24.89 12.00 21.44
C1B LMT F . -7.77 -27.40 28.54
C2B LMT F . -8.99 -27.39 29.46
C3B LMT F . -8.56 -27.54 30.93
C4B LMT F . -7.41 -28.58 31.04
C5B LMT F . -6.23 -28.09 30.19
C6B LMT F . -5.57 -29.27 29.49
O1B LMT F . -7.95 -26.46 27.53
O2B LMT F . -9.63 -26.20 29.27
O3B LMT F . -9.62 -27.84 31.75
O4' LMT F . -7.00 -28.71 32.35
O5B LMT F . -6.59 -27.11 29.24
O6B LMT F . -4.70 -28.84 28.54
C1' LMT F . -8.76 -26.21 23.48
C2' LMT F . -9.91 -26.80 24.34
C3' LMT F . -9.65 -26.57 25.84
C4' LMT F . -8.21 -26.95 26.23
C5' LMT F . -7.32 -26.18 25.24
C6' LMT F . -5.85 -26.20 25.57
O1' LMT F . -8.87 -26.64 22.18
O2' LMT F . -11.07 -26.16 23.99
O3' LMT F . -10.53 -27.29 26.60
O5' LMT F . -7.52 -26.69 23.95
O6' LMT F . -5.61 -27.43 26.13
C1 LMT F . -7.66 -26.64 21.44
C2 LMT F . -8.05 -26.25 20.06
C3 LMT F . -9.25 -26.91 19.48
C4 LMT F . -8.81 -27.71 18.27
C5 LMT F . -9.12 -26.96 17.02
C6 LMT F . -8.79 -27.75 15.80
C7 LMT F . -9.84 -28.79 15.56
C8 LMT F . -10.69 -28.37 14.40
C9 LMT F . -10.63 -29.30 13.23
C10 LMT F . -11.50 -30.49 13.55
C11 LMT F . -11.23 -31.63 12.62
C12 LMT F . -12.07 -32.82 12.93
C1B LMT G . -5.09 -21.87 21.34
C2B LMT G . -6.42 -22.38 21.91
C3B LMT G . -6.59 -21.86 23.35
C4B LMT G . -5.21 -21.74 24.05
C5B LMT G . -4.37 -20.73 23.25
C6B LMT G . -2.89 -21.08 23.36
O1B LMT G . -5.22 -21.74 19.97
O2B LMT G . -7.41 -21.89 21.09
O3B LMT G . -7.47 -22.65 24.06
O4' LMT G . -5.37 -21.29 25.34
O5B LMT G . -4.75 -20.64 21.90
O6B LMT G . -2.19 -20.52 22.33
C1' LMT G . -5.30 -22.91 16.65
C2' LMT G . -5.43 -23.86 17.85
C3' LMT G . -4.28 -23.62 18.87
C4' LMT G . -4.11 -22.13 19.19
C5' LMT G . -4.21 -21.34 17.87
C6' LMT G . -3.26 -20.18 17.76
O1' LMT G . -5.22 -23.62 15.48
O2' LMT G . -6.63 -23.59 18.47
O3' LMT G . -3.10 -24.13 18.40
O5' LMT G . -4.08 -22.19 16.77
O6' LMT G . -2.00 -20.71 17.87
C1 LMT G . -4.01 -24.30 15.26
C2 LMT G . -4.17 -24.95 13.93
C3 LMT G . -5.05 -26.16 13.88
C4 LMT G . -4.86 -26.79 12.52
C5 LMT G . -4.67 -28.26 12.64
C6 LMT G . -5.96 -29.01 12.58
C7 LMT G . -5.71 -30.43 12.17
C8 LMT G . -7.02 -31.08 11.89
C9 LMT G . -6.92 -32.33 11.08
C1B LMT H . 3.64 -16.28 -36.73
C2B LMT H . 2.63 -16.12 -37.87
C3B LMT H . 2.30 -17.50 -38.47
C4B LMT H . 3.58 -18.36 -38.60
C5B LMT H . 4.18 -18.53 -37.19
C6B LMT H . 5.70 -18.46 -37.27
O1B LMT H . 3.31 -15.41 -35.69
O2B LMT H . 1.50 -15.54 -37.33
O3B LMT H . 1.64 -17.38 -39.68
O4' LMT H . 3.29 -19.60 -39.11
O5B LMT H . 3.68 -17.59 -36.26
O6B LMT H . 6.24 -18.35 -36.01
C1' LMT H . 4.64 -11.89 -33.92
C2' LMT H . 4.13 -11.76 -35.37
C3' LMT H . 3.36 -13.03 -35.84
C4' LMT H . 4.15 -14.30 -35.50
C5' LMT H . 4.46 -14.17 -33.99
C6' LMT H . 5.01 -15.43 -33.36
O1' LMT H . 5.52 -10.89 -33.65
O2' LMT H . 3.26 -10.69 -35.43
O3' LMT H . 3.11 -12.98 -37.17
O5' LMT H . 5.34 -13.11 -33.79
O6' LMT H . 5.86 -15.96 -34.28
C1 LMT H . 6.39 -11.12 -32.56
C2 LMT H . 6.83 -9.76 -32.11
C3 LMT H . 7.32 -8.82 -33.17
C4 LMT H . 8.37 -7.93 -32.54
C5 LMT H . 7.74 -6.91 -31.66
C6 LMT H . 8.74 -5.95 -31.08
C7 LMT H . 9.51 -5.27 -32.17
C8 LMT H . 9.82 -3.86 -31.76
C9 LMT H . 11.20 -3.41 -32.09
C10 LMT H . 11.19 -2.83 -33.47
C11 LMT H . 12.56 -2.44 -33.91
C12 LMT H . 12.55 -1.76 -35.24
C1B LMT I . 4.19 -12.69 -27.95
C2B LMT I . 3.70 -12.22 -29.32
C3B LMT I . 2.58 -13.14 -29.82
C4B LMT I . 2.79 -14.58 -29.31
C5B LMT I . 2.79 -14.56 -27.76
C6B LMT I . 3.70 -15.65 -27.22
O1B LMT I . 4.64 -11.60 -27.24
O2B LMT I . 3.26 -10.93 -29.16
O3B LMT I . 2.43 -13.07 -31.17
O4' LMT I . 1.78 -15.42 -29.75
O5B LMT I . 3.16 -13.31 -27.25
O6B LMT I . 4.05 -15.36 -25.92
C1' LMT I . 7.02 -9.12 -26.43
C2' LMT I . 7.12 -9.96 -27.72
C3' LMT I . 7.00 -11.47 -27.40
C4' LMT I . 5.80 -11.77 -26.48
C5' LMT I . 5.78 -10.70 -25.37
C6' LMT I . 5.41 -11.21 -24.01
O1' LMT I . 8.13 -8.33 -26.30
O2' LMT I . 6.07 -9.62 -28.54
O3' LMT I . 8.15 -11.94 -26.82
O5' LMT I . 6.99 -10.00 -25.33
O6' LMT I . 6.36 -12.14 -23.69
C1 LMT I . 9.29 -9.01 -25.91
C2 LMT I . 10.34 -7.94 -25.80
C3 LMT I . 10.80 -7.33 -27.08
C4 LMT I . 11.92 -6.38 -26.74
C5 LMT I . 13.13 -6.66 -27.57
C6 LMT I . 13.10 -5.92 -28.87
C7 LMT I . 14.51 -5.68 -29.34
C8 LMT I . 14.47 -4.74 -30.50
C9 LMT I . 15.78 -4.11 -30.82
#